data_5BKL
#
_entry.id   5BKL
#
_cell.length_a   234.650
_cell.length_b   234.650
_cell.length_c   234.650
_cell.angle_alpha   90.000
_cell.angle_beta   90.000
_cell.angle_gamma   90.000
#
_symmetry.space_group_name_H-M   'P 2 3'
#
loop_
_entity.id
_entity.type
_entity.pdbx_description
1 polymer 'Coat protein'
2 polymer "RNA (5'-R(*AP*AP*AP*AP*AP*AP*AP*AP*AP*AP*AP*A)-3')"
3 polymer "RNA (5'-R(*AP*AP*AP*AP*AP*AP*AP*AP*AP*AP*A)-3')"
4 polymer "RNA (5'-R(*UP*UP*UP*UP*UP*UP*UP*UP*UP*UP*UP*UP*U)-3')"
5 polymer "RNA (5'-R(UP*UP*UP*UP*UP*UP*UP*UP*UP*UP*U)-3')"
6 non-polymer 'CHLORIDE ION'
7 non-polymer 'MAGNESIUM ION'
8 water water
#
loop_
_entity_poly.entity_id
_entity_poly.type
_entity_poly.pdbx_seq_one_letter_code
_entity_poly.pdbx_strand_id
1 'polypeptide(L)'
;MGRGKVKPNRKSTGDNSNVVTMIRAGSYPKVNPTPTWVRAIPFEVSVQSGIAFKVPVGSLFSANFRTDSFTSVTVMSVRA
WTQLTPPVNEYSFVRLKPLFKTGDSTEEFEGRASNINTRASVGYRIPTNLRQNTVAADNVCEVRSNCRQVALVISCCFN
;
A,B,C,D,E,F,G,H,I,J,K,L,M,N,O,GG,HH,II,JJ,KK
2 'polyribonucleotide' AAAAAAAAAAAA P,S,T,V,X,UU,bb
3 'polyribonucleotide' AAAAAAAAAAA Y,a,TT
4 'polyribonucleotide' UUUUUUUUUUUUU e,h,i,n,WW,kk,ll,qq
5 'polyribonucleotide' UUUUUUUUUUU m
#
# COMPACT_ATOMS: atom_id res chain seq x y z
N ASP A 15 -7.12 -18.18 44.24
CA ASP A 15 -7.91 -17.72 43.10
C ASP A 15 -9.41 -17.83 43.35
N ASN A 16 -9.92 -19.06 43.45
CA ASN A 16 -11.36 -19.27 43.46
C ASN A 16 -12.01 -18.68 44.70
N SER A 17 -11.53 -19.05 45.89
CA SER A 17 -12.15 -18.63 47.14
C SER A 17 -13.56 -19.20 47.25
N ASN A 18 -13.96 -19.59 48.46
CA ASN A 18 -15.28 -20.18 48.68
C ASN A 18 -16.15 -19.39 49.64
N VAL A 19 -15.60 -18.37 50.31
CA VAL A 19 -16.35 -17.58 51.26
C VAL A 19 -16.18 -16.10 50.92
N VAL A 20 -16.95 -15.26 51.60
CA VAL A 20 -16.85 -13.83 51.42
C VAL A 20 -15.49 -13.34 51.91
N THR A 21 -14.92 -12.38 51.19
CA THR A 21 -13.65 -11.78 51.55
C THR A 21 -13.82 -10.27 51.65
N MET A 22 -13.11 -9.68 52.60
CA MET A 22 -13.20 -8.24 52.80
CA MET A 22 -13.19 -8.23 52.80
C MET A 22 -12.60 -7.50 51.60
N ILE A 23 -13.14 -6.32 51.33
CA ILE A 23 -12.63 -5.43 50.30
C ILE A 23 -12.18 -4.16 50.99
N ARG A 24 -10.89 -3.86 50.91
CA ARG A 24 -10.33 -2.68 51.57
C ARG A 24 -10.63 -1.45 50.71
N ALA A 25 -11.91 -1.10 50.66
CA ALA A 25 -12.37 0.02 49.87
C ALA A 25 -11.77 1.33 50.37
N GLY A 26 -11.89 2.38 49.55
CA GLY A 26 -11.30 3.66 49.86
C GLY A 26 -12.27 4.82 49.77
N SER A 27 -11.89 5.86 49.03
CA SER A 27 -12.78 7.00 48.85
C SER A 27 -14.02 6.57 48.08
N TYR A 28 -15.08 7.36 48.22
CA TYR A 28 -16.29 7.10 47.44
C TYR A 28 -15.99 7.39 45.98
N PRO A 29 -16.21 6.45 45.07
CA PRO A 29 -15.80 6.65 43.68
C PRO A 29 -16.81 7.48 42.90
N LYS A 30 -16.37 7.99 41.77
CA LYS A 30 -17.29 8.54 40.79
C LYS A 30 -18.28 7.44 40.39
N VAL A 31 -19.55 7.82 40.27
CA VAL A 31 -20.61 6.87 39.97
C VAL A 31 -21.50 7.45 38.89
N ASN A 32 -22.35 6.60 38.33
CA ASN A 32 -23.29 7.02 37.30
C ASN A 32 -24.48 6.07 37.28
N PRO A 33 -25.62 6.48 37.87
CA PRO A 33 -26.75 5.54 37.97
C PRO A 33 -27.37 5.20 36.63
N THR A 34 -27.18 6.02 35.60
CA THR A 34 -27.82 5.85 34.30
C THR A 34 -26.74 5.86 33.24
N PRO A 35 -26.01 4.77 33.10
CA PRO A 35 -24.88 4.74 32.15
C PRO A 35 -25.33 4.50 30.72
N THR A 36 -24.42 4.81 29.81
CA THR A 36 -24.62 4.50 28.40
C THR A 36 -24.74 2.98 28.21
N TRP A 37 -25.11 2.58 27.00
CA TRP A 37 -25.30 1.16 26.71
C TRP A 37 -25.25 0.92 25.22
N VAL A 38 -24.21 0.27 24.74
CA VAL A 38 -24.12 -0.15 23.34
C VAL A 38 -24.95 -1.41 23.17
N ARG A 39 -25.75 -1.45 22.11
CA ARG A 39 -26.75 -2.49 21.97
CA ARG A 39 -26.74 -2.50 21.97
C ARG A 39 -26.97 -2.81 20.50
N ALA A 40 -27.50 -4.02 20.25
CA ALA A 40 -28.00 -4.44 18.94
C ALA A 40 -29.50 -4.69 19.09
N ILE A 41 -30.33 -3.79 18.56
CA ILE A 41 -31.76 -3.79 18.82
C ILE A 41 -32.46 -4.53 17.67
N PRO A 42 -33.06 -5.70 17.93
CA PRO A 42 -33.82 -6.36 16.88
C PRO A 42 -35.29 -6.00 16.92
N PHE A 43 -35.82 -5.49 15.81
CA PHE A 43 -37.23 -5.17 15.72
C PHE A 43 -37.64 -5.22 14.26
N GLU A 44 -38.95 -5.35 14.04
CA GLU A 44 -39.52 -5.50 12.72
C GLU A 44 -40.33 -4.28 12.37
N VAL A 45 -40.51 -4.05 11.07
CA VAL A 45 -41.32 -2.97 10.56
C VAL A 45 -42.17 -3.52 9.43
N SER A 46 -43.44 -3.10 9.38
CA SER A 46 -44.31 -3.48 8.29
C SER A 46 -44.07 -2.55 7.11
N VAL A 47 -43.98 -3.14 5.92
CA VAL A 47 -43.64 -2.43 4.71
C VAL A 47 -44.64 -2.80 3.63
N GLN A 48 -44.91 -1.83 2.75
CA GLN A 48 -45.81 -2.02 1.63
C GLN A 48 -44.99 -2.13 0.35
N SER A 49 -45.44 -2.97 -0.58
CA SER A 49 -44.74 -3.13 -1.83
C SER A 49 -44.67 -1.80 -2.58
N GLY A 50 -43.47 -1.44 -3.01
CA GLY A 50 -43.28 -0.24 -3.79
C GLY A 50 -43.38 1.06 -3.03
N ILE A 51 -43.44 1.00 -1.70
CA ILE A 51 -43.57 2.20 -0.87
C ILE A 51 -42.46 2.17 0.17
N ALA A 52 -41.74 3.28 0.30
CA ALA A 52 -40.67 3.39 1.27
C ALA A 52 -41.25 3.70 2.64
N PHE A 53 -40.89 2.90 3.64
CA PHE A 53 -41.34 3.10 5.01
C PHE A 53 -40.21 3.72 5.83
N LYS A 54 -40.47 4.88 6.41
CA LYS A 54 -39.48 5.57 7.24
CA LYS A 54 -39.48 5.57 7.24
C LYS A 54 -39.45 4.92 8.62
N VAL A 55 -38.30 4.38 9.01
CA VAL A 55 -38.13 3.71 10.29
C VAL A 55 -37.93 4.76 11.37
N PRO A 56 -38.83 4.86 12.35
CA PRO A 56 -38.62 5.84 13.42
C PRO A 56 -37.58 5.40 14.42
N VAL A 57 -36.77 6.36 14.88
CA VAL A 57 -35.80 6.09 15.94
C VAL A 57 -36.53 5.69 17.21
N GLY A 58 -37.74 6.24 17.42
CA GLY A 58 -38.49 5.91 18.62
C GLY A 58 -38.72 4.42 18.81
N SER A 59 -38.68 3.65 17.72
CA SER A 59 -38.82 2.20 17.84
C SER A 59 -37.70 1.59 18.67
N LEU A 60 -36.59 2.31 18.84
CA LEU A 60 -35.47 1.79 19.62
C LEU A 60 -35.65 1.98 21.12
N PHE A 61 -36.55 2.87 21.53
CA PHE A 61 -36.85 3.07 22.94
C PHE A 61 -38.07 2.25 23.30
N SER A 62 -37.90 1.29 24.21
CA SER A 62 -38.98 0.39 24.57
C SER A 62 -38.53 -0.49 25.73
N ALA A 63 -39.42 -0.68 26.70
CA ALA A 63 -39.12 -1.59 27.81
C ALA A 63 -38.86 -3.01 27.32
N ASN A 64 -39.32 -3.34 26.11
CA ASN A 64 -39.00 -4.63 25.52
C ASN A 64 -37.51 -4.77 25.22
N PHE A 65 -36.79 -3.65 25.16
CA PHE A 65 -35.36 -3.64 24.91
C PHE A 65 -34.56 -3.18 26.12
N ARG A 66 -35.21 -2.88 27.24
CA ARG A 66 -34.55 -2.31 28.40
C ARG A 66 -34.02 -0.91 28.11
N THR A 67 -34.64 -0.22 27.16
CA THR A 67 -34.18 1.10 26.73
C THR A 67 -35.26 2.18 26.87
N ASP A 68 -36.35 1.89 27.59
CA ASP A 68 -37.38 2.90 27.81
C ASP A 68 -36.83 4.12 28.54
N SER A 69 -35.71 3.99 29.25
CA SER A 69 -35.18 5.09 30.04
C SER A 69 -34.35 6.07 29.20
N PHE A 70 -33.94 5.67 28.00
CA PHE A 70 -33.17 6.55 27.15
C PHE A 70 -34.09 7.42 26.31
N THR A 71 -33.61 8.63 26.00
CA THR A 71 -34.31 9.54 25.10
C THR A 71 -33.56 9.80 23.81
N SER A 72 -32.25 9.60 23.80
CA SER A 72 -31.42 9.78 22.62
C SER A 72 -30.59 8.53 22.40
N VAL A 73 -30.16 8.34 21.16
CA VAL A 73 -29.37 7.18 20.78
C VAL A 73 -28.51 7.55 19.58
N THR A 74 -27.26 7.07 19.59
CA THR A 74 -26.33 7.29 18.49
C THR A 74 -26.27 6.00 17.67
N VAL A 75 -26.84 6.04 16.47
CA VAL A 75 -26.89 4.85 15.61
C VAL A 75 -25.56 4.71 14.89
N MET A 76 -25.02 3.49 14.89
CA MET A 76 -23.73 3.18 14.27
C MET A 76 -23.89 2.43 12.95
N SER A 77 -24.61 1.32 12.95
CA SER A 77 -24.87 0.57 11.74
C SER A 77 -26.31 0.07 11.73
N VAL A 78 -26.80 -0.21 10.54
CA VAL A 78 -28.16 -0.71 10.34
C VAL A 78 -28.07 -1.93 9.44
N ARG A 79 -28.72 -3.02 9.84
CA ARG A 79 -28.82 -4.21 9.02
C ARG A 79 -30.28 -4.60 8.91
N ALA A 80 -30.66 -5.12 7.75
CA ALA A 80 -32.04 -5.42 7.43
C ALA A 80 -32.15 -6.80 6.82
N TRP A 81 -33.20 -7.52 7.21
CA TRP A 81 -33.55 -8.80 6.64
C TRP A 81 -35.03 -8.81 6.31
N THR A 82 -35.39 -9.36 5.16
CA THR A 82 -36.79 -9.61 4.87
C THR A 82 -37.32 -10.62 5.89
N GLN A 83 -38.42 -10.27 6.54
CA GLN A 83 -38.96 -11.07 7.63
C GLN A 83 -40.03 -12.05 7.18
N LEU A 84 -40.64 -11.84 6.02
CA LEU A 84 -41.67 -12.72 5.50
C LEU A 84 -41.34 -13.10 4.07
N THR A 85 -42.04 -14.12 3.57
CA THR A 85 -41.77 -14.61 2.22
C THR A 85 -42.03 -13.50 1.21
N PRO A 86 -41.45 -13.63 0.02
CA PRO A 86 -41.71 -12.65 -1.05
C PRO A 86 -42.92 -13.07 -1.86
N PRO A 87 -43.35 -12.23 -2.80
CA PRO A 87 -44.45 -12.62 -3.69
C PRO A 87 -44.09 -13.88 -4.47
N VAL A 88 -45.11 -14.47 -5.10
CA VAL A 88 -44.86 -15.65 -5.90
C VAL A 88 -43.92 -15.28 -7.05
N ASN A 89 -43.09 -16.24 -7.43
CA ASN A 89 -42.16 -16.10 -8.56
C ASN A 89 -40.98 -15.19 -8.24
N GLU A 90 -41.04 -14.48 -7.12
CA GLU A 90 -40.05 -13.46 -6.82
C GLU A 90 -39.05 -13.93 -5.77
N TYR A 91 -37.81 -13.46 -5.90
CA TYR A 91 -36.83 -13.55 -4.84
C TYR A 91 -37.00 -12.34 -3.92
N SER A 92 -36.62 -12.53 -2.66
CA SER A 92 -36.72 -11.43 -1.70
C SER A 92 -35.66 -10.38 -1.99
N PHE A 93 -36.01 -9.12 -1.73
CA PHE A 93 -35.05 -8.04 -1.78
C PHE A 93 -35.40 -7.03 -0.70
N VAL A 94 -34.41 -6.23 -0.32
CA VAL A 94 -34.60 -5.19 0.68
C VAL A 94 -33.61 -4.07 0.37
N ARG A 95 -34.11 -2.84 0.36
CA ARG A 95 -33.28 -1.67 0.15
C ARG A 95 -33.23 -0.84 1.43
N LEU A 96 -32.18 -0.04 1.55
CA LEU A 96 -32.02 0.87 2.67
C LEU A 96 -31.48 2.19 2.15
N LYS A 97 -32.11 3.27 2.58
CA LYS A 97 -31.64 4.63 2.26
C LYS A 97 -31.36 5.35 3.56
N PRO A 98 -30.10 5.62 3.90
CA PRO A 98 -29.82 6.32 5.15
C PRO A 98 -30.52 7.68 5.20
N LEU A 99 -31.06 8.01 6.36
CA LEU A 99 -31.66 9.30 6.62
C LEU A 99 -30.88 10.00 7.72
N PHE A 100 -30.71 11.31 7.58
CA PHE A 100 -30.01 12.10 8.57
C PHE A 100 -30.70 13.46 8.70
N LYS A 101 -30.67 14.01 9.91
CA LYS A 101 -31.24 15.33 10.13
C LYS A 101 -30.49 16.39 9.33
N THR A 102 -29.17 16.25 9.23
CA THR A 102 -28.36 17.22 8.51
C THR A 102 -28.45 17.07 7.00
N GLY A 103 -29.10 16.02 6.52
CA GLY A 103 -29.22 15.80 5.08
C GLY A 103 -29.41 14.33 4.73
N ASP A 104 -30.58 13.99 4.20
CA ASP A 104 -30.88 12.60 3.89
C ASP A 104 -30.09 12.13 2.68
N SER A 105 -29.69 10.86 2.73
CA SER A 105 -28.93 10.28 1.63
C SER A 105 -29.88 9.82 0.52
N THR A 106 -29.29 9.58 -0.65
CA THR A 106 -29.99 8.98 -1.77
C THR A 106 -29.49 7.59 -2.09
N GLU A 107 -28.58 7.05 -1.27
CA GLU A 107 -28.10 5.70 -1.46
C GLU A 107 -29.23 4.70 -1.23
N GLU A 108 -29.27 3.65 -2.04
CA GLU A 108 -30.26 2.58 -1.92
C GLU A 108 -29.51 1.26 -1.81
N PHE A 109 -28.77 1.09 -0.72
CA PHE A 109 -28.14 -0.19 -0.43
C PHE A 109 -29.17 -1.29 -0.50
N GLU A 110 -28.97 -2.22 -1.43
CA GLU A 110 -29.97 -3.23 -1.73
C GLU A 110 -29.37 -4.62 -1.59
N GLY A 111 -30.12 -5.51 -0.99
CA GLY A 111 -29.77 -6.92 -0.94
C GLY A 111 -30.91 -7.75 -1.47
N ARG A 112 -30.57 -8.74 -2.28
CA ARG A 112 -31.54 -9.67 -2.83
C ARG A 112 -31.17 -11.09 -2.42
N ALA A 113 -32.19 -11.92 -2.23
CA ALA A 113 -31.95 -13.33 -2.02
C ALA A 113 -31.52 -13.99 -3.32
N SER A 114 -30.77 -15.08 -3.19
CA SER A 114 -30.50 -15.97 -4.31
C SER A 114 -31.26 -17.29 -4.16
N ASN A 115 -32.13 -17.38 -3.16
CA ASN A 115 -33.04 -18.51 -2.99
C ASN A 115 -34.37 -17.93 -2.54
N ILE A 116 -35.45 -18.22 -3.28
CA ILE A 116 -36.74 -17.64 -2.96
C ILE A 116 -37.10 -17.90 -1.51
N ASN A 117 -36.70 -19.06 -0.98
CA ASN A 117 -37.01 -19.44 0.38
C ASN A 117 -36.08 -18.80 1.40
N THR A 118 -35.14 -17.96 0.96
CA THR A 118 -34.15 -17.38 1.84
C THR A 118 -34.35 -15.88 1.95
N ARG A 119 -33.99 -15.34 3.12
CA ARG A 119 -34.10 -13.92 3.36
C ARG A 119 -33.15 -13.13 2.48
N ALA A 120 -33.56 -11.91 2.12
CA ALA A 120 -32.65 -10.92 1.56
C ALA A 120 -32.11 -10.07 2.70
N SER A 121 -30.85 -9.68 2.61
CA SER A 121 -30.22 -8.93 3.68
C SER A 121 -29.32 -7.85 3.10
N VAL A 122 -29.22 -6.75 3.83
CA VAL A 122 -28.30 -5.68 3.51
C VAL A 122 -28.16 -4.79 4.73
N GLY A 123 -27.11 -3.98 4.76
CA GLY A 123 -26.92 -3.02 5.83
C GLY A 123 -25.99 -1.93 5.36
N TYR A 124 -25.93 -0.87 6.16
CA TYR A 124 -25.01 0.23 5.89
C TYR A 124 -24.43 0.72 7.20
N ARG A 125 -23.17 1.15 7.12
CA ARG A 125 -22.46 1.69 8.26
C ARG A 125 -22.51 3.21 8.22
N ILE A 126 -22.67 3.83 9.40
CA ILE A 126 -22.69 5.27 9.54
C ILE A 126 -21.29 5.73 9.92
N PRO A 127 -20.65 6.61 9.15
CA PRO A 127 -19.29 7.03 9.49
C PRO A 127 -19.28 7.81 10.79
N THR A 128 -18.09 7.85 11.39
CA THR A 128 -17.95 8.53 12.68
C THR A 128 -18.43 9.98 12.62
N ASN A 129 -18.23 10.64 11.47
CA ASN A 129 -18.58 12.05 11.34
C ASN A 129 -20.09 12.29 11.28
N LEU A 130 -20.90 11.24 11.12
CA LEU A 130 -22.35 11.37 11.08
C LEU A 130 -23.01 10.71 12.28
N ARG A 131 -22.23 10.24 13.25
CA ARG A 131 -22.79 9.57 14.42
C ARG A 131 -23.11 10.58 15.52
N GLN A 132 -24.16 11.35 15.26
CA GLN A 132 -24.74 12.20 16.29
C GLN A 132 -25.98 11.52 16.86
N ASN A 133 -26.49 12.08 17.95
CA ASN A 133 -27.66 11.50 18.57
C ASN A 133 -28.90 11.70 17.69
N THR A 134 -29.87 10.82 17.89
CA THR A 134 -31.19 10.96 17.30
C THR A 134 -32.21 10.70 18.40
N VAL A 135 -33.40 11.27 18.22
CA VAL A 135 -34.47 11.16 19.21
C VAL A 135 -35.64 10.43 18.56
N ALA A 136 -36.60 10.05 19.40
CA ALA A 136 -37.71 9.23 18.95
C ALA A 136 -38.35 9.77 17.67
N ALA A 137 -38.49 11.09 17.58
CA ALA A 137 -39.14 11.68 16.42
C ALA A 137 -38.31 11.54 15.15
N ASP A 138 -36.99 11.37 15.28
CA ASP A 138 -36.15 11.27 14.10
C ASP A 138 -36.34 9.91 13.41
N ASN A 139 -35.87 9.84 12.18
CA ASN A 139 -35.97 8.63 11.36
C ASN A 139 -34.57 8.12 11.05
N VAL A 140 -34.44 6.80 10.99
CA VAL A 140 -33.15 6.17 10.75
C VAL A 140 -32.88 6.03 9.26
N CYS A 141 -33.84 5.48 8.52
CA CYS A 141 -33.63 5.15 7.12
C CYS A 141 -34.98 4.80 6.50
N GLU A 142 -35.01 4.83 5.17
CA GLU A 142 -36.16 4.33 4.42
C GLU A 142 -35.90 2.88 4.05
N VAL A 143 -36.94 2.07 4.17
CA VAL A 143 -36.87 0.64 3.86
C VAL A 143 -37.85 0.35 2.73
N ARG A 144 -37.39 -0.38 1.72
CA ARG A 144 -38.22 -0.87 0.64
C ARG A 144 -38.00 -2.38 0.54
N SER A 145 -39.05 -3.09 0.15
CA SER A 145 -39.00 -4.54 0.10
C SER A 145 -40.27 -5.06 -0.54
N ASN A 146 -40.13 -6.15 -1.29
CA ASN A 146 -41.29 -6.88 -1.78
C ASN A 146 -41.88 -7.80 -0.72
N CYS A 147 -41.26 -7.88 0.45
CA CYS A 147 -41.75 -8.68 1.56
C CYS A 147 -42.40 -7.75 2.59
N ARG A 148 -43.56 -8.15 3.10
CA ARG A 148 -44.39 -7.24 3.87
C ARG A 148 -43.82 -6.89 5.23
N GLN A 149 -42.76 -7.56 5.68
CA GLN A 149 -42.11 -7.20 6.93
C GLN A 149 -40.60 -7.30 6.75
N VAL A 150 -39.88 -6.46 7.47
CA VAL A 150 -38.43 -6.37 7.37
C VAL A 150 -37.86 -6.34 8.78
N ALA A 151 -37.13 -7.38 9.15
CA ALA A 151 -36.48 -7.42 10.45
C ALA A 151 -35.22 -6.56 10.41
N LEU A 152 -35.13 -5.62 11.35
CA LEU A 152 -33.99 -4.73 11.47
C LEU A 152 -33.18 -5.09 12.71
N VAL A 153 -31.87 -4.87 12.62
CA VAL A 153 -30.97 -5.03 13.75
C VAL A 153 -30.02 -3.84 13.72
N ILE A 154 -30.20 -2.90 14.63
CA ILE A 154 -29.49 -1.62 14.60
C ILE A 154 -28.50 -1.61 15.75
N SER A 155 -27.21 -1.62 15.42
CA SER A 155 -26.15 -1.44 16.41
C SER A 155 -26.10 0.02 16.80
N CYS A 156 -26.37 0.33 18.06
CA CYS A 156 -26.49 1.71 18.50
C CYS A 156 -25.92 1.86 19.89
N CYS A 157 -25.66 3.12 20.26
CA CYS A 157 -25.12 3.47 21.56
C CYS A 157 -26.16 4.35 22.25
N PHE A 158 -26.91 3.76 23.18
CA PHE A 158 -27.88 4.53 23.94
C PHE A 158 -27.17 5.41 24.94
N ASN A 159 -27.67 6.64 25.11
CA ASN A 159 -27.09 7.59 26.05
C ASN A 159 -28.14 8.60 26.48
N SER B 17 -2.92 -59.33 22.85
CA SER B 17 -3.30 -60.48 23.64
C SER B 17 -4.66 -61.04 23.17
N ASN B 18 -4.68 -62.32 22.83
CA ASN B 18 -5.87 -62.98 22.30
C ASN B 18 -6.51 -63.92 23.31
N VAL B 19 -6.04 -63.92 24.56
CA VAL B 19 -6.53 -64.85 25.56
C VAL B 19 -6.72 -64.09 26.89
N VAL B 20 -7.34 -64.77 27.84
CA VAL B 20 -7.56 -64.17 29.16
C VAL B 20 -6.23 -63.96 29.87
N THR B 21 -6.21 -63.01 30.80
CA THR B 21 -4.99 -62.66 31.52
C THR B 21 -5.31 -62.34 32.97
N MET B 22 -4.47 -62.86 33.87
CA MET B 22 -4.64 -62.64 35.30
CA MET B 22 -4.64 -62.64 35.30
C MET B 22 -4.38 -61.17 35.63
N ILE B 23 -5.29 -60.56 36.38
CA ILE B 23 -5.11 -59.22 36.90
C ILE B 23 -4.73 -59.35 38.37
N ARG B 24 -3.52 -58.90 38.72
CA ARG B 24 -3.04 -58.98 40.10
C ARG B 24 -3.71 -57.87 40.91
N ALA B 25 -5.03 -58.02 41.06
CA ALA B 25 -5.83 -57.07 41.81
C ALA B 25 -5.32 -56.93 43.24
N GLY B 26 -5.77 -55.88 43.91
CA GLY B 26 -5.34 -55.54 45.24
C GLY B 26 -6.52 -55.36 46.18
N SER B 27 -6.34 -54.46 47.14
CA SER B 27 -7.39 -54.21 48.12
C SER B 27 -8.69 -53.84 47.43
N TYR B 28 -9.80 -54.10 48.11
CA TYR B 28 -11.09 -53.75 47.54
C TYR B 28 -11.17 -52.24 47.34
N PRO B 29 -11.57 -51.77 46.17
CA PRO B 29 -11.50 -50.34 45.88
C PRO B 29 -12.67 -49.58 46.49
N LYS B 30 -12.71 -48.29 46.21
CA LYS B 30 -13.89 -47.47 46.46
C LYS B 30 -14.81 -47.60 45.26
N VAL B 31 -16.05 -47.99 45.50
CA VAL B 31 -17.00 -48.28 44.44
C VAL B 31 -18.18 -47.32 44.54
N ASN B 32 -18.97 -47.29 43.48
CA ASN B 32 -20.17 -46.44 43.41
C ASN B 32 -21.12 -47.06 42.42
N PRO B 33 -22.19 -47.70 42.89
CA PRO B 33 -23.12 -48.38 41.95
C PRO B 33 -24.00 -47.42 41.18
N THR B 34 -24.18 -46.19 41.65
CA THR B 34 -25.07 -45.20 41.04
C THR B 34 -24.27 -43.95 40.74
N PRO B 35 -23.50 -43.96 39.64
CA PRO B 35 -22.69 -42.80 39.30
C PRO B 35 -23.49 -41.67 38.68
N THR B 36 -22.79 -40.66 38.16
CA THR B 36 -23.41 -39.37 37.83
C THR B 36 -23.88 -39.27 36.38
N TRP B 37 -22.95 -39.42 35.44
CA TRP B 37 -23.27 -39.36 34.02
C TRP B 37 -23.57 -37.94 33.55
N VAL B 38 -22.81 -37.47 32.56
CA VAL B 38 -23.05 -36.21 31.88
C VAL B 38 -23.68 -36.53 30.54
N ARG B 39 -24.72 -35.79 30.17
CA ARG B 39 -25.61 -36.22 29.11
C ARG B 39 -26.01 -35.06 28.21
N ALA B 40 -26.44 -35.43 27.00
CA ALA B 40 -27.18 -34.54 26.10
C ALA B 40 -28.56 -35.16 25.90
N ILE B 41 -29.58 -34.56 26.49
CA ILE B 41 -30.94 -35.12 26.45
C ILE B 41 -31.70 -34.44 25.32
N PRO B 42 -32.00 -35.14 24.22
CA PRO B 42 -32.88 -34.55 23.19
C PRO B 42 -34.33 -34.87 23.45
N PHE B 43 -35.19 -33.86 23.47
CA PHE B 43 -36.61 -34.11 23.62
C PHE B 43 -37.38 -32.93 23.05
N GLU B 44 -38.64 -33.17 22.75
CA GLU B 44 -39.50 -32.19 22.10
C GLU B 44 -40.52 -31.66 23.09
N VAL B 45 -40.92 -30.41 22.89
CA VAL B 45 -42.00 -29.79 23.62
C VAL B 45 -42.96 -29.19 22.60
N SER B 46 -44.26 -29.30 22.87
CA SER B 46 -45.27 -28.67 22.04
C SER B 46 -45.48 -27.24 22.50
N VAL B 47 -45.58 -26.32 21.55
CA VAL B 47 -45.70 -24.90 21.83
C VAL B 47 -46.90 -24.36 21.08
N GLN B 48 -47.50 -23.32 21.64
CA GLN B 48 -48.61 -22.61 21.02
C GLN B 48 -48.12 -21.25 20.55
N SER B 49 -48.89 -20.66 19.63
CA SER B 49 -48.57 -19.33 19.14
C SER B 49 -48.79 -18.29 20.24
N GLY B 50 -47.76 -17.51 20.53
CA GLY B 50 -47.86 -16.41 21.47
C GLY B 50 -47.92 -16.79 22.93
N ILE B 51 -47.77 -18.06 23.27
CA ILE B 51 -47.84 -18.53 24.65
C ILE B 51 -46.51 -19.18 25.00
N ALA B 52 -45.80 -18.59 25.98
CA ALA B 52 -44.56 -19.17 26.46
C ALA B 52 -44.81 -20.47 27.20
N PHE B 53 -43.99 -21.47 26.89
CA PHE B 53 -44.12 -22.79 27.50
C PHE B 53 -42.94 -23.04 28.44
N LYS B 54 -43.24 -23.31 29.71
CA LYS B 54 -42.21 -23.65 30.68
C LYS B 54 -41.79 -25.10 30.49
N VAL B 55 -40.50 -25.30 30.25
CA VAL B 55 -39.95 -26.65 30.06
C VAL B 55 -39.68 -27.27 31.43
N PRO B 56 -40.36 -28.36 31.79
CA PRO B 56 -40.12 -28.97 33.10
C PRO B 56 -38.83 -29.79 33.10
N VAL B 57 -38.04 -29.61 34.15
CA VAL B 57 -36.85 -30.43 34.34
C VAL B 57 -37.23 -31.91 34.37
N GLY B 58 -38.43 -32.22 34.86
CA GLY B 58 -38.87 -33.60 34.92
C GLY B 58 -38.84 -34.32 33.60
N SER B 59 -38.85 -33.59 32.49
CA SER B 59 -38.73 -34.22 31.19
C SER B 59 -37.40 -34.95 31.04
N LEU B 60 -36.36 -34.47 31.73
CA LEU B 60 -35.04 -35.05 31.60
C LEU B 60 -34.95 -36.43 32.24
N PHE B 61 -35.82 -36.73 33.20
CA PHE B 61 -35.83 -38.03 33.85
C PHE B 61 -36.80 -38.94 33.11
N SER B 62 -36.28 -39.98 32.48
CA SER B 62 -37.12 -40.91 31.74
C SER B 62 -36.30 -42.15 31.39
N ALA B 63 -36.93 -43.32 31.49
CA ALA B 63 -36.30 -44.52 30.98
C ALA B 63 -35.97 -44.41 29.50
N ASN B 64 -36.63 -43.51 28.77
CA ASN B 64 -36.29 -43.26 27.38
C ASN B 64 -34.92 -42.63 27.23
N PHE B 65 -34.28 -42.21 28.32
CA PHE B 65 -32.94 -41.67 28.30
C PHE B 65 -31.98 -42.43 29.20
N ARG B 66 -32.44 -43.50 29.85
CA ARG B 66 -31.66 -44.23 30.83
C ARG B 66 -31.41 -43.40 32.09
N THR B 67 -32.30 -42.45 32.38
CA THR B 67 -32.10 -41.54 33.50
C THR B 67 -33.25 -41.57 34.50
N ASP B 68 -34.17 -42.53 34.38
CA ASP B 68 -35.26 -42.62 35.35
C ASP B 68 -34.75 -42.92 36.76
N SER B 69 -33.52 -43.39 36.89
CA SER B 69 -32.93 -43.64 38.21
C SER B 69 -32.49 -42.35 38.90
N PHE B 70 -32.42 -41.24 38.19
CA PHE B 70 -32.00 -39.98 38.77
C PHE B 70 -33.20 -39.18 39.28
N THR B 71 -32.92 -38.29 40.23
CA THR B 71 -33.93 -37.37 40.74
C THR B 71 -33.47 -35.92 40.70
N SER B 72 -32.18 -35.67 40.42
CA SER B 72 -31.63 -34.33 40.37
C SER B 72 -30.69 -34.24 39.18
N VAL B 73 -30.46 -33.02 38.71
CA VAL B 73 -29.65 -32.82 37.51
C VAL B 73 -29.12 -31.39 37.52
N THR B 74 -27.87 -31.24 37.09
CA THR B 74 -27.23 -29.94 36.96
C THR B 74 -27.19 -29.58 35.48
N VAL B 75 -28.05 -28.65 35.07
CA VAL B 75 -28.14 -28.23 33.68
C VAL B 75 -26.99 -27.29 33.37
N MET B 76 -26.29 -27.54 32.27
CA MET B 76 -25.12 -26.75 31.86
C MET B 76 -25.41 -25.83 30.68
N SER B 77 -26.12 -26.31 29.66
CA SER B 77 -26.47 -25.49 28.52
C SER B 77 -27.73 -26.04 27.86
N VAL B 78 -28.52 -25.14 27.31
CA VAL B 78 -29.78 -25.49 26.66
C VAL B 78 -29.73 -24.99 25.22
N ARG B 79 -29.99 -25.88 24.28
CA ARG B 79 -30.09 -25.54 22.86
C ARG B 79 -31.47 -25.95 22.36
N ALA B 80 -32.01 -25.16 21.42
CA ALA B 80 -33.37 -25.35 20.98
C ALA B 80 -33.45 -25.22 19.46
N TRP B 81 -34.39 -25.95 18.88
CA TRP B 81 -34.64 -25.93 17.45
C TRP B 81 -36.14 -26.01 17.22
N THR B 82 -36.62 -25.25 16.24
CA THR B 82 -37.98 -25.45 15.77
C THR B 82 -38.09 -26.84 15.16
N GLN B 83 -39.08 -27.61 15.60
CA GLN B 83 -39.23 -28.99 15.19
C GLN B 83 -40.23 -29.18 14.05
N LEU B 84 -41.13 -28.22 13.86
CA LEU B 84 -42.09 -28.25 12.76
C LEU B 84 -41.92 -27.00 11.91
N THR B 85 -42.54 -27.03 10.73
CA THR B 85 -42.49 -25.89 9.85
C THR B 85 -43.21 -24.71 10.50
N PRO B 86 -42.86 -23.49 10.10
CA PRO B 86 -43.53 -22.31 10.65
C PRO B 86 -44.85 -22.05 9.94
N PRO B 87 -45.55 -20.98 10.31
CA PRO B 87 -46.76 -20.62 9.56
C PRO B 87 -46.42 -20.21 8.14
N VAL B 88 -47.45 -20.19 7.29
CA VAL B 88 -47.27 -19.72 5.93
C VAL B 88 -46.69 -18.31 5.96
N ASN B 89 -45.71 -18.07 5.10
CA ASN B 89 -45.09 -16.78 4.84
C ASN B 89 -44.06 -16.40 5.90
N GLU B 90 -43.95 -17.12 7.01
CA GLU B 90 -43.07 -16.74 8.11
C GLU B 90 -41.79 -17.56 8.11
N TYR B 91 -40.72 -16.95 8.62
CA TYR B 91 -39.47 -17.65 8.91
C TYR B 91 -39.50 -18.16 10.34
N SER B 92 -39.09 -19.40 10.53
CA SER B 92 -39.12 -19.99 11.85
C SER B 92 -38.30 -19.15 12.83
N PHE B 93 -38.73 -19.13 14.08
CA PHE B 93 -37.96 -18.51 15.15
C PHE B 93 -38.19 -19.29 16.43
N VAL B 94 -37.28 -19.10 17.38
CA VAL B 94 -37.39 -19.71 18.70
C VAL B 94 -36.74 -18.77 19.71
N ARG B 95 -37.34 -18.68 20.90
CA ARG B 95 -36.83 -17.84 21.97
C ARG B 95 -36.65 -18.69 23.22
N LEU B 96 -35.66 -18.33 24.02
CA LEU B 96 -35.37 -19.01 25.28
C LEU B 96 -35.22 -17.99 26.38
N LYS B 97 -36.07 -18.07 27.40
CA LYS B 97 -35.90 -17.28 28.60
C LYS B 97 -35.39 -18.20 29.71
N PRO B 98 -34.14 -18.09 30.14
CA PRO B 98 -33.67 -18.96 31.22
C PRO B 98 -34.50 -18.78 32.47
N LEU B 99 -34.71 -19.86 33.20
CA LEU B 99 -35.46 -19.85 34.44
C LEU B 99 -34.62 -20.51 35.53
N PHE B 100 -34.60 -19.88 36.70
CA PHE B 100 -33.82 -20.36 37.83
C PHE B 100 -34.64 -20.20 39.10
N LYS B 101 -34.46 -21.13 40.03
CA LYS B 101 -35.19 -21.05 41.29
C LYS B 101 -34.79 -19.81 42.08
N THR B 102 -33.51 -19.46 42.07
CA THR B 102 -33.04 -18.27 42.77
C THR B 102 -33.39 -16.98 42.06
N GLY B 103 -34.13 -17.05 40.96
CA GLY B 103 -34.51 -15.86 40.22
C GLY B 103 -34.55 -16.08 38.73
N ASP B 104 -35.73 -15.98 38.14
CA ASP B 104 -35.88 -16.14 36.71
C ASP B 104 -35.18 -15.01 35.96
N SER B 105 -34.70 -15.32 34.77
CA SER B 105 -34.09 -14.32 33.90
C SER B 105 -35.15 -13.67 33.02
N THR B 106 -34.78 -12.52 32.44
CA THR B 106 -35.63 -11.82 31.50
C THR B 106 -35.05 -11.82 30.09
N GLU B 107 -33.89 -12.44 29.89
CA GLU B 107 -33.33 -12.56 28.54
C GLU B 107 -34.24 -13.40 27.66
N GLU B 108 -34.36 -13.00 26.39
CA GLU B 108 -35.08 -13.76 25.38
C GLU B 108 -34.10 -14.05 24.25
N PHE B 109 -33.18 -14.99 24.48
CA PHE B 109 -32.26 -15.42 23.44
C PHE B 109 -33.07 -15.97 22.26
N GLU B 110 -32.92 -15.33 21.11
CA GLU B 110 -33.73 -15.66 19.95
C GLU B 110 -32.83 -16.05 18.77
N GLY B 111 -33.33 -17.00 17.98
CA GLY B 111 -32.72 -17.35 16.74
C GLY B 111 -33.79 -17.48 15.68
N ARG B 112 -33.51 -17.00 14.48
CA ARG B 112 -34.45 -17.05 13.38
C ARG B 112 -33.79 -17.73 12.20
N ALA B 113 -34.56 -18.60 11.54
CA ALA B 113 -34.12 -19.15 10.27
C ALA B 113 -34.00 -18.05 9.24
N SER B 114 -33.05 -18.21 8.33
CA SER B 114 -32.95 -17.35 7.15
C SER B 114 -33.47 -18.04 5.91
N ASN B 115 -34.04 -19.24 6.06
CA ASN B 115 -34.67 -19.98 4.96
C ASN B 115 -35.92 -20.63 5.51
N ILE B 116 -37.08 -20.30 4.94
CA ILE B 116 -38.35 -20.74 5.49
C ILE B 116 -38.33 -22.24 5.75
N ASN B 117 -37.68 -22.99 4.86
CA ASN B 117 -37.65 -24.45 4.97
C ASN B 117 -36.65 -24.93 6.01
N THR B 118 -35.96 -24.04 6.69
CA THR B 118 -34.87 -24.40 7.59
C THR B 118 -35.26 -24.11 9.03
N ARG B 119 -34.70 -24.93 9.94
CA ARG B 119 -34.99 -24.77 11.36
C ARG B 119 -34.39 -23.48 11.89
N ALA B 120 -35.09 -22.86 12.83
CA ALA B 120 -34.50 -21.84 13.68
C ALA B 120 -33.92 -22.51 14.91
N SER B 121 -32.83 -21.93 15.42
CA SER B 121 -32.18 -22.51 16.59
C SER B 121 -31.56 -21.41 17.42
N VAL B 122 -31.44 -21.67 18.72
CA VAL B 122 -30.73 -20.79 19.63
C VAL B 122 -30.44 -21.59 20.89
N GLY B 123 -29.53 -21.08 21.72
CA GLY B 123 -29.20 -21.75 22.96
C GLY B 123 -28.58 -20.76 23.91
N TYR B 124 -28.45 -21.18 25.16
CA TYR B 124 -27.79 -20.37 26.16
C TYR B 124 -27.04 -21.27 27.13
N ARG B 125 -25.89 -20.78 27.56
CA ARG B 125 -25.04 -21.47 28.53
C ARG B 125 -25.32 -20.93 29.92
N ILE B 126 -25.44 -21.84 30.89
CA ILE B 126 -25.63 -21.46 32.28
C ILE B 126 -24.26 -21.32 32.91
N PRO B 127 -23.93 -20.20 33.54
CA PRO B 127 -22.60 -20.04 34.11
C PRO B 127 -22.41 -20.92 35.33
N THR B 128 -21.14 -21.19 35.64
CA THR B 128 -20.80 -22.08 36.74
C THR B 128 -21.59 -21.74 38.00
N ASN B 129 -21.74 -20.44 38.31
CA ASN B 129 -22.33 -20.02 39.57
C ASN B 129 -23.83 -20.30 39.66
N LEU B 130 -24.49 -20.60 38.54
CA LEU B 130 -25.90 -20.91 38.55
C LEU B 130 -26.18 -22.38 38.27
N ARG B 131 -25.13 -23.21 38.26
CA ARG B 131 -25.28 -24.64 37.98
C ARG B 131 -25.50 -25.40 39.29
N GLN B 132 -26.66 -25.15 39.88
CA GLN B 132 -27.15 -25.96 40.98
C GLN B 132 -28.09 -27.02 40.42
N ASN B 133 -28.40 -28.02 41.25
CA ASN B 133 -29.31 -29.07 40.83
C ASN B 133 -30.72 -28.52 40.65
N THR B 134 -31.54 -29.28 39.92
CA THR B 134 -32.95 -29.00 39.75
C THR B 134 -33.70 -30.32 39.72
N VAL B 135 -34.91 -30.32 40.28
CA VAL B 135 -35.72 -31.53 40.37
C VAL B 135 -36.88 -31.41 39.39
N ALA B 136 -37.60 -32.52 39.22
CA ALA B 136 -38.64 -32.60 38.21
C ALA B 136 -39.62 -31.44 38.30
N ALA B 137 -39.90 -30.95 39.52
CA ALA B 137 -40.86 -29.87 39.68
C ALA B 137 -40.31 -28.54 39.20
N ASP B 138 -39.00 -28.41 39.06
CA ASP B 138 -38.42 -27.15 38.63
C ASP B 138 -38.57 -26.97 37.13
N ASN B 139 -38.32 -25.74 36.68
CA ASN B 139 -38.40 -25.36 35.28
C ASN B 139 -37.03 -24.96 34.78
N VAL B 140 -36.81 -25.14 33.48
CA VAL B 140 -35.54 -24.83 32.85
C VAL B 140 -35.58 -23.49 32.14
N CYS B 141 -36.63 -23.24 31.38
CA CYS B 141 -36.70 -22.03 30.56
C CYS B 141 -38.08 -21.95 29.93
N GLU B 142 -38.40 -20.75 29.44
CA GLU B 142 -39.60 -20.53 28.64
C GLU B 142 -39.22 -20.60 27.17
N VAL B 143 -40.07 -21.27 26.39
CA VAL B 143 -39.84 -21.44 24.96
C VAL B 143 -40.98 -20.73 24.22
N ARG B 144 -40.61 -19.80 23.36
CA ARG B 144 -41.55 -19.15 22.45
C ARG B 144 -41.13 -19.42 21.02
N SER B 145 -42.10 -19.74 20.18
CA SER B 145 -41.81 -20.05 18.78
C SER B 145 -43.08 -19.98 17.97
N ASN B 146 -42.95 -19.56 16.71
CA ASN B 146 -44.05 -19.63 15.78
C ASN B 146 -44.28 -21.03 15.25
N CYS B 147 -43.41 -21.98 15.58
CA CYS B 147 -43.57 -23.38 15.18
C CYS B 147 -44.16 -24.17 16.34
N ARG B 148 -45.09 -25.07 16.03
CA ARG B 148 -45.89 -25.73 17.05
C ARG B 148 -45.09 -26.71 17.90
N GLN B 149 -43.86 -27.04 17.50
CA GLN B 149 -43.01 -27.91 18.29
C GLN B 149 -41.58 -27.37 18.28
N VAL B 150 -40.89 -27.56 19.39
CA VAL B 150 -39.51 -27.12 19.54
C VAL B 150 -38.68 -28.31 20.02
N ALA B 151 -37.61 -28.60 19.29
CA ALA B 151 -36.65 -29.63 19.70
C ALA B 151 -35.64 -29.01 20.65
N LEU B 152 -35.39 -29.70 21.76
CA LEU B 152 -34.41 -29.25 22.75
C LEU B 152 -33.33 -30.30 22.93
N VAL B 153 -32.12 -29.84 23.23
CA VAL B 153 -30.99 -30.69 23.56
C VAL B 153 -30.30 -30.05 24.75
N ILE B 154 -30.48 -30.62 25.92
CA ILE B 154 -29.99 -30.04 27.17
C ILE B 154 -28.73 -30.78 27.60
N SER B 155 -27.63 -30.04 27.72
CA SER B 155 -26.38 -30.57 28.24
C SER B 155 -26.44 -30.48 29.76
N CYS B 156 -26.44 -31.63 30.44
CA CYS B 156 -26.71 -31.65 31.87
C CYS B 156 -25.96 -32.79 32.53
N CYS B 157 -25.67 -32.60 33.83
CA CYS B 157 -25.01 -33.60 34.64
C CYS B 157 -26.04 -34.20 35.60
N PHE B 158 -26.47 -35.43 35.31
CA PHE B 158 -27.35 -36.14 36.23
C PHE B 158 -26.57 -36.56 37.47
N ASN B 159 -27.24 -36.55 38.61
CA ASN B 159 -26.61 -36.95 39.88
C ASN B 159 -27.63 -37.19 40.98
N ASN C 18 5.61 -49.88 -25.46
CA ASN C 18 4.28 -49.91 -26.05
C ASN C 18 3.88 -51.29 -26.55
N VAL C 19 4.65 -52.32 -26.18
CA VAL C 19 4.43 -53.67 -26.66
C VAL C 19 4.36 -54.60 -25.47
N VAL C 20 3.85 -55.82 -25.73
CA VAL C 20 3.91 -56.87 -24.73
C VAL C 20 5.36 -57.10 -24.33
N THR C 21 5.55 -57.52 -23.08
CA THR C 21 6.88 -57.78 -22.55
C THR C 21 6.83 -59.09 -21.78
N MET C 22 7.92 -59.85 -21.85
CA MET C 22 7.99 -61.12 -21.13
C MET C 22 8.01 -60.87 -19.62
N ILE C 23 7.49 -61.85 -18.89
CA ILE C 23 7.53 -61.87 -17.44
C ILE C 23 8.27 -63.13 -17.02
N ARG C 24 9.41 -62.97 -16.37
CA ARG C 24 10.14 -64.11 -15.83
C ARG C 24 9.41 -64.59 -14.58
N ALA C 25 8.31 -65.30 -14.82
CA ALA C 25 7.51 -65.88 -13.75
C ALA C 25 8.24 -67.07 -13.13
N GLY C 26 7.88 -67.37 -11.88
CA GLY C 26 8.53 -68.43 -11.15
C GLY C 26 7.59 -69.53 -10.71
N SER C 27 7.76 -69.99 -9.47
CA SER C 27 6.89 -71.02 -8.94
C SER C 27 5.43 -70.58 -9.02
N TYR C 28 4.54 -71.55 -9.19
CA TYR C 28 3.12 -71.23 -9.16
C TYR C 28 2.77 -70.61 -7.82
N PRO C 29 2.08 -69.48 -7.80
CA PRO C 29 1.83 -68.78 -6.53
C PRO C 29 0.72 -69.44 -5.73
N LYS C 30 0.56 -68.94 -4.50
CA LYS C 30 -0.66 -69.21 -3.76
C LYS C 30 -1.79 -68.42 -4.40
N VAL C 31 -2.90 -69.10 -4.69
CA VAL C 31 -4.02 -68.48 -5.39
C VAL C 31 -5.26 -68.58 -4.51
N ASN C 32 -6.30 -67.84 -4.92
CA ASN C 32 -7.60 -67.87 -4.26
C ASN C 32 -8.63 -67.33 -5.24
N PRO C 33 -9.46 -68.18 -5.85
CA PRO C 33 -10.40 -67.69 -6.86
C PRO C 33 -11.56 -66.92 -6.28
N THR C 34 -11.86 -67.08 -4.99
CA THR C 34 -13.02 -66.46 -4.34
C THR C 34 -12.54 -65.59 -3.20
N PRO C 35 -11.93 -64.45 -3.50
CA PRO C 35 -11.35 -63.60 -2.46
C PRO C 35 -12.42 -62.83 -1.70
N THR C 36 -11.97 -62.09 -0.70
CA THR C 36 -12.82 -61.21 0.08
C THR C 36 -12.99 -59.87 -0.66
N TRP C 37 -13.91 -59.05 -0.17
CA TRP C 37 -14.19 -57.78 -0.82
C TRP C 37 -14.67 -56.78 0.23
N VAL C 38 -13.95 -55.68 0.38
CA VAL C 38 -14.39 -54.56 1.19
C VAL C 38 -15.28 -53.68 0.32
N ARG C 39 -16.52 -53.47 0.77
CA ARG C 39 -17.54 -52.86 -0.08
C ARG C 39 -18.38 -51.88 0.71
N ALA C 40 -18.88 -50.87 -0.01
CA ALA C 40 -19.92 -49.98 0.49
C ALA C 40 -21.18 -50.30 -0.32
N ILE C 41 -22.12 -50.99 0.32
CA ILE C 41 -23.32 -51.46 -0.37
C ILE C 41 -24.43 -50.43 -0.16
N PRO C 42 -24.94 -49.80 -1.22
CA PRO C 42 -26.12 -48.94 -1.05
C PRO C 42 -27.39 -49.69 -1.35
N PHE C 43 -28.38 -49.60 -0.48
CA PHE C 43 -29.69 -50.17 -0.75
C PHE C 43 -30.70 -49.44 0.12
N GLU C 44 -31.96 -49.55 -0.26
CA GLU C 44 -33.05 -48.87 0.41
C GLU C 44 -33.95 -49.87 1.09
N VAL C 45 -34.68 -49.40 2.10
CA VAL C 45 -35.64 -50.22 2.83
C VAL C 45 -36.89 -49.39 3.06
N SER C 46 -38.04 -50.03 2.98
CA SER C 46 -39.32 -49.37 3.20
C SER C 46 -39.66 -49.40 4.69
N VAL C 47 -40.08 -48.26 5.21
CA VAL C 47 -40.27 -48.05 6.64
C VAL C 47 -41.67 -47.54 6.88
N GLN C 48 -42.37 -48.15 7.84
CA GLN C 48 -43.68 -47.69 8.25
C GLN C 48 -43.54 -46.72 9.40
N SER C 49 -44.41 -45.71 9.41
CA SER C 49 -44.30 -44.65 10.41
C SER C 49 -44.44 -45.21 11.82
N GLY C 50 -43.57 -44.74 12.71
CA GLY C 50 -43.59 -45.16 14.10
C GLY C 50 -43.30 -46.63 14.32
N ILE C 51 -42.81 -47.32 13.30
CA ILE C 51 -42.55 -48.75 13.38
C ILE C 51 -41.10 -49.00 13.00
N ALA C 52 -40.41 -49.83 13.79
CA ALA C 52 -39.04 -50.20 13.51
C ALA C 52 -39.00 -51.25 12.40
N PHE C 53 -37.98 -51.18 11.55
CA PHE C 53 -37.75 -52.16 10.51
C PHE C 53 -36.37 -52.77 10.69
N LYS C 54 -36.33 -54.09 10.86
CA LYS C 54 -35.07 -54.80 11.02
C LYS C 54 -34.41 -54.95 9.66
N VAL C 55 -33.25 -54.33 9.48
CA VAL C 55 -32.54 -54.40 8.21
C VAL C 55 -31.89 -55.77 8.10
N PRO C 56 -32.37 -56.64 7.21
CA PRO C 56 -31.78 -57.98 7.11
C PRO C 56 -30.42 -57.94 6.43
N VAL C 57 -29.48 -58.70 6.99
CA VAL C 57 -28.16 -58.81 6.37
C VAL C 57 -28.28 -59.34 4.96
N GLY C 58 -29.22 -60.25 4.72
CA GLY C 58 -29.39 -60.88 3.42
C GLY C 58 -29.53 -59.90 2.27
N SER C 59 -29.93 -58.66 2.58
CA SER C 59 -30.02 -57.63 1.55
C SER C 59 -28.67 -57.36 0.92
N LEU C 60 -27.59 -57.53 1.68
CA LEU C 60 -26.26 -57.25 1.16
C LEU C 60 -25.81 -58.28 0.14
N PHE C 61 -26.42 -59.47 0.13
CA PHE C 61 -26.08 -60.53 -0.82
C PHE C 61 -27.07 -60.47 -1.96
N SER C 62 -26.60 -60.03 -3.13
CA SER C 62 -27.45 -59.89 -4.29
C SER C 62 -26.56 -59.74 -5.51
N ALA C 63 -27.06 -60.26 -6.64
CA ALA C 63 -26.34 -60.03 -7.89
C ALA C 63 -26.23 -58.55 -8.20
N ASN C 64 -27.20 -57.76 -7.73
CA ASN C 64 -27.17 -56.32 -8.00
C ASN C 64 -25.96 -55.64 -7.37
N PHE C 65 -25.23 -56.33 -6.50
CA PHE C 65 -24.03 -55.80 -5.89
C PHE C 65 -22.80 -56.64 -6.23
N ARG C 66 -22.94 -57.66 -7.08
CA ARG C 66 -21.85 -58.59 -7.35
C ARG C 66 -21.46 -59.38 -6.10
N THR C 67 -22.42 -59.62 -5.20
CA THR C 67 -22.12 -60.30 -3.95
C THR C 67 -22.99 -61.54 -3.73
N ASP C 68 -23.74 -61.98 -4.75
CA ASP C 68 -24.57 -63.17 -4.57
C ASP C 68 -23.74 -64.42 -4.32
N SER C 69 -22.42 -64.37 -4.54
CA SER C 69 -21.53 -65.50 -4.31
C SER C 69 -21.03 -65.58 -2.88
N PHE C 70 -21.40 -64.63 -2.02
CA PHE C 70 -21.02 -64.65 -0.62
C PHE C 70 -22.16 -65.20 0.23
N THR C 71 -21.80 -65.81 1.36
CA THR C 71 -22.77 -66.30 2.32
C THR C 71 -22.60 -65.65 3.69
N SER C 72 -21.57 -64.84 3.87
CA SER C 72 -21.30 -64.18 5.14
C SER C 72 -20.73 -62.81 4.84
N VAL C 73 -20.81 -61.92 5.83
CA VAL C 73 -20.32 -60.56 5.66
C VAL C 73 -20.03 -59.98 7.03
N THR C 74 -18.93 -59.25 7.13
CA THR C 74 -18.53 -58.55 8.35
C THR C 74 -18.89 -57.08 8.18
N VAL C 75 -19.87 -56.61 8.95
CA VAL C 75 -20.31 -55.22 8.86
C VAL C 75 -19.39 -54.37 9.73
N MET C 76 -18.93 -53.25 9.16
CA MET C 76 -18.04 -52.32 9.85
C MET C 76 -18.74 -51.05 10.28
N SER C 77 -19.51 -50.43 9.39
CA SER C 77 -20.25 -49.22 9.71
C SER C 77 -21.53 -49.20 8.90
N VAL C 78 -22.52 -48.50 9.44
CA VAL C 78 -23.85 -48.39 8.83
C VAL C 78 -24.23 -46.92 8.83
N ARG C 79 -24.55 -46.38 7.66
CA ARG C 79 -25.05 -45.03 7.52
C ARG C 79 -26.42 -45.07 6.88
N ALA C 80 -27.30 -44.18 7.30
CA ALA C 80 -28.68 -44.16 6.85
C ALA C 80 -29.05 -42.75 6.43
N TRP C 81 -29.81 -42.66 5.34
CA TRP C 81 -30.38 -41.40 4.86
C TRP C 81 -31.83 -41.61 4.54
N THR C 82 -32.68 -40.71 5.01
CA THR C 82 -34.06 -40.68 4.54
C THR C 82 -34.07 -40.59 3.02
N GLN C 83 -34.87 -41.44 2.39
CA GLN C 83 -34.90 -41.53 0.93
C GLN C 83 -36.11 -40.82 0.32
N LEU C 84 -37.13 -40.51 1.12
CA LEU C 84 -38.30 -39.78 0.66
C LEU C 84 -38.54 -38.61 1.60
N THR C 85 -39.47 -37.74 1.20
CA THR C 85 -39.77 -36.56 1.98
C THR C 85 -40.46 -36.93 3.28
N PRO C 86 -40.37 -36.08 4.29
CA PRO C 86 -41.11 -36.32 5.53
C PRO C 86 -42.55 -35.85 5.41
N PRO C 87 -43.39 -36.16 6.38
CA PRO C 87 -44.78 -35.68 6.34
C PRO C 87 -44.82 -34.16 6.24
N VAL C 88 -46.00 -33.64 5.93
CA VAL C 88 -46.18 -32.19 5.90
C VAL C 88 -45.87 -31.64 7.29
N ASN C 89 -45.06 -30.57 7.32
CA ASN C 89 -44.71 -29.78 8.50
C ASN C 89 -43.55 -30.37 9.28
N GLU C 90 -43.08 -31.57 8.95
CA GLU C 90 -42.04 -32.23 9.70
C GLU C 90 -40.70 -32.14 8.99
N TYR C 91 -39.64 -32.10 9.79
CA TYR C 91 -38.29 -32.29 9.29
C TYR C 91 -37.96 -33.78 9.32
N SER C 92 -37.24 -34.25 8.31
CA SER C 92 -36.88 -35.66 8.25
C SER C 92 -36.06 -36.06 9.46
N PHE C 93 -36.24 -37.30 9.90
CA PHE C 93 -35.39 -37.88 10.93
C PHE C 93 -35.26 -39.37 10.66
N VAL C 94 -34.16 -39.94 11.13
CA VAL C 94 -33.88 -41.37 10.96
C VAL C 94 -33.11 -41.85 12.18
N ARG C 95 -33.53 -42.96 12.75
CA ARG C 95 -32.87 -43.56 13.90
C ARG C 95 -32.30 -44.91 13.55
N LEU C 96 -31.22 -45.28 14.22
CA LEU C 96 -30.54 -46.56 13.99
C LEU C 96 -30.23 -47.23 15.32
N LYS C 97 -30.68 -48.46 15.47
CA LYS C 97 -30.39 -49.27 16.66
C LYS C 97 -29.55 -50.47 16.25
N PRO C 98 -28.27 -50.53 16.63
CA PRO C 98 -27.45 -51.69 16.26
C PRO C 98 -28.02 -52.98 16.82
N LEU C 99 -27.96 -54.03 16.02
CA LEU C 99 -28.40 -55.36 16.42
C LEU C 99 -27.24 -56.33 16.29
N PHE C 100 -27.13 -57.25 17.26
CA PHE C 100 -26.08 -58.24 17.25
C PHE C 100 -26.62 -59.56 17.76
N LYS C 101 -26.07 -60.66 17.22
CA LYS C 101 -26.50 -61.98 17.64
C LYS C 101 -26.14 -62.25 19.09
N THR C 102 -25.00 -61.73 19.54
CA THR C 102 -24.58 -61.90 20.92
C THR C 102 -25.32 -60.98 21.88
N GLY C 103 -26.05 -59.99 21.36
CA GLY C 103 -26.79 -59.07 22.19
C GLY C 103 -27.14 -57.81 21.43
N ASP C 104 -28.43 -57.58 21.21
CA ASP C 104 -28.86 -56.37 20.52
C ASP C 104 -28.61 -55.15 21.40
N SER C 105 -28.39 -54.01 20.75
CA SER C 105 -28.13 -52.77 21.46
C SER C 105 -29.43 -52.01 21.72
N THR C 106 -29.34 -51.02 22.61
CA THR C 106 -30.45 -50.12 22.89
C THR C 106 -30.12 -48.68 22.55
N GLU C 107 -29.07 -48.46 21.76
CA GLU C 107 -28.77 -47.12 21.26
C GLU C 107 -29.73 -46.76 20.13
N GLU C 108 -30.16 -45.51 20.12
CA GLU C 108 -31.01 -44.97 19.06
C GLU C 108 -30.25 -43.80 18.45
N PHE C 109 -29.24 -44.12 17.63
CA PHE C 109 -28.52 -43.10 16.89
C PHE C 109 -29.48 -42.40 15.94
N GLU C 110 -29.82 -41.15 16.26
CA GLU C 110 -30.82 -40.40 15.51
C GLU C 110 -30.16 -39.20 14.84
N GLY C 111 -30.54 -38.97 13.59
CA GLY C 111 -30.14 -37.78 12.88
C GLY C 111 -31.36 -37.13 12.28
N ARG C 112 -31.46 -35.81 12.42
CA ARG C 112 -32.60 -35.06 11.94
C ARG C 112 -32.15 -34.03 10.92
N ALA C 113 -32.95 -33.84 9.89
CA ALA C 113 -32.68 -32.78 8.94
C ALA C 113 -32.96 -31.43 9.59
N SER C 114 -32.27 -30.41 9.10
CA SER C 114 -32.53 -29.03 9.52
C SER C 114 -33.15 -28.21 8.41
N ASN C 115 -33.44 -28.83 7.27
CA ASN C 115 -34.16 -28.21 6.16
C ASN C 115 -35.17 -29.24 5.66
N ILE C 116 -36.45 -28.90 5.67
CA ILE C 116 -37.49 -29.89 5.39
C ILE C 116 -37.26 -30.55 4.03
N ASN C 117 -36.54 -29.86 3.14
CA ASN C 117 -36.25 -30.41 1.83
C ASN C 117 -35.02 -31.31 1.82
N THR C 118 -34.33 -31.44 2.95
CA THR C 118 -33.05 -32.13 3.02
C THR C 118 -33.20 -33.48 3.71
N ARG C 119 -32.29 -34.39 3.37
CA ARG C 119 -32.27 -35.69 4.00
C ARG C 119 -31.82 -35.59 5.45
N ALA C 120 -32.37 -36.46 6.30
CA ALA C 120 -31.79 -36.73 7.60
C ALA C 120 -30.80 -37.88 7.46
N SER C 121 -29.72 -37.82 8.22
CA SER C 121 -28.69 -38.84 8.09
C SER C 121 -28.08 -39.14 9.45
N VAL C 122 -27.65 -40.40 9.60
CA VAL C 122 -26.94 -40.83 10.79
C VAL C 122 -26.27 -42.16 10.46
N GLY C 123 -25.28 -42.53 11.26
CA GLY C 123 -24.63 -43.82 11.11
C GLY C 123 -23.93 -44.19 12.39
N TYR C 124 -23.46 -45.43 12.43
CA TYR C 124 -22.72 -45.92 13.59
C TYR C 124 -21.64 -46.88 13.14
N ARG C 125 -20.53 -46.89 13.88
CA ARG C 125 -19.40 -47.77 13.61
C ARG C 125 -19.45 -48.94 14.58
N ILE C 126 -19.24 -50.15 14.05
CA ILE C 126 -19.20 -51.36 14.85
C ILE C 126 -17.77 -51.52 15.36
N PRO C 127 -17.55 -51.57 16.68
CA PRO C 127 -16.18 -51.71 17.17
C PRO C 127 -15.59 -53.04 16.76
N THR C 128 -14.26 -53.08 16.70
CA THR C 128 -13.57 -54.28 16.24
C THR C 128 -14.08 -55.52 16.98
N ASN C 129 -14.26 -55.41 18.29
CA ASN C 129 -14.61 -56.57 19.10
C ASN C 129 -15.98 -57.15 18.71
N LEU C 130 -16.81 -56.39 18.00
CA LEU C 130 -18.13 -56.86 17.60
C LEU C 130 -18.23 -57.09 16.10
N ARG C 131 -17.11 -57.17 15.40
CA ARG C 131 -17.11 -57.33 13.95
C ARG C 131 -16.96 -58.80 13.57
N GLN C 132 -17.98 -59.57 13.95
N GLN C 132 -17.99 -59.56 13.95
CA GLN C 132 -18.06 -60.96 13.54
CA GLN C 132 -18.10 -60.96 13.57
C GLN C 132 -18.91 -61.09 12.29
C GLN C 132 -18.89 -61.08 12.26
N ASN C 133 -18.82 -62.26 11.66
CA ASN C 133 -19.61 -62.50 10.46
C ASN C 133 -21.10 -62.50 10.79
N THR C 134 -21.91 -62.24 9.77
CA THR C 134 -23.35 -62.31 9.86
C THR C 134 -23.85 -62.90 8.55
N VAL C 135 -24.77 -63.84 8.65
CA VAL C 135 -25.33 -64.50 7.49
C VAL C 135 -26.64 -63.80 7.12
N ALA C 136 -27.20 -64.20 5.97
CA ALA C 136 -28.42 -63.55 5.49
C ALA C 136 -29.52 -63.56 6.54
N ALA C 137 -29.60 -64.63 7.34
CA ALA C 137 -30.65 -64.75 8.33
C ALA C 137 -30.51 -63.77 9.49
N ASP C 138 -29.35 -63.13 9.64
CA ASP C 138 -29.16 -62.20 10.73
C ASP C 138 -29.71 -60.82 10.36
N ASN C 139 -29.81 -59.96 11.36
CA ASN C 139 -30.23 -58.57 11.18
C ASN C 139 -29.09 -57.64 11.54
N VAL C 140 -29.09 -56.47 10.90
CA VAL C 140 -28.03 -55.48 11.12
C VAL C 140 -28.45 -54.45 12.17
N CYS C 141 -29.64 -53.87 11.99
CA CYS C 141 -30.06 -52.76 12.82
C CYS C 141 -31.56 -52.55 12.63
N GLU C 142 -32.16 -51.86 13.59
CA GLU C 142 -33.52 -51.37 13.45
C GLU C 142 -33.48 -49.96 12.87
N VAL C 143 -34.44 -49.67 11.99
CA VAL C 143 -34.56 -48.34 11.39
C VAL C 143 -35.91 -47.77 11.77
N ARG C 144 -35.91 -46.52 12.21
CA ARG C 144 -37.14 -45.77 12.44
C ARG C 144 -36.99 -44.42 11.75
N SER C 145 -38.06 -43.97 11.12
CA SER C 145 -38.02 -42.72 10.37
C SER C 145 -39.43 -42.31 10.02
N ASN C 146 -39.68 -41.01 10.09
CA ASN C 146 -40.95 -40.46 9.61
C ASN C 146 -41.06 -40.52 8.10
N CYS C 147 -40.00 -40.96 7.41
CA CYS C 147 -40.01 -41.08 5.96
C CYS C 147 -40.23 -42.53 5.56
N ARG C 148 -41.00 -42.72 4.49
CA ARG C 148 -41.42 -44.06 4.12
C ARG C 148 -40.28 -44.90 3.56
N GLN C 149 -39.13 -44.31 3.29
CA GLN C 149 -37.97 -45.06 2.80
C GLN C 149 -36.71 -44.47 3.38
N VAL C 150 -35.74 -45.35 3.64
CA VAL C 150 -34.44 -44.96 4.18
C VAL C 150 -33.36 -45.61 3.32
N ALA C 151 -32.51 -44.78 2.72
CA ALA C 151 -31.36 -45.28 1.97
C ALA C 151 -30.22 -45.57 2.94
N LEU C 152 -29.72 -46.80 2.89
CA LEU C 152 -28.60 -47.21 3.71
C LEU C 152 -27.37 -47.44 2.84
N VAL C 153 -26.21 -47.15 3.41
CA VAL C 153 -24.93 -47.49 2.81
C VAL C 153 -24.10 -48.14 3.91
N ILE C 154 -23.77 -49.41 3.72
CA ILE C 154 -23.17 -50.24 4.75
C ILE C 154 -21.76 -50.60 4.32
N SER C 155 -20.77 -50.00 4.98
CA SER C 155 -19.37 -50.38 4.76
C SER C 155 -19.15 -51.74 5.40
N CYS C 156 -18.94 -52.76 4.59
CA CYS C 156 -18.82 -54.12 5.08
C CYS C 156 -17.74 -54.86 4.30
N CYS C 157 -17.27 -55.95 4.90
CA CYS C 157 -16.31 -56.84 4.28
C CYS C 157 -17.01 -58.16 3.99
N PHE C 158 -17.11 -58.50 2.72
CA PHE C 158 -17.67 -59.79 2.33
C PHE C 158 -16.58 -60.86 2.36
N ASN C 159 -16.95 -62.05 2.82
CA ASN C 159 -16.00 -63.16 2.88
C ASN C 159 -16.72 -64.50 2.81
N ASN D 16 3.20 -0.55 -23.89
CA ASN D 16 3.39 -1.56 -24.93
C ASN D 16 3.32 -0.90 -26.30
N SER D 17 3.61 -1.67 -27.35
CA SER D 17 3.58 -1.14 -28.70
C SER D 17 2.16 -0.71 -29.06
N ASN D 18 2.04 0.49 -29.63
CA ASN D 18 0.73 1.02 -30.00
C ASN D 18 0.44 0.89 -31.48
N VAL D 19 1.41 0.49 -32.30
CA VAL D 19 1.26 0.42 -33.73
C VAL D 19 1.65 -0.98 -34.21
N VAL D 20 1.40 -1.22 -35.50
CA VAL D 20 1.84 -2.47 -36.12
C VAL D 20 3.35 -2.49 -36.16
N THR D 21 3.93 -3.67 -35.92
CA THR D 21 5.37 -3.86 -35.99
C THR D 21 5.67 -5.02 -36.95
N MET D 22 6.79 -4.92 -37.62
CA MET D 22 7.19 -5.95 -38.56
CA MET D 22 7.21 -5.95 -38.56
C MET D 22 7.50 -7.25 -37.83
N ILE D 23 7.23 -8.37 -38.49
CA ILE D 23 7.56 -9.70 -38.00
C ILE D 23 8.55 -10.29 -38.97
N ARG D 24 9.79 -10.48 -38.51
CA ARG D 24 10.82 -11.11 -39.35
C ARG D 24 10.53 -12.61 -39.40
N ALA D 25 9.45 -12.94 -40.11
CA ALA D 25 9.06 -14.33 -40.31
C ALA D 25 10.10 -15.05 -41.16
N GLY D 26 10.17 -16.36 -40.99
CA GLY D 26 11.11 -17.17 -41.72
C GLY D 26 10.46 -18.18 -42.63
N SER D 27 11.05 -19.37 -42.73
CA SER D 27 10.54 -20.41 -43.62
C SER D 27 9.07 -20.68 -43.29
N TYR D 28 8.34 -21.19 -44.29
CA TYR D 28 6.92 -21.43 -44.10
C TYR D 28 6.71 -22.51 -43.05
N PRO D 29 5.87 -22.29 -42.06
CA PRO D 29 5.77 -23.22 -40.93
C PRO D 29 4.95 -24.45 -41.30
N LYS D 30 4.92 -25.39 -40.36
CA LYS D 30 4.00 -26.52 -40.44
C LYS D 30 2.64 -26.06 -39.97
N VAL D 31 1.62 -26.27 -40.80
CA VAL D 31 0.28 -25.78 -40.53
C VAL D 31 -0.68 -26.97 -40.46
N ASN D 32 -1.90 -26.69 -39.98
CA ASN D 32 -2.95 -27.68 -39.87
C ASN D 32 -4.29 -26.97 -39.81
N PRO D 33 -4.98 -26.82 -40.93
CA PRO D 33 -6.23 -26.02 -40.93
C PRO D 33 -7.35 -26.62 -40.10
N THR D 34 -7.26 -27.89 -39.74
CA THR D 34 -8.33 -28.61 -39.06
C THR D 34 -7.76 -29.25 -37.81
N PRO D 35 -7.49 -28.47 -36.77
CA PRO D 35 -6.81 -29.00 -35.58
C PRO D 35 -7.78 -29.70 -34.63
N THR D 36 -7.18 -30.31 -33.61
CA THR D 36 -7.93 -30.93 -32.55
C THR D 36 -8.50 -29.87 -31.62
N TRP D 37 -9.35 -30.30 -30.69
CA TRP D 37 -10.03 -29.36 -29.80
C TRP D 37 -10.47 -30.09 -28.55
N VAL D 38 -9.93 -29.69 -27.40
CA VAL D 38 -10.33 -30.25 -26.11
C VAL D 38 -11.49 -29.41 -25.59
N ARG D 39 -12.63 -30.06 -25.34
CA ARG D 39 -13.88 -29.35 -25.10
C ARG D 39 -14.64 -29.98 -23.94
N ALA D 40 -15.55 -29.20 -23.38
CA ALA D 40 -16.54 -29.65 -22.41
C ALA D 40 -17.92 -29.34 -23.01
N ILE D 41 -18.56 -30.38 -23.54
CA ILE D 41 -19.79 -30.22 -24.30
C ILE D 41 -20.97 -30.37 -23.35
N PRO D 42 -21.82 -29.35 -23.19
CA PRO D 42 -23.03 -29.53 -22.38
C PRO D 42 -24.24 -29.80 -23.26
N PHE D 43 -24.94 -30.89 -22.99
CA PHE D 43 -26.18 -31.18 -23.68
C PHE D 43 -27.06 -32.03 -22.78
N GLU D 44 -28.34 -32.06 -23.11
CA GLU D 44 -29.34 -32.74 -22.29
C GLU D 44 -29.89 -33.93 -23.05
N VAL D 45 -30.44 -34.87 -22.30
CA VAL D 45 -31.06 -36.06 -22.86
C VAL D 45 -32.34 -36.34 -22.09
N SER D 46 -33.35 -36.82 -22.80
CA SER D 46 -34.61 -37.21 -22.19
C SER D 46 -34.49 -38.65 -21.73
N VAL D 47 -34.91 -38.90 -20.49
CA VAL D 47 -34.86 -40.22 -19.89
CA VAL D 47 -34.86 -40.22 -19.88
C VAL D 47 -36.24 -40.57 -19.38
N GLN D 48 -36.63 -41.82 -19.57
CA GLN D 48 -37.91 -42.32 -19.09
C GLN D 48 -37.71 -43.02 -17.75
N SER D 49 -38.77 -43.05 -16.94
CA SER D 49 -38.68 -43.70 -15.65
C SER D 49 -38.38 -45.19 -15.84
N GLY D 50 -37.37 -45.68 -15.13
CA GLY D 50 -37.03 -47.09 -15.16
C GLY D 50 -36.43 -47.60 -16.45
N ILE D 51 -36.26 -46.75 -17.46
CA ILE D 51 -35.71 -47.14 -18.75
C ILE D 51 -34.38 -46.44 -18.94
N ALA D 52 -33.31 -47.21 -19.12
CA ALA D 52 -32.00 -46.63 -19.35
C ALA D 52 -31.93 -46.04 -20.75
N PHE D 53 -31.15 -44.97 -20.89
CA PHE D 53 -30.99 -44.27 -22.15
C PHE D 53 -29.53 -44.30 -22.55
N LYS D 54 -29.24 -44.91 -23.70
CA LYS D 54 -27.89 -44.91 -24.25
C LYS D 54 -27.63 -43.54 -24.87
N VAL D 55 -26.66 -42.82 -24.31
CA VAL D 55 -26.32 -41.49 -24.82
C VAL D 55 -25.47 -41.67 -26.08
N PRO D 56 -25.88 -41.12 -27.22
CA PRO D 56 -25.10 -41.31 -28.45
C PRO D 56 -23.95 -40.32 -28.55
N VAL D 57 -22.82 -40.81 -29.05
CA VAL D 57 -21.68 -39.93 -29.29
C VAL D 57 -22.02 -38.89 -30.34
N GLY D 58 -22.88 -39.23 -31.28
CA GLY D 58 -23.30 -38.29 -32.31
C GLY D 58 -23.86 -37.00 -31.77
N SER D 59 -24.22 -36.96 -30.49
CA SER D 59 -24.72 -35.74 -29.88
C SER D 59 -23.64 -34.69 -29.72
N LEU D 60 -22.37 -35.10 -29.67
CA LEU D 60 -21.28 -34.16 -29.51
C LEU D 60 -20.97 -33.40 -30.79
N PHE D 61 -21.25 -34.00 -31.95
CA PHE D 61 -20.98 -33.38 -33.23
C PHE D 61 -22.20 -32.57 -33.66
N SER D 62 -22.09 -31.25 -33.55
CA SER D 62 -23.21 -30.36 -33.87
C SER D 62 -22.65 -28.97 -34.12
N ALA D 63 -23.27 -28.24 -35.04
CA ALA D 63 -22.92 -26.84 -35.21
C ALA D 63 -23.23 -26.04 -33.95
N ASN D 64 -24.12 -26.53 -33.08
CA ASN D 64 -24.38 -25.86 -31.82
C ASN D 64 -23.15 -25.86 -30.90
N PHE D 65 -22.14 -26.67 -31.21
CA PHE D 65 -20.92 -26.74 -30.43
C PHE D 65 -19.69 -26.37 -31.24
N ARG D 66 -19.85 -26.02 -32.52
CA ARG D 66 -18.75 -25.76 -33.43
C ARG D 66 -17.99 -27.03 -33.77
N THR D 67 -18.61 -28.20 -33.58
CA THR D 67 -17.96 -29.48 -33.78
C THR D 67 -18.61 -30.30 -34.88
N ASP D 68 -19.35 -29.65 -35.78
CA ASP D 68 -19.93 -30.37 -36.92
C ASP D 68 -18.88 -30.78 -37.93
N SER D 69 -17.68 -30.20 -37.88
CA SER D 69 -16.60 -30.59 -38.77
C SER D 69 -15.87 -31.83 -38.31
N PHE D 70 -16.13 -32.30 -37.09
CA PHE D 70 -15.49 -33.48 -36.56
C PHE D 70 -16.35 -34.72 -36.80
N THR D 71 -15.69 -35.85 -37.05
CA THR D 71 -16.37 -37.13 -37.16
C THR D 71 -16.05 -38.07 -36.02
N SER D 72 -14.96 -37.84 -35.29
CA SER D 72 -14.56 -38.69 -34.20
C SER D 72 -14.23 -37.83 -32.98
N VAL D 73 -14.20 -38.48 -31.82
CA VAL D 73 -13.99 -37.79 -30.56
C VAL D 73 -13.45 -38.78 -29.54
N THR D 74 -12.52 -38.32 -28.71
CA THR D 74 -11.93 -39.11 -27.64
C THR D 74 -12.51 -38.62 -26.32
N VAL D 75 -13.49 -39.35 -25.78
CA VAL D 75 -14.12 -38.96 -24.53
C VAL D 75 -13.16 -39.21 -23.38
N MET D 76 -13.03 -38.21 -22.50
CA MET D 76 -12.17 -38.29 -21.33
C MET D 76 -12.94 -38.49 -20.04
N SER D 77 -13.99 -37.71 -19.81
CA SER D 77 -14.79 -37.85 -18.61
C SER D 77 -16.22 -37.43 -18.91
N VAL D 78 -17.14 -37.99 -18.14
CA VAL D 78 -18.57 -37.72 -18.29
C VAL D 78 -19.11 -37.28 -16.94
N ARG D 79 -19.85 -36.18 -16.92
CA ARG D 79 -20.57 -35.73 -15.75
C ARG D 79 -22.02 -35.55 -16.12
N ALA D 80 -22.91 -35.89 -15.19
CA ALA D 80 -24.35 -35.81 -15.44
C ALA D 80 -25.04 -35.14 -14.28
N TRP D 81 -25.97 -34.25 -14.59
CA TRP D 81 -26.86 -33.63 -13.62
C TRP D 81 -28.29 -33.85 -14.05
N THR D 82 -29.17 -34.13 -13.10
CA THR D 82 -30.59 -34.11 -13.39
C THR D 82 -30.98 -32.72 -13.83
N GLN D 83 -31.75 -32.63 -14.91
CA GLN D 83 -32.09 -31.35 -15.52
C GLN D 83 -33.48 -30.86 -15.14
N LEU D 84 -34.34 -31.74 -14.63
CA LEU D 84 -35.68 -31.39 -14.19
C LEU D 84 -35.90 -31.91 -12.78
N THR D 85 -36.96 -31.44 -12.14
CA THR D 85 -37.27 -31.88 -10.79
C THR D 85 -37.63 -33.36 -10.78
N PRO D 86 -37.44 -34.03 -9.64
CA PRO D 86 -37.83 -35.43 -9.54
C PRO D 86 -39.31 -35.57 -9.28
N PRO D 87 -39.83 -36.80 -9.22
CA PRO D 87 -41.23 -37.00 -8.84
C PRO D 87 -41.49 -36.53 -7.42
N VAL D 88 -42.78 -36.54 -7.05
CA VAL D 88 -43.16 -36.07 -5.73
C VAL D 88 -42.58 -36.99 -4.66
N ASN D 89 -42.19 -36.39 -3.54
CA ASN D 89 -41.63 -37.09 -2.39
C ASN D 89 -40.20 -37.60 -2.61
N GLU D 90 -39.71 -37.56 -3.84
CA GLU D 90 -38.45 -38.23 -4.15
C GLU D 90 -37.29 -37.23 -4.21
N TYR D 91 -36.09 -37.75 -3.94
CA TYR D 91 -34.85 -37.02 -4.12
C TYR D 91 -34.26 -37.42 -5.47
N SER D 92 -33.86 -36.43 -6.27
CA SER D 92 -33.32 -36.72 -7.59
C SER D 92 -32.16 -37.69 -7.47
N PHE D 93 -32.07 -38.60 -8.44
CA PHE D 93 -30.92 -39.49 -8.55
C PHE D 93 -30.59 -39.65 -10.03
N VAL D 94 -29.34 -40.02 -10.29
CA VAL D 94 -28.87 -40.22 -11.65
C VAL D 94 -27.76 -41.26 -11.63
N ARG D 95 -27.89 -42.26 -12.49
CA ARG D 95 -26.91 -43.33 -12.62
C ARG D 95 -26.23 -43.23 -13.98
N LEU D 96 -25.01 -43.74 -14.05
CA LEU D 96 -24.25 -43.78 -15.29
C LEU D 96 -23.57 -45.13 -15.43
N LYS D 97 -23.77 -45.77 -16.58
CA LYS D 97 -23.07 -47.00 -16.93
C LYS D 97 -22.16 -46.71 -18.11
N PRO D 98 -20.84 -46.70 -17.95
CA PRO D 98 -19.97 -46.49 -19.11
C PRO D 98 -20.21 -47.55 -20.17
N LEU D 99 -20.03 -47.15 -21.43
CA LEU D 99 -20.17 -48.04 -22.56
C LEU D 99 -18.92 -47.91 -23.43
N PHE D 100 -18.38 -49.05 -23.85
CA PHE D 100 -17.21 -49.08 -24.71
C PHE D 100 -17.42 -50.11 -25.80
N LYS D 101 -16.93 -49.80 -27.00
CA LYS D 101 -17.00 -50.75 -28.10
C LYS D 101 -16.30 -52.06 -27.73
N THR D 102 -15.17 -51.96 -27.04
CA THR D 102 -14.41 -53.15 -26.68
C THR D 102 -15.08 -53.97 -25.58
N GLY D 103 -16.01 -53.39 -24.84
CA GLY D 103 -16.70 -54.10 -23.79
C GLY D 103 -17.41 -53.16 -22.85
N ASP D 104 -18.74 -53.24 -22.82
CA ASP D 104 -19.51 -52.35 -21.97
C ASP D 104 -19.28 -52.66 -20.51
N SER D 105 -19.40 -51.64 -19.67
CA SER D 105 -19.22 -51.79 -18.24
C SER D 105 -20.55 -52.13 -17.58
N THR D 106 -20.45 -52.63 -16.35
CA THR D 106 -21.62 -52.87 -15.50
C THR D 106 -21.59 -51.98 -14.27
N GLU D 107 -20.71 -50.99 -14.22
CA GLU D 107 -20.73 -50.03 -13.13
C GLU D 107 -21.95 -49.12 -13.27
N GLU D 108 -22.56 -48.79 -12.14
CA GLU D 108 -23.73 -47.92 -12.10
C GLU D 108 -23.42 -46.75 -11.17
N PHE D 109 -22.53 -45.86 -11.64
CA PHE D 109 -22.14 -44.69 -10.87
C PHE D 109 -23.36 -43.85 -10.57
N GLU D 110 -23.78 -43.85 -9.31
CA GLU D 110 -25.02 -43.22 -8.89
C GLU D 110 -24.71 -42.01 -8.02
N GLY D 111 -25.39 -40.91 -8.30
CA GLY D 111 -25.38 -39.74 -7.43
C GLY D 111 -26.80 -39.40 -7.06
N ARG D 112 -27.02 -39.09 -5.78
CA ARG D 112 -28.33 -38.75 -5.29
C ARG D 112 -28.29 -37.39 -4.61
N ALA D 113 -29.32 -36.59 -4.84
CA ALA D 113 -29.44 -35.31 -4.17
C ALA D 113 -29.88 -35.52 -2.73
N SER D 114 -29.38 -34.66 -1.84
CA SER D 114 -29.79 -34.64 -0.46
C SER D 114 -30.85 -33.59 -0.20
N ASN D 115 -31.22 -32.80 -1.20
CA ASN D 115 -32.27 -31.79 -1.11
C ASN D 115 -33.16 -31.95 -2.32
N ILE D 116 -34.44 -32.27 -2.09
CA ILE D 116 -35.34 -32.57 -3.21
C ILE D 116 -35.25 -31.49 -4.28
N ASN D 117 -35.08 -30.23 -3.87
CA ASN D 117 -34.99 -29.13 -4.82
C ASN D 117 -33.66 -29.07 -5.55
N THR D 118 -32.71 -29.94 -5.21
CA THR D 118 -31.35 -29.86 -5.73
C THR D 118 -31.08 -30.97 -6.73
N ARG D 119 -30.23 -30.65 -7.71
CA ARG D 119 -29.85 -31.63 -8.71
C ARG D 119 -29.04 -32.75 -8.10
N ALA D 120 -29.26 -33.97 -8.59
CA ALA D 120 -28.36 -35.09 -8.33
C ALA D 120 -27.30 -35.09 -9.42
N SER D 121 -26.06 -35.37 -9.03
CA SER D 121 -24.95 -35.32 -9.96
C SER D 121 -24.04 -36.51 -9.76
N VAL D 122 -23.37 -36.90 -10.84
CA VAL D 122 -22.37 -37.95 -10.79
C VAL D 122 -21.56 -37.87 -12.07
N GLY D 123 -20.33 -38.35 -12.02
CA GLY D 123 -19.50 -38.43 -13.20
C GLY D 123 -18.58 -39.62 -13.08
N TYR D 124 -17.91 -39.94 -14.18
CA TYR D 124 -16.89 -40.96 -14.17
C TYR D 124 -15.78 -40.55 -15.14
N ARG D 125 -14.57 -40.96 -14.81
CA ARG D 125 -13.40 -40.70 -15.63
C ARG D 125 -13.10 -41.94 -16.47
N ILE D 126 -12.71 -41.73 -17.72
CA ILE D 126 -12.26 -42.81 -18.59
C ILE D 126 -10.75 -42.89 -18.50
N PRO D 127 -10.17 -44.05 -18.25
CA PRO D 127 -8.72 -44.14 -18.09
C PRO D 127 -8.02 -44.07 -19.43
N THR D 128 -6.74 -43.73 -19.38
CA THR D 128 -5.97 -43.50 -20.60
C THR D 128 -6.11 -44.66 -21.57
N ASN D 129 -6.13 -45.90 -21.04
CA ASN D 129 -6.11 -47.08 -21.90
C ASN D 129 -7.42 -47.29 -22.66
N LEU D 130 -8.50 -46.65 -22.24
CA LEU D 130 -9.79 -46.77 -22.91
C LEU D 130 -10.16 -45.50 -23.68
N ARG D 131 -9.23 -44.55 -23.78
CA ARG D 131 -9.51 -43.28 -24.46
C ARG D 131 -9.20 -43.39 -25.95
N GLN D 132 -9.82 -44.37 -26.58
CA GLN D 132 -9.82 -44.45 -28.03
C GLN D 132 -10.91 -43.55 -28.58
N ASN D 133 -10.93 -43.39 -29.90
CA ASN D 133 -11.93 -42.54 -30.51
C ASN D 133 -13.29 -43.24 -30.51
N THR D 134 -14.33 -42.43 -30.66
CA THR D 134 -15.69 -42.91 -30.86
C THR D 134 -16.31 -42.06 -31.95
N VAL D 135 -17.22 -42.67 -32.70
CA VAL D 135 -17.89 -42.00 -33.82
C VAL D 135 -19.37 -41.83 -33.46
N ALA D 136 -20.12 -41.18 -34.35
CA ALA D 136 -21.51 -40.83 -34.02
C ALA D 136 -22.33 -42.06 -33.64
N ALA D 137 -22.13 -43.17 -34.36
CA ALA D 137 -22.92 -44.37 -34.11
C ALA D 137 -22.62 -44.98 -32.75
N ASP D 138 -21.47 -44.68 -32.17
CA ASP D 138 -21.13 -45.25 -30.86
C ASP D 138 -21.97 -44.58 -29.77
N ASN D 139 -21.96 -45.21 -28.60
CA ASN D 139 -22.68 -44.73 -27.43
C ASN D 139 -21.69 -44.45 -26.31
N VAL D 140 -21.99 -43.40 -25.55
CA VAL D 140 -21.09 -42.96 -24.47
C VAL D 140 -21.36 -43.73 -23.19
N CYS D 141 -22.64 -43.82 -22.81
CA CYS D 141 -22.99 -44.35 -21.51
C CYS D 141 -24.50 -44.48 -21.45
N GLU D 142 -24.97 -45.37 -20.59
CA GLU D 142 -26.37 -45.42 -20.24
C GLU D 142 -26.65 -44.44 -19.11
N VAL D 143 -27.85 -43.88 -19.11
CA VAL D 143 -28.28 -42.96 -18.06
C VAL D 143 -29.62 -43.46 -17.52
N ARG D 144 -29.73 -43.50 -16.20
CA ARG D 144 -30.99 -43.76 -15.51
C ARG D 144 -31.25 -42.60 -14.57
N SER D 145 -32.53 -42.28 -14.37
CA SER D 145 -32.87 -41.18 -13.48
C SER D 145 -34.38 -41.12 -13.30
N ASN D 146 -34.80 -40.75 -12.09
CA ASN D 146 -36.21 -40.46 -11.83
C ASN D 146 -36.63 -39.12 -12.41
N CYS D 147 -35.69 -38.28 -12.81
CA CYS D 147 -35.98 -37.00 -13.44
C CYS D 147 -36.08 -37.19 -14.94
N ARG D 148 -37.10 -36.57 -15.54
CA ARG D 148 -37.43 -36.83 -16.94
C ARG D 148 -36.36 -36.35 -17.91
N GLN D 149 -35.35 -35.62 -17.45
CA GLN D 149 -34.33 -35.07 -18.33
C GLN D 149 -33.03 -34.95 -17.54
N VAL D 150 -31.92 -35.25 -18.21
CA VAL D 150 -30.61 -35.28 -17.57
C VAL D 150 -29.66 -34.44 -18.41
N ALA D 151 -28.90 -33.58 -17.74
CA ALA D 151 -27.90 -32.75 -18.38
C ALA D 151 -26.54 -33.41 -18.28
N LEU D 152 -25.80 -33.41 -19.38
CA LEU D 152 -24.49 -34.01 -19.47
C LEU D 152 -23.45 -32.95 -19.77
N VAL D 153 -22.25 -33.15 -19.25
CA VAL D 153 -21.11 -32.31 -19.60
C VAL D 153 -19.93 -33.23 -19.84
N ILE D 154 -19.64 -33.52 -21.10
CA ILE D 154 -18.69 -34.55 -21.48
C ILE D 154 -17.39 -33.86 -21.87
N SER D 155 -16.37 -34.00 -21.02
CA SER D 155 -15.04 -33.54 -21.36
C SER D 155 -14.44 -34.49 -22.39
N CYS D 156 -14.06 -33.96 -23.55
CA CYS D 156 -13.59 -34.82 -24.63
C CYS D 156 -12.60 -34.05 -25.49
N CYS D 157 -11.87 -34.80 -26.31
CA CYS D 157 -10.94 -34.25 -27.28
C CYS D 157 -11.45 -34.58 -28.67
N PHE D 158 -11.92 -33.56 -29.40
CA PHE D 158 -12.31 -33.74 -30.78
C PHE D 158 -11.07 -33.81 -31.67
N ASN D 159 -11.10 -34.70 -32.64
CA ASN D 159 -9.98 -34.87 -33.54
C ASN D 159 -10.44 -35.41 -34.88
N ASN E 16 -7.37 13.82 16.73
CA ASN E 16 -7.27 14.58 15.49
C ASN E 16 -7.76 16.01 15.70
N SER E 17 -7.63 16.83 14.66
CA SER E 17 -8.04 18.22 14.75
C SER E 17 -9.53 18.32 15.04
N ASN E 18 -9.90 19.31 15.86
CA ASN E 18 -11.29 19.55 16.23
C ASN E 18 -11.82 20.88 15.72
N VAL E 19 -10.99 21.66 15.03
CA VAL E 19 -11.39 22.95 14.49
C VAL E 19 -10.89 23.06 13.06
N VAL E 20 -11.41 24.07 12.35
CA VAL E 20 -10.95 24.35 11.00
C VAL E 20 -9.48 24.76 11.03
N THR E 21 -8.75 24.41 9.98
CA THR E 21 -7.33 24.71 9.85
C THR E 21 -7.06 25.26 8.47
N MET E 22 -6.19 26.27 8.41
CA MET E 22 -5.87 26.89 7.13
CA MET E 22 -5.86 26.90 7.14
C MET E 22 -5.14 25.92 6.22
N ILE E 23 -5.32 26.11 4.92
CA ILE E 23 -4.65 25.34 3.89
C ILE E 23 -3.79 26.32 3.09
N ARG E 24 -2.48 26.11 3.08
CA ARG E 24 -1.58 26.96 2.31
C ARG E 24 -1.65 26.53 0.84
N ALA E 25 -2.81 26.82 0.24
CA ALA E 25 -3.10 26.44 -1.13
C ALA E 25 -2.22 27.20 -2.11
N GLY E 26 -2.07 26.64 -3.30
CA GLY E 26 -1.19 27.19 -4.30
C GLY E 26 -1.89 27.58 -5.57
N SER E 27 -1.16 27.57 -6.68
CA SER E 27 -1.73 27.97 -7.96
C SER E 27 -3.00 27.16 -8.24
N TYR E 28 -3.89 27.74 -9.04
CA TYR E 28 -5.15 27.10 -9.33
C TYR E 28 -4.90 25.74 -9.98
N PRO E 29 -5.47 24.66 -9.46
CA PRO E 29 -5.14 23.33 -9.99
C PRO E 29 -5.78 23.05 -11.34
N LYS E 30 -5.45 21.90 -11.92
CA LYS E 30 -6.17 21.41 -13.09
C LYS E 30 -7.45 20.75 -12.62
N VAL E 31 -8.59 21.20 -13.17
CA VAL E 31 -9.88 20.78 -12.67
C VAL E 31 -10.64 20.06 -13.78
N ASN E 32 -11.68 19.36 -13.38
CA ASN E 32 -12.58 18.67 -14.30
C ASN E 32 -13.94 18.56 -13.63
N PRO E 33 -14.92 19.36 -14.05
CA PRO E 33 -16.23 19.33 -13.36
C PRO E 33 -17.01 18.07 -13.63
N THR E 34 -16.70 17.34 -14.69
CA THR E 34 -17.47 16.16 -15.11
C THR E 34 -16.50 15.00 -15.27
N PRO E 35 -16.10 14.37 -14.17
CA PRO E 35 -15.10 13.30 -14.25
C PRO E 35 -15.73 11.99 -14.70
N THR E 36 -14.88 10.97 -14.78
CA THR E 36 -15.32 9.62 -15.08
C THR E 36 -15.88 8.98 -13.81
N TRP E 37 -16.40 7.75 -13.95
CA TRP E 37 -16.95 7.04 -12.81
C TRP E 37 -16.96 5.56 -13.12
N VAL E 38 -16.27 4.78 -12.30
CA VAL E 38 -16.29 3.31 -12.41
C VAL E 38 -17.41 2.80 -11.52
N ARG E 39 -18.29 1.98 -12.10
CA ARG E 39 -19.56 1.66 -11.46
C ARG E 39 -19.93 0.21 -11.68
N ALA E 40 -20.81 -0.28 -10.81
CA ALA E 40 -21.51 -1.54 -10.99
C ALA E 40 -23.00 -1.20 -11.06
N ILE E 41 -23.54 -1.20 -12.26
CA ILE E 41 -24.91 -0.73 -12.51
C ILE E 41 -25.84 -1.94 -12.43
N PRO E 42 -26.77 -1.97 -11.46
CA PRO E 42 -27.72 -3.08 -11.42
C PRO E 42 -29.06 -2.70 -12.04
N PHE E 43 -29.50 -3.42 -13.05
CA PHE E 43 -30.84 -3.24 -13.58
C PHE E 43 -31.35 -4.59 -14.07
N GLU E 44 -32.65 -4.64 -14.31
CA GLU E 44 -33.34 -5.86 -14.71
C GLU E 44 -33.90 -5.71 -16.12
N VAL E 45 -34.08 -6.84 -16.78
CA VAL E 45 -34.65 -6.87 -18.13
C VAL E 45 -35.62 -8.04 -18.20
N SER E 46 -36.74 -7.83 -18.88
CA SER E 46 -37.72 -8.89 -19.11
C SER E 46 -37.32 -9.68 -20.35
N VAL E 47 -37.39 -11.00 -20.22
CA VAL E 47 -37.03 -11.91 -21.31
C VAL E 47 -38.20 -12.87 -21.51
N GLN E 48 -38.33 -13.35 -22.74
CA GLN E 48 -39.38 -14.29 -23.10
C GLN E 48 -38.76 -15.66 -23.36
N SER E 49 -39.57 -16.70 -23.15
CA SER E 49 -39.06 -18.06 -23.34
C SER E 49 -38.50 -18.21 -24.75
N GLY E 50 -37.28 -18.75 -24.83
CA GLY E 50 -36.68 -19.09 -26.10
C GLY E 50 -36.09 -17.94 -26.88
N ILE E 51 -36.61 -16.73 -26.67
CA ILE E 51 -36.28 -15.58 -27.51
C ILE E 51 -35.19 -14.73 -26.84
N ALA E 52 -34.17 -14.38 -27.62
CA ALA E 52 -33.05 -13.60 -27.11
C ALA E 52 -33.44 -12.13 -26.95
N PHE E 53 -32.94 -11.52 -25.88
CA PHE E 53 -33.23 -10.14 -25.56
C PHE E 53 -31.94 -9.35 -25.61
N LYS E 54 -31.83 -8.45 -26.58
CA LYS E 54 -30.65 -7.60 -26.74
C LYS E 54 -30.68 -6.52 -25.66
N VAL E 55 -29.65 -6.49 -24.81
CA VAL E 55 -29.56 -5.52 -23.73
C VAL E 55 -29.02 -4.21 -24.29
N PRO E 56 -29.81 -3.14 -24.29
CA PRO E 56 -29.30 -1.86 -24.82
C PRO E 56 -28.37 -1.19 -23.83
N VAL E 57 -27.29 -0.62 -24.35
CA VAL E 57 -26.38 0.14 -23.51
C VAL E 57 -27.07 1.38 -22.94
N GLY E 58 -28.13 1.86 -23.59
CA GLY E 58 -28.84 3.02 -23.09
C GLY E 58 -29.43 2.84 -21.71
N SER E 59 -29.59 1.60 -21.27
CA SER E 59 -30.16 1.36 -19.94
C SER E 59 -29.21 1.79 -18.84
N LEU E 60 -27.92 1.89 -19.12
CA LEU E 60 -26.96 2.34 -18.12
C LEU E 60 -27.05 3.83 -17.85
N PHE E 61 -27.60 4.60 -18.77
CA PHE E 61 -27.71 6.05 -18.62
C PHE E 61 -29.07 6.36 -18.02
N SER E 62 -29.10 6.63 -16.72
CA SER E 62 -30.36 6.84 -16.04
C SER E 62 -30.09 7.60 -14.74
N ALA E 63 -30.96 8.57 -14.45
CA ALA E 63 -30.85 9.30 -13.18
C ALA E 63 -30.93 8.34 -12.00
N ASN E 64 -31.62 7.21 -12.18
CA ASN E 64 -31.66 6.19 -11.13
C ASN E 64 -30.27 5.70 -10.76
N PHE E 65 -29.31 5.83 -11.66
CA PHE E 65 -27.93 5.45 -11.41
C PHE E 65 -27.01 6.64 -11.24
N ARG E 66 -27.54 7.85 -11.31
CA ARG E 66 -26.74 9.06 -11.29
C ARG E 66 -25.87 9.20 -12.54
N THR E 67 -26.32 8.62 -13.66
CA THR E 67 -25.51 8.60 -14.87
C THR E 67 -26.24 9.17 -16.08
N ASP E 68 -27.32 9.91 -15.87
CA ASP E 68 -27.97 10.57 -17.01
C ASP E 68 -27.07 11.62 -17.66
N SER E 69 -25.98 12.03 -16.99
CA SER E 69 -25.07 13.01 -17.56
C SER E 69 -24.11 12.40 -18.57
N PHE E 70 -23.83 11.11 -18.45
CA PHE E 70 -22.92 10.45 -19.37
C PHE E 70 -23.65 10.06 -20.65
N THR E 71 -22.90 10.04 -21.75
CA THR E 71 -23.40 9.58 -23.04
C THR E 71 -22.66 8.37 -23.58
N SER E 72 -21.49 8.04 -23.02
CA SER E 72 -20.70 6.91 -23.45
C SER E 72 -20.25 6.14 -22.21
N VAL E 73 -19.94 4.86 -22.42
CA VAL E 73 -19.53 4.01 -21.32
C VAL E 73 -18.65 2.89 -21.88
N THR E 74 -17.61 2.54 -21.13
CA THR E 74 -16.70 1.45 -21.49
C THR E 74 -17.05 0.27 -20.59
N VAL E 75 -17.78 -0.70 -21.15
CA VAL E 75 -18.21 -1.86 -20.37
C VAL E 75 -17.01 -2.76 -20.13
N MET E 76 -16.87 -3.22 -18.88
CA MET E 76 -15.77 -4.10 -18.50
C MET E 76 -16.23 -5.54 -18.35
N SER E 77 -17.15 -5.80 -17.43
CA SER E 77 -17.68 -7.13 -17.20
C SER E 77 -19.19 -7.07 -17.09
N VAL E 78 -19.85 -8.16 -17.48
CA VAL E 78 -21.29 -8.30 -17.43
C VAL E 78 -21.61 -9.56 -16.65
N ARG E 79 -22.42 -9.43 -15.60
CA ARG E 79 -22.86 -10.57 -14.80
C ARG E 79 -24.38 -10.58 -14.77
N ALA E 80 -24.94 -11.77 -14.81
CA ALA E 80 -26.38 -11.94 -14.92
C ALA E 80 -26.88 -12.88 -13.85
N TRP E 81 -28.12 -12.67 -13.43
CA TRP E 81 -28.82 -13.55 -12.51
C TRP E 81 -30.27 -13.61 -12.95
N THR E 82 -30.85 -14.80 -12.87
CA THR E 82 -32.29 -14.91 -13.02
C THR E 82 -32.96 -14.14 -11.88
N GLN E 83 -33.99 -13.36 -12.23
CA GLN E 83 -34.66 -12.49 -11.27
C GLN E 83 -36.01 -13.03 -10.83
N LEU E 84 -36.58 -13.98 -11.56
CA LEU E 84 -37.82 -14.64 -11.17
C LEU E 84 -37.60 -16.15 -11.17
N THR E 85 -38.54 -16.87 -10.56
CA THR E 85 -38.44 -18.31 -10.51
C THR E 85 -38.49 -18.88 -11.93
N PRO E 86 -38.11 -20.14 -12.11
CA PRO E 86 -38.21 -20.76 -13.43
C PRO E 86 -39.55 -21.45 -13.62
N PRO E 87 -39.80 -22.03 -14.79
CA PRO E 87 -41.03 -22.77 -15.01
C PRO E 87 -41.10 -24.01 -14.12
N VAL E 88 -42.32 -24.53 -13.96
CA VAL E 88 -42.51 -25.74 -13.17
C VAL E 88 -41.55 -26.82 -13.67
N ASN E 89 -40.92 -27.51 -12.72
CA ASN E 89 -40.06 -28.66 -12.95
C ASN E 89 -38.70 -28.30 -13.54
N GLU E 90 -38.40 -27.03 -13.71
CA GLU E 90 -37.16 -26.63 -14.36
C GLU E 90 -36.21 -25.95 -13.37
N TYR E 91 -34.92 -26.01 -13.70
CA TYR E 91 -33.88 -25.28 -12.99
C TYR E 91 -33.61 -23.98 -13.74
N SER E 92 -33.54 -22.88 -13.00
CA SER E 92 -33.23 -21.60 -13.62
C SER E 92 -31.97 -21.73 -14.47
N PHE E 93 -31.92 -20.96 -15.55
CA PHE E 93 -30.70 -20.85 -16.34
C PHE E 93 -30.67 -19.46 -16.96
N VAL E 94 -29.49 -19.08 -17.43
CA VAL E 94 -29.33 -17.79 -18.07
C VAL E 94 -28.13 -17.83 -18.99
N ARG E 95 -28.31 -17.32 -20.21
CA ARG E 95 -27.26 -17.30 -21.21
C ARG E 95 -26.92 -15.86 -21.57
N LEU E 96 -25.66 -15.65 -21.96
CA LEU E 96 -25.18 -14.34 -22.35
C LEU E 96 -24.38 -14.46 -23.64
N LYS E 97 -24.76 -13.69 -24.65
CA LYS E 97 -23.99 -13.61 -25.88
C LYS E 97 -23.41 -12.21 -26.00
N PRO E 98 -22.10 -12.03 -25.85
CA PRO E 98 -21.53 -10.68 -25.96
C PRO E 98 -21.75 -10.11 -27.36
N LEU E 99 -22.09 -8.83 -27.40
CA LEU E 99 -22.28 -8.09 -28.64
C LEU E 99 -21.25 -6.97 -28.71
N PHE E 100 -20.71 -6.74 -29.91
CA PHE E 100 -19.76 -5.68 -30.14
C PHE E 100 -20.08 -5.04 -31.49
N LYS E 101 -19.90 -3.72 -31.58
CA LYS E 101 -20.09 -3.04 -32.84
C LYS E 101 -19.15 -3.59 -33.91
N THR E 102 -17.89 -3.85 -33.54
CA THR E 102 -16.91 -4.35 -34.48
C THR E 102 -17.13 -5.81 -34.86
N GLY E 103 -18.12 -6.47 -34.27
CA GLY E 103 -18.38 -7.86 -34.56
C GLY E 103 -18.98 -8.59 -33.38
N ASP E 104 -20.23 -8.99 -33.48
CA ASP E 104 -20.85 -9.76 -32.42
C ASP E 104 -20.15 -11.10 -32.26
N SER E 105 -20.08 -11.58 -31.03
CA SER E 105 -19.54 -12.90 -30.77
C SER E 105 -20.67 -13.92 -30.83
N THR E 106 -20.29 -15.20 -30.82
CA THR E 106 -21.25 -16.30 -30.82
C THR E 106 -21.16 -17.11 -29.54
N GLU E 107 -20.47 -16.61 -28.53
CA GLU E 107 -20.40 -17.33 -27.26
C GLU E 107 -21.74 -17.25 -26.55
N GLU E 108 -22.11 -18.35 -25.89
N GLU E 108 -22.08 -18.32 -25.85
CA GLU E 108 -23.32 -18.44 -25.09
CA GLU E 108 -23.32 -18.43 -25.11
C GLU E 108 -22.94 -18.86 -23.67
C GLU E 108 -22.96 -18.86 -23.68
N PHE E 109 -22.26 -17.96 -22.96
CA PHE E 109 -21.91 -18.19 -21.57
C PHE E 109 -23.18 -18.49 -20.78
N GLU E 110 -23.35 -19.74 -20.36
CA GLU E 110 -24.57 -20.18 -19.70
C GLU E 110 -24.27 -20.61 -18.28
N GLY E 111 -25.11 -20.17 -17.36
CA GLY E 111 -25.05 -20.63 -15.99
C GLY E 111 -26.40 -21.16 -15.56
N ARG E 112 -26.39 -22.29 -14.88
CA ARG E 112 -27.62 -22.94 -14.46
C ARG E 112 -27.64 -23.06 -12.94
N ALA E 113 -28.85 -23.08 -12.40
CA ALA E 113 -29.04 -23.31 -10.97
C ALA E 113 -29.04 -24.80 -10.67
N SER E 114 -28.48 -25.17 -9.53
CA SER E 114 -28.52 -26.54 -9.05
C SER E 114 -29.61 -26.77 -8.02
N ASN E 115 -30.37 -25.73 -7.68
CA ASN E 115 -31.50 -25.80 -6.76
C ASN E 115 -32.61 -24.98 -7.38
N ILE E 116 -33.76 -25.61 -7.63
CA ILE E 116 -34.83 -24.93 -8.37
C ILE E 116 -35.17 -23.60 -7.72
N ASN E 117 -35.04 -23.50 -6.41
CA ASN E 117 -35.34 -22.26 -5.70
C ASN E 117 -34.26 -21.22 -5.84
N THR E 118 -33.18 -21.50 -6.57
CA THR E 118 -31.98 -20.67 -6.56
C THR E 118 -31.74 -20.02 -7.91
N ARG E 119 -31.23 -18.79 -7.87
CA ARG E 119 -30.92 -18.07 -9.09
C ARG E 119 -29.85 -18.78 -9.90
N ALA E 120 -30.03 -18.77 -11.21
CA ALA E 120 -28.95 -19.10 -12.14
C ALA E 120 -28.15 -17.84 -12.42
N SER E 121 -26.83 -17.97 -12.49
CA SER E 121 -25.96 -16.82 -12.66
C SER E 121 -24.86 -17.18 -13.65
N VAL E 122 -24.42 -16.17 -14.40
CA VAL E 122 -23.28 -16.30 -15.29
C VAL E 122 -22.81 -14.90 -15.64
N GLY E 123 -21.54 -14.78 -16.00
CA GLY E 123 -21.00 -13.51 -16.42
C GLY E 123 -19.85 -13.71 -17.38
N TYR E 124 -19.46 -12.63 -18.03
CA TYR E 124 -18.30 -12.63 -18.90
C TYR E 124 -17.56 -11.31 -18.76
N ARG E 125 -16.24 -11.38 -18.89
CA ARG E 125 -15.37 -10.22 -18.83
C ARG E 125 -14.95 -9.84 -20.24
N ILE E 126 -14.88 -8.54 -20.51
CA ILE E 126 -14.46 -8.04 -21.81
C ILE E 126 -12.96 -7.73 -21.75
N PRO E 127 -12.15 -8.26 -22.66
CA PRO E 127 -10.72 -7.98 -22.63
C PRO E 127 -10.44 -6.53 -22.98
N THR E 128 -9.24 -6.08 -22.62
CA THR E 128 -8.89 -4.68 -22.83
C THR E 128 -9.03 -4.29 -24.30
N ASN E 129 -8.72 -5.21 -25.21
CA ASN E 129 -8.71 -4.88 -26.63
C ASN E 129 -10.11 -4.66 -27.20
N LEU E 130 -11.16 -4.97 -26.45
CA LEU E 130 -12.52 -4.72 -26.88
C LEU E 130 -13.25 -3.73 -25.99
N ARG E 131 -12.53 -3.03 -25.12
CA ARG E 131 -13.15 -2.06 -24.21
C ARG E 131 -13.16 -0.67 -24.83
N GLN E 132 -13.91 -0.56 -25.91
CA GLN E 132 -14.20 0.75 -26.49
C GLN E 132 -15.48 1.30 -25.89
N ASN E 133 -15.70 2.59 -26.11
CA ASN E 133 -16.93 3.20 -25.63
C ASN E 133 -18.14 2.64 -26.38
N THR E 134 -19.30 2.76 -25.74
CA THR E 134 -20.57 2.36 -26.34
C THR E 134 -21.59 3.42 -25.97
N VAL E 135 -22.60 3.55 -26.82
CA VAL E 135 -23.61 4.59 -26.64
C VAL E 135 -24.97 3.92 -26.43
N ALA E 136 -25.99 4.73 -26.18
CA ALA E 136 -27.30 4.17 -25.89
C ALA E 136 -27.76 3.25 -27.01
N ALA E 137 -27.56 3.66 -28.27
CA ALA E 137 -28.03 2.88 -29.40
C ALA E 137 -27.32 1.53 -29.52
N ASP E 138 -26.20 1.35 -28.81
CA ASP E 138 -25.48 0.09 -28.88
C ASP E 138 -26.10 -0.93 -27.94
N ASN E 139 -25.90 -2.20 -28.28
CA ASN E 139 -26.27 -3.32 -27.43
C ASN E 139 -25.02 -3.95 -26.85
N VAL E 140 -25.16 -4.47 -25.63
CA VAL E 140 -24.01 -4.99 -24.90
C VAL E 140 -23.96 -6.50 -25.00
N CYS E 141 -25.13 -7.14 -25.10
CA CYS E 141 -25.18 -8.59 -25.12
C CYS E 141 -26.62 -9.05 -25.30
N GLU E 142 -26.77 -10.26 -25.82
CA GLU E 142 -28.05 -10.95 -25.80
C GLU E 142 -28.21 -11.70 -24.49
N VAL E 143 -29.46 -11.86 -24.07
CA VAL E 143 -29.78 -12.55 -22.83
C VAL E 143 -30.87 -13.57 -23.11
N ARG E 144 -30.61 -14.81 -22.75
CA ARG E 144 -31.59 -15.87 -22.83
C ARG E 144 -31.76 -16.49 -21.45
N SER E 145 -32.99 -16.91 -21.16
CA SER E 145 -33.29 -17.50 -19.86
C SER E 145 -34.71 -18.06 -19.92
N ASN E 146 -34.97 -19.04 -19.07
CA ASN E 146 -36.31 -19.55 -18.87
C ASN E 146 -37.05 -18.80 -17.77
N CYS E 147 -36.39 -17.83 -17.13
CA CYS E 147 -37.00 -16.99 -16.13
C CYS E 147 -37.39 -15.67 -16.77
N ARG E 148 -38.64 -15.25 -16.55
CA ARG E 148 -39.20 -14.10 -17.25
C ARG E 148 -38.46 -12.80 -16.96
N GLN E 149 -37.60 -12.77 -15.94
CA GLN E 149 -36.80 -11.58 -15.66
C GLN E 149 -35.38 -11.98 -15.31
N VAL E 150 -34.42 -11.21 -15.81
CA VAL E 150 -33.01 -11.44 -15.57
C VAL E 150 -32.40 -10.17 -14.99
N ALA E 151 -31.75 -10.31 -13.83
CA ALA E 151 -31.07 -9.20 -13.19
C ALA E 151 -29.64 -9.11 -13.71
N LEU E 152 -29.24 -7.91 -14.10
CA LEU E 152 -27.89 -7.67 -14.60
C LEU E 152 -27.16 -6.71 -13.68
N VAL E 153 -25.86 -6.93 -13.53
CA VAL E 153 -24.97 -6.02 -12.83
C VAL E 153 -23.76 -5.83 -13.75
N ILE E 154 -23.62 -4.63 -14.29
CA ILE E 154 -22.61 -4.35 -15.31
C ILE E 154 -21.53 -3.48 -14.69
N SER E 155 -20.30 -4.00 -14.68
CA SER E 155 -19.14 -3.21 -14.28
C SER E 155 -18.66 -2.43 -15.49
N CYS E 156 -18.67 -1.10 -15.38
CA CYS E 156 -18.35 -0.27 -16.53
C CYS E 156 -17.76 1.05 -16.06
N CYS E 157 -17.03 1.69 -16.95
CA CYS E 157 -16.41 2.99 -16.69
C CYS E 157 -17.17 4.03 -17.51
N PHE E 158 -17.85 4.93 -16.81
CA PHE E 158 -18.58 6.00 -17.48
C PHE E 158 -17.63 7.13 -17.84
N ASN E 159 -17.74 7.64 -19.06
CA ASN E 159 -16.85 8.69 -19.52
C ASN E 159 -17.52 9.58 -20.56
N ASN F 16 -3.93 -10.90 -18.82
CA ASN F 16 -4.19 -10.59 -20.22
C ASN F 16 -5.22 -11.53 -20.83
N SER F 17 -5.51 -11.29 -22.11
CA SER F 17 -6.53 -12.01 -22.87
C SER F 17 -6.84 -11.19 -24.12
N ASN F 18 -7.29 -11.83 -25.18
CA ASN F 18 -7.76 -11.12 -26.35
C ASN F 18 -9.25 -11.34 -26.62
N VAL F 19 -9.89 -12.27 -25.91
CA VAL F 19 -11.28 -12.59 -26.15
C VAL F 19 -12.05 -12.57 -24.83
N VAL F 20 -13.36 -12.52 -24.96
CA VAL F 20 -14.26 -12.65 -23.81
C VAL F 20 -13.89 -13.93 -23.08
N THR F 21 -14.13 -13.95 -21.77
CA THR F 21 -13.89 -15.14 -20.97
C THR F 21 -15.03 -15.30 -19.97
N MET F 22 -15.46 -16.53 -19.78
CA MET F 22 -16.53 -16.80 -18.83
CA MET F 22 -16.53 -16.81 -18.83
C MET F 22 -16.13 -16.36 -17.43
N ILE F 23 -17.11 -15.88 -16.68
CA ILE F 23 -16.94 -15.54 -15.26
C ILE F 23 -17.82 -16.50 -14.48
N ARG F 24 -17.22 -17.26 -13.57
CA ARG F 24 -17.96 -18.21 -12.75
C ARG F 24 -18.57 -17.44 -11.56
N ALA F 25 -19.50 -16.54 -11.91
CA ALA F 25 -20.23 -15.79 -10.91
C ALA F 25 -21.04 -16.73 -10.03
N GLY F 26 -21.56 -16.18 -8.93
CA GLY F 26 -22.26 -16.96 -7.94
C GLY F 26 -23.56 -16.29 -7.52
N SER F 27 -23.82 -16.35 -6.22
CA SER F 27 -25.05 -15.78 -5.70
CA SER F 27 -25.04 -15.77 -5.68
C SER F 27 -25.12 -14.28 -5.98
N TYR F 28 -26.33 -13.76 -6.01
CA TYR F 28 -26.54 -12.36 -6.36
C TYR F 28 -25.93 -11.46 -5.29
N PRO F 29 -25.18 -10.43 -5.67
CA PRO F 29 -24.44 -9.65 -4.67
C PRO F 29 -25.24 -8.51 -4.08
N LYS F 30 -24.64 -7.81 -3.11
CA LYS F 30 -25.20 -6.59 -2.56
C LYS F 30 -24.89 -5.45 -3.50
N VAL F 31 -25.92 -4.79 -4.02
CA VAL F 31 -25.75 -3.75 -5.02
C VAL F 31 -26.32 -2.43 -4.49
N ASN F 32 -26.03 -1.37 -5.21
CA ASN F 32 -26.49 -0.03 -4.86
C ASN F 32 -26.50 0.83 -6.12
N PRO F 33 -27.69 1.12 -6.69
CA PRO F 33 -27.72 1.88 -7.94
C PRO F 33 -27.33 3.34 -7.77
N THR F 34 -27.37 3.87 -6.55
CA THR F 34 -27.11 5.29 -6.29
C THR F 34 -26.01 5.40 -5.24
N PRO F 35 -24.76 5.14 -5.61
CA PRO F 35 -23.67 5.15 -4.63
C PRO F 35 -23.23 6.56 -4.27
N THR F 36 -22.34 6.62 -3.29
CA THR F 36 -21.71 7.88 -2.88
C THR F 36 -20.63 8.25 -3.89
N TRP F 37 -20.08 9.46 -3.73
CA TRP F 37 -19.08 9.96 -4.67
C TRP F 37 -18.24 11.02 -3.97
N VAL F 38 -16.93 10.81 -3.96
CA VAL F 38 -15.98 11.79 -3.45
C VAL F 38 -15.51 12.62 -4.63
N ARG F 39 -15.67 13.95 -4.52
CA ARG F 39 -15.47 14.82 -5.66
C ARG F 39 -14.74 16.09 -5.25
N ALA F 40 -14.15 16.74 -6.24
CA ALA F 40 -13.60 18.09 -6.13
C ALA F 40 -14.32 18.92 -7.19
N ILE F 41 -15.17 19.84 -6.74
CA ILE F 41 -16.13 20.52 -7.61
C ILE F 41 -15.60 21.92 -7.91
N PRO F 42 -15.35 22.27 -9.17
CA PRO F 42 -14.96 23.65 -9.48
C PRO F 42 -16.14 24.50 -9.91
N PHE F 43 -16.29 25.65 -9.29
CA PHE F 43 -17.32 26.60 -9.70
C PHE F 43 -16.93 27.98 -9.18
N GLU F 44 -17.48 29.00 -9.82
CA GLU F 44 -17.14 30.38 -9.53
C GLU F 44 -18.35 31.09 -8.92
N VAL F 45 -18.07 32.17 -8.20
CA VAL F 45 -19.10 32.95 -7.52
C VAL F 45 -18.76 34.42 -7.63
N SER F 46 -19.74 35.23 -8.00
CA SER F 46 -19.53 36.67 -8.07
C SER F 46 -19.43 37.24 -6.66
N VAL F 47 -18.53 38.20 -6.49
N VAL F 47 -18.54 38.22 -6.50
CA VAL F 47 -18.29 38.86 -5.22
CA VAL F 47 -18.32 38.87 -5.21
C VAL F 47 -18.24 40.36 -5.46
C VAL F 47 -18.18 40.36 -5.43
N GLN F 48 -18.81 41.14 -4.55
CA GLN F 48 -18.78 42.59 -4.64
C GLN F 48 -17.74 43.13 -3.66
N SER F 49 -17.13 44.25 -4.02
CA SER F 49 -16.15 44.88 -3.15
C SER F 49 -16.76 45.12 -1.78
N GLY F 50 -15.98 44.80 -0.74
CA GLY F 50 -16.34 45.09 0.63
C GLY F 50 -17.47 44.28 1.21
N ILE F 51 -18.20 43.52 0.39
CA ILE F 51 -19.36 42.76 0.86
C ILE F 51 -19.00 41.28 0.86
N ALA F 52 -19.30 40.60 1.96
CA ALA F 52 -19.12 39.17 2.04
C ALA F 52 -20.23 38.46 1.28
N PHE F 53 -19.87 37.38 0.59
CA PHE F 53 -20.82 36.57 -0.16
C PHE F 53 -20.87 35.18 0.47
N LYS F 54 -22.08 34.73 0.81
CA LYS F 54 -22.29 33.41 1.36
C LYS F 54 -22.41 32.41 0.21
N VAL F 55 -21.59 31.38 0.23
CA VAL F 55 -21.55 30.38 -0.83
C VAL F 55 -22.61 29.33 -0.53
N PRO F 56 -23.57 29.10 -1.43
CA PRO F 56 -24.61 28.11 -1.13
C PRO F 56 -24.17 26.70 -1.51
N VAL F 57 -24.46 25.76 -0.61
CA VAL F 57 -24.21 24.35 -0.88
C VAL F 57 -24.89 23.92 -2.17
N GLY F 58 -26.09 24.45 -2.42
CA GLY F 58 -26.84 24.05 -3.60
C GLY F 58 -26.04 24.17 -4.88
N SER F 59 -25.06 25.07 -4.92
CA SER F 59 -24.20 25.18 -6.09
C SER F 59 -23.46 23.87 -6.37
N LEU F 60 -23.31 23.01 -5.35
CA LEU F 60 -22.61 21.75 -5.55
C LEU F 60 -23.46 20.76 -6.33
N PHE F 61 -24.78 20.86 -6.22
CA PHE F 61 -25.70 19.98 -6.94
C PHE F 61 -26.00 20.63 -8.29
N SER F 62 -25.61 19.95 -9.37
CA SER F 62 -25.87 20.45 -10.71
C SER F 62 -25.48 19.39 -11.71
N ALA F 63 -26.23 19.32 -12.82
CA ALA F 63 -25.86 18.42 -13.90
C ALA F 63 -24.48 18.74 -14.45
N ASN F 64 -24.06 20.01 -14.34
CA ASN F 64 -22.71 20.39 -14.76
C ASN F 64 -21.63 19.62 -14.01
N PHE F 65 -21.98 19.00 -12.89
CA PHE F 65 -21.04 18.20 -12.11
C PHE F 65 -21.47 16.75 -12.00
N ARG F 66 -22.53 16.35 -12.70
CA ARG F 66 -23.10 15.01 -12.61
C ARG F 66 -23.71 14.74 -11.24
N THR F 67 -24.01 15.79 -10.48
CA THR F 67 -24.46 15.66 -9.10
C THR F 67 -25.89 16.12 -8.90
N ASP F 68 -26.64 16.35 -9.96
CA ASP F 68 -28.05 16.75 -9.80
C ASP F 68 -28.88 15.67 -9.12
N SER F 69 -28.34 14.46 -8.97
CA SER F 69 -29.04 13.35 -8.35
C SER F 69 -28.88 13.30 -6.84
N PHE F 70 -27.99 14.11 -6.27
CA PHE F 70 -27.80 14.17 -4.83
C PHE F 70 -28.62 15.31 -4.25
N THR F 71 -28.93 15.16 -2.95
CA THR F 71 -29.57 16.22 -2.17
C THR F 71 -28.77 16.62 -0.94
N SER F 72 -27.84 15.78 -0.51
CA SER F 72 -26.98 16.04 0.63
C SER F 72 -25.53 15.93 0.18
N VAL F 73 -24.63 16.45 1.00
CA VAL F 73 -23.21 16.39 0.69
C VAL F 73 -22.42 16.73 1.96
N THR F 74 -21.36 15.98 2.20
CA THR F 74 -20.48 16.18 3.34
C THR F 74 -19.25 16.93 2.85
N VAL F 75 -19.14 18.20 3.23
CA VAL F 75 -18.05 19.05 2.76
C VAL F 75 -16.81 18.75 3.59
N MET F 76 -15.68 18.56 2.91
CA MET F 76 -14.41 18.24 3.58
C MET F 76 -13.46 19.42 3.62
N SER F 77 -13.16 20.02 2.48
CA SER F 77 -12.24 21.14 2.44
C SER F 77 -12.67 22.11 1.35
N VAL F 78 -12.33 23.38 1.55
CA VAL F 78 -12.67 24.44 0.62
C VAL F 78 -11.40 25.21 0.28
N ARG F 79 -11.14 25.37 -1.01
CA ARG F 79 -10.05 26.19 -1.51
C ARG F 79 -10.64 27.23 -2.45
N ALA F 80 -10.07 28.43 -2.43
CA ALA F 80 -10.57 29.54 -3.23
C ALA F 80 -9.42 30.22 -3.94
N TRP F 81 -9.70 30.67 -5.16
CA TRP F 81 -8.77 31.46 -5.96
C TRP F 81 -9.52 32.65 -6.53
N THR F 82 -8.88 33.81 -6.55
CA THR F 82 -9.44 34.92 -7.31
C THR F 82 -9.54 34.50 -8.77
N GLN F 83 -10.68 34.81 -9.39
CA GLN F 83 -10.93 34.43 -10.78
C GLN F 83 -10.73 35.58 -11.75
N LEU F 84 -10.58 36.80 -11.24
CA LEU F 84 -10.39 37.98 -12.07
C LEU F 84 -9.27 38.81 -11.50
N THR F 85 -8.84 39.82 -12.28
CA THR F 85 -7.80 40.71 -11.83
C THR F 85 -8.29 41.57 -10.68
N PRO F 86 -7.38 42.06 -9.84
CA PRO F 86 -7.77 42.96 -8.76
C PRO F 86 -7.88 44.38 -9.26
N PRO F 87 -8.33 45.31 -8.41
CA PRO F 87 -8.38 46.72 -8.82
C PRO F 87 -7.00 47.28 -9.04
N VAL F 88 -6.96 48.43 -9.73
CA VAL F 88 -5.70 49.07 -10.06
C VAL F 88 -4.88 49.30 -8.79
N ASN F 89 -3.58 49.03 -8.89
CA ASN F 89 -2.58 49.23 -7.84
C ASN F 89 -2.71 48.21 -6.71
N GLU F 90 -3.68 47.31 -6.73
CA GLU F 90 -3.92 46.39 -5.64
C GLU F 90 -3.47 44.98 -5.99
N TYR F 91 -3.00 44.26 -4.97
CA TYR F 91 -2.71 42.85 -5.08
C TYR F 91 -3.96 42.05 -4.69
N SER F 92 -4.18 40.94 -5.39
CA SER F 92 -5.37 40.14 -5.16
C SER F 92 -5.35 39.53 -3.76
N PHE F 93 -6.54 39.39 -3.18
CA PHE F 93 -6.69 38.73 -1.90
C PHE F 93 -8.04 38.04 -1.87
N VAL F 94 -8.16 37.04 -0.99
CA VAL F 94 -9.40 36.29 -0.83
C VAL F 94 -9.45 35.77 0.59
N ARG F 95 -10.59 35.98 1.25
CA ARG F 95 -10.81 35.52 2.61
C ARG F 95 -11.92 34.48 2.64
N LEU F 96 -11.81 33.54 3.56
CA LEU F 96 -12.81 32.50 3.75
C LEU F 96 -13.22 32.46 5.21
N LYS F 97 -14.51 32.49 5.47
CA LYS F 97 -15.06 32.27 6.80
C LYS F 97 -15.89 30.99 6.78
N PRO F 98 -15.46 29.92 7.44
CA PRO F 98 -16.27 28.70 7.44
C PRO F 98 -17.62 28.93 8.12
N LEU F 99 -18.66 28.36 7.52
CA LEU F 99 -20.01 28.43 8.06
C LEU F 99 -20.53 27.04 8.34
N PHE F 100 -21.18 26.87 9.49
CA PHE F 100 -21.73 25.60 9.91
C PHE F 100 -23.10 25.83 10.52
N LYS F 101 -24.02 24.89 10.27
CA LYS F 101 -25.36 25.02 10.81
C LYS F 101 -25.34 25.04 12.34
N THR F 102 -24.49 24.21 12.95
CA THR F 102 -24.40 24.16 14.40
C THR F 102 -23.71 25.39 14.98
N GLY F 103 -23.06 26.20 14.16
CA GLY F 103 -22.40 27.39 14.65
C GLY F 103 -21.39 27.95 13.67
N ASP F 104 -21.71 29.09 13.07
CA ASP F 104 -20.79 29.71 12.12
C ASP F 104 -19.49 30.09 12.81
N SER F 105 -18.42 30.09 12.05
CA SER F 105 -17.11 30.45 12.56
C SER F 105 -16.83 31.94 12.35
N THR F 106 -15.77 32.42 13.00
CA THR F 106 -15.31 33.79 12.83
C THR F 106 -13.88 33.85 12.30
N GLU F 107 -13.31 32.71 11.92
CA GLU F 107 -12.01 32.72 11.25
C GLU F 107 -12.15 33.38 9.88
N GLU F 108 -11.12 34.13 9.50
CA GLU F 108 -11.05 34.78 8.20
C GLU F 108 -9.76 34.36 7.51
N PHE F 109 -9.68 33.08 7.15
CA PHE F 109 -8.51 32.56 6.44
C PHE F 109 -8.29 33.39 5.18
N GLU F 110 -7.13 34.02 5.10
CA GLU F 110 -6.84 34.98 4.03
C GLU F 110 -5.55 34.59 3.33
N GLY F 111 -5.58 34.69 2.01
CA GLY F 111 -4.40 34.57 1.20
C GLY F 111 -4.35 35.71 0.20
N ARG F 112 -3.18 36.33 0.07
CA ARG F 112 -3.00 37.45 -0.85
C ARG F 112 -1.98 37.07 -1.91
N ALA F 113 -2.16 37.61 -3.09
CA ALA F 113 -1.16 37.45 -4.13
C ALA F 113 0.11 38.20 -3.77
N SER F 114 1.21 37.77 -4.34
CA SER F 114 2.47 38.50 -4.28
C SER F 114 2.87 39.05 -5.64
N ASN F 115 2.09 38.77 -6.68
CA ASN F 115 2.27 39.35 -8.01
C ASN F 115 0.90 39.80 -8.48
N ILE F 116 0.76 41.10 -8.75
CA ILE F 116 -0.56 41.64 -9.09
C ILE F 116 -1.23 40.77 -10.16
N ASN F 117 -0.45 40.26 -11.10
CA ASN F 117 -0.99 39.47 -12.20
C ASN F 117 -1.39 38.06 -11.78
N THR F 118 -1.07 37.64 -10.55
CA THR F 118 -1.35 36.28 -10.10
C THR F 118 -2.60 36.24 -9.22
N ARG F 119 -3.18 35.04 -9.14
CA ARG F 119 -4.31 34.81 -8.27
C ARG F 119 -3.87 34.80 -6.81
N ALA F 120 -4.82 35.14 -5.93
CA ALA F 120 -4.66 34.96 -4.49
C ALA F 120 -5.49 33.76 -4.06
N SER F 121 -4.91 32.91 -3.21
CA SER F 121 -5.53 31.64 -2.90
C SER F 121 -5.48 31.35 -1.41
N VAL F 122 -6.43 30.56 -0.94
CA VAL F 122 -6.48 30.12 0.44
C VAL F 122 -7.52 29.01 0.54
N GLY F 123 -7.49 28.28 1.65
CA GLY F 123 -8.47 27.25 1.88
C GLY F 123 -8.48 26.86 3.33
N TYR F 124 -9.44 26.01 3.69
CA TYR F 124 -9.53 25.51 5.05
C TYR F 124 -10.10 24.10 5.02
N ARG F 125 -9.66 23.30 5.99
CA ARG F 125 -10.08 21.91 6.13
C ARG F 125 -11.11 21.80 7.24
N ILE F 126 -12.23 21.16 6.95
CA ILE F 126 -13.26 20.93 7.97
C ILE F 126 -12.83 19.72 8.79
N PRO F 127 -12.69 19.84 10.11
CA PRO F 127 -12.32 18.67 10.91
C PRO F 127 -13.40 17.60 10.85
N THR F 128 -12.99 16.35 11.08
CA THR F 128 -13.92 15.24 11.01
C THR F 128 -15.17 15.49 11.83
N ASN F 129 -15.01 16.02 13.05
CA ASN F 129 -16.14 16.21 13.96
C ASN F 129 -17.15 17.23 13.48
N LEU F 130 -16.89 17.92 12.35
CA LEU F 130 -17.85 18.86 11.77
C LEU F 130 -18.27 18.45 10.36
N ARG F 131 -17.98 17.21 9.95
CA ARG F 131 -18.27 16.76 8.60
C ARG F 131 -19.63 16.07 8.56
N GLN F 132 -20.67 16.87 8.77
CA GLN F 132 -22.03 16.41 8.63
C GLN F 132 -22.58 16.83 7.26
N ASN F 133 -23.73 16.28 6.90
CA ASN F 133 -24.32 16.61 5.62
C ASN F 133 -24.82 18.06 5.61
N THR F 134 -24.91 18.61 4.41
CA THR F 134 -25.45 19.94 4.18
C THR F 134 -26.27 19.89 2.91
N VAL F 135 -27.46 20.51 2.95
CA VAL F 135 -28.38 20.48 1.83
C VAL F 135 -28.26 21.78 1.04
N ALA F 136 -29.00 21.87 -0.07
CA ALA F 136 -28.86 23.02 -0.95
C ALA F 136 -29.04 24.34 -0.22
N ALA F 137 -29.93 24.37 0.77
CA ALA F 137 -30.25 25.62 1.44
C ALA F 137 -29.14 26.08 2.38
N ASP F 138 -28.25 25.19 2.78
CA ASP F 138 -27.16 25.57 3.66
C ASP F 138 -26.09 26.34 2.90
N ASN F 139 -25.22 27.00 3.66
CA ASN F 139 -24.09 27.74 3.11
C ASN F 139 -22.80 27.13 3.62
N VAL F 140 -21.77 27.17 2.76
CA VAL F 140 -20.49 26.57 3.08
C VAL F 140 -19.58 27.55 3.82
N CYS F 141 -19.56 28.80 3.36
CA CYS F 141 -18.60 29.78 3.87
C CYS F 141 -18.91 31.12 3.26
N GLU F 142 -18.39 32.17 3.90
CA GLU F 142 -18.39 33.50 3.32
C GLU F 142 -17.11 33.69 2.51
N VAL F 143 -17.18 34.54 1.49
CA VAL F 143 -16.04 34.84 0.64
CA VAL F 143 -16.03 34.84 0.65
C VAL F 143 -15.96 36.35 0.48
N ARG F 144 -14.79 36.91 0.75
CA ARG F 144 -14.50 38.32 0.56
C ARG F 144 -13.32 38.43 -0.41
N SER F 145 -13.35 39.41 -1.29
CA SER F 145 -12.26 39.59 -2.23
C SER F 145 -12.40 40.91 -2.96
N ASN F 146 -11.26 41.57 -3.17
CA ASN F 146 -11.20 42.74 -4.05
C ASN F 146 -11.37 42.37 -5.51
N CYS F 147 -11.38 41.07 -5.83
CA CYS F 147 -11.60 40.59 -7.18
C CYS F 147 -13.07 40.25 -7.36
N ARG F 148 -13.63 40.64 -8.50
CA ARG F 148 -15.07 40.57 -8.69
C ARG F 148 -15.60 39.15 -8.80
N GLN F 149 -14.74 38.17 -9.03
N GLN F 149 -14.74 38.16 -9.00
CA GLN F 149 -15.15 36.77 -9.12
CA GLN F 149 -15.16 36.77 -9.12
C GLN F 149 -14.12 35.89 -8.43
C GLN F 149 -14.12 35.88 -8.45
N VAL F 150 -14.60 34.87 -7.72
CA VAL F 150 -13.75 33.95 -6.98
C VAL F 150 -14.05 32.53 -7.43
N ALA F 151 -13.01 31.79 -7.80
CA ALA F 151 -13.14 30.40 -8.20
C ALA F 151 -12.92 29.50 -6.99
N LEU F 152 -13.84 28.56 -6.78
CA LEU F 152 -13.82 27.68 -5.63
C LEU F 152 -13.68 26.23 -6.09
N VAL F 153 -12.87 25.48 -5.36
CA VAL F 153 -12.75 24.03 -5.55
C VAL F 153 -13.05 23.39 -4.20
N ILE F 154 -14.13 22.62 -4.14
CA ILE F 154 -14.63 22.06 -2.90
C ILE F 154 -14.46 20.55 -2.97
N SER F 155 -13.64 20.01 -2.07
CA SER F 155 -13.55 18.56 -1.89
C SER F 155 -14.70 18.13 -0.99
N CYS F 156 -15.57 17.27 -1.50
CA CYS F 156 -16.79 16.91 -0.80
C CYS F 156 -17.24 15.52 -1.20
N CYS F 157 -17.97 14.88 -0.31
CA CYS F 157 -18.49 13.53 -0.53
C CYS F 157 -19.99 13.66 -0.73
N PHE F 158 -20.44 13.48 -1.97
CA PHE F 158 -21.86 13.46 -2.28
C PHE F 158 -22.47 12.14 -1.84
N ASN F 159 -23.64 12.23 -1.20
CA ASN F 159 -24.34 11.04 -0.73
C ASN F 159 -25.84 11.28 -0.65
N GLY G 14 40.44 4.13 -28.64
CA GLY G 14 41.03 5.39 -29.01
C GLY G 14 41.61 5.40 -30.41
N ASP G 15 40.98 6.19 -31.30
CA ASP G 15 39.79 6.95 -30.95
C ASP G 15 38.70 6.75 -32.01
N ASN G 16 38.40 5.48 -32.29
CA ASN G 16 37.38 5.08 -33.25
C ASN G 16 37.91 5.06 -34.67
N SER G 17 37.10 4.65 -35.63
CA SER G 17 37.54 4.47 -37.00
C SER G 17 37.49 5.79 -37.76
N ASN G 18 38.37 5.92 -38.76
CA ASN G 18 38.45 7.11 -39.58
C ASN G 18 38.16 6.85 -41.05
N VAL G 19 37.99 5.59 -41.47
CA VAL G 19 37.82 5.24 -42.86
C VAL G 19 36.62 4.31 -43.01
N VAL G 20 36.18 4.16 -44.25
CA VAL G 20 35.11 3.22 -44.56
C VAL G 20 35.58 1.81 -44.22
N THR G 21 34.62 0.95 -43.88
CA THR G 21 34.93 -0.41 -43.47
C THR G 21 33.89 -1.36 -44.03
N MET G 22 34.36 -2.51 -44.52
CA MET G 22 33.46 -3.48 -45.12
CA MET G 22 33.48 -3.51 -45.11
C MET G 22 32.44 -3.96 -44.10
N ILE G 23 31.29 -4.42 -44.62
CA ILE G 23 30.23 -4.99 -43.81
C ILE G 23 29.89 -6.35 -44.42
N ARG G 24 30.08 -7.41 -43.64
CA ARG G 24 29.74 -8.76 -44.10
C ARG G 24 28.23 -8.93 -44.04
N ALA G 25 27.55 -8.19 -44.93
CA ALA G 25 26.10 -8.28 -45.04
C ALA G 25 25.68 -9.69 -45.44
N GLY G 26 24.49 -10.09 -45.00
CA GLY G 26 24.01 -11.42 -45.24
C GLY G 26 22.81 -11.45 -46.17
N SER G 27 21.76 -12.18 -45.79
CA SER G 27 20.58 -12.27 -46.62
C SER G 27 19.86 -10.93 -46.66
N TYR G 28 19.09 -10.72 -47.72
CA TYR G 28 18.31 -9.49 -47.82
C TYR G 28 17.35 -9.40 -46.65
N PRO G 29 17.33 -8.29 -45.91
CA PRO G 29 16.50 -8.21 -44.71
C PRO G 29 15.05 -7.93 -45.03
N LYS G 30 14.23 -7.98 -43.98
CA LYS G 30 12.86 -7.52 -44.07
C LYS G 30 12.85 -6.01 -44.02
N VAL G 31 12.23 -5.39 -45.02
CA VAL G 31 12.29 -3.93 -45.18
C VAL G 31 10.88 -3.36 -45.10
N ASN G 32 10.83 -2.04 -44.91
CA ASN G 32 9.56 -1.31 -44.88
C ASN G 32 9.85 0.12 -45.31
N PRO G 33 9.51 0.49 -46.55
CA PRO G 33 9.80 1.85 -47.01
C PRO G 33 8.95 2.91 -46.32
N THR G 34 7.82 2.54 -45.74
CA THR G 34 6.85 3.48 -45.18
C THR G 34 6.55 3.11 -43.74
N PRO G 35 7.50 3.32 -42.84
CA PRO G 35 7.33 2.85 -41.45
C PRO G 35 6.41 3.75 -40.64
N THR G 36 6.10 3.28 -39.44
CA THR G 36 5.34 4.06 -38.49
C THR G 36 6.22 5.19 -37.94
N TRP G 37 5.63 6.01 -37.08
CA TRP G 37 6.36 7.16 -36.53
C TRP G 37 5.62 7.67 -35.31
N VAL G 38 6.25 7.60 -34.15
CA VAL G 38 5.73 8.26 -32.96
C VAL G 38 6.15 9.72 -33.00
N ARG G 39 5.20 10.62 -32.74
CA ARG G 39 5.43 12.03 -32.96
C ARG G 39 4.72 12.85 -31.90
N ALA G 40 5.24 14.06 -31.68
CA ALA G 40 4.57 15.09 -30.88
C ALA G 40 4.28 16.25 -31.84
N ILE G 41 3.04 16.33 -32.31
CA ILE G 41 2.68 17.27 -33.37
C ILE G 41 2.21 18.56 -32.72
N PRO G 42 2.89 19.69 -32.95
CA PRO G 42 2.38 20.96 -32.41
C PRO G 42 1.63 21.74 -33.48
N PHE G 43 0.42 22.19 -33.17
CA PHE G 43 -0.34 23.01 -34.10
C PHE G 43 -1.37 23.80 -33.33
N GLU G 44 -1.86 24.86 -33.95
CA GLU G 44 -2.74 25.82 -33.30
C GLU G 44 -4.12 25.81 -33.95
N VAL G 45 -5.11 26.21 -33.16
CA VAL G 45 -6.49 26.26 -33.62
C VAL G 45 -7.11 27.57 -33.13
N SER G 46 -8.00 28.13 -33.95
CA SER G 46 -8.72 29.34 -33.60
C SER G 46 -10.00 28.96 -32.86
N VAL G 47 -10.12 29.39 -31.61
CA VAL G 47 -11.30 29.13 -30.80
C VAL G 47 -12.04 30.44 -30.60
N GLN G 48 -13.37 30.34 -30.53
CA GLN G 48 -14.22 31.47 -30.22
C GLN G 48 -14.76 31.32 -28.81
N SER G 49 -14.96 32.46 -28.15
CA SER G 49 -15.41 32.46 -26.76
C SER G 49 -16.70 31.66 -26.62
N GLY G 50 -16.71 30.75 -25.65
CA GLY G 50 -17.91 30.02 -25.32
C GLY G 50 -18.44 29.09 -26.40
N ILE G 51 -17.59 28.68 -27.33
CA ILE G 51 -17.98 27.77 -28.40
C ILE G 51 -16.98 26.64 -28.48
N ALA G 52 -17.46 25.41 -28.34
CA ALA G 52 -16.60 24.25 -28.54
C ALA G 52 -16.09 24.22 -29.98
N PHE G 53 -14.81 23.91 -30.14
CA PHE G 53 -14.22 23.71 -31.46
C PHE G 53 -13.76 22.26 -31.54
N LYS G 54 -14.32 21.51 -32.48
CA LYS G 54 -13.93 20.13 -32.70
C LYS G 54 -12.63 20.10 -33.50
N VAL G 55 -11.59 19.54 -32.91
CA VAL G 55 -10.25 19.53 -33.52
C VAL G 55 -10.18 18.39 -34.52
N PRO G 56 -10.04 18.67 -35.82
CA PRO G 56 -10.01 17.58 -36.80
C PRO G 56 -8.67 16.84 -36.78
N VAL G 57 -8.75 15.51 -36.90
CA VAL G 57 -7.54 14.71 -36.96
C VAL G 57 -6.72 15.06 -38.20
N GLY G 58 -7.38 15.49 -39.27
CA GLY G 58 -6.67 15.83 -40.48
C GLY G 58 -5.57 16.85 -40.28
N SER G 59 -5.70 17.69 -39.25
CA SER G 59 -4.65 18.66 -38.96
C SER G 59 -3.31 17.97 -38.73
N LEU G 60 -3.33 16.73 -38.22
CA LEU G 60 -2.10 16.01 -37.95
C LEU G 60 -1.41 15.56 -39.22
N PHE G 61 -2.13 15.48 -40.34
CA PHE G 61 -1.55 15.10 -41.62
C PHE G 61 -1.20 16.36 -42.39
N SER G 62 0.10 16.60 -42.57
CA SER G 62 0.56 17.82 -43.22
C SER G 62 2.03 17.70 -43.55
N ALA G 63 2.41 18.24 -44.71
CA ALA G 63 3.83 18.32 -45.06
C ALA G 63 4.59 19.20 -44.08
N ASN G 64 3.89 20.14 -43.43
CA ASN G 64 4.51 20.94 -42.37
C ASN G 64 4.94 20.10 -41.19
N PHE G 65 4.51 18.84 -41.12
CA PHE G 65 4.93 17.92 -40.08
C PHE G 65 5.63 16.68 -40.63
N ARG G 66 5.82 16.60 -41.94
CA ARG G 66 6.38 15.43 -42.62
C ARG G 66 5.41 14.27 -42.63
N THR G 67 4.13 14.51 -42.32
CA THR G 67 3.14 13.44 -42.16
C THR G 67 2.10 13.42 -43.26
N ASP G 68 2.27 14.20 -44.33
CA ASP G 68 1.32 14.16 -45.42
C ASP G 68 1.23 12.78 -46.06
N SER G 69 2.19 11.89 -45.77
CA SER G 69 2.19 10.53 -46.32
C SER G 69 1.32 9.58 -45.52
N PHE G 70 0.78 10.01 -44.39
CA PHE G 70 -0.05 9.16 -43.55
C PHE G 70 -1.52 9.44 -43.82
N THR G 71 -2.34 8.41 -43.65
CA THR G 71 -3.78 8.52 -43.73
C THR G 71 -4.48 8.16 -42.42
N SER G 72 -3.73 7.61 -41.46
CA SER G 72 -4.30 7.19 -40.18
C SER G 72 -3.29 7.49 -39.08
N VAL G 73 -3.80 7.65 -37.87
CA VAL G 73 -2.96 8.00 -36.73
C VAL G 73 -3.63 7.49 -35.46
N THR G 74 -2.82 6.95 -34.56
CA THR G 74 -3.27 6.49 -33.25
C THR G 74 -2.87 7.56 -32.24
N VAL G 75 -3.87 8.23 -31.66
CA VAL G 75 -3.60 9.29 -30.70
C VAL G 75 -3.41 8.68 -29.32
N MET G 76 -2.39 9.15 -28.60
CA MET G 76 -2.05 8.63 -27.28
C MET G 76 -2.34 9.60 -26.16
N SER G 77 -2.13 10.89 -26.38
CA SER G 77 -2.34 11.90 -25.35
C SER G 77 -2.49 13.24 -26.03
N VAL G 78 -3.26 14.12 -25.41
CA VAL G 78 -3.52 15.45 -25.93
C VAL G 78 -3.18 16.47 -24.85
N ARG G 79 -2.36 17.44 -25.20
CA ARG G 79 -2.03 18.55 -24.32
C ARG G 79 -2.32 19.84 -25.06
N ALA G 80 -2.95 20.78 -24.37
CA ALA G 80 -3.37 22.03 -24.97
C ALA G 80 -2.90 23.20 -24.11
N TRP G 81 -2.41 24.24 -24.77
CA TRP G 81 -2.04 25.49 -24.13
C TRP G 81 -2.80 26.63 -24.78
N THR G 82 -3.19 27.61 -23.98
CA THR G 82 -3.73 28.84 -24.52
C THR G 82 -2.61 29.56 -25.29
N GLN G 83 -2.93 30.00 -26.50
CA GLN G 83 -1.94 30.56 -27.41
C GLN G 83 -1.92 32.08 -27.42
N LEU G 84 -2.98 32.72 -26.93
CA LEU G 84 -3.09 34.16 -26.91
C LEU G 84 -3.46 34.62 -25.51
N THR G 85 -3.47 35.93 -25.33
CA THR G 85 -3.86 36.50 -24.05
C THR G 85 -5.37 36.33 -23.84
N PRO G 86 -5.80 36.23 -22.58
CA PRO G 86 -7.24 36.15 -22.31
C PRO G 86 -7.87 37.53 -22.36
N PRO G 87 -9.19 37.62 -22.28
CA PRO G 87 -9.84 38.94 -22.21
C PRO G 87 -9.31 39.78 -21.07
N VAL G 88 -9.62 41.08 -21.10
CA VAL G 88 -9.25 41.94 -19.98
C VAL G 88 -9.84 41.39 -18.69
N ASN G 89 -9.04 41.42 -17.63
CA ASN G 89 -9.40 41.05 -16.26
C ASN G 89 -9.48 39.54 -16.06
N GLU G 90 -9.42 38.73 -17.11
CA GLU G 90 -9.63 37.30 -16.98
C GLU G 90 -8.30 36.54 -16.92
N TYR G 91 -8.34 35.36 -16.27
CA TYR G 91 -7.24 34.42 -16.32
C TYR G 91 -7.48 33.42 -17.44
N SER G 92 -6.42 33.11 -18.18
CA SER G 92 -6.52 32.16 -19.28
C SER G 92 -7.03 30.82 -18.77
N PHE G 93 -7.93 30.21 -19.54
CA PHE G 93 -8.36 28.84 -19.27
C PHE G 93 -8.55 28.12 -20.59
N VAL G 94 -8.54 26.79 -20.51
CA VAL G 94 -8.78 25.94 -21.66
C VAL G 94 -9.39 24.64 -21.16
N ARG G 95 -10.31 24.10 -21.94
CA ARG G 95 -10.98 22.85 -21.60
C ARG G 95 -10.83 21.87 -22.76
N LEU G 96 -10.83 20.58 -22.41
CA LEU G 96 -10.72 19.52 -23.39
C LEU G 96 -11.80 18.49 -23.11
N LYS G 97 -12.60 18.18 -24.12
CA LYS G 97 -13.57 17.09 -24.04
C LYS G 97 -13.12 16.01 -25.01
N PRO G 98 -12.66 14.85 -24.54
CA PRO G 98 -12.23 13.79 -25.46
C PRO G 98 -13.38 13.34 -26.36
N LEU G 99 -13.05 13.04 -27.60
CA LEU G 99 -14.01 12.57 -28.59
C LEU G 99 -13.51 11.26 -29.19
N PHE G 100 -14.44 10.32 -29.38
CA PHE G 100 -14.12 9.02 -29.95
C PHE G 100 -15.23 8.60 -30.90
N LYS G 101 -14.86 7.91 -31.97
CA LYS G 101 -15.85 7.43 -32.92
C LYS G 101 -16.79 6.40 -32.28
N THR G 102 -16.37 5.77 -31.19
CA THR G 102 -17.19 4.79 -30.49
C THR G 102 -18.01 5.39 -29.36
N GLY G 103 -17.96 6.70 -29.18
CA GLY G 103 -18.68 7.36 -28.12
C GLY G 103 -17.93 8.55 -27.56
N ASP G 104 -18.45 9.75 -27.79
CA ASP G 104 -17.82 10.94 -27.25
C ASP G 104 -17.85 10.93 -25.73
N SER G 105 -16.85 11.54 -25.12
CA SER G 105 -16.82 11.71 -23.67
C SER G 105 -17.48 13.02 -23.28
N THR G 106 -17.84 13.10 -22.00
CA THR G 106 -18.39 14.33 -21.43
C THR G 106 -17.44 14.93 -20.38
N GLU G 107 -16.21 14.43 -20.31
CA GLU G 107 -15.22 15.04 -19.44
C GLU G 107 -14.82 16.40 -19.99
N GLU G 108 -14.60 17.35 -19.09
CA GLU G 108 -14.16 18.70 -19.44
C GLU G 108 -12.88 18.99 -18.65
N PHE G 109 -11.79 18.35 -19.05
CA PHE G 109 -10.48 18.58 -18.44
C PHE G 109 -10.09 20.03 -18.60
N GLU G 110 -10.10 20.78 -17.50
CA GLU G 110 -9.93 22.23 -17.53
C GLU G 110 -8.66 22.61 -16.78
N GLY G 111 -7.82 23.40 -17.44
CA GLY G 111 -6.68 24.02 -16.80
C GLY G 111 -6.82 25.52 -16.87
N ARG G 112 -6.46 26.19 -15.77
CA ARG G 112 -6.53 27.64 -15.71
C ARG G 112 -5.18 28.19 -15.28
N ALA G 113 -4.85 29.37 -15.79
CA ALA G 113 -3.66 30.07 -15.35
C ALA G 113 -3.88 30.67 -13.97
N SER G 114 -2.80 30.72 -13.19
CA SER G 114 -2.77 31.48 -11.95
C SER G 114 -2.03 32.80 -12.12
N ASN G 115 -1.86 33.23 -13.37
CA ASN G 115 -1.20 34.48 -13.72
C ASN G 115 -1.79 34.91 -15.06
N ILE G 116 -2.38 36.11 -15.11
CA ILE G 116 -3.07 36.53 -16.32
C ILE G 116 -2.15 36.43 -17.53
N ASN G 117 -0.88 36.79 -17.34
CA ASN G 117 0.10 36.82 -18.42
C ASN G 117 0.59 35.44 -18.82
N THR G 118 0.10 34.37 -18.20
CA THR G 118 0.61 33.04 -18.38
C THR G 118 -0.41 32.15 -19.10
N ARG G 119 0.10 31.15 -19.80
CA ARG G 119 -0.76 30.23 -20.52
C ARG G 119 -1.49 29.29 -19.57
N ALA G 120 -2.76 29.04 -19.84
CA ALA G 120 -3.45 27.91 -19.25
C ALA G 120 -3.07 26.64 -20.00
N SER G 121 -3.04 25.52 -19.30
CA SER G 121 -2.64 24.27 -19.90
C SER G 121 -3.41 23.13 -19.28
N VAL G 122 -3.76 22.14 -20.10
CA VAL G 122 -4.36 20.91 -19.61
C VAL G 122 -4.13 19.84 -20.67
N GLY G 123 -4.33 18.59 -20.30
CA GLY G 123 -4.19 17.50 -21.23
C GLY G 123 -4.72 16.23 -20.63
N TYR G 124 -5.06 15.30 -21.53
CA TYR G 124 -5.59 14.00 -21.12
C TYR G 124 -4.88 12.89 -21.88
N ARG G 125 -4.71 11.76 -21.20
CA ARG G 125 -4.12 10.56 -21.76
C ARG G 125 -5.24 9.62 -22.19
N ILE G 126 -5.13 9.09 -23.41
CA ILE G 126 -6.10 8.15 -23.93
C ILE G 126 -5.71 6.75 -23.46
N PRO G 127 -6.59 5.99 -22.82
CA PRO G 127 -6.22 4.66 -22.34
C PRO G 127 -5.97 3.72 -23.52
N THR G 128 -5.10 2.74 -23.30
CA THR G 128 -4.69 1.85 -24.38
C THR G 128 -5.90 1.28 -25.13
N ASN G 129 -6.98 0.98 -24.40
CA ASN G 129 -8.14 0.35 -25.01
C ASN G 129 -8.84 1.24 -26.04
N LEU G 130 -8.69 2.56 -25.93
CA LEU G 130 -9.31 3.49 -26.86
C LEU G 130 -8.32 4.02 -27.90
N ARG G 131 -7.12 3.45 -27.96
CA ARG G 131 -6.09 3.90 -28.90
C ARG G 131 -6.26 3.17 -30.24
N GLN G 132 -7.40 3.45 -30.88
CA GLN G 132 -7.61 3.00 -32.24
C GLN G 132 -7.07 4.04 -33.22
N ASN G 133 -7.08 3.70 -34.49
CA ASN G 133 -6.69 4.66 -35.49
C ASN G 133 -7.78 5.71 -35.67
N THR G 134 -7.38 6.85 -36.21
CA THR G 134 -8.31 7.90 -36.61
C THR G 134 -7.86 8.42 -37.97
N VAL G 135 -8.84 8.83 -38.75
CA VAL G 135 -8.59 9.36 -40.09
C VAL G 135 -8.90 10.84 -40.09
N ALA G 136 -8.58 11.50 -41.20
CA ALA G 136 -8.69 12.96 -41.24
C ALA G 136 -10.10 13.41 -40.90
N ALA G 137 -11.12 12.71 -41.42
CA ALA G 137 -12.49 13.09 -41.15
C ALA G 137 -12.83 13.05 -39.67
N ASP G 138 -12.13 12.25 -38.89
CA ASP G 138 -12.43 12.12 -37.46
C ASP G 138 -11.97 13.34 -36.69
N ASN G 139 -12.50 13.48 -35.49
CA ASN G 139 -12.16 14.58 -34.60
CA ASN G 139 -12.17 14.58 -34.59
C ASN G 139 -11.54 14.04 -33.32
N VAL G 140 -10.59 14.78 -32.79
CA VAL G 140 -9.86 14.37 -31.59
C VAL G 140 -10.63 14.76 -30.35
N CYS G 141 -10.90 16.06 -30.21
CA CYS G 141 -11.47 16.58 -28.98
C CYS G 141 -12.13 17.91 -29.27
N GLU G 142 -12.98 18.34 -28.33
CA GLU G 142 -13.51 19.69 -28.34
C GLU G 142 -12.66 20.55 -27.43
N VAL G 143 -12.44 21.81 -27.85
CA VAL G 143 -11.65 22.77 -27.09
CA VAL G 143 -11.66 22.76 -27.08
C VAL G 143 -12.52 23.97 -26.79
N ARG G 144 -12.53 24.39 -25.52
CA ARG G 144 -13.19 25.60 -25.08
C ARG G 144 -12.14 26.46 -24.40
N SER G 145 -12.10 27.74 -24.75
CA SER G 145 -11.12 28.63 -24.17
C SER G 145 -11.60 30.07 -24.27
N ASN G 146 -11.31 30.86 -23.23
CA ASN G 146 -11.51 32.30 -23.30
C ASN G 146 -10.48 32.97 -24.18
N CYS G 147 -9.47 32.24 -24.66
CA CYS G 147 -8.45 32.78 -25.55
C CYS G 147 -8.75 32.37 -26.98
N ARG G 148 -8.49 33.30 -27.90
CA ARG G 148 -8.93 33.12 -29.28
C ARG G 148 -8.10 32.10 -30.05
N GLN G 149 -7.01 31.60 -29.47
CA GLN G 149 -6.23 30.53 -30.08
C GLN G 149 -5.70 29.61 -29.00
N VAL G 150 -5.63 28.31 -29.31
CA VAL G 150 -5.17 27.29 -28.39
C VAL G 150 -4.13 26.44 -29.10
N ALA G 151 -2.95 26.33 -28.49
CA ALA G 151 -1.85 25.56 -29.06
C ALA G 151 -1.92 24.13 -28.56
N LEU G 152 -1.87 23.18 -29.49
CA LEU G 152 -2.06 21.78 -29.20
C LEU G 152 -0.79 21.01 -29.51
N VAL G 153 -0.37 20.16 -28.58
CA VAL G 153 0.70 19.19 -28.81
C VAL G 153 0.07 17.82 -28.60
N ILE G 154 -0.08 17.06 -29.68
CA ILE G 154 -0.72 15.76 -29.65
C ILE G 154 0.36 14.70 -29.83
N SER G 155 0.53 13.85 -28.83
CA SER G 155 1.39 12.68 -28.94
C SER G 155 0.62 11.60 -29.69
N CYS G 156 1.18 11.11 -30.80
CA CYS G 156 0.45 10.14 -31.60
C CYS G 156 1.45 9.27 -32.35
N CYS G 157 0.93 8.14 -32.84
CA CYS G 157 1.70 7.17 -33.60
C CYS G 157 1.08 7.12 -34.99
N PHE G 158 1.76 7.74 -35.96
CA PHE G 158 1.31 7.69 -37.34
C PHE G 158 1.54 6.30 -37.91
N ASN G 159 0.59 5.83 -38.71
CA ASN G 159 0.74 4.55 -39.38
C ASN G 159 -0.16 4.47 -40.62
N ASP H 15 52.56 29.19 4.39
CA ASP H 15 51.81 30.22 3.67
C ASP H 15 52.28 30.29 2.22
N ASN H 16 51.96 31.39 1.55
CA ASN H 16 52.35 31.57 0.16
C ASN H 16 53.73 32.19 0.04
N SER H 17 54.33 32.03 -1.13
CA SER H 17 55.55 32.77 -1.46
C SER H 17 55.18 34.22 -1.77
N ASN H 18 55.97 35.14 -1.24
CA ASN H 18 55.70 36.56 -1.40
C ASN H 18 56.67 37.27 -2.32
N VAL H 19 57.70 36.57 -2.83
CA VAL H 19 58.71 37.19 -3.67
C VAL H 19 58.87 36.37 -4.95
N VAL H 20 59.47 37.01 -5.95
CA VAL H 20 59.84 36.31 -7.17
C VAL H 20 60.68 35.10 -6.81
N THR H 21 60.47 34.01 -7.54
CA THR H 21 61.27 32.80 -7.41
C THR H 21 61.75 32.37 -8.78
N MET H 22 62.97 31.83 -8.82
CA MET H 22 63.55 31.39 -10.09
CA MET H 22 63.56 31.39 -10.08
C MET H 22 62.78 30.20 -10.65
N ILE H 23 62.78 30.11 -11.97
CA ILE H 23 62.21 28.97 -12.69
C ILE H 23 63.36 28.31 -13.45
N ARG H 24 63.63 27.04 -13.13
CA ARG H 24 64.69 26.28 -13.79
C ARG H 24 64.17 25.78 -15.13
N ALA H 25 63.95 26.75 -16.02
CA ALA H 25 63.40 26.46 -17.34
C ALA H 25 64.39 25.65 -18.18
N GLY H 26 63.85 24.91 -19.14
CA GLY H 26 64.64 24.06 -19.99
C GLY H 26 64.56 24.43 -21.45
N SER H 27 64.62 23.43 -22.32
CA SER H 27 64.61 23.66 -23.76
C SER H 27 63.48 24.61 -24.14
N TYR H 28 63.70 25.36 -25.21
CA TYR H 28 62.66 26.26 -25.69
C TYR H 28 61.46 25.43 -26.12
N PRO H 29 60.25 25.77 -25.67
CA PRO H 29 59.11 24.85 -25.85
C PRO H 29 58.42 25.00 -27.19
N LYS H 30 57.39 24.19 -27.41
CA LYS H 30 56.50 24.38 -28.54
C LYS H 30 55.54 25.51 -28.19
N VAL H 31 55.47 26.52 -29.05
CA VAL H 31 54.71 27.72 -28.79
C VAL H 31 53.69 27.93 -29.89
N ASN H 32 52.67 28.71 -29.59
CA ASN H 32 51.65 29.06 -30.58
C ASN H 32 51.12 30.46 -30.29
N PRO H 33 51.50 31.47 -31.08
CA PRO H 33 51.02 32.83 -30.78
C PRO H 33 49.54 33.02 -31.04
N THR H 34 48.95 32.26 -31.96
CA THR H 34 47.57 32.42 -32.38
C THR H 34 46.81 31.14 -32.06
N PRO H 35 46.47 30.91 -30.79
CA PRO H 35 45.81 29.66 -30.42
C PRO H 35 44.31 29.70 -30.71
N THR H 36 43.70 28.53 -30.57
CA THR H 36 42.27 28.40 -30.69
C THR H 36 41.59 29.00 -29.45
N TRP H 37 40.27 28.96 -29.44
CA TRP H 37 39.52 29.54 -28.33
C TRP H 37 38.08 29.06 -28.36
N VAL H 38 37.67 28.33 -27.33
CA VAL H 38 36.28 27.90 -27.19
C VAL H 38 35.49 29.04 -26.56
N ARG H 39 34.37 29.41 -27.18
CA ARG H 39 33.68 30.64 -26.81
C ARG H 39 32.16 30.46 -26.87
N ALA H 40 31.47 31.22 -26.03
CA ALA H 40 30.05 31.49 -26.16
C ALA H 40 29.91 32.94 -26.61
N ILE H 41 29.43 33.14 -27.84
CA ILE H 41 29.41 34.45 -28.47
C ILE H 41 27.97 34.95 -28.44
N PRO H 42 27.63 35.96 -27.63
CA PRO H 42 26.29 36.56 -27.70
C PRO H 42 26.23 37.68 -28.72
N PHE H 43 25.13 37.71 -29.46
CA PHE H 43 24.87 38.78 -30.40
C PHE H 43 23.42 38.67 -30.88
N GLU H 44 22.86 39.80 -31.29
CA GLU H 44 21.45 39.89 -31.65
C GLU H 44 21.30 40.11 -33.14
N VAL H 45 20.14 39.72 -33.67
CA VAL H 45 19.84 39.84 -35.08
C VAL H 45 18.43 40.37 -35.23
N SER H 46 18.23 41.28 -36.19
CA SER H 46 16.90 41.79 -36.50
C SER H 46 16.14 40.77 -37.34
N VAL H 47 14.89 40.52 -36.96
CA VAL H 47 14.02 39.59 -37.67
C VAL H 47 12.75 40.34 -38.07
N GLN H 48 12.13 39.88 -39.16
CA GLN H 48 10.86 40.41 -39.62
C GLN H 48 9.77 39.37 -39.47
N SER H 49 8.53 39.84 -39.41
CA SER H 49 7.40 38.93 -39.24
C SER H 49 7.30 37.97 -40.42
N GLY H 50 7.21 36.68 -40.11
CA GLY H 50 6.97 35.67 -41.11
C GLY H 50 8.11 35.40 -42.07
N ILE H 51 9.24 36.09 -41.93
CA ILE H 51 10.39 35.91 -42.81
C ILE H 51 11.53 35.30 -42.00
N ALA H 52 12.21 34.34 -42.61
CA ALA H 52 13.35 33.70 -41.96
C ALA H 52 14.60 34.51 -42.21
N PHE H 53 15.42 34.65 -41.17
CA PHE H 53 16.68 35.38 -41.26
C PHE H 53 17.84 34.38 -41.14
N LYS H 54 18.61 34.24 -42.22
CA LYS H 54 19.82 33.43 -42.19
C LYS H 54 20.89 34.16 -41.38
N VAL H 55 21.32 33.54 -40.29
CA VAL H 55 22.32 34.13 -39.41
C VAL H 55 23.68 33.97 -40.07
N PRO H 56 24.38 35.05 -40.41
CA PRO H 56 25.70 34.92 -41.04
C PRO H 56 26.75 34.52 -40.01
N VAL H 57 27.59 33.55 -40.38
CA VAL H 57 28.69 33.16 -39.52
C VAL H 57 29.58 34.36 -39.22
N GLY H 58 29.72 35.26 -40.20
CA GLY H 58 30.59 36.41 -40.02
C GLY H 58 30.29 37.21 -38.77
N SER H 59 29.06 37.13 -38.27
CA SER H 59 28.71 37.84 -37.05
C SER H 59 29.57 37.42 -35.87
N LEU H 60 30.18 36.24 -35.93
CA LEU H 60 30.99 35.74 -34.82
C LEU H 60 32.38 36.37 -34.78
N PHE H 61 32.85 36.93 -35.90
CA PHE H 61 34.17 37.55 -35.96
C PHE H 61 34.01 39.05 -35.76
N SER H 62 34.45 39.55 -34.61
CA SER H 62 34.30 40.96 -34.28
C SER H 62 35.23 41.30 -33.13
N ALA H 63 35.88 42.46 -33.23
CA ALA H 63 36.66 42.97 -32.10
C ALA H 63 35.79 43.08 -30.85
N ASN H 64 34.47 43.18 -31.01
CA ASN H 64 33.56 43.15 -29.87
C ASN H 64 33.60 41.81 -29.16
N PHE H 65 34.11 40.77 -29.82
CA PHE H 65 34.23 39.45 -29.24
C PHE H 65 35.69 39.01 -29.12
N ARG H 66 36.64 39.90 -29.37
CA ARG H 66 38.06 39.58 -29.39
C ARG H 66 38.41 38.56 -30.47
N THR H 67 37.50 38.32 -31.43
CA THR H 67 37.67 37.26 -32.41
C THR H 67 37.92 37.79 -33.82
N ASP H 68 38.29 39.07 -33.95
CA ASP H 68 38.57 39.60 -35.28
C ASP H 68 39.81 38.98 -35.91
N SER H 69 40.65 38.32 -35.12
CA SER H 69 41.82 37.66 -35.67
C SER H 69 41.47 36.33 -36.35
N PHE H 70 40.33 35.75 -36.01
CA PHE H 70 39.94 34.47 -36.55
C PHE H 70 39.23 34.62 -37.89
N THR H 71 39.37 33.59 -38.73
CA THR H 71 38.70 33.52 -40.02
C THR H 71 37.78 32.32 -40.14
N SER H 72 37.97 31.30 -39.31
CA SER H 72 37.15 30.09 -39.33
C SER H 72 36.69 29.83 -37.90
N VAL H 73 35.54 29.15 -37.79
CA VAL H 73 35.00 28.82 -36.48
C VAL H 73 34.20 27.53 -36.62
N THR H 74 34.39 26.62 -35.67
CA THR H 74 33.63 25.39 -35.58
C THR H 74 32.48 25.63 -34.60
N VAL H 75 31.25 25.62 -35.11
CA VAL H 75 30.07 25.86 -34.28
C VAL H 75 29.67 24.55 -33.63
N MET H 76 29.39 24.60 -32.33
CA MET H 76 28.99 23.43 -31.56
C MET H 76 27.51 23.40 -31.23
N SER H 77 26.97 24.50 -30.69
CA SER H 77 25.57 24.55 -30.29
C SER H 77 25.08 25.99 -30.43
N VAL H 78 23.83 26.13 -30.81
CA VAL H 78 23.20 27.42 -31.02
C VAL H 78 22.02 27.54 -30.08
N ARG H 79 21.95 28.63 -29.33
CA ARG H 79 20.82 28.94 -28.47
C ARG H 79 20.27 30.31 -28.84
N ALA H 80 18.95 30.44 -28.80
CA ALA H 80 18.28 31.65 -29.26
C ALA H 80 17.18 32.05 -28.29
N TRP H 81 17.24 33.30 -27.82
CA TRP H 81 16.17 33.90 -27.05
C TRP H 81 15.59 35.07 -27.84
N THR H 82 14.27 35.22 -27.78
CA THR H 82 13.65 36.44 -28.23
C THR H 82 14.23 37.62 -27.43
N GLN H 83 14.59 38.68 -28.14
CA GLN H 83 15.23 39.83 -27.51
C GLN H 83 14.26 40.97 -27.22
N LEU H 84 13.11 41.01 -27.89
CA LEU H 84 12.12 42.04 -27.69
C LEU H 84 10.78 41.40 -27.40
N THR H 85 9.84 42.22 -26.93
CA THR H 85 8.50 41.73 -26.64
C THR H 85 7.82 41.29 -27.93
N PRO H 86 6.82 40.41 -27.81
CA PRO H 86 6.08 39.98 -28.99
C PRO H 86 4.95 40.94 -29.30
N PRO H 87 4.20 40.70 -30.38
CA PRO H 87 3.04 41.55 -30.66
C PRO H 87 2.01 41.48 -29.54
N VAL H 88 0.95 42.29 -29.65
CA VAL H 88 -0.11 42.27 -28.66
C VAL H 88 -0.81 40.93 -28.69
N ASN H 89 -1.15 40.41 -27.51
CA ASN H 89 -1.95 39.20 -27.34
C ASN H 89 -1.15 37.92 -27.56
N GLU H 90 -0.01 38.02 -28.24
CA GLU H 90 0.77 36.84 -28.56
C GLU H 90 1.78 36.51 -27.48
N TYR H 91 2.10 35.23 -27.37
CA TYR H 91 3.24 34.77 -26.59
C TYR H 91 4.45 34.68 -27.51
N SER H 92 5.59 35.16 -27.02
CA SER H 92 6.82 35.11 -27.80
C SER H 92 7.07 33.69 -28.30
N PHE H 93 7.75 33.60 -29.44
CA PHE H 93 8.23 32.32 -29.94
C PHE H 93 9.47 32.57 -30.79
N VAL H 94 10.18 31.48 -31.08
CA VAL H 94 11.38 31.55 -31.90
C VAL H 94 11.68 30.16 -32.45
N ARG H 95 11.95 30.09 -33.76
CA ARG H 95 12.31 28.86 -34.43
C ARG H 95 13.76 28.91 -34.87
N LEU H 96 14.39 27.74 -34.96
CA LEU H 96 15.76 27.63 -35.44
C LEU H 96 15.82 26.51 -36.46
N LYS H 97 16.33 26.82 -37.66
CA LYS H 97 16.52 25.83 -38.71
C LYS H 97 18.01 25.70 -38.99
N PRO H 98 18.67 24.65 -38.51
CA PRO H 98 20.12 24.53 -38.73
C PRO H 98 20.46 24.50 -40.22
N LEU H 99 21.57 25.12 -40.56
CA LEU H 99 22.06 25.16 -41.93
C LEU H 99 23.50 24.64 -41.97
N PHE H 100 23.85 24.01 -43.09
CA PHE H 100 25.18 23.49 -43.29
C PHE H 100 25.54 23.62 -44.76
N LYS H 101 26.85 23.74 -45.02
CA LYS H 101 27.30 23.81 -46.41
C LYS H 101 27.02 22.50 -47.14
N THR H 102 27.16 21.36 -46.46
CA THR H 102 26.93 20.07 -47.08
C THR H 102 25.44 19.79 -47.30
N GLY H 103 24.57 20.55 -46.66
CA GLY H 103 23.14 20.34 -46.79
C GLY H 103 22.37 21.00 -45.68
N ASP H 104 21.37 21.80 -46.04
CA ASP H 104 20.57 22.51 -45.04
C ASP H 104 19.54 21.57 -44.43
N SER H 105 19.37 21.69 -43.11
CA SER H 105 18.34 20.92 -42.44
C SER H 105 16.97 21.48 -42.78
N THR H 106 15.94 20.80 -42.28
CA THR H 106 14.56 21.28 -42.38
C THR H 106 13.88 21.29 -41.02
N GLU H 107 14.60 20.99 -39.94
CA GLU H 107 14.04 21.10 -38.60
C GLU H 107 13.73 22.56 -38.28
N GLU H 108 12.75 22.75 -37.42
CA GLU H 108 12.35 24.08 -36.93
C GLU H 108 12.20 23.99 -35.42
N PHE H 109 13.32 23.75 -34.73
CA PHE H 109 13.33 23.71 -33.27
C PHE H 109 12.71 24.99 -32.73
N GLU H 110 11.55 24.87 -32.09
CA GLU H 110 10.76 26.01 -31.67
C GLU H 110 10.61 26.02 -30.16
N GLY H 111 10.76 27.20 -29.59
CA GLY H 111 10.44 27.41 -28.19
C GLY H 111 9.48 28.58 -28.07
N ARG H 112 8.48 28.41 -27.22
CA ARG H 112 7.48 29.43 -26.99
C ARG H 112 7.46 29.82 -25.52
N ALA H 113 7.30 31.10 -25.26
CA ALA H 113 7.17 31.56 -23.89
C ALA H 113 5.79 31.16 -23.34
N SER H 114 5.75 30.85 -22.06
CA SER H 114 4.51 30.57 -21.36
C SER H 114 4.00 31.78 -20.60
N ASN H 115 4.70 32.91 -20.69
CA ASN H 115 4.28 34.18 -20.12
C ASN H 115 4.55 35.25 -21.16
N ILE H 116 3.53 36.03 -21.52
CA ILE H 116 3.70 37.02 -22.58
C ILE H 116 4.94 37.86 -22.33
N ASN H 117 5.20 38.16 -21.06
CA ASN H 117 6.30 39.04 -20.69
C ASN H 117 7.65 38.33 -20.70
N THR H 118 7.69 37.03 -20.93
CA THR H 118 8.90 36.24 -20.79
C THR H 118 9.45 35.83 -22.15
N ARG H 119 10.76 35.63 -22.20
CA ARG H 119 11.42 35.27 -23.44
C ARG H 119 11.12 33.83 -23.83
N ALA H 120 10.87 33.61 -25.12
CA ALA H 120 10.87 32.26 -25.67
C ALA H 120 12.31 31.90 -26.02
N SER H 121 12.66 30.63 -25.82
CA SER H 121 14.03 30.19 -26.01
C SER H 121 14.06 28.78 -26.58
N VAL H 122 15.03 28.53 -27.45
CA VAL H 122 15.24 27.20 -28.02
C VAL H 122 16.64 27.16 -28.61
N GLY H 123 17.28 26.01 -28.50
CA GLY H 123 18.61 25.82 -29.05
C GLY H 123 18.71 24.49 -29.76
N TYR H 124 19.83 24.29 -30.45
CA TYR H 124 20.10 23.02 -31.10
C TYR H 124 21.60 22.74 -31.03
N ARG H 125 21.94 21.47 -30.87
CA ARG H 125 23.30 21.00 -30.75
C ARG H 125 23.75 20.35 -32.04
N ILE H 126 25.00 20.58 -32.42
CA ILE H 126 25.55 20.08 -33.67
C ILE H 126 26.38 18.83 -33.36
N PRO H 127 26.11 17.70 -33.99
CA PRO H 127 26.89 16.49 -33.70
C PRO H 127 28.29 16.61 -34.27
N THR H 128 29.20 15.81 -33.69
CA THR H 128 30.61 15.92 -34.05
C THR H 128 30.84 15.71 -35.55
N ASN H 129 30.02 14.87 -36.19
CA ASN H 129 30.21 14.62 -37.62
C ASN H 129 29.93 15.85 -38.46
N LEU H 130 29.15 16.80 -37.95
CA LEU H 130 28.80 18.01 -38.69
C LEU H 130 29.54 19.23 -38.20
N ARG H 131 30.53 19.05 -37.33
CA ARG H 131 31.28 20.18 -36.77
C ARG H 131 32.53 20.44 -37.60
N GLN H 132 32.30 20.93 -38.81
CA GLN H 132 33.39 21.45 -39.61
C GLN H 132 33.50 22.95 -39.41
N ASN H 133 34.58 23.52 -39.93
CA ASN H 133 34.73 24.96 -39.86
C ASN H 133 33.69 25.65 -40.73
N THR H 134 33.43 26.91 -40.40
CA THR H 134 32.64 27.80 -41.24
C THR H 134 33.36 29.14 -41.28
N VAL H 135 33.24 29.82 -42.41
CA VAL H 135 33.87 31.12 -42.58
C VAL H 135 32.79 32.19 -42.55
N ALA H 136 33.17 33.44 -42.80
CA ALA H 136 32.23 34.55 -42.66
C ALA H 136 31.05 34.41 -43.62
N ALA H 137 31.32 34.03 -44.87
CA ALA H 137 30.25 33.95 -45.85
C ALA H 137 29.21 32.89 -45.51
N ASP H 138 29.58 31.89 -44.72
CA ASP H 138 28.67 30.81 -44.39
C ASP H 138 27.59 31.29 -43.42
N ASN H 139 26.48 30.56 -43.41
CA ASN H 139 25.37 30.82 -42.51
C ASN H 139 25.30 29.71 -41.46
N VAL H 140 24.83 30.07 -40.28
CA VAL H 140 24.70 29.11 -39.18
C VAL H 140 23.31 28.49 -39.18
N CYS H 141 22.27 29.30 -39.33
CA CYS H 141 20.91 28.82 -39.21
C CYS H 141 19.96 29.92 -39.68
N GLU H 142 18.70 29.54 -39.86
CA GLU H 142 17.62 30.49 -40.08
C GLU H 142 16.88 30.68 -38.76
N VAL H 143 16.42 31.91 -38.53
CA VAL H 143 15.69 32.25 -37.31
C VAL H 143 14.37 32.88 -37.71
N ARG H 144 13.29 32.41 -37.08
CA ARG H 144 11.96 32.98 -37.23
C ARG H 144 11.45 33.36 -35.85
N SER H 145 10.66 34.42 -35.79
CA SER H 145 10.15 34.86 -34.50
C SER H 145 9.13 35.97 -34.73
N ASN H 146 8.07 35.96 -33.92
CA ASN H 146 7.14 37.08 -33.90
C ASN H 146 7.75 38.30 -33.22
N CYS H 147 8.87 38.15 -32.54
CA CYS H 147 9.62 39.26 -32.00
C CYS H 147 10.61 39.75 -33.05
N ARG H 148 10.85 41.06 -33.05
CA ARG H 148 11.62 41.68 -34.13
C ARG H 148 13.13 41.59 -33.90
N GLN H 149 13.56 41.15 -32.73
CA GLN H 149 14.98 40.92 -32.46
C GLN H 149 15.12 39.64 -31.65
N VAL H 150 16.11 38.83 -32.02
CA VAL H 150 16.35 37.53 -31.40
C VAL H 150 17.78 37.49 -30.90
N ALA H 151 17.96 37.31 -29.60
CA ALA H 151 19.29 37.19 -29.03
C ALA H 151 19.80 35.77 -29.22
N LEU H 152 21.08 35.65 -29.58
CA LEU H 152 21.72 34.36 -29.78
C LEU H 152 22.89 34.21 -28.83
N VAL H 153 23.24 32.95 -28.56
CA VAL H 153 24.44 32.61 -27.82
C VAL H 153 24.97 31.33 -28.46
N ILE H 154 26.10 31.43 -29.16
CA ILE H 154 26.61 30.33 -29.98
C ILE H 154 27.89 29.83 -29.34
N SER H 155 27.81 28.64 -28.73
CA SER H 155 29.01 27.93 -28.32
C SER H 155 29.77 27.54 -29.57
N CYS H 156 31.04 27.95 -29.65
CA CYS H 156 31.83 27.67 -30.83
C CYS H 156 33.29 27.57 -30.44
N CYS H 157 34.07 27.01 -31.37
CA CYS H 157 35.52 26.87 -31.22
C CYS H 157 36.16 27.68 -32.34
N PHE H 158 36.80 28.78 -31.97
CA PHE H 158 37.50 29.61 -32.94
C PHE H 158 38.87 29.04 -33.23
N ASN H 159 39.22 28.98 -34.50
CA ASN H 159 40.51 28.43 -34.92
C ASN H 159 40.94 29.06 -36.24
N ASN I 16 22.44 31.18 30.80
CA ASN I 16 23.35 31.57 31.88
C ASN I 16 22.55 32.08 33.09
N SER I 17 23.10 33.05 33.81
CA SER I 17 22.49 33.54 35.04
C SER I 17 21.61 34.75 34.76
N ASN I 18 20.93 35.22 35.80
CA ASN I 18 20.04 36.36 35.71
C ASN I 18 20.63 37.62 36.33
N VAL I 19 21.88 37.57 36.79
CA VAL I 19 22.51 38.69 37.47
C VAL I 19 23.92 38.90 36.93
N VAL I 20 24.44 40.10 37.19
CA VAL I 20 25.81 40.41 36.82
C VAL I 20 26.76 39.44 37.50
N THR I 21 27.85 39.12 36.81
CA THR I 21 28.87 38.21 37.32
C THR I 21 30.24 38.85 37.14
N MET I 22 31.12 38.61 38.10
CA MET I 22 32.46 39.17 38.05
CA MET I 22 32.46 39.17 38.06
C MET I 22 33.28 38.51 36.95
N ILE I 23 34.15 39.30 36.33
CA ILE I 23 35.08 38.82 35.32
C ILE I 23 36.48 39.03 35.87
N ARG I 24 37.19 37.94 36.13
CA ARG I 24 38.56 38.04 36.63
C ARG I 24 39.48 38.47 35.49
N ALA I 25 39.32 39.72 35.06
CA ALA I 25 40.10 40.27 33.96
C ALA I 25 41.56 40.39 34.36
N GLY I 26 42.43 40.41 33.35
CA GLY I 26 43.86 40.46 33.59
C GLY I 26 44.54 41.65 32.93
N SER I 27 45.74 41.42 32.43
CA SER I 27 46.52 42.49 31.80
C SER I 27 45.66 43.23 30.78
N TYR I 28 45.96 44.51 30.60
CA TYR I 28 45.22 45.31 29.62
C TYR I 28 45.45 44.72 28.23
N PRO I 29 44.41 44.55 27.42
CA PRO I 29 44.56 43.88 26.13
C PRO I 29 44.97 44.84 25.02
N LYS I 30 45.36 44.25 23.90
CA LYS I 30 45.52 45.01 22.68
C LYS I 30 44.15 45.42 22.17
N VAL I 31 43.97 46.72 21.90
CA VAL I 31 42.68 47.27 21.54
C VAL I 31 42.80 47.99 20.20
N ASN I 32 41.65 48.30 19.62
CA ASN I 32 41.61 49.07 18.38
C ASN I 32 40.31 49.84 18.30
N PRO I 33 40.35 51.17 18.46
CA PRO I 33 39.09 51.93 18.42
C PRO I 33 38.48 52.01 17.03
N THR I 34 39.29 51.86 15.97
CA THR I 34 38.84 52.06 14.60
C THR I 34 39.07 50.79 13.78
N PRO I 35 38.43 49.69 14.16
CA PRO I 35 38.67 48.41 13.46
C PRO I 35 38.21 48.42 12.01
N THR I 36 38.40 47.30 11.31
CA THR I 36 37.95 47.14 9.95
C THR I 36 36.49 46.67 9.95
N TRP I 37 35.92 46.51 8.75
CA TRP I 37 34.52 46.13 8.65
C TRP I 37 34.27 45.53 7.28
N VAL I 38 33.77 44.30 7.24
CA VAL I 38 33.36 43.66 6.00
C VAL I 38 31.88 43.92 5.80
N ARG I 39 31.52 44.39 4.61
CA ARG I 39 30.20 44.94 4.38
C ARG I 39 29.70 44.60 2.99
N ALA I 40 28.38 44.63 2.83
CA ALA I 40 27.72 44.64 1.54
C ALA I 40 26.98 45.97 1.44
N ILE I 41 27.52 46.89 0.64
CA ILE I 41 27.03 48.27 0.59
C ILE I 41 26.02 48.36 -0.55
N PRO I 42 24.73 48.57 -0.26
CA PRO I 42 23.77 48.81 -1.35
C PRO I 42 23.67 50.28 -1.69
N PHE I 43 23.71 50.60 -2.98
CA PHE I 43 23.51 51.97 -3.43
C PHE I 43 23.17 51.94 -4.91
N GLU I 44 22.59 53.03 -5.39
CA GLU I 44 22.11 53.14 -6.75
C GLU I 44 22.93 54.19 -7.50
N VAL I 45 22.91 54.08 -8.83
CA VAL I 45 23.58 55.02 -9.70
C VAL I 45 22.67 55.32 -10.89
N SER I 46 22.66 56.57 -11.33
CA SER I 46 21.93 56.94 -12.52
C SER I 46 22.74 56.60 -13.76
N VAL I 47 22.08 56.01 -14.74
CA VAL I 47 22.71 55.56 -15.97
C VAL I 47 21.93 56.16 -17.14
N GLN I 48 22.63 56.38 -18.25
CA GLN I 48 22.03 56.91 -19.45
C GLN I 48 22.14 55.88 -20.57
N SER I 49 21.18 55.94 -21.49
CA SER I 49 21.13 54.98 -22.57
C SER I 49 22.41 55.02 -23.39
N GLY I 50 23.00 53.85 -23.63
CA GLY I 50 24.15 53.75 -24.50
C GLY I 50 25.37 54.50 -24.05
N ILE I 51 25.46 54.83 -22.77
CA ILE I 51 26.63 55.53 -22.22
C ILE I 51 27.07 54.82 -20.95
N ALA I 52 28.34 54.47 -20.89
CA ALA I 52 28.89 53.86 -19.69
C ALA I 52 29.04 54.90 -18.59
N PHE I 53 28.73 54.50 -17.37
CA PHE I 53 28.89 55.36 -16.20
C PHE I 53 29.90 54.71 -15.26
N LYS I 54 30.98 55.45 -14.95
CA LYS I 54 32.00 54.97 -14.04
C LYS I 54 31.51 55.12 -12.60
N VAL I 55 31.48 54.02 -11.87
CA VAL I 55 31.00 54.02 -10.47
C VAL I 55 32.14 54.51 -9.59
N PRO I 56 31.96 55.60 -8.84
CA PRO I 56 33.04 56.08 -7.98
C PRO I 56 33.09 55.29 -6.67
N VAL I 57 34.30 54.90 -6.28
CA VAL I 57 34.49 54.23 -5.00
C VAL I 57 33.97 55.10 -3.87
N GLY I 58 34.08 56.42 -4.01
CA GLY I 58 33.64 57.35 -2.99
C GLY I 58 32.20 57.16 -2.55
N SER I 59 31.39 56.54 -3.41
CA SER I 59 30.01 56.27 -3.05
C SER I 59 29.94 55.36 -1.82
N LEU I 60 30.96 54.54 -1.60
CA LEU I 60 30.97 53.64 -0.45
C LEU I 60 31.23 54.34 0.86
N PHE I 61 31.74 55.57 0.83
CA PHE I 61 32.03 56.34 2.03
C PHE I 61 30.90 57.34 2.24
N SER I 62 30.00 57.02 3.16
CA SER I 62 28.86 57.87 3.46
C SER I 62 28.33 57.49 4.83
N ALA I 63 27.85 58.48 5.58
CA ALA I 63 27.23 58.21 6.87
C ALA I 63 26.01 57.30 6.73
N ASN I 64 25.40 57.27 5.55
CA ASN I 64 24.27 56.38 5.32
C ASN I 64 24.67 54.91 5.39
N PHE I 65 25.97 54.62 5.32
CA PHE I 65 26.47 53.26 5.43
C PHE I 65 27.32 53.05 6.67
N ARG I 66 27.49 54.08 7.50
CA ARG I 66 28.33 54.03 8.69
C ARG I 66 29.82 53.94 8.35
N THR I 67 30.21 54.41 7.17
CA THR I 67 31.59 54.27 6.70
C THR I 67 32.25 55.62 6.40
N ASP I 68 31.65 56.74 6.81
CA ASP I 68 32.29 58.02 6.61
C ASP I 68 33.64 58.12 7.32
N SER I 69 33.90 57.22 8.27
CA SER I 69 35.17 57.20 9.00
C SER I 69 36.28 56.49 8.24
N PHE I 70 35.95 55.75 7.18
CA PHE I 70 36.96 55.08 6.37
C PHE I 70 37.35 55.96 5.20
N THR I 71 38.63 55.92 4.85
CA THR I 71 39.15 56.62 3.68
C THR I 71 39.72 55.66 2.64
N SER I 72 39.63 54.35 2.86
CA SER I 72 40.12 53.36 1.92
C SER I 72 39.31 52.09 2.10
N VAL I 73 39.15 51.34 1.02
CA VAL I 73 38.30 50.15 1.02
C VAL I 73 38.82 49.16 -0.01
N THR I 74 38.76 47.89 0.35
CA THR I 74 39.15 46.79 -0.54
C THR I 74 37.89 46.16 -1.11
N VAL I 75 37.71 46.27 -2.42
CA VAL I 75 36.52 45.75 -3.09
C VAL I 75 36.73 44.27 -3.39
N MET I 76 35.76 43.44 -2.99
CA MET I 76 35.81 42.00 -3.21
C MET I 76 34.96 41.55 -4.38
N SER I 77 33.68 41.95 -4.41
CA SER I 77 32.80 41.60 -5.50
C SER I 77 31.84 42.76 -5.76
N VAL I 78 31.31 42.79 -6.98
CA VAL I 78 30.38 43.82 -7.42
C VAL I 78 29.20 43.12 -8.08
N ARG I 79 28.01 43.32 -7.55
CA ARG I 79 26.78 42.80 -8.12
C ARG I 79 25.85 43.96 -8.43
N ALA I 80 25.19 43.88 -9.60
CA ALA I 80 24.41 44.98 -10.12
C ALA I 80 23.06 44.48 -10.60
N TRP I 81 22.01 45.24 -10.27
CA TRP I 81 20.67 44.99 -10.76
C TRP I 81 20.13 46.25 -11.40
N THR I 82 19.35 46.08 -12.48
CA THR I 82 18.60 47.20 -13.01
C THR I 82 17.57 47.64 -11.98
N GLN I 83 17.51 48.94 -11.71
CA GLN I 83 16.68 49.49 -10.65
C GLN I 83 15.35 50.04 -11.15
N LEU I 84 15.19 50.21 -12.46
CA LEU I 84 13.96 50.73 -13.03
C LEU I 84 13.60 49.92 -14.27
N THR I 85 12.35 50.06 -14.71
CA THR I 85 11.88 49.29 -15.85
C THR I 85 12.71 49.62 -17.09
N PRO I 86 12.82 48.69 -18.03
CA PRO I 86 13.55 48.97 -19.26
C PRO I 86 12.69 49.74 -20.24
N PRO I 87 13.26 50.18 -21.36
CA PRO I 87 12.43 50.83 -22.39
C PRO I 87 11.30 49.91 -22.84
N VAL I 88 10.34 50.50 -23.56
CA VAL I 88 9.22 49.73 -24.07
C VAL I 88 9.74 48.66 -25.03
N ASN I 89 9.16 47.47 -24.94
CA ASN I 89 9.44 46.34 -25.82
C ASN I 89 10.82 45.73 -25.57
N GLU I 90 11.58 46.22 -24.59
CA GLU I 90 12.91 45.71 -24.32
C GLU I 90 12.95 44.96 -22.99
N TYR I 91 13.80 43.93 -22.94
CA TYR I 91 14.12 43.26 -21.70
C TYR I 91 15.29 43.98 -21.04
N SER I 92 15.19 44.19 -19.73
CA SER I 92 16.26 44.83 -18.99
C SER I 92 17.59 44.14 -19.26
N PHE I 93 18.66 44.92 -19.20
CA PHE I 93 20.00 44.36 -19.22
C PHE I 93 20.94 45.31 -18.50
N VAL I 94 22.02 44.74 -17.96
CA VAL I 94 23.05 45.51 -17.27
C VAL I 94 24.40 44.88 -17.60
N ARG I 95 25.39 45.72 -17.85
CA ARG I 95 26.76 45.28 -18.07
C ARG I 95 27.65 45.83 -16.97
N LEU I 96 28.78 45.15 -16.75
CA LEU I 96 29.77 45.59 -15.79
C LEU I 96 31.16 45.39 -16.38
N LYS I 97 31.96 46.46 -16.39
CA LYS I 97 33.34 46.40 -16.85
C LYS I 97 34.25 46.74 -15.68
N PRO I 98 34.92 45.75 -15.09
CA PRO I 98 35.79 46.05 -13.94
C PRO I 98 36.87 47.07 -14.30
N LEU I 99 37.17 47.93 -13.33
CA LEU I 99 38.20 48.95 -13.49
C LEU I 99 39.21 48.82 -12.37
N PHE I 100 40.49 48.92 -12.71
CA PHE I 100 41.57 48.82 -11.73
C PHE I 100 42.61 49.87 -12.01
N LYS I 101 43.15 50.46 -10.93
CA LYS I 101 44.18 51.50 -11.08
C LYS I 101 45.36 51.00 -11.89
N THR I 102 45.80 49.76 -11.63
CA THR I 102 46.93 49.21 -12.37
C THR I 102 46.59 48.91 -13.83
N GLY I 103 45.32 48.72 -14.14
CA GLY I 103 44.91 48.48 -15.51
C GLY I 103 43.46 48.08 -15.62
N ASP I 104 42.65 48.91 -16.28
CA ASP I 104 41.23 48.61 -16.43
C ASP I 104 41.05 47.34 -17.26
N SER I 105 39.94 46.67 -17.02
CA SER I 105 39.59 45.47 -17.78
C SER I 105 38.71 45.85 -18.98
N THR I 106 38.60 44.92 -19.92
CA THR I 106 37.71 45.07 -21.05
C THR I 106 36.54 44.08 -21.00
N GLU I 107 36.44 43.28 -19.93
CA GLU I 107 35.30 42.39 -19.77
C GLU I 107 34.01 43.19 -19.65
N GLU I 108 32.96 42.71 -20.29
CA GLU I 108 31.63 43.29 -20.18
C GLU I 108 30.68 42.22 -19.64
N PHE I 109 30.84 41.90 -18.35
CA PHE I 109 29.95 40.96 -17.68
C PHE I 109 28.53 41.48 -17.79
N GLU I 110 27.69 40.79 -18.55
CA GLU I 110 26.36 41.25 -18.89
C GLU I 110 25.32 40.25 -18.45
N GLY I 111 24.27 40.76 -17.86
CA GLY I 111 23.10 39.95 -17.53
C GLY I 111 21.86 40.61 -18.08
N ARG I 112 20.96 39.78 -18.59
CA ARG I 112 19.70 40.26 -19.13
C ARG I 112 18.56 39.64 -18.37
N ALA I 113 17.42 40.30 -18.40
CA ALA I 113 16.20 39.75 -17.83
C ALA I 113 15.47 38.94 -18.90
N SER I 114 14.94 37.79 -18.51
CA SER I 114 14.13 36.98 -19.41
C SER I 114 12.65 37.30 -19.29
N ASN I 115 12.29 38.25 -18.43
CA ASN I 115 10.92 38.74 -18.29
C ASN I 115 10.99 40.25 -18.15
N ILE I 116 10.37 40.97 -19.11
CA ILE I 116 10.51 42.42 -19.18
C ILE I 116 10.32 43.05 -17.80
N ASN I 117 9.37 42.53 -17.03
CA ASN I 117 9.06 43.07 -15.71
C ASN I 117 10.09 42.69 -14.66
N THR I 118 11.14 41.97 -15.02
CA THR I 118 12.09 41.45 -14.05
C THR I 118 13.44 42.15 -14.18
N ARG I 119 14.10 42.33 -13.04
CA ARG I 119 15.42 42.94 -13.02
C ARG I 119 16.41 42.09 -13.81
N ALA I 120 17.21 42.75 -14.65
CA ALA I 120 18.45 42.14 -15.08
C ALA I 120 19.46 42.20 -13.95
N SER I 121 20.44 41.30 -13.97
CA SER I 121 21.45 41.33 -12.93
C SER I 121 22.70 40.64 -13.42
N VAL I 122 23.84 41.06 -12.87
CA VAL I 122 25.12 40.44 -13.16
C VAL I 122 26.10 40.94 -12.12
N GLY I 123 27.23 40.26 -12.01
CA GLY I 123 28.25 40.67 -11.06
C GLY I 123 29.55 39.96 -11.37
N TYR I 124 30.60 40.44 -10.73
CA TYR I 124 31.92 39.86 -10.93
C TYR I 124 32.66 39.84 -9.61
N ARG I 125 33.62 38.91 -9.52
CA ARG I 125 34.50 38.76 -8.38
C ARG I 125 35.85 39.35 -8.73
N ILE I 126 36.52 39.92 -7.73
CA ILE I 126 37.86 40.46 -7.88
C ILE I 126 38.84 39.45 -7.28
N PRO I 127 39.75 38.88 -8.07
CA PRO I 127 40.66 37.88 -7.50
C PRO I 127 41.53 38.48 -6.41
N THR I 128 41.95 37.63 -5.47
CA THR I 128 42.72 38.10 -4.33
C THR I 128 43.91 38.97 -4.75
N ASN I 129 44.52 38.66 -5.90
CA ASN I 129 45.70 39.39 -6.33
C ASN I 129 45.38 40.81 -6.82
N LEU I 130 44.11 41.11 -7.10
CA LEU I 130 43.71 42.44 -7.52
C LEU I 130 42.95 43.19 -6.43
N ARG I 131 42.94 42.66 -5.22
CA ARG I 131 42.20 43.26 -4.11
C ARG I 131 43.11 44.18 -3.31
N GLN I 132 43.45 45.31 -3.93
CA GLN I 132 44.16 46.38 -3.27
C GLN I 132 43.15 47.42 -2.76
N ASN I 133 43.63 48.31 -1.91
CA ASN I 133 42.78 49.38 -1.43
C ASN I 133 42.41 50.34 -2.55
N THR I 134 41.27 51.00 -2.39
CA THR I 134 40.86 52.08 -3.27
C THR I 134 40.36 53.24 -2.41
N VAL I 135 40.46 54.44 -2.96
CA VAL I 135 40.05 55.66 -2.26
C VAL I 135 38.89 56.29 -3.03
N ALA I 136 38.29 57.31 -2.41
CA ALA I 136 37.08 57.92 -2.96
C ALA I 136 37.28 58.37 -4.40
N ALA I 137 38.50 58.74 -4.77
CA ALA I 137 38.74 59.20 -6.14
C ALA I 137 38.74 58.07 -7.15
N ASP I 138 39.01 56.85 -6.72
CA ASP I 138 39.12 55.73 -7.64
C ASP I 138 37.73 55.34 -8.17
N ASN I 139 37.72 54.37 -9.08
CA ASN I 139 36.48 53.91 -9.70
C ASN I 139 36.41 52.39 -9.67
N VAL I 140 35.24 51.88 -9.29
CA VAL I 140 35.04 50.43 -9.20
C VAL I 140 34.91 49.83 -10.59
N CYS I 141 33.95 50.32 -11.37
CA CYS I 141 33.59 49.69 -12.62
C CYS I 141 32.77 50.64 -13.47
N GLU I 142 32.71 50.34 -14.76
CA GLU I 142 31.76 50.99 -15.67
C GLU I 142 30.46 50.21 -15.68
N VAL I 143 29.34 50.94 -15.71
CA VAL I 143 28.02 50.34 -15.79
C VAL I 143 27.35 50.82 -17.07
N ARG I 144 26.82 49.89 -17.84
CA ARG I 144 25.95 50.18 -18.97
C ARG I 144 24.62 49.48 -18.74
N SER I 145 23.55 50.09 -19.25
CA SER I 145 22.22 49.52 -19.09
C SER I 145 21.24 50.32 -19.93
N ASN I 146 20.19 49.64 -20.40
CA ASN I 146 19.07 50.33 -21.01
C ASN I 146 18.15 50.94 -19.96
N CYS I 147 18.24 50.49 -18.71
CA CYS I 147 17.49 51.10 -17.62
C CYS I 147 18.21 52.34 -17.13
N ARG I 148 17.45 53.29 -16.63
CA ARG I 148 17.98 54.60 -16.26
C ARG I 148 18.51 54.65 -14.83
N GLN I 149 18.49 53.53 -14.12
CA GLN I 149 19.08 53.46 -12.78
CA GLN I 149 19.08 53.45 -12.79
C GLN I 149 19.49 52.02 -12.53
N VAL I 150 20.64 51.84 -11.88
CA VAL I 150 21.19 50.52 -11.59
C VAL I 150 21.49 50.44 -10.11
N ALA I 151 21.00 49.38 -9.47
CA ALA I 151 21.25 49.13 -8.06
C ALA I 151 22.50 48.28 -7.91
N LEU I 152 23.45 48.76 -7.11
CA LEU I 152 24.69 48.03 -6.85
C LEU I 152 24.72 47.54 -5.41
N VAL I 153 25.33 46.38 -5.22
CA VAL I 153 25.63 45.82 -3.90
C VAL I 153 27.07 45.36 -3.96
N ILE I 154 27.96 46.08 -3.29
CA ILE I 154 29.39 45.84 -3.36
C ILE I 154 29.84 45.23 -2.03
N SER I 155 30.37 44.01 -2.11
CA SER I 155 31.00 43.38 -0.96
C SER I 155 32.45 43.87 -0.89
N CYS I 156 32.82 44.43 0.26
CA CYS I 156 34.11 45.08 0.38
C CYS I 156 34.51 45.16 1.84
N CYS I 157 35.81 45.32 2.07
CA CYS I 157 36.40 45.38 3.40
C CYS I 157 36.88 46.80 3.63
N PHE I 158 36.17 47.54 4.49
CA PHE I 158 36.56 48.89 4.84
C PHE I 158 37.73 48.87 5.81
N ASN I 159 38.77 49.64 5.49
CA ASN I 159 39.96 49.71 6.33
C ASN I 159 40.58 51.10 6.28
N THR J 13 -9.48 4.15 13.46
CA THR J 13 -8.83 2.98 14.06
C THR J 13 -8.51 3.23 15.53
N GLY J 14 -7.58 4.14 15.79
CA GLY J 14 -7.22 4.48 17.16
C GLY J 14 -8.19 5.46 17.78
N ASP J 15 -9.39 5.52 17.21
CA ASP J 15 -10.45 6.42 17.67
C ASP J 15 -10.77 6.23 19.15
N ASN J 16 -11.83 6.90 19.60
CA ASN J 16 -12.38 6.69 20.94
C ASN J 16 -13.81 6.19 20.82
N SER J 17 -14.69 6.69 21.68
CA SER J 17 -16.04 6.15 21.78
C SER J 17 -17.02 6.92 20.89
N ASN J 18 -18.25 6.43 20.86
CA ASN J 18 -19.37 7.12 20.22
C ASN J 18 -20.32 7.71 21.25
N VAL J 19 -19.98 7.62 22.54
CA VAL J 19 -20.82 8.13 23.62
C VAL J 19 -19.96 8.94 24.59
N VAL J 20 -20.63 9.54 25.55
CA VAL J 20 -19.96 10.28 26.62
C VAL J 20 -19.35 9.30 27.61
N THR J 21 -18.27 9.71 28.24
CA THR J 21 -17.52 8.86 29.16
C THR J 21 -17.15 9.64 30.41
N MET J 22 -17.31 8.99 31.56
CA MET J 22 -17.03 9.66 32.82
CA MET J 22 -17.03 9.65 32.83
C MET J 22 -15.55 10.02 32.93
N ILE J 23 -15.28 11.15 33.56
CA ILE J 23 -13.92 11.60 33.85
C ILE J 23 -13.75 11.58 35.36
N ARG J 24 -12.84 10.74 35.85
CA ARG J 24 -12.54 10.66 37.28
C ARG J 24 -11.65 11.84 37.66
N ALA J 25 -12.27 13.02 37.66
CA ALA J 25 -11.57 14.25 38.00
C ALA J 25 -11.17 14.28 39.47
N GLY J 26 -10.22 15.14 39.79
CA GLY J 26 -9.70 15.24 41.14
C GLY J 26 -9.84 16.63 41.72
N SER J 27 -8.90 17.03 42.57
CA SER J 27 -8.92 18.35 43.18
C SER J 27 -9.11 19.41 42.11
N TYR J 28 -9.73 20.53 42.50
CA TYR J 28 -9.88 21.64 41.58
C TYR J 28 -8.50 22.08 41.08
N PRO J 29 -8.33 22.30 39.78
CA PRO J 29 -6.98 22.57 39.26
C PRO J 29 -6.60 24.04 39.35
N LYS J 30 -5.38 24.35 38.93
CA LYS J 30 -4.98 25.73 38.70
C LYS J 30 -5.60 26.19 37.38
N VAL J 31 -6.08 27.43 37.36
CA VAL J 31 -6.86 27.93 36.23
C VAL J 31 -6.43 29.34 35.92
N ASN J 32 -6.81 29.79 34.72
CA ASN J 32 -6.54 31.15 34.27
C ASN J 32 -7.55 31.54 33.19
N PRO J 33 -8.50 32.42 33.49
CA PRO J 33 -9.50 32.78 32.48
C PRO J 33 -8.93 33.64 31.34
N THR J 34 -7.77 34.25 31.52
CA THR J 34 -7.21 35.20 30.55
C THR J 34 -5.78 34.81 30.23
N PRO J 35 -5.59 33.72 29.50
CA PRO J 35 -4.25 33.21 29.24
C PRO J 35 -3.51 34.05 28.21
N THR J 36 -2.23 33.72 28.04
CA THR J 36 -1.43 34.34 27.00
C THR J 36 -1.82 33.77 25.64
N TRP J 37 -1.18 34.26 24.58
CA TRP J 37 -1.56 33.83 23.24
C TRP J 37 -0.52 34.27 22.21
N VAL J 38 0.24 33.31 21.70
CA VAL J 38 1.20 33.59 20.63
C VAL J 38 0.44 33.76 19.33
N ARG J 39 0.74 34.82 18.59
CA ARG J 39 -0.06 35.21 17.44
C ARG J 39 0.82 35.79 16.35
N ALA J 40 0.38 35.61 15.11
CA ALA J 40 0.86 36.38 13.97
C ALA J 40 -0.29 37.28 13.54
N ILE J 41 -0.12 38.58 13.73
CA ILE J 41 -1.20 39.55 13.53
C ILE J 41 -0.96 40.22 12.18
N PRO J 42 -1.88 40.08 11.22
CA PRO J 42 -1.72 40.78 9.94
C PRO J 42 -2.51 42.08 9.93
N PHE J 43 -1.85 43.16 9.53
CA PHE J 43 -2.53 44.44 9.37
C PHE J 43 -1.70 45.31 8.45
N GLU J 44 -2.36 46.26 7.82
CA GLU J 44 -1.73 47.15 6.85
C GLU J 44 -1.54 48.53 7.47
N VAL J 45 -0.67 49.30 6.84
CA VAL J 45 -0.43 50.68 7.22
C VAL J 45 -0.23 51.47 5.94
N SER J 46 -0.65 52.73 5.96
CA SER J 46 -0.41 53.63 4.84
C SER J 46 0.90 54.36 5.07
N VAL J 47 1.63 54.59 3.98
N VAL J 47 1.65 54.57 3.99
CA VAL J 47 2.93 55.23 4.01
CA VAL J 47 2.93 55.24 4.04
C VAL J 47 2.97 56.28 2.92
C VAL J 47 2.98 56.28 2.92
N GLN J 48 3.58 57.43 3.21
CA GLN J 48 3.75 58.49 2.23
C GLN J 48 5.14 58.34 1.61
N SER J 49 5.28 58.81 0.37
CA SER J 49 6.56 58.74 -0.31
C SER J 49 7.63 59.48 0.50
N GLY J 50 8.76 58.80 0.75
CA GLY J 50 9.90 59.40 1.40
C GLY J 50 9.76 59.67 2.88
N ILE J 51 8.58 59.50 3.46
CA ILE J 51 8.35 59.78 4.87
C ILE J 51 8.23 58.45 5.60
N ALA J 52 9.00 58.31 6.69
CA ALA J 52 8.91 57.11 7.51
C ALA J 52 7.66 57.15 8.37
N PHE J 53 6.99 56.01 8.45
CA PHE J 53 5.77 55.86 9.24
C PHE J 53 6.07 54.98 10.45
N LYS J 54 5.81 55.50 11.65
CA LYS J 54 6.00 54.74 12.87
C LYS J 54 4.78 53.86 13.12
N VAL J 55 5.03 52.56 13.27
CA VAL J 55 3.95 51.57 13.42
C VAL J 55 3.56 51.52 14.89
N PRO J 56 2.36 51.99 15.26
CA PRO J 56 1.97 51.94 16.67
C PRO J 56 1.78 50.50 17.14
N VAL J 57 2.34 50.20 18.32
CA VAL J 57 2.06 48.92 18.94
C VAL J 57 0.56 48.72 19.11
N GLY J 58 -0.19 49.82 19.21
CA GLY J 58 -1.61 49.74 19.47
C GLY J 58 -2.41 49.07 18.37
N SER J 59 -1.87 49.01 17.16
CA SER J 59 -2.59 48.33 16.08
C SER J 59 -2.81 46.86 16.37
N LEU J 60 -2.00 46.27 17.27
CA LEU J 60 -2.09 44.85 17.55
C LEU J 60 -3.26 44.51 18.47
N PHE J 61 -3.68 45.46 19.29
CA PHE J 61 -4.82 45.27 20.18
C PHE J 61 -6.08 45.70 19.43
N SER J 62 -6.96 44.74 19.17
CA SER J 62 -8.15 45.05 18.40
C SER J 62 -9.09 43.85 18.43
N ALA J 63 -10.40 44.13 18.34
CA ALA J 63 -11.37 43.07 18.21
C ALA J 63 -11.26 42.36 16.87
N ASN J 64 -10.66 43.00 15.88
CA ASN J 64 -10.41 42.33 14.61
C ASN J 64 -9.48 41.14 14.78
N PHE J 65 -8.63 41.16 15.80
CA PHE J 65 -7.65 40.11 16.05
C PHE J 65 -7.99 39.27 17.28
N ARG J 66 -9.14 39.51 17.90
CA ARG J 66 -9.49 38.90 19.18
C ARG J 66 -8.52 39.31 20.28
N THR J 67 -7.81 40.42 20.11
CA THR J 67 -6.79 40.87 21.04
C THR J 67 -7.17 42.15 21.78
N ASP J 68 -8.44 42.57 21.72
CA ASP J 68 -8.85 43.77 22.42
C ASP J 68 -8.79 43.60 23.94
N SER J 69 -8.75 42.36 24.43
CA SER J 69 -8.63 42.12 25.86
C SER J 69 -7.22 42.30 26.40
N PHE J 70 -6.22 42.41 25.51
CA PHE J 70 -4.84 42.59 25.93
C PHE J 70 -4.48 44.08 25.95
N THR J 71 -3.56 44.43 26.84
CA THR J 71 -2.97 45.76 26.89
C THR J 71 -1.47 45.74 26.64
N SER J 72 -0.81 44.60 26.79
CA SER J 72 0.61 44.46 26.55
C SER J 72 0.83 43.35 25.54
N VAL J 73 2.03 43.33 24.95
CA VAL J 73 2.37 42.30 23.98
C VAL J 73 3.88 42.28 23.82
N THR J 74 4.43 41.08 23.68
CA THR J 74 5.86 40.89 23.41
C THR J 74 6.02 40.63 21.92
N VAL J 75 6.59 41.59 21.21
CA VAL J 75 6.83 41.42 19.78
C VAL J 75 8.09 40.60 19.57
N MET J 76 8.00 39.57 18.74
CA MET J 76 9.13 38.68 18.48
C MET J 76 9.79 38.94 17.14
N SER J 77 9.01 39.03 16.06
CA SER J 77 9.55 39.29 14.74
C SER J 77 8.56 40.14 13.96
N VAL J 78 9.10 40.92 13.03
CA VAL J 78 8.32 41.83 12.21
C VAL J 78 8.63 41.52 10.75
N ARG J 79 7.59 41.25 9.97
CA ARG J 79 7.71 41.05 8.53
C ARG J 79 6.79 42.02 7.82
N ALA J 80 7.19 42.46 6.64
CA ALA J 80 6.47 43.49 5.92
C ALA J 80 6.49 43.22 4.43
N TRP J 81 5.35 43.49 3.79
CA TRP J 81 5.20 43.38 2.35
C TRP J 81 4.56 44.66 1.83
N THR J 82 5.08 45.20 0.74
CA THR J 82 4.39 46.26 0.04
C THR J 82 2.99 45.76 -0.35
N GLN J 83 1.98 46.60 -0.14
CA GLN J 83 0.60 46.21 -0.35
C GLN J 83 0.01 46.75 -1.65
N LEU J 84 0.64 47.74 -2.26
CA LEU J 84 0.16 48.32 -3.51
C LEU J 84 1.32 48.44 -4.48
N THR J 85 0.98 48.62 -5.77
CA THR J 85 1.99 48.67 -6.80
C THR J 85 2.94 49.84 -6.55
N PRO J 86 4.12 49.81 -7.14
CA PRO J 86 5.07 50.90 -6.98
C PRO J 86 4.75 52.03 -7.95
N PRO J 87 5.49 53.12 -7.91
CA PRO J 87 5.37 54.14 -8.94
C PRO J 87 5.78 53.59 -10.30
N VAL J 88 5.26 54.23 -11.35
CA VAL J 88 5.64 53.83 -12.70
C VAL J 88 7.15 53.77 -12.81
N ASN J 89 7.65 52.79 -13.57
CA ASN J 89 9.06 52.59 -13.85
C ASN J 89 9.85 52.08 -12.66
N GLU J 90 9.23 51.83 -11.50
CA GLU J 90 9.95 51.50 -10.29
C GLU J 90 9.63 50.09 -9.83
N TYR J 91 10.60 49.48 -9.14
CA TYR J 91 10.41 48.21 -8.44
C TYR J 91 10.02 48.49 -6.99
N SER J 92 9.00 47.79 -6.50
CA SER J 92 8.61 47.93 -5.11
C SER J 92 9.80 47.71 -4.19
N PHE J 93 9.90 48.54 -3.16
CA PHE J 93 10.87 48.32 -2.09
C PHE J 93 10.18 48.63 -0.77
N VAL J 94 10.79 48.16 0.32
CA VAL J 94 10.27 48.39 1.65
C VAL J 94 11.43 48.33 2.64
N ARG J 95 11.35 49.15 3.68
CA ARG J 95 12.39 49.24 4.69
C ARG J 95 11.75 49.11 6.07
N LEU J 96 12.57 48.74 7.05
CA LEU J 96 12.12 48.60 8.42
C LEU J 96 13.24 49.06 9.34
N LYS J 97 12.91 49.96 10.26
CA LYS J 97 13.84 50.39 11.31
C LYS J 97 13.28 49.98 12.67
N PRO J 98 13.90 49.02 13.36
CA PRO J 98 13.34 48.59 14.66
C PRO J 98 13.39 49.72 15.68
N LEU J 99 12.28 49.89 16.39
CA LEU J 99 12.18 50.87 17.47
C LEU J 99 12.05 50.16 18.80
N PHE J 100 12.77 50.66 19.81
CA PHE J 100 12.69 50.11 21.15
C PHE J 100 12.68 51.24 22.16
N LYS J 101 11.88 51.07 23.22
CA LYS J 101 11.80 52.10 24.25
CA LYS J 101 11.80 52.08 24.27
C LYS J 101 13.17 52.34 24.89
N THR J 102 13.94 51.27 25.09
CA THR J 102 15.27 51.39 25.67
C THR J 102 16.30 51.89 24.66
N GLY J 103 15.87 52.35 23.49
CA GLY J 103 16.79 52.88 22.52
C GLY J 103 16.45 52.46 21.10
N ASP J 104 16.09 53.41 20.25
CA ASP J 104 15.79 53.10 18.87
C ASP J 104 17.03 52.61 18.14
N SER J 105 16.82 51.73 17.17
CA SER J 105 17.91 51.29 16.31
C SER J 105 18.03 52.21 15.09
N THR J 106 19.16 52.09 14.40
CA THR J 106 19.39 52.81 13.15
C THR J 106 19.48 51.85 11.97
N GLU J 107 19.02 50.61 12.13
CA GLU J 107 19.03 49.66 11.04
C GLU J 107 17.92 49.99 10.04
N GLU J 108 18.19 49.70 8.77
N GLU J 108 18.19 49.68 8.78
CA GLU J 108 17.22 49.92 7.69
CA GLU J 108 17.25 49.92 7.68
C GLU J 108 17.11 48.62 6.89
C GLU J 108 17.09 48.63 6.88
N PHE J 109 16.54 47.60 7.52
CA PHE J 109 16.34 46.31 6.87
C PHE J 109 15.45 46.52 5.65
N GLU J 110 16.02 46.33 4.46
CA GLU J 110 15.35 46.67 3.22
C GLU J 110 15.24 45.43 2.34
N GLY J 111 14.07 45.22 1.77
CA GLY J 111 13.88 44.22 0.75
C GLY J 111 13.24 44.84 -0.46
N ARG J 112 13.71 44.45 -1.63
CA ARG J 112 13.17 44.95 -2.88
C ARG J 112 12.58 43.80 -3.68
N ALA J 113 11.68 44.16 -4.60
CA ALA J 113 11.19 43.20 -5.57
C ALA J 113 12.15 43.15 -6.75
N SER J 114 12.17 41.99 -7.41
CA SER J 114 12.86 41.84 -8.68
C SER J 114 11.90 41.85 -9.86
N ASN J 115 10.59 41.94 -9.59
CA ASN J 115 9.57 41.98 -10.63
C ASN J 115 8.58 43.07 -10.23
N ILE J 116 8.50 44.14 -11.03
CA ILE J 116 7.70 45.30 -10.65
C ILE J 116 6.31 44.88 -10.19
N ASN J 117 5.76 43.82 -10.79
CA ASN J 117 4.44 43.34 -10.42
C ASN J 117 4.44 42.59 -9.10
N THR J 118 5.59 42.41 -8.47
CA THR J 118 5.72 41.58 -7.28
C THR J 118 5.95 42.44 -6.05
N ARG J 119 5.46 41.95 -4.92
CA ARG J 119 5.67 42.63 -3.64
C ARG J 119 7.14 42.59 -3.26
N ALA J 120 7.63 43.70 -2.71
CA ALA J 120 8.87 43.66 -1.94
C ALA J 120 8.56 43.18 -0.53
N SER J 121 9.59 42.68 0.14
CA SER J 121 9.36 42.11 1.47
C SER J 121 10.66 42.05 2.24
N VAL J 122 10.55 42.21 3.55
CA VAL J 122 11.68 42.07 4.45
C VAL J 122 11.13 41.94 5.87
N GLY J 123 11.96 41.51 6.79
CA GLY J 123 11.55 41.38 8.17
C GLY J 123 12.78 41.34 9.05
N TYR J 124 12.53 41.39 10.37
CA TYR J 124 13.62 41.39 11.33
C TYR J 124 13.18 40.69 12.59
N ARG J 125 14.12 40.00 13.22
CA ARG J 125 13.89 39.29 14.47
C ARG J 125 14.38 40.13 15.64
N ILE J 126 13.67 40.03 16.74
CA ILE J 126 14.02 40.73 17.98
C ILE J 126 14.75 39.76 18.88
N PRO J 127 16.00 40.02 19.27
CA PRO J 127 16.70 39.07 20.14
C PRO J 127 16.03 38.94 21.49
N THR J 128 16.18 37.76 22.09
CA THR J 128 15.52 37.48 23.36
C THR J 128 15.73 38.61 24.37
N ASN J 129 16.92 39.21 24.38
CA ASN J 129 17.21 40.24 25.36
C ASN J 129 16.42 41.51 25.12
N LEU J 130 15.84 41.69 23.94
CA LEU J 130 15.05 42.87 23.62
C LEU J 130 13.56 42.57 23.52
N ARG J 131 13.12 41.41 23.99
CA ARG J 131 11.71 41.03 23.90
C ARG J 131 11.00 41.35 25.22
N GLN J 132 10.88 42.65 25.48
CA GLN J 132 10.07 43.12 26.59
C GLN J 132 8.68 43.46 26.08
N ASN J 133 7.75 43.68 27.02
CA ASN J 133 6.40 44.02 26.63
C ASN J 133 6.35 45.41 26.00
N THR J 134 5.23 45.71 25.37
CA THR J 134 4.96 47.04 24.83
C THR J 134 3.47 47.29 24.93
N VAL J 135 3.10 48.57 25.00
CA VAL J 135 1.69 48.95 25.13
C VAL J 135 1.29 49.75 23.90
N ALA J 136 0.01 50.11 23.82
CA ALA J 136 -0.51 50.78 22.63
C ALA J 136 0.25 52.06 22.31
N ALA J 137 0.79 52.74 23.33
CA ALA J 137 1.47 54.00 23.09
C ALA J 137 2.84 53.81 22.45
N ASP J 138 3.38 52.60 22.49
CA ASP J 138 4.72 52.33 21.98
C ASP J 138 4.70 52.06 20.48
N ASN J 139 5.87 52.22 19.86
CA ASN J 139 6.04 52.00 18.44
C ASN J 139 6.91 50.78 18.18
N VAL J 140 6.59 50.06 17.11
CA VAL J 140 7.32 48.85 16.74
C VAL J 140 8.52 49.18 15.88
N CYS J 141 8.34 50.02 14.88
CA CYS J 141 9.37 50.24 13.87
C CYS J 141 8.92 51.36 12.94
N GLU J 142 9.91 51.93 12.24
CA GLU J 142 9.64 52.85 11.16
C GLU J 142 9.57 52.09 9.85
N VAL J 143 8.68 52.50 8.96
CA VAL J 143 8.49 51.86 7.66
C VAL J 143 8.64 52.90 6.57
N ARG J 144 9.37 52.52 5.52
CA ARG J 144 9.55 53.34 4.34
C ARG J 144 9.31 52.47 3.11
N SER J 145 8.64 53.03 2.11
CA SER J 145 8.27 52.24 0.94
C SER J 145 7.80 53.15 -0.19
N ASN J 146 8.28 52.90 -1.41
CA ASN J 146 7.76 53.66 -2.55
C ASN J 146 6.33 53.28 -2.90
N CYS J 147 5.75 52.29 -2.22
CA CYS J 147 4.35 51.95 -2.33
C CYS J 147 3.58 52.59 -1.18
N ARG J 148 2.34 52.99 -1.46
CA ARG J 148 1.59 53.80 -0.51
C ARG J 148 1.10 53.00 0.70
N GLN J 149 0.97 51.68 0.56
CA GLN J 149 0.55 50.83 1.67
C GLN J 149 1.56 49.71 1.86
N VAL J 150 1.68 49.26 3.12
CA VAL J 150 2.56 48.17 3.49
C VAL J 150 1.77 47.20 4.36
N ALA J 151 1.83 45.92 4.03
CA ALA J 151 1.21 44.88 4.84
C ALA J 151 2.26 44.31 5.79
N LEU J 152 1.90 44.20 7.07
CA LEU J 152 2.78 43.67 8.08
C LEU J 152 2.16 42.44 8.72
N VAL J 153 3.01 41.48 9.07
CA VAL J 153 2.65 40.30 9.84
C VAL J 153 3.63 40.25 11.00
N ILE J 154 3.14 40.49 12.20
CA ILE J 154 3.99 40.64 13.39
C ILE J 154 3.79 39.42 14.27
N SER J 155 4.83 38.59 14.36
CA SER J 155 4.82 37.48 15.32
C SER J 155 5.03 38.04 16.72
N CYS J 156 3.98 37.97 17.54
CA CYS J 156 4.01 38.58 18.86
C CYS J 156 3.26 37.70 19.84
N CYS J 157 3.64 37.79 21.10
CA CYS J 157 3.01 37.05 22.19
C CYS J 157 2.18 38.02 23.02
N PHE J 158 0.87 37.81 23.03
CA PHE J 158 -0.02 38.64 23.83
C PHE J 158 -0.08 38.12 25.26
N ASN J 159 0.01 39.04 26.22
CA ASN J 159 0.02 38.71 27.63
C ASN J 159 -0.59 39.85 28.43
N ASP K 15 19.26 32.91 19.20
CA ASP K 15 19.04 32.74 20.63
C ASP K 15 20.20 33.33 21.42
N ASN K 16 21.43 33.03 20.99
CA ASN K 16 22.60 33.70 21.53
C ASN K 16 22.82 35.07 20.91
N SER K 17 21.94 35.51 20.00
CA SER K 17 22.07 36.81 19.38
C SER K 17 21.64 37.91 20.35
N ASN K 18 22.24 39.08 20.18
CA ASN K 18 21.96 40.22 21.05
C ASN K 18 21.38 41.42 20.32
N VAL K 19 21.32 41.39 18.98
CA VAL K 19 20.81 42.52 18.21
C VAL K 19 19.83 42.01 17.16
N VAL K 20 19.07 42.96 16.61
CA VAL K 20 18.15 42.66 15.53
C VAL K 20 18.91 42.05 14.36
N THR K 21 18.25 41.14 13.66
CA THR K 21 18.81 40.50 12.48
C THR K 21 17.80 40.51 11.36
N MET K 22 18.29 40.65 10.13
CA MET K 22 17.43 40.57 8.97
C MET K 22 16.75 39.21 8.90
N ILE K 23 15.53 39.21 8.37
CA ILE K 23 14.83 38.00 7.98
C ILE K 23 14.62 38.07 6.48
N ARG K 24 15.11 37.05 5.76
CA ARG K 24 14.94 37.01 4.32
C ARG K 24 13.57 36.43 3.97
N ALA K 25 12.55 37.18 4.39
CA ALA K 25 11.17 36.82 4.10
C ALA K 25 10.96 36.74 2.59
N GLY K 26 9.87 36.07 2.21
CA GLY K 26 9.56 35.88 0.82
C GLY K 26 8.18 36.34 0.43
N SER K 27 7.42 35.48 -0.24
CA SER K 27 6.07 35.84 -0.64
C SER K 27 5.21 36.12 0.59
N TYR K 28 4.14 36.88 0.38
CA TYR K 28 3.24 37.15 1.48
C TYR K 28 2.52 35.87 1.90
N PRO K 29 2.43 35.60 3.20
CA PRO K 29 1.88 34.31 3.64
C PRO K 29 0.37 34.32 3.73
N LYS K 30 -0.18 33.11 3.78
CA LYS K 30 -1.58 32.95 4.17
C LYS K 30 -1.71 33.37 5.62
N VAL K 31 -2.61 34.32 5.89
CA VAL K 31 -2.75 34.90 7.23
C VAL K 31 -4.15 34.63 7.74
N ASN K 32 -4.33 34.83 9.04
CA ASN K 32 -5.65 34.72 9.66
C ASN K 32 -5.71 35.62 10.88
N PRO K 33 -6.46 36.73 10.82
CA PRO K 33 -6.50 37.64 11.98
C PRO K 33 -7.32 37.09 13.13
N THR K 34 -8.30 36.24 12.85
CA THR K 34 -9.25 35.74 13.85
C THR K 34 -9.11 34.23 13.96
N PRO K 35 -7.96 33.74 14.43
CA PRO K 35 -7.76 32.29 14.49
C PRO K 35 -8.59 31.64 15.58
N THR K 36 -8.57 30.31 15.58
CA THR K 36 -9.21 29.55 16.63
C THR K 36 -8.36 29.55 17.89
N TRP K 37 -8.91 29.01 18.98
CA TRP K 37 -8.21 29.03 20.25
C TRP K 37 -8.71 27.89 21.11
N VAL K 38 -7.82 26.97 21.47
CA VAL K 38 -8.15 25.88 22.38
C VAL K 38 -7.94 26.38 23.80
N ARG K 39 -8.97 26.23 24.63
CA ARG K 39 -9.03 26.90 25.91
C ARG K 39 -9.69 26.01 26.96
N ALA K 40 -9.26 26.19 28.21
CA ALA K 40 -9.99 25.70 29.38
C ALA K 40 -10.57 26.93 30.07
N ILE K 41 -11.90 27.03 30.10
CA ILE K 41 -12.60 28.22 30.56
C ILE K 41 -13.15 27.93 31.97
N PRO K 42 -12.63 28.57 33.01
CA PRO K 42 -13.22 28.40 34.34
C PRO K 42 -14.31 29.42 34.60
N PHE K 43 -15.46 28.96 35.10
CA PHE K 43 -16.51 29.86 35.54
C PHE K 43 -17.42 29.08 36.48
N GLU K 44 -18.32 29.81 37.13
CA GLU K 44 -19.18 29.25 38.16
C GLU K 44 -20.64 29.48 37.80
N VAL K 45 -21.50 28.67 38.39
CA VAL K 45 -22.94 28.75 38.18
C VAL K 45 -23.66 28.51 39.51
N SER K 46 -24.80 29.19 39.67
CA SER K 46 -25.62 29.04 40.86
C SER K 46 -26.58 27.87 40.67
N VAL K 47 -26.72 27.06 41.72
N VAL K 47 -26.73 27.05 41.71
CA VAL K 47 -27.54 25.86 41.70
CA VAL K 47 -27.58 25.87 41.66
C VAL K 47 -28.44 25.86 42.93
C VAL K 47 -28.42 25.81 42.92
N GLN K 48 -29.70 25.48 42.74
CA GLN K 48 -30.64 25.37 43.84
C GLN K 48 -30.80 23.90 44.22
N SER K 49 -30.99 23.65 45.52
CA SER K 49 -31.15 22.29 45.99
C SER K 49 -32.32 21.62 45.26
N GLY K 50 -32.09 20.37 44.83
CA GLY K 50 -33.13 19.60 44.18
C GLY K 50 -33.52 20.04 42.78
N ILE K 51 -32.87 21.06 42.24
CA ILE K 51 -33.20 21.58 40.91
C ILE K 51 -31.98 21.43 40.01
N ALA K 52 -32.23 21.05 38.75
CA ALA K 52 -31.19 20.99 37.74
C ALA K 52 -31.04 22.35 37.07
N PHE K 53 -29.80 22.73 36.78
CA PHE K 53 -29.50 24.00 36.16
C PHE K 53 -28.78 23.75 34.83
N LYS K 54 -29.38 24.20 33.74
CA LYS K 54 -28.76 24.07 32.43
C LYS K 54 -27.66 25.13 32.30
N VAL K 55 -26.46 24.68 31.93
CA VAL K 55 -25.31 25.57 31.78
C VAL K 55 -25.34 26.17 30.38
N PRO K 56 -25.48 27.48 30.24
N PRO K 56 -25.51 27.48 30.23
CA PRO K 56 -25.54 28.06 28.89
CA PRO K 56 -25.55 28.06 28.88
C PRO K 56 -24.17 28.15 28.25
C PRO K 56 -24.16 28.11 28.26
N VAL K 57 -24.12 27.82 26.96
CA VAL K 57 -22.85 27.90 26.23
C VAL K 57 -22.40 29.36 26.17
N GLY K 58 -23.36 30.29 26.20
CA GLY K 58 -23.02 31.70 26.20
C GLY K 58 -22.11 32.11 27.34
N SER K 59 -22.10 31.34 28.43
CA SER K 59 -21.19 31.65 29.53
C SER K 59 -19.72 31.54 29.13
N LEU K 60 -19.44 31.04 27.93
CA LEU K 60 -18.07 30.93 27.44
C LEU K 60 -17.64 32.16 26.64
N PHE K 61 -18.59 32.93 26.13
CA PHE K 61 -18.29 34.15 25.36
C PHE K 61 -18.39 35.34 26.31
N SER K 62 -17.24 35.84 26.74
CA SER K 62 -17.17 37.03 27.58
C SER K 62 -15.75 37.58 27.51
N ALA K 63 -15.64 38.91 27.65
CA ALA K 63 -14.33 39.53 27.67
C ALA K 63 -13.47 38.99 28.81
N ASN K 64 -14.10 38.48 29.88
CA ASN K 64 -13.32 37.93 30.98
C ASN K 64 -12.45 36.76 30.54
N PHE K 65 -12.74 36.15 29.40
CA PHE K 65 -11.98 35.02 28.90
C PHE K 65 -11.25 35.33 27.60
N ARG K 66 -11.34 36.55 27.09
CA ARG K 66 -10.76 36.93 25.81
C ARG K 66 -11.49 36.24 24.66
N THR K 67 -12.79 35.99 24.80
CA THR K 67 -13.53 35.19 23.85
C THR K 67 -14.84 35.82 23.40
N ASP K 68 -15.06 37.10 23.71
N ASP K 68 -15.06 37.11 23.71
CA ASP K 68 -16.29 37.75 23.25
CA ASP K 68 -16.27 37.77 23.24
C ASP K 68 -16.35 37.83 21.73
C ASP K 68 -16.34 37.84 21.73
N SER K 69 -15.19 37.76 21.05
CA SER K 69 -15.16 37.82 19.60
C SER K 69 -15.67 36.55 18.94
N PHE K 70 -15.82 35.46 19.69
CA PHE K 70 -16.30 34.20 19.15
C PHE K 70 -17.82 34.12 19.23
N THR K 71 -18.41 33.42 18.26
CA THR K 71 -19.84 33.15 18.26
C THR K 71 -20.14 31.66 18.28
N SER K 72 -19.12 30.81 18.19
CA SER K 72 -19.27 29.37 18.17
C SER K 72 -18.16 28.76 19.01
N VAL K 73 -18.42 27.58 19.54
CA VAL K 73 -17.43 26.87 20.35
C VAL K 73 -17.72 25.38 20.27
N THR K 74 -16.67 24.59 20.04
CA THR K 74 -16.77 23.14 20.04
C THR K 74 -16.34 22.65 21.42
N VAL K 75 -17.30 22.22 22.23
CA VAL K 75 -17.01 21.74 23.58
C VAL K 75 -16.47 20.33 23.49
N MET K 76 -15.38 20.06 24.21
CA MET K 76 -14.73 18.75 24.20
C MET K 76 -14.99 17.98 25.49
N SER K 77 -14.62 18.52 26.63
CA SER K 77 -14.85 17.86 27.90
C SER K 77 -15.35 18.87 28.91
N VAL K 78 -16.05 18.37 29.92
CA VAL K 78 -16.64 19.18 30.98
C VAL K 78 -16.20 18.61 32.31
N ARG K 79 -15.79 19.49 33.22
CA ARG K 79 -15.41 19.11 34.58
CA ARG K 79 -15.42 19.12 34.58
C ARG K 79 -16.09 20.07 35.54
N ALA K 80 -16.67 19.53 36.60
CA ALA K 80 -17.41 20.32 37.58
C ALA K 80 -16.89 20.01 38.98
N TRP K 81 -16.65 21.06 39.76
CA TRP K 81 -16.33 20.96 41.17
C TRP K 81 -17.36 21.76 41.97
N THR K 82 -17.83 21.21 43.07
CA THR K 82 -18.64 21.98 44.00
C THR K 82 -17.85 23.20 44.46
N GLN K 83 -18.47 24.38 44.40
CA GLN K 83 -17.76 25.63 44.66
C GLN K 83 -18.03 26.18 46.06
N LEU K 84 -19.01 25.66 46.77
CA LEU K 84 -19.29 26.05 48.14
C LEU K 84 -19.43 24.81 49.00
N THR K 85 -19.47 25.04 50.32
CA THR K 85 -19.65 23.93 51.25
C THR K 85 -21.00 23.28 51.01
N PRO K 86 -21.17 22.04 51.47
CA PRO K 86 -22.46 21.37 51.35
C PRO K 86 -23.34 21.68 52.55
N PRO K 87 -24.56 21.15 52.58
CA PRO K 87 -25.39 21.28 53.79
C PRO K 87 -24.72 20.65 54.99
N VAL K 88 -25.25 20.98 56.17
CA VAL K 88 -24.75 20.37 57.39
C VAL K 88 -24.98 18.86 57.32
N ASN K 89 -24.03 18.10 57.85
CA ASN K 89 -24.04 16.65 57.97
C ASN K 89 -23.75 15.96 56.64
N GLU K 90 -23.80 16.65 55.50
CA GLU K 90 -23.73 16.00 54.21
C GLU K 90 -22.34 16.12 53.58
N TYR K 91 -22.05 15.19 52.68
CA TYR K 91 -20.86 15.22 51.85
C TYR K 91 -21.22 15.84 50.50
N SER K 92 -20.33 16.68 49.98
CA SER K 92 -20.60 17.33 48.70
C SER K 92 -20.87 16.30 47.62
N PHE K 93 -21.68 16.68 46.64
CA PHE K 93 -21.89 15.85 45.46
C PHE K 93 -22.32 16.75 44.31
N VAL K 94 -21.96 16.33 43.09
CA VAL K 94 -22.31 17.08 41.89
C VAL K 94 -22.55 16.09 40.76
N ARG K 95 -23.57 16.36 39.96
CA ARG K 95 -23.94 15.51 38.84
C ARG K 95 -23.96 16.32 37.55
N LEU K 96 -23.64 15.65 36.44
CA LEU K 96 -23.67 16.25 35.11
C LEU K 96 -24.49 15.37 34.18
N LYS K 97 -25.41 15.99 33.46
CA LYS K 97 -26.15 15.32 32.40
C LYS K 97 -25.80 15.99 31.08
N PRO K 98 -24.95 15.41 30.25
CA PRO K 98 -24.59 16.06 28.98
C PRO K 98 -25.83 16.38 28.17
N LEU K 99 -25.81 17.54 27.54
CA LEU K 99 -26.88 18.00 26.66
C LEU K 99 -26.33 18.18 25.27
N PHE K 100 -27.14 17.84 24.27
CA PHE K 100 -26.74 17.95 22.88
C PHE K 100 -27.95 18.39 22.07
N LYS K 101 -27.72 19.29 21.12
CA LYS K 101 -28.79 19.71 20.23
C LYS K 101 -29.39 18.52 19.50
N THR K 102 -28.55 17.57 19.06
CA THR K 102 -29.04 16.40 18.36
C THR K 102 -29.76 15.42 19.28
N GLY K 103 -29.73 15.65 20.58
CA GLY K 103 -30.39 14.75 21.51
C GLY K 103 -29.74 14.74 22.88
N ASP K 104 -30.47 15.20 23.89
CA ASP K 104 -29.95 15.21 25.25
C ASP K 104 -29.74 13.78 25.74
N SER K 105 -28.70 13.60 26.56
CA SER K 105 -28.43 12.32 27.16
C SER K 105 -29.15 12.20 28.51
N THR K 106 -29.11 10.99 29.07
CA THR K 106 -29.65 10.73 30.40
C THR K 106 -28.58 10.32 31.40
N GLU K 107 -27.30 10.36 31.02
CA GLU K 107 -26.24 9.99 31.95
C GLU K 107 -26.14 11.04 33.05
N GLU K 108 -25.96 10.57 34.27
CA GLU K 108 -25.82 11.42 35.44
C GLU K 108 -24.47 11.15 36.08
N PHE K 109 -23.40 11.57 35.41
CA PHE K 109 -22.05 11.42 35.93
C PHE K 109 -21.94 12.16 37.27
N GLU K 110 -21.93 11.41 38.37
CA GLU K 110 -21.97 11.97 39.71
C GLU K 110 -20.64 11.74 40.41
N GLY K 111 -20.20 12.75 41.16
CA GLY K 111 -19.03 12.62 42.00
C GLY K 111 -19.33 13.14 43.39
N ARG K 112 -18.88 12.40 44.39
CA ARG K 112 -19.14 12.74 45.78
C ARG K 112 -17.84 12.91 46.53
N ALA K 113 -17.75 13.96 47.34
CA ALA K 113 -16.61 14.10 48.24
C ALA K 113 -16.67 13.01 49.31
N SER K 114 -15.48 12.61 49.76
CA SER K 114 -15.37 11.69 50.88
C SER K 114 -14.96 12.40 52.17
N ASN K 115 -14.78 13.71 52.11
CA ASN K 115 -14.48 14.55 53.26
C ASN K 115 -15.37 15.78 53.18
N ILE K 116 -16.13 16.05 54.25
CA ILE K 116 -17.13 17.12 54.19
C ILE K 116 -16.48 18.43 53.76
N ASN K 117 -15.27 18.70 54.23
CA ASN K 117 -14.58 19.94 53.89
C ASN K 117 -14.05 19.96 52.47
N THR K 118 -14.22 18.88 51.71
CA THR K 118 -13.57 18.72 50.42
C THR K 118 -14.57 18.84 49.29
N ARG K 119 -14.08 19.33 48.15
CA ARG K 119 -14.92 19.48 46.98
C ARG K 119 -15.31 18.12 46.40
N ALA K 120 -16.52 18.05 45.86
CA ALA K 120 -16.96 16.93 45.04
C ALA K 120 -16.76 17.31 43.58
N SER K 121 -16.15 16.43 42.81
CA SER K 121 -15.84 16.72 41.42
C SER K 121 -16.25 15.56 40.54
N VAL K 122 -16.49 15.88 39.26
CA VAL K 122 -16.77 14.89 38.25
C VAL K 122 -16.66 15.56 36.90
N GLY K 123 -16.52 14.77 35.84
CA GLY K 123 -16.43 15.32 34.50
C GLY K 123 -16.86 14.28 33.49
N TYR K 124 -16.92 14.71 32.24
CA TYR K 124 -17.29 13.81 31.16
C TYR K 124 -16.72 14.32 29.86
N ARG K 125 -16.25 13.38 29.04
CA ARG K 125 -15.68 13.68 27.73
C ARG K 125 -16.76 13.55 26.67
N ILE K 126 -16.71 14.42 25.67
CA ILE K 126 -17.63 14.39 24.54
C ILE K 126 -16.95 13.64 23.40
N PRO K 127 -17.48 12.52 22.95
CA PRO K 127 -16.82 11.78 21.87
C PRO K 127 -16.73 12.63 20.63
N THR K 128 -15.73 12.32 19.79
CA THR K 128 -15.48 13.15 18.61
C THR K 128 -16.73 13.34 17.77
N ASN K 129 -17.55 12.28 17.64
CA ASN K 129 -18.73 12.33 16.78
C ASN K 129 -19.84 13.22 17.31
N LEU K 130 -19.69 13.77 18.53
CA LEU K 130 -20.64 14.74 19.06
C LEU K 130 -20.01 16.11 19.24
N ARG K 131 -18.76 16.29 18.79
CA ARG K 131 -18.07 17.57 18.91
C ARG K 131 -18.40 18.44 17.70
N GLN K 132 -19.62 18.94 17.69
CA GLN K 132 -20.02 19.99 16.76
C GLN K 132 -19.99 21.31 17.51
N ASN K 133 -20.30 22.39 16.80
CA ASN K 133 -20.30 23.69 17.42
C ASN K 133 -21.59 23.93 18.18
N THR K 134 -21.50 24.81 19.17
CA THR K 134 -22.65 25.26 19.93
C THR K 134 -22.58 26.76 20.05
N VAL K 135 -23.74 27.42 20.00
CA VAL K 135 -23.79 28.87 20.06
C VAL K 135 -24.25 29.29 21.45
N ALA K 136 -24.28 30.60 21.70
CA ALA K 136 -24.61 31.08 23.03
C ALA K 136 -25.95 30.54 23.51
N ALA K 137 -26.94 30.48 22.62
CA ALA K 137 -28.27 30.03 23.01
C ALA K 137 -28.32 28.55 23.37
N ASP K 138 -27.28 27.78 23.04
CA ASP K 138 -27.27 26.37 23.38
C ASP K 138 -26.88 26.17 24.85
N ASN K 139 -27.07 24.95 25.32
CA ASN K 139 -26.75 24.55 26.69
C ASN K 139 -25.79 23.37 26.65
N VAL K 140 -24.84 23.36 27.58
CA VAL K 140 -23.83 22.30 27.62
C VAL K 140 -24.34 21.07 28.36
N CYS K 141 -24.88 21.27 29.57
CA CYS K 141 -25.22 20.14 30.43
C CYS K 141 -26.03 20.65 31.60
N GLU K 142 -26.80 19.73 32.20
CA GLU K 142 -27.53 20.02 33.43
C GLU K 142 -26.65 19.70 34.64
N VAL K 143 -26.54 20.66 35.55
CA VAL K 143 -25.78 20.48 36.78
C VAL K 143 -26.77 20.25 37.92
N ARG K 144 -26.39 19.39 38.86
CA ARG K 144 -27.14 19.17 40.08
C ARG K 144 -26.14 19.06 41.22
N SER K 145 -26.53 19.55 42.41
CA SER K 145 -25.61 19.53 43.54
C SER K 145 -26.30 20.03 44.79
N ASN K 146 -25.90 19.47 45.94
CA ASN K 146 -26.34 20.00 47.23
C ASN K 146 -25.58 21.26 47.64
N CYS K 147 -24.52 21.61 46.92
CA CYS K 147 -23.81 22.87 47.13
C CYS K 147 -24.43 23.93 46.22
N ARG K 148 -24.57 25.15 46.75
CA ARG K 148 -25.33 26.17 46.05
CA ARG K 148 -25.33 26.17 46.05
C ARG K 148 -24.59 26.73 44.83
N GLN K 149 -23.29 26.53 44.74
CA GLN K 149 -22.53 27.02 43.60
CA GLN K 149 -22.50 27.04 43.62
C GLN K 149 -21.54 25.95 43.15
N VAL K 150 -21.45 25.76 41.85
CA VAL K 150 -20.60 24.74 41.25
C VAL K 150 -19.64 25.42 40.29
N ALA K 151 -18.35 25.17 40.46
CA ALA K 151 -17.34 25.67 39.55
C ALA K 151 -17.19 24.73 38.38
N LEU K 152 -17.06 25.28 37.18
CA LEU K 152 -16.96 24.51 35.96
C LEU K 152 -15.69 24.87 35.19
N VAL K 153 -15.01 23.85 34.68
CA VAL K 153 -13.89 24.01 33.77
C VAL K 153 -14.26 23.26 32.50
N ILE K 154 -14.43 24.00 31.40
CA ILE K 154 -14.87 23.43 30.14
C ILE K 154 -13.72 23.54 29.15
N SER K 155 -13.16 22.40 28.77
CA SER K 155 -12.17 22.34 27.70
C SER K 155 -12.90 22.39 26.37
N CYS K 156 -12.61 23.42 25.58
CA CYS K 156 -13.37 23.68 24.36
C CYS K 156 -12.46 24.33 23.33
N CYS K 157 -12.94 24.35 22.09
CA CYS K 157 -12.22 24.94 20.96
C CYS K 157 -13.08 26.04 20.37
N PHE K 158 -12.64 27.29 20.55
CA PHE K 158 -13.36 28.43 20.02
C PHE K 158 -13.04 28.62 18.54
N ASN K 159 -14.06 28.92 17.75
CA ASN K 159 -13.88 29.12 16.32
C ASN K 159 -14.98 30.03 15.75
N ARG L 3 59.24 15.32 44.81
CA ARG L 3 59.43 16.75 44.75
C ARG L 3 60.80 17.16 45.31
N GLY L 4 60.84 18.32 45.96
CA GLY L 4 62.01 18.79 46.68
C GLY L 4 61.58 19.35 48.02
N LYS L 5 61.53 18.49 49.03
CA LYS L 5 60.66 18.71 50.17
C LYS L 5 61.20 19.78 51.12
N VAL L 6 60.26 20.35 51.89
CA VAL L 6 60.52 21.24 53.00
C VAL L 6 60.15 20.46 54.25
N LYS L 7 59.12 20.90 55.05
CA LYS L 7 58.52 20.05 56.10
C LYS L 7 57.26 20.60 56.78
N PRO L 8 57.43 21.33 57.90
CA PRO L 8 56.32 21.63 58.83
C PRO L 8 55.04 20.79 58.82
N ASN L 9 53.93 21.49 59.09
CA ASN L 9 52.53 21.05 59.00
C ASN L 9 52.17 19.74 59.69
N ARG L 10 50.94 19.27 59.46
CA ARG L 10 50.40 18.06 60.07
C ARG L 10 48.99 17.75 59.58
N LYS L 11 48.59 18.33 58.45
CA LYS L 11 47.28 18.08 57.86
C LYS L 11 47.19 16.62 57.39
N SER L 12 46.35 15.83 58.06
CA SER L 12 46.29 14.39 57.82
C SER L 12 45.28 14.07 56.72
N THR L 13 45.78 13.58 55.59
CA THR L 13 45.00 13.11 54.44
C THR L 13 43.80 13.99 54.13
N GLY L 14 44.00 14.97 53.26
CA GLY L 14 42.91 15.73 52.64
C GLY L 14 41.90 16.37 53.57
N ASP L 15 40.75 15.72 53.73
CA ASP L 15 39.63 16.26 54.49
C ASP L 15 39.58 15.72 55.92
N ASN L 16 40.74 15.68 56.59
CA ASN L 16 40.81 15.16 57.95
C ASN L 16 41.94 15.84 58.72
N SER L 17 42.05 17.16 58.58
CA SER L 17 43.07 17.92 59.29
C SER L 17 42.53 18.38 60.64
N ASN L 18 43.38 18.34 61.66
N ASN L 18 43.40 18.34 61.65
CA ASN L 18 42.98 18.71 63.01
CA ASN L 18 43.03 18.67 63.02
C ASN L 18 43.50 20.07 63.45
C ASN L 18 43.54 20.03 63.47
N VAL L 19 44.45 20.65 62.73
CA VAL L 19 45.04 21.92 63.10
C VAL L 19 45.02 22.86 61.90
N VAL L 20 45.40 24.12 62.16
CA VAL L 20 45.51 25.09 61.09
C VAL L 20 46.59 24.67 60.11
N THR L 21 46.39 25.02 58.84
CA THR L 21 47.30 24.65 57.78
C THR L 21 47.54 25.85 56.88
N MET L 22 48.80 26.06 56.51
CA MET L 22 49.16 27.23 55.71
CA MET L 22 49.15 27.23 55.71
C MET L 22 48.52 27.15 54.33
N ILE L 23 48.12 28.30 53.80
CA ILE L 23 47.57 28.44 52.46
C ILE L 23 48.57 29.25 51.65
N ARG L 24 49.20 28.61 50.67
CA ARG L 24 50.16 29.31 49.82
C ARG L 24 49.42 30.27 48.90
N ALA L 25 48.81 31.29 49.48
CA ALA L 25 48.09 32.30 48.71
C ALA L 25 49.02 33.00 47.74
N GLY L 26 48.42 33.68 46.77
CA GLY L 26 49.17 34.34 45.71
C GLY L 26 48.75 35.79 45.57
N SER L 27 48.69 36.23 44.31
CA SER L 27 48.37 37.62 44.02
CA SER L 27 48.36 37.62 44.01
C SER L 27 46.98 37.97 44.55
N TYR L 28 46.83 39.22 44.98
CA TYR L 28 45.56 39.67 45.52
C TYR L 28 44.46 39.43 44.49
N PRO L 29 43.37 38.79 44.86
CA PRO L 29 42.37 38.39 43.85
C PRO L 29 41.45 39.52 43.44
N LYS L 30 40.45 39.20 42.64
CA LYS L 30 39.32 40.08 42.42
C LYS L 30 38.30 39.82 43.53
N VAL L 31 37.86 40.89 44.17
CA VAL L 31 36.98 40.79 45.32
C VAL L 31 35.69 41.55 45.02
N ASN L 32 34.68 41.30 45.85
CA ASN L 32 33.44 42.07 45.81
C ASN L 32 32.85 42.10 47.20
N PRO L 33 32.90 43.23 47.91
CA PRO L 33 32.32 43.28 49.25
C PRO L 33 30.81 43.20 49.25
N THR L 34 30.15 43.59 48.16
CA THR L 34 28.70 43.66 48.07
C THR L 34 28.26 42.79 46.90
N PRO L 35 28.19 41.48 47.10
CA PRO L 35 27.80 40.57 46.01
C PRO L 35 26.29 40.43 45.88
N THR L 36 25.87 39.88 44.76
CA THR L 36 24.46 39.59 44.55
C THR L 36 24.04 38.46 45.48
N TRP L 37 22.73 38.19 45.50
CA TRP L 37 22.20 37.17 46.40
C TRP L 37 20.88 36.70 45.82
N VAL L 38 20.83 35.46 45.37
CA VAL L 38 19.59 34.89 44.87
C VAL L 38 18.82 34.35 46.07
N ARG L 39 17.54 34.69 46.15
CA ARG L 39 16.80 34.56 47.39
C ARG L 39 15.36 34.17 47.15
N ALA L 40 14.82 33.40 48.08
CA ALA L 40 13.39 33.10 48.17
C ALA L 40 12.86 33.89 49.37
N ILE L 41 12.15 34.98 49.08
CA ILE L 41 11.75 35.94 50.09
C ILE L 41 10.32 35.62 50.52
N PRO L 42 10.07 35.22 51.77
CA PRO L 42 8.69 35.04 52.24
C PRO L 42 8.16 36.31 52.89
N PHE L 43 6.91 36.64 52.56
CA PHE L 43 6.25 37.77 53.19
C PHE L 43 4.78 37.72 52.85
N GLU L 44 3.99 38.43 53.65
CA GLU L 44 2.53 38.42 53.54
C GLU L 44 2.03 39.80 53.14
N VAL L 45 0.88 39.82 52.48
CA VAL L 45 0.20 41.06 52.12
C VAL L 45 -1.26 40.93 52.51
N SER L 46 -1.87 42.07 52.82
CA SER L 46 -3.29 42.12 53.18
C SER L 46 -4.11 42.48 51.95
N VAL L 47 -5.29 41.87 51.84
CA VAL L 47 -6.13 41.99 50.65
C VAL L 47 -7.58 42.12 51.10
N GLN L 48 -8.34 42.92 50.36
CA GLN L 48 -9.77 43.08 50.60
C GLN L 48 -10.54 42.29 49.55
N SER L 49 -11.57 41.57 50.01
CA SER L 49 -12.36 40.74 49.12
C SER L 49 -12.94 41.58 47.98
N GLY L 50 -12.50 41.31 46.75
CA GLY L 50 -13.04 41.94 45.57
C GLY L 50 -12.17 43.00 44.94
N ILE L 51 -11.15 43.49 45.64
CA ILE L 51 -10.27 44.54 45.13
C ILE L 51 -8.89 43.95 44.91
N ALA L 52 -8.23 44.39 43.84
CA ALA L 52 -6.86 44.01 43.59
C ALA L 52 -5.92 44.79 44.49
N PHE L 53 -4.78 44.17 44.80
CA PHE L 53 -3.74 44.83 45.59
C PHE L 53 -2.41 44.69 44.86
N LYS L 54 -1.84 45.82 44.45
CA LYS L 54 -0.55 45.83 43.77
C LYS L 54 0.56 45.60 44.78
N VAL L 55 1.36 44.57 44.57
CA VAL L 55 2.44 44.20 45.49
C VAL L 55 3.66 45.05 45.20
N PRO L 56 4.13 45.86 46.15
CA PRO L 56 5.33 46.67 45.88
C PRO L 56 6.59 45.85 45.97
N VAL L 57 7.50 46.08 45.01
CA VAL L 57 8.81 45.45 45.04
C VAL L 57 9.59 45.84 46.29
N GLY L 58 9.25 46.99 46.90
CA GLY L 58 9.95 47.40 48.10
C GLY L 58 9.83 46.42 49.23
N SER L 59 8.75 45.64 49.26
CA SER L 59 8.59 44.64 50.32
C SER L 59 9.76 43.69 50.39
N LEU L 60 10.52 43.52 49.30
CA LEU L 60 11.61 42.56 49.27
C LEU L 60 12.86 43.10 49.99
N PHE L 61 13.10 44.41 49.92
CA PHE L 61 14.22 45.02 50.63
C PHE L 61 13.79 45.26 52.07
N SER L 62 14.41 44.55 53.01
CA SER L 62 14.01 44.68 54.41
C SER L 62 15.01 43.94 55.30
N ALA L 63 15.13 44.43 56.54
CA ALA L 63 15.97 43.76 57.53
C ALA L 63 15.56 42.30 57.68
N ASN L 64 14.26 42.05 57.76
CA ASN L 64 13.73 40.72 57.98
C ASN L 64 14.22 39.71 56.94
N PHE L 65 14.82 40.18 55.85
CA PHE L 65 15.32 39.32 54.80
C PHE L 65 16.83 39.45 54.58
N ARG L 66 17.50 40.35 55.30
CA ARG L 66 18.90 40.69 55.13
C ARG L 66 19.15 41.43 53.82
N THR L 67 18.11 41.72 53.04
CA THR L 67 18.25 42.37 51.74
C THR L 67 18.29 43.89 51.87
N ASP L 68 18.82 44.41 52.97
CA ASP L 68 18.80 45.85 53.21
C ASP L 68 19.64 46.59 52.19
N SER L 69 20.90 46.19 52.04
CA SER L 69 21.86 46.92 51.21
C SER L 69 21.44 47.01 49.75
N PHE L 70 20.39 46.31 49.35
CA PHE L 70 20.01 46.28 47.94
C PHE L 70 18.98 47.35 47.62
N THR L 71 19.08 47.87 46.39
CA THR L 71 18.12 48.82 45.86
C THR L 71 17.40 48.30 44.63
N SER L 72 17.88 47.20 44.04
CA SER L 72 17.30 46.64 42.82
C SER L 72 17.22 45.13 42.98
N VAL L 73 16.32 44.52 42.22
CA VAL L 73 16.13 43.08 42.29
C VAL L 73 15.56 42.60 40.97
N THR L 74 16.00 41.40 40.55
CA THR L 74 15.47 40.73 39.37
C THR L 74 14.55 39.61 39.86
N VAL L 75 13.26 39.74 39.60
CA VAL L 75 12.27 38.76 40.03
C VAL L 75 12.19 37.65 38.99
N MET L 76 12.28 36.40 39.45
CA MET L 76 12.20 35.24 38.56
CA MET L 76 12.20 35.23 38.57
C MET L 76 10.79 34.64 38.57
N SER L 77 10.30 34.22 39.74
CA SER L 77 9.00 33.60 39.85
C SER L 77 8.32 34.13 41.10
N VAL L 78 6.99 34.05 41.09
CA VAL L 78 6.16 34.52 42.20
C VAL L 78 5.18 33.42 42.55
N ARG L 79 5.19 32.98 43.79
CA ARG L 79 4.23 32.01 44.30
C ARG L 79 3.41 32.65 45.41
N ALA L 80 2.13 32.28 45.48
CA ALA L 80 1.19 32.88 46.40
C ALA L 80 0.37 31.82 47.10
N TRP L 81 0.09 32.07 48.37
CA TRP L 81 -0.79 31.22 49.18
C TRP L 81 -1.73 32.12 49.97
N THR L 82 -2.99 31.71 50.07
CA THR L 82 -3.89 32.35 51.02
C THR L 82 -3.37 32.09 52.43
N GLN L 83 -3.22 33.17 53.21
CA GLN L 83 -2.67 33.08 54.56
C GLN L 83 -3.75 32.93 55.62
N LEU L 84 -4.99 33.24 55.31
CA LEU L 84 -6.09 33.17 56.27
C LEU L 84 -7.24 32.37 55.66
N THR L 85 -8.14 31.92 56.54
CA THR L 85 -9.27 31.13 56.11
C THR L 85 -10.16 31.94 55.17
N PRO L 86 -11.05 31.29 54.44
CA PRO L 86 -11.95 32.01 53.55
C PRO L 86 -13.22 32.40 54.28
N PRO L 87 -14.09 33.19 53.65
CA PRO L 87 -15.41 33.45 54.23
C PRO L 87 -16.15 32.14 54.47
N VAL L 88 -17.22 32.23 55.26
CA VAL L 88 -18.04 31.05 55.50
C VAL L 88 -18.53 30.50 54.17
N ASN L 89 -18.59 29.17 54.08
CA ASN L 89 -19.12 28.42 52.95
C ASN L 89 -18.21 28.43 51.73
N GLU L 90 -17.06 29.10 51.78
CA GLU L 90 -16.24 29.31 50.59
C GLU L 90 -14.96 28.49 50.64
N TYR L 91 -14.53 28.06 49.45
CA TYR L 91 -13.21 27.48 49.27
C TYR L 91 -12.23 28.61 48.93
N SER L 92 -11.08 28.65 49.61
CA SER L 92 -10.10 29.70 49.38
C SER L 92 -9.75 29.79 47.89
N PHE L 93 -9.30 30.96 47.47
CA PHE L 93 -8.82 31.15 46.11
C PHE L 93 -7.87 32.34 46.10
N VAL L 94 -7.04 32.40 45.06
CA VAL L 94 -6.06 33.48 44.91
C VAL L 94 -5.72 33.62 43.44
N ARG L 95 -5.70 34.86 42.95
CA ARG L 95 -5.30 35.17 41.59
C ARG L 95 -4.04 36.02 41.62
N LEU L 96 -3.24 35.89 40.56
CA LEU L 96 -2.03 36.69 40.39
C LEU L 96 -2.00 37.24 38.97
N LYS L 97 -1.89 38.57 38.86
CA LYS L 97 -1.76 39.22 37.57
C LYS L 97 -0.36 39.83 37.48
N PRO L 98 0.55 39.26 36.69
CA PRO L 98 1.91 39.83 36.61
C PRO L 98 1.88 41.26 36.11
N LEU L 99 2.84 42.05 36.59
CA LEU L 99 2.94 43.46 36.26
C LEU L 99 4.39 43.80 35.90
N PHE L 100 4.56 44.59 34.84
CA PHE L 100 5.87 44.95 34.34
C PHE L 100 5.88 46.42 33.95
N LYS L 101 7.04 47.06 34.14
CA LYS L 101 7.15 48.47 33.79
CA LYS L 101 7.17 48.47 33.79
C LYS L 101 6.94 48.69 32.29
N THR L 102 7.39 47.74 31.47
CA THR L 102 7.23 47.84 30.02
C THR L 102 5.82 47.53 29.56
N GLY L 103 4.99 46.96 30.44
CA GLY L 103 3.61 46.66 30.08
C GLY L 103 2.98 45.63 31.00
N ASP L 104 1.94 46.04 31.73
CA ASP L 104 1.25 45.12 32.62
C ASP L 104 0.56 44.03 31.81
N SER L 105 0.53 42.82 32.37
CA SER L 105 -0.12 41.69 31.74
CA SER L 105 -0.12 41.69 31.75
C SER L 105 -1.60 41.65 32.14
N THR L 106 -2.36 40.88 31.38
CA THR L 106 -3.79 40.69 31.64
C THR L 106 -4.09 39.24 32.04
N GLU L 107 -3.10 38.51 32.53
CA GLU L 107 -3.31 37.16 33.02
C GLU L 107 -3.82 37.20 34.46
N GLU L 108 -4.63 36.20 34.81
CA GLU L 108 -5.15 36.05 36.16
C GLU L 108 -4.90 34.60 36.60
N PHE L 109 -3.63 34.23 36.74
CA PHE L 109 -3.27 32.90 37.20
C PHE L 109 -3.94 32.64 38.55
N GLU L 110 -4.87 31.70 38.59
CA GLU L 110 -5.71 31.47 39.76
C GLU L 110 -5.59 30.03 40.24
N GLY L 111 -5.48 29.87 41.54
CA GLY L 111 -5.58 28.56 42.16
C GLY L 111 -6.59 28.60 43.28
N ARG L 112 -7.33 27.50 43.41
CA ARG L 112 -8.34 27.35 44.44
C ARG L 112 -8.06 26.11 45.26
N ALA L 113 -8.43 26.16 46.54
CA ALA L 113 -8.33 24.98 47.38
C ALA L 113 -9.49 24.04 47.11
N SER L 114 -9.23 22.75 47.21
CA SER L 114 -10.27 21.73 47.13
C SER L 114 -10.77 21.31 48.49
N ASN L 115 -10.18 21.85 49.56
CA ASN L 115 -10.66 21.69 50.93
C ASN L 115 -10.75 23.07 51.54
N ILE L 116 -11.89 23.38 52.17
CA ILE L 116 -12.06 24.72 52.74
C ILE L 116 -10.94 25.02 53.72
N ASN L 117 -10.51 24.00 54.48
CA ASN L 117 -9.47 24.19 55.47
C ASN L 117 -8.10 24.47 54.84
N THR L 118 -7.94 24.26 53.55
CA THR L 118 -6.63 24.25 52.91
C THR L 118 -6.35 25.52 52.12
N ARG L 119 -5.09 25.92 52.10
CA ARG L 119 -4.68 27.11 51.38
C ARG L 119 -4.85 26.91 49.88
N ALA L 120 -5.48 27.88 49.23
CA ALA L 120 -5.39 27.98 47.77
C ALA L 120 -4.03 28.55 47.41
N SER L 121 -3.43 27.98 46.37
CA SER L 121 -2.08 28.36 45.97
C SER L 121 -2.00 28.50 44.47
N VAL L 122 -1.03 29.30 44.02
CA VAL L 122 -0.79 29.51 42.60
C VAL L 122 0.52 30.28 42.48
N GLY L 123 1.09 30.30 41.27
CA GLY L 123 2.31 31.04 41.03
C GLY L 123 2.45 31.30 39.55
N TYR L 124 3.58 31.91 39.18
CA TYR L 124 3.88 32.12 37.78
C TYR L 124 5.36 32.42 37.62
N ARG L 125 5.91 31.99 36.48
CA ARG L 125 7.31 32.19 36.14
C ARG L 125 7.44 33.36 35.18
N ILE L 126 8.46 34.18 35.38
CA ILE L 126 8.74 35.33 34.53
C ILE L 126 9.77 34.90 33.48
N PRO L 127 9.43 34.99 32.19
CA PRO L 127 10.40 34.55 31.18
C PRO L 127 11.67 35.40 31.22
N THR L 128 12.77 34.79 30.77
CA THR L 128 14.06 35.47 30.83
CA THR L 128 14.05 35.46 30.83
C THR L 128 13.99 36.85 30.19
N ASN L 129 13.20 36.99 29.12
CA ASN L 129 13.12 38.25 28.40
C ASN L 129 12.29 39.31 29.13
N LEU L 130 11.80 39.01 30.33
CA LEU L 130 11.13 39.99 31.17
C LEU L 130 11.76 40.08 32.55
N ARG L 131 13.00 39.59 32.69
CA ARG L 131 13.67 39.57 33.99
C ARG L 131 14.68 40.72 34.06
N GLN L 132 14.14 41.93 34.04
CA GLN L 132 14.94 43.11 34.31
C GLN L 132 14.85 43.44 35.81
N ASN L 133 15.66 44.40 36.24
CA ASN L 133 15.63 44.80 37.63
C ASN L 133 14.36 45.57 37.94
N THR L 134 14.02 45.60 39.22
CA THR L 134 12.89 46.39 39.71
C THR L 134 13.32 47.06 41.00
N VAL L 135 12.85 48.28 41.21
CA VAL L 135 13.21 49.07 42.39
C VAL L 135 12.01 49.15 43.32
N ALA L 136 12.25 49.66 44.53
CA ALA L 136 11.21 49.67 45.55
C ALA L 136 9.89 50.23 45.04
N ALA L 137 9.96 51.30 44.25
CA ALA L 137 8.74 51.95 43.77
C ALA L 137 7.98 51.09 42.77
N ASP L 138 8.56 50.01 42.27
CA ASP L 138 7.92 49.19 41.27
C ASP L 138 6.92 48.24 41.91
N ASN L 139 6.06 47.66 41.08
CA ASN L 139 5.10 46.65 41.49
C ASN L 139 5.45 45.32 40.84
N VAL L 140 4.98 44.26 41.47
CA VAL L 140 5.21 42.88 41.01
C VAL L 140 3.98 42.32 40.34
N CYS L 141 2.86 42.29 41.05
CA CYS L 141 1.65 41.64 40.58
C CYS L 141 0.46 42.16 41.38
N GLU L 142 -0.71 42.07 40.76
CA GLU L 142 -1.97 42.28 41.47
C GLU L 142 -2.40 40.96 42.09
N VAL L 143 -2.86 41.02 43.34
CA VAL L 143 -3.32 39.86 44.08
CA VAL L 143 -3.33 39.86 44.06
C VAL L 143 -4.81 40.05 44.38
N ARG L 144 -5.58 38.99 44.20
CA ARG L 144 -6.99 38.95 44.57
C ARG L 144 -7.20 37.70 45.41
N SER L 145 -8.13 37.77 46.35
CA SER L 145 -8.35 36.65 47.24
C SER L 145 -9.57 36.89 48.11
N ASN L 146 -10.43 35.88 48.23
CA ASN L 146 -11.50 35.92 49.22
C ASN L 146 -10.95 35.83 50.64
N CYS L 147 -9.68 35.44 50.80
CA CYS L 147 -9.02 35.46 52.10
C CYS L 147 -8.35 36.81 52.30
N ARG L 148 -8.36 37.29 53.53
CA ARG L 148 -7.97 38.67 53.80
C ARG L 148 -6.47 38.89 53.76
N GLN L 149 -5.67 37.83 53.84
N GLN L 149 -5.66 37.83 53.83
CA GLN L 149 -4.22 37.95 53.78
CA GLN L 149 -4.22 37.94 53.79
C GLN L 149 -3.66 36.85 52.89
C GLN L 149 -3.65 36.85 52.89
N VAL L 150 -2.70 37.23 52.05
CA VAL L 150 -2.08 36.32 51.08
C VAL L 150 -0.60 36.21 51.40
N ALA L 151 -0.11 34.97 51.51
CA ALA L 151 1.30 34.71 51.72
C ALA L 151 2.00 34.60 50.38
N LEU L 152 3.12 35.30 50.25
CA LEU L 152 3.90 35.29 49.02
C LEU L 152 5.30 34.77 49.30
N VAL L 153 5.86 34.06 48.31
CA VAL L 153 7.26 33.67 48.30
C VAL L 153 7.78 34.01 46.91
N ILE L 154 8.74 34.93 46.84
CA ILE L 154 9.20 35.49 45.57
C ILE L 154 10.64 35.05 45.35
N SER L 155 10.85 34.23 44.34
CA SER L 155 12.19 33.83 43.93
CA SER L 155 12.19 33.83 43.93
C SER L 155 12.80 34.94 43.08
N CYS L 156 13.88 35.54 43.56
CA CYS L 156 14.47 36.68 42.87
C CYS L 156 15.97 36.71 43.12
N CYS L 157 16.64 37.60 42.39
CA CYS L 157 18.07 37.84 42.54
C CYS L 157 18.27 39.29 42.95
N PHE L 158 18.91 39.50 44.09
CA PHE L 158 19.22 40.84 44.56
C PHE L 158 20.58 41.28 44.02
N ASN L 159 20.65 42.54 43.59
CA ASN L 159 21.87 43.06 42.98
C ASN L 159 21.97 44.57 43.15
N ASN M 16 17.15 -23.53 66.43
CA ASN M 16 18.24 -22.98 67.22
C ASN M 16 18.42 -23.75 68.53
N SER M 17 19.31 -23.25 69.38
CA SER M 17 19.55 -23.87 70.66
C SER M 17 18.37 -23.63 71.60
N ASN M 18 17.99 -24.66 72.34
CA ASN M 18 16.89 -24.58 73.28
C ASN M 18 17.32 -24.63 74.74
N VAL M 19 18.61 -24.86 75.00
CA VAL M 19 19.15 -24.85 76.35
C VAL M 19 20.31 -23.88 76.42
N VAL M 20 20.77 -23.63 77.65
CA VAL M 20 21.93 -22.77 77.85
C VAL M 20 23.16 -23.44 77.24
N THR M 21 24.12 -22.61 76.84
CA THR M 21 25.36 -23.09 76.25
C THR M 21 26.53 -22.32 76.82
N MET M 22 27.61 -23.03 77.11
CA MET M 22 28.78 -22.40 77.69
CA MET M 22 28.79 -22.40 77.69
C MET M 22 29.35 -21.36 76.74
N ILE M 23 29.96 -20.32 77.32
CA ILE M 23 30.64 -19.28 76.57
C ILE M 23 32.10 -19.33 76.97
N ARG M 24 32.95 -19.85 76.09
CA ARG M 24 34.38 -19.88 76.38
C ARG M 24 34.90 -18.45 76.44
N ALA M 25 34.53 -17.74 77.50
CA ALA M 25 35.00 -16.38 77.71
C ALA M 25 36.52 -16.38 77.90
N GLY M 26 37.08 -15.17 77.90
CA GLY M 26 38.51 -15.02 78.03
C GLY M 26 38.90 -13.98 79.06
N SER M 27 39.85 -13.12 78.71
CA SER M 27 40.31 -12.09 79.63
CA SER M 27 40.32 -12.09 79.63
C SER M 27 39.22 -11.08 79.90
N TYR M 28 39.32 -10.41 81.03
CA TYR M 28 38.30 -9.44 81.40
C TYR M 28 38.33 -8.26 80.44
N PRO M 29 37.21 -7.89 79.84
CA PRO M 29 37.21 -6.90 78.76
C PRO M 29 37.29 -5.47 79.29
N LYS M 30 37.22 -4.53 78.36
CA LYS M 30 37.06 -3.12 78.68
C LYS M 30 35.57 -2.83 78.83
N VAL M 31 35.18 -2.29 79.99
CA VAL M 31 33.78 -2.08 80.30
C VAL M 31 33.54 -0.59 80.50
N ASN M 32 32.27 -0.22 80.47
CA ASN M 32 31.84 1.16 80.72
C ASN M 32 30.42 1.10 81.25
N PRO M 33 30.22 1.28 82.57
CA PRO M 33 28.86 1.19 83.11
C PRO M 33 27.96 2.33 82.67
N THR M 34 28.53 3.47 82.30
CA THR M 34 27.76 4.66 81.92
C THR M 34 28.09 5.01 80.46
N PRO M 35 27.50 4.29 79.51
CA PRO M 35 27.79 4.56 78.09
C PRO M 35 26.93 5.71 77.56
N THR M 36 27.29 6.13 76.33
CA THR M 36 26.58 7.21 75.66
C THR M 36 25.24 6.71 75.13
N TRP M 37 24.47 7.62 74.56
CA TRP M 37 23.13 7.27 74.07
C TRP M 37 22.69 8.30 73.05
N VAL M 38 22.41 7.86 71.83
CA VAL M 38 21.76 8.69 70.82
C VAL M 38 20.26 8.51 70.95
N ARG M 39 19.52 9.61 70.97
CA ARG M 39 18.11 9.60 71.32
C ARG M 39 17.35 10.62 70.51
N ALA M 40 16.08 10.34 70.29
CA ALA M 40 15.10 11.32 69.81
C ALA M 40 14.22 11.65 71.00
N ILE M 41 14.43 12.82 71.59
CA ILE M 41 13.75 13.21 72.82
C ILE M 41 12.54 14.06 72.46
N PRO M 42 11.32 13.57 72.69
CA PRO M 42 10.15 14.41 72.47
C PRO M 42 9.74 15.15 73.72
N PHE M 43 9.45 16.43 73.59
CA PHE M 43 8.92 17.20 74.71
C PHE M 43 8.31 18.46 74.16
N GLU M 44 7.37 19.01 74.93
CA GLU M 44 6.62 20.19 74.54
C GLU M 44 7.10 21.40 75.31
N VAL M 45 6.77 22.58 74.78
CA VAL M 45 7.11 23.85 75.42
C VAL M 45 5.94 24.80 75.22
N SER M 46 5.76 25.70 76.18
CA SER M 46 4.71 26.70 76.10
C SER M 46 5.25 27.94 75.37
N VAL M 47 4.46 28.45 74.43
CA VAL M 47 4.84 29.58 73.60
C VAL M 47 3.76 30.63 73.68
N GLN M 48 4.17 31.89 73.89
CA GLN M 48 3.25 33.01 73.89
C GLN M 48 3.22 33.66 72.51
N SER M 49 2.08 34.25 72.17
CA SER M 49 1.93 34.89 70.87
CA SER M 49 1.93 34.89 70.87
C SER M 49 2.94 36.02 70.71
N GLY M 50 3.66 36.00 69.60
CA GLY M 50 4.63 37.03 69.27
C GLY M 50 5.92 37.00 70.05
N ILE M 51 6.01 36.18 71.10
CA ILE M 51 7.19 36.13 71.95
C ILE M 51 7.96 34.87 71.64
N ALA M 52 9.28 35.01 71.48
CA ALA M 52 10.15 33.85 71.31
C ALA M 52 10.41 33.19 72.65
N PHE M 53 10.49 31.87 72.65
CA PHE M 53 10.78 31.10 73.85
C PHE M 53 12.12 30.39 73.66
N LYS M 54 13.04 30.61 74.58
CA LYS M 54 14.34 29.96 74.53
C LYS M 54 14.21 28.56 75.12
N VAL M 55 14.32 27.54 74.28
CA VAL M 55 14.15 26.16 74.70
C VAL M 55 15.38 25.74 75.51
N PRO M 56 15.22 25.40 76.79
CA PRO M 56 16.40 25.04 77.59
C PRO M 56 16.89 23.63 77.31
N VAL M 57 18.20 23.51 77.20
CA VAL M 57 18.82 22.18 77.04
C VAL M 57 18.50 21.28 78.22
N GLY M 58 18.19 21.86 79.38
CA GLY M 58 17.92 21.05 80.56
C GLY M 58 16.70 20.17 80.42
N SER M 59 15.76 20.54 79.55
CA SER M 59 14.58 19.71 79.35
C SER M 59 14.92 18.36 78.75
N LEU M 60 16.13 18.21 78.19
CA LEU M 60 16.55 16.92 77.67
C LEU M 60 16.96 15.94 78.76
N PHE M 61 17.31 16.43 79.93
CA PHE M 61 17.70 15.59 81.06
C PHE M 61 16.49 15.38 81.96
N SER M 62 16.11 14.11 82.14
CA SER M 62 14.90 13.78 82.90
C SER M 62 14.72 12.28 82.98
N ALA M 63 14.23 11.79 84.12
CA ALA M 63 13.86 10.39 84.22
C ALA M 63 12.73 10.04 83.26
N ASN M 64 11.92 11.03 82.86
CA ASN M 64 10.89 10.81 81.85
C ASN M 64 11.48 10.36 80.53
N PHE M 65 12.80 10.52 80.34
CA PHE M 65 13.49 10.06 79.15
C PHE M 65 14.59 9.07 79.45
N ARG M 66 14.77 8.68 80.71
CA ARG M 66 15.88 7.84 81.17
C ARG M 66 17.21 8.56 81.09
N THR M 67 17.20 9.87 80.83
CA THR M 67 18.42 10.63 80.55
C THR M 67 18.84 11.52 81.71
N ASP M 68 18.25 11.34 82.89
CA ASP M 68 18.63 12.16 84.03
CA ASP M 68 18.63 12.17 84.02
C ASP M 68 20.05 11.87 84.52
N SER M 69 20.59 10.70 84.19
CA SER M 69 21.95 10.36 84.56
C SER M 69 22.99 11.14 83.75
N PHE M 70 22.54 11.90 82.76
CA PHE M 70 23.45 12.68 81.92
C PHE M 70 23.46 14.14 82.36
N THR M 71 24.60 14.79 82.11
CA THR M 71 24.76 16.21 82.39
C THR M 71 25.11 17.03 81.15
N SER M 72 25.58 16.39 80.08
CA SER M 72 25.91 17.06 78.84
C SER M 72 25.33 16.28 77.68
N VAL M 73 25.05 16.99 76.59
CA VAL M 73 24.40 16.40 75.43
C VAL M 73 24.84 17.14 74.18
N THR M 74 25.08 16.37 73.11
CA THR M 74 25.44 16.93 71.82
C THR M 74 24.20 16.90 70.93
N VAL M 75 23.71 18.07 70.57
CA VAL M 75 22.50 18.20 69.77
C VAL M 75 22.87 18.10 68.29
N MET M 76 22.19 17.21 67.57
CA MET M 76 22.43 17.00 66.15
C MET M 76 21.41 17.71 65.28
N SER M 77 20.12 17.52 65.55
CA SER M 77 19.07 18.16 64.77
C SER M 77 17.90 18.48 65.69
N VAL M 78 17.08 19.43 65.25
CA VAL M 78 15.94 19.91 66.02
C VAL M 78 14.74 19.98 65.09
N ARG M 79 13.63 19.38 65.51
N ARG M 79 13.64 19.34 65.47
CA ARG M 79 12.39 19.38 64.76
CA ARG M 79 12.39 19.38 64.73
C ARG M 79 11.27 19.88 65.66
C ARG M 79 11.28 19.86 65.65
N ALA M 80 10.35 20.62 65.08
CA ALA M 80 9.27 21.24 65.82
C ALA M 80 7.96 21.02 65.09
N TRP M 81 6.91 20.79 65.87
CA TRP M 81 5.55 20.76 65.36
C TRP M 81 4.69 21.60 66.31
N THR M 82 3.73 22.33 65.75
CA THR M 82 2.74 22.98 66.60
C THR M 82 1.91 21.90 67.29
N GLN M 83 1.70 22.08 68.60
CA GLN M 83 1.04 21.06 69.43
C GLN M 83 -0.42 21.36 69.69
N LEU M 84 -0.88 22.58 69.41
CA LEU M 84 -2.27 22.97 69.60
C LEU M 84 -2.76 23.69 68.36
N THR M 85 -4.08 23.87 68.28
CA THR M 85 -4.66 24.53 67.12
C THR M 85 -4.15 25.97 67.04
N PRO M 86 -4.28 26.60 65.87
CA PRO M 86 -3.92 28.01 65.75
C PRO M 86 -5.09 28.90 66.09
N PRO M 87 -4.91 30.21 66.06
CA PRO M 87 -6.05 31.12 66.28
C PRO M 87 -7.16 30.89 65.29
N VAL M 88 -8.26 31.65 65.43
CA VAL M 88 -9.32 31.61 64.43
C VAL M 88 -8.81 32.27 63.14
N ASN M 89 -9.18 31.68 62.01
CA ASN M 89 -8.87 32.17 60.67
C ASN M 89 -7.41 32.01 60.29
N GLU M 90 -6.56 31.48 61.16
CA GLU M 90 -5.12 31.43 60.91
C GLU M 90 -4.65 30.00 60.67
N TYR M 91 -3.61 29.89 59.85
CA TYR M 91 -2.91 28.64 59.65
C TYR M 91 -1.74 28.56 60.63
N SER M 92 -1.57 27.39 61.24
CA SER M 92 -0.48 27.20 62.19
C SER M 92 0.85 27.59 61.57
N PHE M 93 1.82 27.96 62.41
CA PHE M 93 3.19 28.16 61.93
C PHE M 93 4.12 28.07 63.12
N VAL M 94 5.39 27.85 62.82
CA VAL M 94 6.43 27.73 63.84
C VAL M 94 7.75 28.19 63.24
N ARG M 95 8.56 28.83 64.06
CA ARG M 95 9.87 29.31 63.66
CA ARG M 95 9.87 29.31 63.66
C ARG M 95 10.93 28.76 64.60
N LEU M 96 12.13 28.55 64.07
CA LEU M 96 13.26 28.07 64.85
C LEU M 96 14.47 28.94 64.55
N LYS M 97 15.11 29.44 65.59
CA LYS M 97 16.36 30.18 65.46
C LYS M 97 17.45 29.44 66.22
N PRO M 98 18.42 28.82 65.54
CA PRO M 98 19.45 28.07 66.26
C PRO M 98 20.28 28.97 67.16
N LEU M 99 20.48 28.53 68.41
CA LEU M 99 21.28 29.25 69.38
C LEU M 99 22.54 28.44 69.69
N PHE M 100 23.65 29.14 69.87
CA PHE M 100 24.93 28.50 70.13
C PHE M 100 25.74 29.33 71.12
N LYS M 101 26.51 28.65 71.95
CA LYS M 101 27.31 29.35 72.95
C LYS M 101 28.41 30.18 72.32
N THR M 102 29.00 29.69 71.22
CA THR M 102 30.02 30.46 70.53
C THR M 102 29.42 31.62 69.75
N GLY M 103 28.11 31.61 69.50
CA GLY M 103 27.45 32.67 68.77
C GLY M 103 26.10 32.25 68.26
N ASP M 104 25.05 32.92 68.74
CA ASP M 104 23.70 32.61 68.30
C ASP M 104 23.53 32.96 66.83
N SER M 105 22.67 32.19 66.15
CA SER M 105 22.36 32.43 64.75
CA SER M 105 22.38 32.44 64.75
C SER M 105 21.16 33.34 64.61
N THR M 106 20.93 33.81 63.39
CA THR M 106 19.81 34.70 63.09
C THR M 106 18.84 34.08 62.09
N GLU M 107 19.01 32.80 61.77
CA GLU M 107 18.09 32.14 60.85
C GLU M 107 16.76 31.87 61.55
N GLU M 108 15.66 32.15 60.85
CA GLU M 108 14.32 31.89 61.35
C GLU M 108 13.69 30.81 60.46
N PHE M 109 14.12 29.57 60.66
CA PHE M 109 13.58 28.43 59.92
C PHE M 109 12.10 28.30 60.20
N GLU M 110 11.26 28.63 59.21
CA GLU M 110 9.83 28.68 59.40
C GLU M 110 9.14 27.56 58.61
N GLY M 111 8.06 27.07 59.19
CA GLY M 111 7.17 26.14 58.51
C GLY M 111 5.73 26.49 58.83
N ARG M 112 4.87 26.47 57.82
CA ARG M 112 3.46 26.84 57.98
C ARG M 112 2.59 25.68 57.52
N ALA M 113 1.50 25.45 58.24
CA ALA M 113 0.51 24.48 57.79
C ALA M 113 -0.19 25.01 56.54
N SER M 114 -0.62 24.09 55.70
CA SER M 114 -1.46 24.43 54.56
C SER M 114 -2.91 24.02 54.78
N ASN M 115 -3.20 23.34 55.89
CA ASN M 115 -4.55 23.02 56.33
C ASN M 115 -4.66 23.48 57.77
N ILE M 116 -5.63 24.36 58.06
CA ILE M 116 -5.71 24.93 59.40
C ILE M 116 -5.72 23.83 60.45
N ASN M 117 -6.40 22.73 60.17
CA ASN M 117 -6.51 21.63 61.12
C ASN M 117 -5.22 20.84 61.28
N THR M 118 -4.20 21.11 60.47
CA THR M 118 -2.98 20.33 60.46
CA THR M 118 -2.98 20.32 60.48
C THR M 118 -1.85 21.10 61.14
N ARG M 119 -0.86 20.35 61.62
CA ARG M 119 0.30 20.95 62.25
C ARG M 119 1.20 21.61 61.21
N ALA M 120 1.85 22.70 61.63
CA ALA M 120 3.06 23.21 61.00
C ALA M 120 4.24 22.52 61.67
N SER M 121 5.37 22.45 60.95
CA SER M 121 6.51 21.70 61.50
C SER M 121 7.87 22.36 61.36
N VAL M 122 8.64 22.07 60.31
CA VAL M 122 9.99 22.62 60.14
C VAL M 122 11.01 22.10 61.14
N GLY M 123 12.29 22.13 60.74
CA GLY M 123 13.39 21.75 61.60
C GLY M 123 14.70 22.30 61.03
N TYR M 124 15.81 21.92 61.67
CA TYR M 124 17.12 22.31 61.17
C TYR M 124 18.20 21.36 61.67
N ARG M 125 19.22 21.19 60.84
CA ARG M 125 20.36 20.33 61.13
C ARG M 125 21.54 21.17 61.59
N ILE M 126 22.26 20.68 62.58
CA ILE M 126 23.46 21.33 63.11
C ILE M 126 24.67 20.73 62.41
N PRO M 127 25.49 21.53 61.73
CA PRO M 127 26.67 20.95 61.07
C PRO M 127 27.62 20.34 62.09
N THR M 128 28.43 19.38 61.61
CA THR M 128 29.34 18.67 62.49
CA THR M 128 29.34 18.67 62.49
C THR M 128 30.25 19.61 63.26
N ASN M 129 30.64 20.73 62.65
CA ASN M 129 31.58 21.64 63.30
C ASN M 129 30.96 22.46 64.42
N LEU M 130 29.63 22.45 64.56
CA LEU M 130 28.97 23.14 65.65
C LEU M 130 28.37 22.17 66.67
N ARG M 131 28.69 20.88 66.57
CA ARG M 131 28.15 19.87 67.47
C ARG M 131 29.08 19.68 68.67
N GLN M 132 29.08 20.68 69.54
CA GLN M 132 29.74 20.60 70.82
C GLN M 132 28.72 20.28 71.91
N ASN M 133 29.22 19.88 73.06
CA ASN M 133 28.34 19.57 74.18
C ASN M 133 27.56 20.82 74.60
N THR M 134 26.44 20.59 75.27
CA THR M 134 25.69 21.63 75.94
C THR M 134 25.23 21.09 77.28
N VAL M 135 24.95 22.00 78.21
CA VAL M 135 24.52 21.60 79.55
C VAL M 135 23.12 22.12 79.81
N ALA M 136 22.57 21.80 80.98
CA ALA M 136 21.19 22.17 81.28
C ALA M 136 20.98 23.68 81.19
N ALA M 137 21.97 24.46 81.62
CA ALA M 137 21.83 25.90 81.62
C ALA M 137 21.71 26.48 80.21
N ASP M 138 22.21 25.78 79.20
CA ASP M 138 22.29 26.32 77.86
C ASP M 138 20.93 26.26 77.17
N ASN M 139 20.84 26.95 76.03
CA ASN M 139 19.62 27.03 75.24
C ASN M 139 19.87 26.46 73.86
N VAL M 140 18.92 25.66 73.38
CA VAL M 140 19.02 25.07 72.05
C VAL M 140 18.67 26.09 70.99
N CYS M 141 17.48 26.69 71.09
CA CYS M 141 16.99 27.56 70.03
C CYS M 141 15.79 28.34 70.54
N GLU M 142 15.53 29.47 69.89
CA GLU M 142 14.29 30.20 70.09
C GLU M 142 13.17 29.59 69.24
N VAL M 143 11.95 29.63 69.77
CA VAL M 143 10.78 29.11 69.08
CA VAL M 143 10.79 29.11 69.07
C VAL M 143 9.70 30.17 69.07
N ARG M 144 9.14 30.44 67.89
CA ARG M 144 8.02 31.35 67.73
C ARG M 144 6.88 30.60 67.05
N SER M 145 5.65 30.99 67.38
CA SER M 145 4.50 30.29 66.84
C SER M 145 3.20 30.97 67.27
N ASN M 146 2.22 30.98 66.37
CA ASN M 146 0.89 31.45 66.73
C ASN M 146 0.13 30.44 67.57
N CYS M 147 0.62 29.21 67.66
CA CYS M 147 0.04 28.21 68.55
C CYS M 147 0.72 28.29 69.92
N ARG M 148 -0.06 27.99 70.96
CA ARG M 148 0.40 28.21 72.32
C ARG M 148 1.40 27.14 72.78
N GLN M 149 1.37 25.95 72.19
CA GLN M 149 2.34 24.91 72.52
C GLN M 149 3.01 24.42 71.24
N VAL M 150 4.25 23.94 71.40
CA VAL M 150 5.04 23.45 70.29
C VAL M 150 5.68 22.13 70.71
N ALA M 151 5.35 21.05 69.99
CA ALA M 151 5.98 19.77 70.23
C ALA M 151 7.34 19.71 69.55
N LEU M 152 8.37 19.38 70.33
CA LEU M 152 9.72 19.28 69.82
C LEU M 152 10.18 17.83 69.85
N VAL M 153 11.03 17.48 68.89
CA VAL M 153 11.74 16.21 68.85
C VAL M 153 13.18 16.54 68.52
N ILE M 154 14.09 16.30 69.46
CA ILE M 154 15.48 16.69 69.32
C ILE M 154 16.32 15.43 69.21
N SER M 155 16.93 15.24 68.04
CA SER M 155 17.93 14.20 67.85
C SER M 155 19.22 14.65 68.50
N CYS M 156 19.71 13.88 69.48
CA CYS M 156 20.88 14.30 70.24
C CYS M 156 21.63 13.07 70.73
N CYS M 157 22.88 13.32 71.14
CA CYS M 157 23.77 12.28 71.66
C CYS M 157 24.06 12.61 73.12
N PHE M 158 23.46 11.85 74.04
CA PHE M 158 23.73 12.03 75.45
C PHE M 158 25.06 11.40 75.82
N ASN M 159 25.91 12.17 76.51
CA ASN M 159 27.21 11.68 76.95
C ASN M 159 27.56 12.22 78.33
N ASN N 16 -12.66 -27.14 36.11
CA ASN N 16 -13.52 -27.49 37.24
C ASN N 16 -14.65 -28.38 36.76
N SER N 17 -15.33 -29.03 37.71
CA SER N 17 -16.41 -29.96 37.41
C SER N 17 -17.75 -29.36 37.80
N ASN N 18 -18.80 -30.16 37.66
CA ASN N 18 -20.16 -29.74 37.94
C ASN N 18 -20.93 -30.74 38.80
N VAL N 19 -20.36 -31.91 39.11
CA VAL N 19 -21.01 -32.91 39.93
C VAL N 19 -20.04 -33.38 41.00
N VAL N 20 -20.61 -34.09 41.99
CA VAL N 20 -19.80 -34.67 43.04
C VAL N 20 -18.82 -35.68 42.44
N THR N 21 -17.77 -35.98 43.20
CA THR N 21 -16.78 -36.96 42.79
C THR N 21 -16.31 -37.73 44.02
N MET N 22 -15.94 -38.98 43.78
CA MET N 22 -15.45 -39.83 44.86
CA MET N 22 -15.45 -39.85 44.84
C MET N 22 -14.08 -39.37 45.31
N ILE N 23 -13.76 -39.67 46.57
CA ILE N 23 -12.45 -39.39 47.14
C ILE N 23 -11.92 -40.71 47.68
N ARG N 24 -10.86 -41.23 47.06
CA ARG N 24 -10.26 -42.47 47.54
C ARG N 24 -9.58 -42.20 48.89
N ALA N 25 -10.40 -41.89 49.89
CA ALA N 25 -9.89 -41.64 51.23
C ALA N 25 -9.20 -42.87 51.79
N GLY N 26 -8.34 -42.65 52.78
CA GLY N 26 -7.57 -43.72 53.37
C GLY N 26 -7.76 -43.87 54.86
N SER N 27 -6.65 -44.11 55.57
CA SER N 27 -6.72 -44.32 57.00
C SER N 27 -7.22 -43.06 57.71
N TYR N 28 -7.89 -43.26 58.83
CA TYR N 28 -8.47 -42.14 59.56
C TYR N 28 -7.36 -41.14 59.92
N PRO N 29 -7.52 -39.87 59.60
CA PRO N 29 -6.41 -38.92 59.76
C PRO N 29 -6.25 -38.52 61.22
N LYS N 30 -5.24 -37.68 61.45
CA LYS N 30 -5.12 -36.97 62.72
C LYS N 30 -6.05 -35.76 62.68
N VAL N 31 -6.94 -35.66 63.67
CA VAL N 31 -7.96 -34.63 63.70
C VAL N 31 -7.77 -33.77 64.93
N ASN N 32 -8.44 -32.62 64.93
CA ASN N 32 -8.38 -31.69 66.05
C ASN N 32 -9.64 -30.83 66.03
N PRO N 33 -10.65 -31.16 66.85
CA PRO N 33 -11.91 -30.40 66.75
C PRO N 33 -11.78 -28.97 67.22
N THR N 34 -10.83 -28.67 68.10
CA THR N 34 -10.63 -27.34 68.66
C THR N 34 -9.24 -26.86 68.27
N PRO N 35 -9.06 -26.40 67.03
CA PRO N 35 -7.73 -25.97 66.59
C PRO N 35 -7.40 -24.55 67.05
N THR N 36 -6.14 -24.18 66.83
CA THR N 36 -5.69 -22.84 67.11
C THR N 36 -6.28 -21.87 66.08
N TRP N 37 -5.96 -20.58 66.22
CA TRP N 37 -6.50 -19.59 65.30
C TRP N 37 -5.71 -18.29 65.41
N VAL N 38 -5.33 -17.73 64.27
CA VAL N 38 -4.60 -16.47 64.21
C VAL N 38 -5.59 -15.38 63.80
N ARG N 39 -5.62 -14.29 64.57
CA ARG N 39 -6.66 -13.29 64.42
C ARG N 39 -6.09 -11.90 64.58
N ALA N 40 -6.88 -10.91 64.17
CA ALA N 40 -6.65 -9.50 64.48
C ALA N 40 -7.96 -8.99 65.10
N ILE N 41 -8.00 -8.92 66.42
CA ILE N 41 -9.23 -8.64 67.14
C ILE N 41 -9.44 -7.14 67.26
N PRO N 42 -10.59 -6.60 66.81
CA PRO N 42 -10.87 -5.18 67.04
C PRO N 42 -11.82 -4.98 68.21
N PHE N 43 -11.42 -4.16 69.17
CA PHE N 43 -12.31 -3.78 70.26
C PHE N 43 -11.86 -2.43 70.79
N GLU N 44 -12.74 -1.77 71.54
CA GLU N 44 -12.49 -0.45 72.07
C GLU N 44 -12.39 -0.50 73.59
N VAL N 45 -11.76 0.53 74.14
CA VAL N 45 -11.62 0.69 75.58
C VAL N 45 -11.82 2.15 75.91
N SER N 46 -12.34 2.42 77.11
CA SER N 46 -12.60 3.77 77.56
C SER N 46 -11.43 4.25 78.42
N VAL N 47 -10.78 5.32 77.97
CA VAL N 47 -9.63 5.90 78.64
C VAL N 47 -10.01 7.27 79.16
N GLN N 48 -9.33 7.71 80.21
CA GLN N 48 -9.56 9.02 80.81
C GLN N 48 -8.27 9.82 80.78
N SER N 49 -8.42 11.13 80.98
CA SER N 49 -7.27 12.03 80.87
CA SER N 49 -7.28 12.03 80.88
C SER N 49 -6.23 11.72 81.94
N GLY N 50 -4.96 11.70 81.52
CA GLY N 50 -3.83 11.57 82.42
C GLY N 50 -3.73 10.29 83.23
N ILE N 51 -4.59 9.31 82.95
CA ILE N 51 -4.59 8.06 83.69
C ILE N 51 -4.49 6.91 82.69
N ALA N 52 -3.57 5.99 82.94
CA ALA N 52 -3.38 4.83 82.08
C ALA N 52 -4.48 3.80 82.34
N PHE N 53 -4.87 3.12 81.27
CA PHE N 53 -5.86 2.04 81.33
C PHE N 53 -5.17 0.73 80.98
N LYS N 54 -5.21 -0.23 81.90
CA LYS N 54 -4.69 -1.56 81.64
C LYS N 54 -5.71 -2.34 80.83
N VAL N 55 -5.29 -2.87 79.67
CA VAL N 55 -6.16 -3.62 78.78
C VAL N 55 -6.17 -5.08 79.25
N PRO N 56 -7.31 -5.62 79.68
CA PRO N 56 -7.33 -7.02 80.10
C PRO N 56 -7.35 -7.95 78.90
N VAL N 57 -6.52 -9.00 78.98
CA VAL N 57 -6.54 -10.03 77.95
C VAL N 57 -7.93 -10.64 77.82
N GLY N 58 -8.70 -10.62 78.91
CA GLY N 58 -10.03 -11.18 78.87
C GLY N 58 -10.93 -10.58 77.82
N SER N 59 -10.63 -9.36 77.36
CA SER N 59 -11.41 -8.74 76.30
C SER N 59 -11.28 -9.49 74.98
N LEU N 60 -10.23 -10.29 74.81
CA LEU N 60 -10.03 -11.01 73.57
C LEU N 60 -10.94 -12.23 73.47
N PHE N 61 -11.35 -12.80 74.61
CA PHE N 61 -12.24 -13.95 74.63
C PHE N 61 -13.68 -13.48 74.71
N SER N 62 -14.48 -13.81 73.70
CA SER N 62 -15.85 -13.33 73.61
C SER N 62 -16.56 -13.93 72.41
N ALA N 63 -17.83 -14.32 72.57
CA ALA N 63 -18.59 -14.81 71.42
C ALA N 63 -18.75 -13.75 70.35
N ASN N 64 -18.49 -12.48 70.68
CA ASN N 64 -18.49 -11.42 69.67
C ASN N 64 -17.31 -11.53 68.72
N PHE N 65 -16.29 -12.32 69.07
CA PHE N 65 -15.16 -12.58 68.19
C PHE N 65 -15.06 -14.05 67.78
N ARG N 66 -15.99 -14.89 68.24
CA ARG N 66 -15.94 -16.33 68.05
C ARG N 66 -14.88 -17.00 68.91
N THR N 67 -14.45 -16.33 69.98
CA THR N 67 -13.34 -16.79 70.80
C THR N 67 -13.75 -17.06 72.24
N ASP N 68 -15.05 -17.23 72.50
CA ASP N 68 -15.49 -17.58 73.84
C ASP N 68 -15.04 -18.98 74.24
N SER N 69 -14.63 -19.80 73.27
CA SER N 69 -14.17 -21.15 73.54
C SER N 69 -12.70 -21.23 73.92
N PHE N 70 -11.94 -20.17 73.70
CA PHE N 70 -10.53 -20.15 74.09
C PHE N 70 -10.39 -19.62 75.51
N THR N 71 -9.36 -20.12 76.20
CA THR N 71 -9.00 -19.62 77.52
C THR N 71 -7.63 -18.97 77.55
N SER N 72 -6.81 -19.18 76.52
CA SER N 72 -5.47 -18.62 76.46
C SER N 72 -5.27 -17.97 75.10
N VAL N 73 -4.23 -17.15 75.00
CA VAL N 73 -3.92 -16.47 73.75
C VAL N 73 -2.47 -16.00 73.81
N THR N 74 -1.78 -16.15 72.69
CA THR N 74 -0.42 -15.62 72.52
C THR N 74 -0.53 -14.34 71.71
N VAL N 75 -0.20 -13.21 72.32
CA VAL N 75 -0.28 -11.92 71.63
C VAL N 75 1.01 -11.71 70.84
N MET N 76 0.87 -11.12 69.65
CA MET N 76 2.00 -10.81 68.80
CA MET N 76 2.00 -10.81 68.80
C MET N 76 2.22 -9.31 68.67
N SER N 77 1.25 -8.58 68.12
CA SER N 77 1.38 -7.14 67.93
C SER N 77 0.11 -6.43 68.39
N VAL N 78 0.30 -5.21 68.88
CA VAL N 78 -0.79 -4.40 69.42
C VAL N 78 -0.77 -3.06 68.69
N ARG N 79 -1.92 -2.68 68.13
CA ARG N 79 -2.10 -1.39 67.48
C ARG N 79 -3.25 -0.66 68.14
N ALA N 80 -3.09 0.62 68.39
CA ALA N 80 -4.10 1.46 69.01
C ALA N 80 -4.48 2.60 68.09
N TRP N 81 -5.67 3.13 68.31
CA TRP N 81 -6.15 4.28 67.59
C TRP N 81 -7.11 5.05 68.48
N THR N 82 -6.97 6.37 68.50
CA THR N 82 -7.97 7.20 69.17
C THR N 82 -9.31 7.01 68.47
N GLN N 83 -10.33 6.66 69.25
CA GLN N 83 -11.67 6.40 68.70
C GLN N 83 -12.58 7.61 68.74
N LEU N 84 -12.26 8.62 69.55
CA LEU N 84 -13.08 9.81 69.67
C LEU N 84 -12.20 11.04 69.55
N THR N 85 -12.83 12.17 69.23
CA THR N 85 -12.09 13.40 69.00
C THR N 85 -11.35 13.81 70.27
N PRO N 86 -10.33 14.65 70.13
CA PRO N 86 -9.56 15.08 71.30
C PRO N 86 -10.22 16.28 71.97
N PRO N 87 -9.69 16.74 73.09
CA PRO N 87 -10.20 17.97 73.71
C PRO N 87 -9.98 19.16 72.78
N VAL N 88 -10.79 20.19 72.99
CA VAL N 88 -10.68 21.38 72.16
C VAL N 88 -9.25 21.90 72.18
N ASN N 89 -8.74 22.28 71.01
CA ASN N 89 -7.44 22.89 70.78
C ASN N 89 -6.30 21.87 70.74
N GLU N 90 -6.55 20.59 70.98
CA GLU N 90 -5.49 19.60 71.08
C GLU N 90 -5.46 18.69 69.86
N TYR N 91 -4.29 18.07 69.66
CA TYR N 91 -4.12 17.02 68.66
C TYR N 91 -4.21 15.67 69.35
N SER N 92 -4.98 14.76 68.78
CA SER N 92 -5.11 13.42 69.35
C SER N 92 -3.73 12.82 69.61
N PHE N 93 -3.64 12.01 70.66
CA PHE N 93 -2.44 11.21 70.90
C PHE N 93 -2.85 9.94 71.61
N VAL N 94 -1.89 9.02 71.73
CA VAL N 94 -2.13 7.73 72.36
C VAL N 94 -0.78 7.11 72.67
N ARG N 95 -0.66 6.54 73.86
CA ARG N 95 0.55 5.85 74.30
C ARG N 95 0.23 4.40 74.59
N LEU N 96 1.24 3.54 74.45
CA LEU N 96 1.11 2.12 74.75
C LEU N 96 2.32 1.68 75.56
N LYS N 97 2.06 1.05 76.70
CA LYS N 97 3.12 0.50 77.55
C LYS N 97 2.95 -1.01 77.62
N PRO N 98 3.83 -1.81 77.01
CA PRO N 98 3.65 -3.26 77.06
C PRO N 98 3.74 -3.79 78.49
N LEU N 99 2.93 -4.82 78.77
CA LEU N 99 2.90 -5.45 80.08
C LEU N 99 3.12 -6.95 79.91
N PHE N 100 3.99 -7.52 80.73
CA PHE N 100 4.33 -8.93 80.68
C PHE N 100 4.37 -9.49 82.09
N LYS N 101 3.81 -10.69 82.26
CA LYS N 101 3.79 -11.31 83.58
C LYS N 101 5.20 -11.47 84.14
N THR N 102 6.16 -11.76 83.28
CA THR N 102 7.56 -11.88 83.70
C THR N 102 8.21 -10.53 83.95
N GLY N 103 7.51 -9.43 83.68
CA GLY N 103 8.05 -8.11 83.91
C GLY N 103 7.42 -7.04 83.04
N ASP N 104 6.67 -6.14 83.66
CA ASP N 104 6.08 -5.02 82.92
C ASP N 104 7.18 -4.11 82.39
N SER N 105 6.90 -3.48 81.25
CA SER N 105 7.85 -2.61 80.60
CA SER N 105 7.85 -2.61 80.60
C SER N 105 7.61 -1.15 80.99
N THR N 106 8.54 -0.29 80.58
CA THR N 106 8.45 1.15 80.82
C THR N 106 8.48 1.93 79.51
N GLU N 107 8.23 1.27 78.39
CA GLU N 107 8.16 1.95 77.11
C GLU N 107 6.81 2.64 76.96
N GLU N 108 6.83 3.87 76.45
CA GLU N 108 5.62 4.63 76.18
C GLU N 108 5.57 4.91 74.67
N PHE N 109 5.35 3.85 73.89
CA PHE N 109 5.19 4.00 72.44
C PHE N 109 4.02 4.93 72.15
N GLU N 110 4.32 6.16 71.74
CA GLU N 110 3.32 7.20 71.57
C GLU N 110 3.17 7.55 70.10
N GLY N 111 1.95 7.91 69.72
CA GLY N 111 1.67 8.43 68.40
C GLY N 111 0.70 9.58 68.51
N ARG N 112 0.91 10.62 67.72
CA ARG N 112 0.04 11.79 67.74
C ARG N 112 -0.50 12.06 66.34
N ALA N 113 -1.68 12.67 66.29
CA ALA N 113 -2.25 13.10 65.02
C ALA N 113 -1.61 14.42 64.61
N SER N 114 -1.41 14.59 63.31
CA SER N 114 -0.98 15.85 62.74
C SER N 114 -2.15 16.67 62.21
N ASN N 115 -3.35 16.12 62.25
CA ASN N 115 -4.59 16.83 61.95
C ASN N 115 -5.54 16.59 63.12
N ILE N 116 -6.04 17.67 63.73
CA ILE N 116 -6.89 17.53 64.90
C ILE N 116 -8.03 16.56 64.62
N ASN N 117 -8.55 16.58 63.39
CA ASN N 117 -9.68 15.75 63.01
C ASN N 117 -9.30 14.31 62.72
N THR N 118 -8.03 13.94 62.85
CA THR N 118 -7.54 12.62 62.48
CA THR N 118 -7.55 12.62 62.49
C THR N 118 -7.07 11.87 63.72
N ARG N 119 -7.15 10.54 63.64
CA ARG N 119 -6.75 9.70 64.76
C ARG N 119 -5.24 9.69 64.92
N ALA N 120 -4.81 9.46 66.17
CA ALA N 120 -3.45 9.04 66.47
C ALA N 120 -3.45 7.52 66.64
N SER N 121 -2.34 6.89 66.27
CA SER N 121 -2.34 5.44 66.11
C SER N 121 -1.33 4.71 66.97
N VAL N 122 -0.09 4.63 66.51
CA VAL N 122 1.00 3.88 67.13
C VAL N 122 0.63 2.42 67.39
N GLY N 123 1.65 1.64 67.66
CA GLY N 123 1.51 0.23 68.00
C GLY N 123 2.90 -0.32 68.26
N TYR N 124 2.94 -1.54 68.75
CA TYR N 124 4.23 -2.17 69.02
C TYR N 124 4.15 -3.67 68.74
N ARG N 125 5.31 -4.26 68.54
CA ARG N 125 5.46 -5.68 68.30
C ARG N 125 6.10 -6.33 69.53
N ILE N 126 5.69 -7.56 69.82
CA ILE N 126 6.26 -8.35 70.91
C ILE N 126 7.29 -9.30 70.31
N PRO N 127 8.55 -9.21 70.70
CA PRO N 127 9.55 -10.17 70.18
C PRO N 127 9.12 -11.60 70.45
N THR N 128 9.80 -12.53 69.76
CA THR N 128 9.42 -13.93 69.88
CA THR N 128 9.42 -13.93 69.87
C THR N 128 9.66 -14.47 71.28
N ASN N 129 10.73 -14.01 71.93
CA ASN N 129 11.07 -14.52 73.27
C ASN N 129 10.07 -14.10 74.34
N LEU N 130 9.14 -13.19 74.03
CA LEU N 130 8.10 -12.78 74.96
C LEU N 130 6.72 -13.21 74.51
N ARG N 131 6.63 -14.13 73.55
CA ARG N 131 5.34 -14.56 73.02
C ARG N 131 4.85 -15.81 73.74
N GLN N 132 4.63 -15.66 75.04
CA GLN N 132 4.00 -16.70 75.83
C GLN N 132 2.50 -16.48 75.88
N ASN N 133 1.79 -17.46 76.42
CA ASN N 133 0.35 -17.35 76.52
C ASN N 133 -0.05 -16.36 77.61
N THR N 134 -1.27 -15.86 77.51
CA THR N 134 -1.86 -14.99 78.53
C THR N 134 -3.32 -15.36 78.69
N VAL N 135 -3.76 -15.42 79.95
CA VAL N 135 -5.14 -15.76 80.27
C VAL N 135 -5.91 -14.47 80.48
N ALA N 136 -7.23 -14.57 80.70
CA ALA N 136 -8.04 -13.38 80.87
C ALA N 136 -7.52 -12.50 81.99
N ALA N 137 -7.08 -13.12 83.09
CA ALA N 137 -6.62 -12.34 84.24
C ALA N 137 -5.48 -11.40 83.89
N ASP N 138 -4.67 -11.76 82.89
CA ASP N 138 -3.47 -10.99 82.60
C ASP N 138 -3.81 -9.69 81.87
N ASN N 139 -2.81 -8.82 81.79
CA ASN N 139 -2.94 -7.54 81.11
C ASN N 139 -1.98 -7.50 79.92
N VAL N 140 -2.42 -6.82 78.86
CA VAL N 140 -1.62 -6.70 77.64
C VAL N 140 -0.73 -5.47 77.75
N CYS N 141 -1.35 -4.30 77.90
CA CYS N 141 -0.62 -3.04 77.84
C CYS N 141 -1.44 -1.97 78.53
N GLU N 142 -0.75 -0.93 79.00
CA GLU N 142 -1.40 0.28 79.48
C GLU N 142 -1.66 1.22 78.31
N VAL N 143 -2.81 1.87 78.33
CA VAL N 143 -3.22 2.80 77.29
C VAL N 143 -3.45 4.17 77.92
N ARG N 144 -2.80 5.19 77.37
CA ARG N 144 -3.04 6.57 77.75
C ARG N 144 -3.53 7.34 76.53
N SER N 145 -4.33 8.36 76.75
CA SER N 145 -4.84 9.15 75.64
C SER N 145 -5.63 10.34 76.16
N ASN N 146 -5.47 11.49 75.50
CA ASN N 146 -6.36 12.62 75.71
C ASN N 146 -7.73 12.41 75.08
N CYS N 147 -7.93 11.28 74.40
CA CYS N 147 -9.21 10.93 73.80
C CYS N 147 -9.90 9.89 74.67
N ARG N 148 -11.22 10.04 74.83
CA ARG N 148 -11.93 9.29 75.85
C ARG N 148 -12.05 7.81 75.51
N GLN N 149 -11.84 7.41 74.25
CA GLN N 149 -11.96 6.02 73.86
CA GLN N 149 -11.97 6.02 73.85
C GLN N 149 -10.89 5.71 72.82
N VAL N 150 -10.17 4.60 73.04
CA VAL N 150 -9.12 4.16 72.14
C VAL N 150 -9.56 2.85 71.49
N ALA N 151 -9.57 2.82 70.16
CA ALA N 151 -9.82 1.59 69.43
C ALA N 151 -8.53 0.81 69.30
N LEU N 152 -8.61 -0.50 69.48
CA LEU N 152 -7.45 -1.37 69.43
C LEU N 152 -7.66 -2.46 68.39
N VAL N 153 -6.54 -2.93 67.83
CA VAL N 153 -6.52 -4.09 66.94
C VAL N 153 -5.32 -4.92 67.38
N ILE N 154 -5.58 -6.06 68.00
CA ILE N 154 -4.55 -6.91 68.57
C ILE N 154 -4.41 -8.15 67.69
N SER N 155 -3.25 -8.30 67.07
CA SER N 155 -2.93 -9.52 66.32
CA SER N 155 -2.93 -9.52 66.32
C SER N 155 -2.42 -10.56 67.29
N CYS N 156 -3.17 -11.64 67.46
CA CYS N 156 -2.85 -12.65 68.46
C CYS N 156 -3.12 -14.03 67.89
N CYS N 157 -2.66 -15.05 68.63
N CYS N 157 -2.66 -15.05 68.63
CA CYS N 157 -2.78 -16.45 68.23
CA CYS N 157 -2.79 -16.44 68.24
C CYS N 157 -3.50 -17.20 69.36
C CYS N 157 -3.51 -17.19 69.36
N PHE N 158 -4.78 -17.51 69.14
CA PHE N 158 -5.57 -18.20 70.14
C PHE N 158 -5.23 -19.68 70.18
N ASN N 159 -5.13 -20.21 71.40
CA ASN N 159 -4.89 -21.64 71.58
C ASN N 159 -5.46 -22.10 72.92
N ARG O 10 2.06 2.50 -2.89
CA ARG O 10 2.76 3.23 -1.83
C ARG O 10 1.80 3.80 -0.79
N LYS O 11 0.66 3.14 -0.57
CA LYS O 11 -0.36 3.74 0.28
C LYS O 11 -1.13 2.67 1.03
N SER O 12 -1.96 3.15 1.97
CA SER O 12 -2.84 2.35 2.79
C SER O 12 -3.38 3.22 3.91
N THR O 13 -4.36 4.06 3.60
CA THR O 13 -4.87 5.08 4.53
C THR O 13 -6.40 5.01 4.57
N GLY O 14 -6.92 3.86 5.01
CA GLY O 14 -8.34 3.61 4.85
C GLY O 14 -9.13 3.06 6.01
N ASP O 15 -9.38 3.89 7.03
CA ASP O 15 -10.37 3.59 8.04
C ASP O 15 -11.12 4.83 8.49
N ASN O 16 -10.86 5.99 7.88
CA ASN O 16 -11.49 7.26 8.21
C ASN O 16 -12.50 7.58 7.12
N SER O 17 -13.64 6.89 7.16
CA SER O 17 -14.67 7.08 6.16
C SER O 17 -15.47 8.35 6.47
N ASN O 18 -15.93 9.01 5.41
CA ASN O 18 -16.75 10.20 5.53
C ASN O 18 -18.16 10.01 5.02
N VAL O 19 -18.45 8.93 4.32
CA VAL O 19 -19.78 8.65 3.80
C VAL O 19 -20.22 7.27 4.27
N VAL O 20 -21.52 7.01 4.12
CA VAL O 20 -22.06 5.71 4.45
C VAL O 20 -21.48 4.65 3.51
N THR O 21 -21.23 3.47 4.05
CA THR O 21 -20.70 2.36 3.29
C THR O 21 -21.58 1.14 3.48
N MET O 22 -21.69 0.34 2.42
CA MET O 22 -22.52 -0.85 2.48
CA MET O 22 -22.50 -0.87 2.47
C MET O 22 -21.93 -1.86 3.47
N ILE O 23 -22.80 -2.71 3.98
CA ILE O 23 -22.41 -3.85 4.83
C ILE O 23 -22.95 -5.09 4.14
N ARG O 24 -22.05 -5.98 3.71
CA ARG O 24 -22.45 -7.20 3.04
C ARG O 24 -22.94 -8.19 4.09
N ALA O 25 -24.11 -7.86 4.64
CA ALA O 25 -24.73 -8.64 5.70
C ALA O 25 -25.12 -10.02 5.19
N GLY O 26 -25.16 -10.98 6.11
CA GLY O 26 -25.47 -12.35 5.77
C GLY O 26 -26.76 -12.83 6.39
N SER O 27 -26.81 -14.12 6.72
CA SER O 27 -28.01 -14.69 7.30
C SER O 27 -28.39 -13.95 8.58
N TYR O 28 -29.66 -14.03 8.94
CA TYR O 28 -30.13 -13.33 10.12
C TYR O 28 -29.42 -13.88 11.35
N PRO O 29 -28.90 -13.01 12.23
CA PRO O 29 -28.07 -13.48 13.35
C PRO O 29 -28.94 -13.98 14.50
N LYS O 30 -28.26 -14.41 15.56
CA LYS O 30 -28.91 -14.73 16.82
C LYS O 30 -29.04 -13.45 17.63
N VAL O 31 -30.28 -13.03 17.89
CA VAL O 31 -30.54 -11.74 18.48
C VAL O 31 -31.08 -11.93 19.89
N ASN O 32 -30.98 -10.88 20.69
CA ASN O 32 -31.51 -10.88 22.06
C ASN O 32 -31.98 -9.49 22.40
N PRO O 33 -33.30 -9.26 22.43
CA PRO O 33 -33.78 -7.90 22.73
C PRO O 33 -33.52 -7.47 24.17
N THR O 34 -33.36 -8.43 25.09
CA THR O 34 -33.33 -8.16 26.51
C THR O 34 -32.06 -8.75 27.12
N PRO O 35 -30.90 -8.22 26.74
CA PRO O 35 -29.63 -8.82 27.20
C PRO O 35 -29.40 -8.54 28.67
N THR O 36 -28.36 -9.20 29.19
CA THR O 36 -27.91 -8.93 30.55
C THR O 36 -27.18 -7.59 30.60
N TRP O 37 -26.68 -7.24 31.79
CA TRP O 37 -25.99 -5.97 31.96
C TRP O 37 -25.21 -5.97 33.27
N VAL O 38 -23.90 -5.83 33.18
CA VAL O 38 -23.05 -5.71 34.36
C VAL O 38 -23.02 -4.24 34.77
N ARG O 39 -23.30 -3.97 36.04
CA ARG O 39 -23.56 -2.62 36.50
C ARG O 39 -22.94 -2.39 37.86
N ALA O 40 -22.62 -1.12 38.13
CA ALA O 40 -22.32 -0.62 39.47
C ALA O 40 -23.45 0.32 39.85
N ILE O 41 -24.31 -0.11 40.75
CA ILE O 41 -25.53 0.62 41.10
C ILE O 41 -25.24 1.44 42.36
N PRO O 42 -25.26 2.77 42.30
CA PRO O 42 -25.15 3.57 43.52
C PRO O 42 -26.52 3.90 44.09
N PHE O 43 -26.64 3.75 45.41
CA PHE O 43 -27.87 4.10 46.09
C PHE O 43 -27.59 4.15 47.59
N GLU O 44 -28.52 4.77 48.33
CA GLU O 44 -28.34 5.05 49.74
C GLU O 44 -29.49 4.46 50.55
N VAL O 45 -29.24 4.30 51.84
CA VAL O 45 -30.21 3.74 52.76
C VAL O 45 -30.13 4.51 54.07
N SER O 46 -31.24 4.53 54.82
CA SER O 46 -31.29 5.17 56.12
C SER O 46 -31.02 4.14 57.20
N VAL O 47 -30.11 4.46 58.12
CA VAL O 47 -29.66 3.56 59.17
C VAL O 47 -29.86 4.25 60.52
N GLN O 48 -30.43 3.53 61.47
CA GLN O 48 -30.62 4.05 62.82
C GLN O 48 -29.48 3.57 63.72
N SER O 49 -29.14 4.41 64.70
CA SER O 49 -28.07 4.09 65.63
C SER O 49 -28.30 2.71 66.23
N GLY O 50 -27.24 1.91 66.28
CA GLY O 50 -27.28 0.62 66.92
C GLY O 50 -28.18 -0.41 66.27
N ILE O 51 -28.91 -0.04 65.22
CA ILE O 51 -29.85 -0.93 64.55
C ILE O 51 -29.29 -1.33 63.19
N ALA O 52 -29.39 -2.61 62.87
CA ALA O 52 -28.95 -3.13 61.58
C ALA O 52 -30.09 -3.02 60.58
N PHE O 53 -29.78 -2.46 59.40
CA PHE O 53 -30.76 -2.28 58.34
C PHE O 53 -30.46 -3.25 57.21
N LYS O 54 -31.41 -4.15 56.93
CA LYS O 54 -31.25 -5.08 55.83
C LYS O 54 -31.45 -4.36 54.50
N VAL O 55 -30.47 -4.46 53.61
CA VAL O 55 -30.54 -3.80 52.31
C VAL O 55 -31.39 -4.66 51.38
N PRO O 56 -32.49 -4.15 50.83
CA PRO O 56 -33.33 -4.98 49.96
C PRO O 56 -32.80 -5.02 48.54
N VAL O 57 -32.84 -6.21 47.95
CA VAL O 57 -32.41 -6.37 46.56
C VAL O 57 -33.25 -5.52 45.63
N GLY O 58 -34.53 -5.33 45.95
CA GLY O 58 -35.39 -4.54 45.10
C GLY O 58 -34.89 -3.14 44.84
N SER O 59 -33.99 -2.63 45.67
CA SER O 59 -33.42 -1.30 45.44
C SER O 59 -32.63 -1.24 44.14
N LEU O 60 -32.13 -2.38 43.67
CA LEU O 60 -31.36 -2.39 42.42
C LEU O 60 -32.26 -2.24 41.20
N PHE O 61 -33.49 -2.77 41.27
CA PHE O 61 -34.44 -2.63 40.18
C PHE O 61 -35.13 -1.27 40.30
N SER O 62 -34.93 -0.42 39.30
CA SER O 62 -35.50 0.92 39.33
C SER O 62 -35.26 1.59 37.99
N ALA O 63 -36.26 2.35 37.53
CA ALA O 63 -36.06 3.17 36.33
C ALA O 63 -34.97 4.21 36.54
N ASN O 64 -34.65 4.55 37.80
CA ASN O 64 -33.55 5.46 38.08
C ASN O 64 -32.21 4.85 37.68
N PHE O 65 -32.15 3.54 37.49
CA PHE O 65 -30.93 2.86 37.09
C PHE O 65 -31.03 2.23 35.70
N ARG O 66 -32.14 2.43 35.01
CA ARG O 66 -32.44 1.77 33.74
C ARG O 66 -32.67 0.28 33.92
N THR O 67 -32.88 -0.17 35.15
CA THR O 67 -32.95 -1.59 35.48
C THR O 67 -34.35 -2.03 35.90
N ASP O 68 -35.37 -1.17 35.73
CA ASP O 68 -36.73 -1.56 36.09
CA ASP O 68 -36.73 -1.57 36.09
C ASP O 68 -37.19 -2.80 35.32
N SER O 69 -36.61 -3.06 34.15
CA SER O 69 -37.00 -4.18 33.30
C SER O 69 -36.46 -5.51 33.77
N PHE O 70 -35.57 -5.52 34.76
CA PHE O 70 -35.03 -6.76 35.29
C PHE O 70 -35.83 -7.21 36.51
N THR O 71 -35.83 -8.53 36.74
CA THR O 71 -36.46 -9.12 37.90
C THR O 71 -35.51 -9.94 38.75
N SER O 72 -34.35 -10.31 38.23
CA SER O 72 -33.33 -11.04 38.97
C SER O 72 -31.99 -10.35 38.76
N VAL O 73 -31.05 -10.62 39.66
CA VAL O 73 -29.74 -10.00 39.58
C VAL O 73 -28.74 -10.86 40.34
N THR O 74 -27.53 -10.96 39.80
CA THR O 74 -26.45 -11.71 40.42
C THR O 74 -25.49 -10.70 41.03
N VAL O 75 -25.53 -10.56 42.35
CA VAL O 75 -24.66 -9.62 43.04
C VAL O 75 -23.26 -10.21 43.12
N MET O 76 -22.27 -9.41 42.72
CA MET O 76 -20.87 -9.84 42.75
C MET O 76 -20.13 -9.28 43.96
N SER O 77 -20.25 -7.98 44.21
CA SER O 77 -19.60 -7.35 45.35
C SER O 77 -20.50 -6.25 45.89
N VAL O 78 -20.17 -5.78 47.09
CA VAL O 78 -20.93 -4.72 47.76
C VAL O 78 -19.93 -3.85 48.50
N ARG O 79 -19.89 -2.57 48.15
CA ARG O 79 -19.07 -1.59 48.83
C ARG O 79 -20.00 -0.54 49.44
N ALA O 80 -19.56 0.06 50.54
CA ALA O 80 -20.40 0.98 51.29
C ALA O 80 -19.59 2.18 51.76
N TRP O 81 -20.28 3.29 51.93
CA TRP O 81 -19.68 4.52 52.43
C TRP O 81 -20.71 5.23 53.31
N THR O 82 -20.28 5.70 54.48
CA THR O 82 -21.12 6.57 55.27
C THR O 82 -21.44 7.83 54.47
N GLN O 83 -22.73 8.15 54.36
CA GLN O 83 -23.17 9.28 53.54
C GLN O 83 -23.37 10.56 54.34
N LEU O 84 -23.40 10.49 55.67
CA LEU O 84 -23.63 11.66 56.51
C LEU O 84 -22.61 11.69 57.63
N THR O 85 -22.39 12.88 58.18
CA THR O 85 -21.42 13.04 59.26
C THR O 85 -21.77 12.09 60.41
N PRO O 86 -20.79 11.75 61.24
CA PRO O 86 -21.05 10.90 62.40
C PRO O 86 -21.47 11.73 63.59
N PRO O 87 -21.80 11.09 64.71
CA PRO O 87 -22.09 11.84 65.94
C PRO O 87 -20.90 12.69 66.35
N VAL O 88 -21.19 13.71 67.16
CA VAL O 88 -20.12 14.54 67.69
C VAL O 88 -19.11 13.66 68.41
N ASN O 89 -17.83 14.01 68.28
CA ASN O 89 -16.71 13.35 68.93
C ASN O 89 -16.41 11.96 68.37
N GLU O 90 -17.14 11.50 67.36
CA GLU O 90 -16.99 10.16 66.83
C GLU O 90 -16.39 10.18 65.43
N TYR O 91 -15.62 9.13 65.13
CA TYR O 91 -15.19 8.85 63.77
C TYR O 91 -16.20 7.92 63.11
N SER O 92 -16.50 8.20 61.84
CA SER O 92 -17.50 7.41 61.13
C SER O 92 -17.08 5.94 61.05
N PHE O 93 -18.08 5.07 60.90
CA PHE O 93 -17.80 3.65 60.71
C PHE O 93 -19.03 3.02 60.06
N VAL O 94 -18.80 1.85 59.46
CA VAL O 94 -19.85 1.14 58.73
C VAL O 94 -19.53 -0.34 58.75
N ARG O 95 -20.56 -1.17 58.98
CA ARG O 95 -20.41 -2.61 59.01
C ARG O 95 -21.35 -3.25 58.00
N LEU O 96 -20.89 -4.35 57.40
CA LEU O 96 -21.66 -5.11 56.43
C LEU O 96 -21.70 -6.57 56.86
N LYS O 97 -22.88 -7.16 56.86
CA LYS O 97 -23.05 -8.58 57.16
C LYS O 97 -23.69 -9.25 55.94
N PRO O 98 -22.94 -10.02 55.16
CA PRO O 98 -23.53 -10.62 53.95
C PRO O 98 -24.68 -11.55 54.28
N LEU O 99 -25.74 -11.47 53.47
CA LEU O 99 -26.91 -12.33 53.60
C LEU O 99 -27.07 -13.17 52.35
N PHE O 100 -27.57 -14.39 52.55
CA PHE O 100 -27.72 -15.35 51.46
C PHE O 100 -28.95 -16.21 51.75
N LYS O 101 -29.77 -16.42 50.72
CA LYS O 101 -30.98 -17.23 50.91
C LYS O 101 -30.66 -18.61 51.45
N THR O 102 -29.52 -19.18 51.06
CA THR O 102 -29.14 -20.50 51.56
C THR O 102 -28.59 -20.45 52.97
N GLY O 103 -28.12 -19.31 53.43
CA GLY O 103 -27.57 -19.20 54.77
C GLY O 103 -26.90 -17.87 55.02
N ASP O 104 -27.47 -17.08 55.92
CA ASP O 104 -26.90 -15.77 56.24
C ASP O 104 -25.53 -15.93 56.89
N SER O 105 -24.65 -14.98 56.61
CA SER O 105 -23.32 -14.98 57.21
C SER O 105 -23.34 -14.21 58.52
N THR O 106 -22.31 -14.45 59.33
CA THR O 106 -22.11 -13.75 60.59
C THR O 106 -20.89 -12.86 60.59
N GLU O 107 -20.26 -12.66 59.43
CA GLU O 107 -19.16 -11.73 59.33
C GLU O 107 -19.67 -10.29 59.42
N GLU O 108 -18.91 -9.44 60.10
CA GLU O 108 -19.23 -8.02 60.22
C GLU O 108 -18.03 -7.24 59.68
N PHE O 109 -17.93 -7.19 58.35
CA PHE O 109 -16.90 -6.40 57.70
C PHE O 109 -17.07 -4.93 58.03
N GLU O 110 -16.09 -4.35 58.70
CA GLU O 110 -16.21 -3.00 59.24
C GLU O 110 -15.07 -2.13 58.75
N GLY O 111 -15.41 -0.92 58.31
CA GLY O 111 -14.42 0.07 57.99
C GLY O 111 -14.70 1.35 58.74
N ARG O 112 -13.68 1.94 59.34
CA ARG O 112 -13.81 3.16 60.10
C ARG O 112 -12.98 4.26 59.47
N ALA O 113 -13.48 5.48 59.57
CA ALA O 113 -12.71 6.63 59.14
C ALA O 113 -11.54 6.86 60.08
N SER O 114 -10.47 7.46 59.55
CA SER O 114 -9.40 7.98 60.38
C SER O 114 -9.48 9.48 60.54
N ASN O 115 -10.38 10.14 59.81
CA ASN O 115 -10.62 11.57 59.93
C ASN O 115 -12.12 11.77 60.12
N ILE O 116 -12.50 12.43 61.22
CA ILE O 116 -13.93 12.56 61.53
C ILE O 116 -14.68 13.14 60.34
N ASN O 117 -14.04 14.05 59.61
CA ASN O 117 -14.67 14.70 58.47
C ASN O 117 -14.76 13.80 57.25
N THR O 118 -14.16 12.60 57.30
CA THR O 118 -14.08 11.72 56.15
C THR O 118 -15.03 10.54 56.31
N ARG O 119 -15.47 10.00 55.17
CA ARG O 119 -16.32 8.83 55.19
C ARG O 119 -15.57 7.63 55.74
N ALA O 120 -16.34 6.66 56.24
CA ALA O 120 -15.85 5.32 56.53
C ALA O 120 -16.37 4.39 55.44
N SER O 121 -15.50 3.50 54.97
CA SER O 121 -15.85 2.67 53.83
C SER O 121 -15.40 1.24 54.07
N VAL O 122 -16.12 0.30 53.44
CA VAL O 122 -15.78 -1.11 53.52
C VAL O 122 -16.60 -1.84 52.47
N GLY O 123 -16.20 -3.06 52.16
CA GLY O 123 -16.92 -3.87 51.18
C GLY O 123 -16.62 -5.33 51.39
N TYR O 124 -17.23 -6.15 50.53
CA TYR O 124 -17.00 -7.59 50.57
C TYR O 124 -17.34 -8.18 49.22
N ARG O 125 -16.49 -9.09 48.76
CA ARG O 125 -16.70 -9.80 47.51
C ARG O 125 -17.43 -11.10 47.77
N ILE O 126 -18.38 -11.44 46.89
CA ILE O 126 -19.13 -12.69 46.98
C ILE O 126 -18.38 -13.74 46.16
N PRO O 127 -18.08 -14.90 46.71
CA PRO O 127 -17.38 -15.92 45.92
C PRO O 127 -18.27 -16.48 44.82
N THR O 128 -17.61 -16.99 43.77
CA THR O 128 -18.33 -17.52 42.63
C THR O 128 -19.39 -18.53 43.03
N ASN O 129 -19.14 -19.30 44.09
CA ASN O 129 -20.07 -20.35 44.49
C ASN O 129 -21.33 -19.82 45.16
N LEU O 130 -21.37 -18.54 45.53
CA LEU O 130 -22.54 -17.95 46.16
C LEU O 130 -23.21 -16.90 45.27
N ARG O 131 -22.74 -16.74 44.03
CA ARG O 131 -23.32 -15.76 43.11
C ARG O 131 -24.50 -16.35 42.37
N GLN O 132 -25.54 -16.68 43.12
CA GLN O 132 -26.82 -17.05 42.54
C GLN O 132 -27.65 -15.78 42.31
N ASN O 133 -28.72 -15.93 41.55
CA ASN O 133 -29.63 -14.81 41.35
C ASN O 133 -30.33 -14.46 42.66
N THR O 134 -30.75 -13.20 42.76
CA THR O 134 -31.59 -12.74 43.86
C THR O 134 -32.72 -11.90 43.27
N VAL O 135 -33.85 -11.90 43.98
CA VAL O 135 -35.04 -11.20 43.51
C VAL O 135 -35.35 -10.07 44.49
N ALA O 136 -36.35 -9.25 44.11
CA ALA O 136 -36.66 -8.06 44.88
C ALA O 136 -36.85 -8.36 46.36
N ALA O 137 -37.62 -9.41 46.66
CA ALA O 137 -37.90 -9.73 48.06
C ALA O 137 -36.65 -10.07 48.84
N ASP O 138 -35.57 -10.49 48.17
CA ASP O 138 -34.37 -10.93 48.85
C ASP O 138 -33.59 -9.73 49.39
N ASN O 139 -32.70 -10.02 50.33
CA ASN O 139 -31.88 -9.01 50.99
C ASN O 139 -30.41 -9.28 50.70
N VAL O 140 -29.64 -8.21 50.55
CA VAL O 140 -28.22 -8.33 50.22
C VAL O 140 -27.36 -8.47 51.47
N CYS O 141 -27.63 -7.67 52.49
CA CYS O 141 -26.75 -7.61 53.65
C CYS O 141 -27.37 -6.72 54.72
N GLU O 142 -26.85 -6.85 55.94
CA GLU O 142 -27.18 -5.94 57.03
C GLU O 142 -26.16 -4.82 57.09
N VAL O 143 -26.63 -3.60 57.33
CA VAL O 143 -25.76 -2.43 57.41
C VAL O 143 -25.90 -1.82 58.80
N ARG O 144 -24.77 -1.55 59.44
CA ARG O 144 -24.72 -0.82 60.69
C ARG O 144 -23.78 0.37 60.51
N SER O 145 -24.03 1.43 61.27
CA SER O 145 -23.23 2.64 61.16
C SER O 145 -23.74 3.72 62.11
N ASN O 146 -22.81 4.47 62.71
CA ASN O 146 -23.20 5.61 63.52
C ASN O 146 -23.71 6.77 62.68
N CYS O 147 -23.51 6.72 61.37
CA CYS O 147 -24.05 7.72 60.46
C CYS O 147 -25.45 7.32 60.03
N ARG O 148 -26.36 8.29 60.02
CA ARG O 148 -27.77 7.98 59.79
C ARG O 148 -28.08 7.59 58.34
N GLN O 149 -27.10 7.60 57.46
CA GLN O 149 -27.34 7.32 56.04
C GLN O 149 -26.05 6.78 55.44
N VAL O 150 -26.17 5.69 54.68
CA VAL O 150 -25.02 5.00 54.11
C VAL O 150 -25.21 4.89 52.61
N ALA O 151 -24.13 5.12 51.87
CA ALA O 151 -24.13 5.04 50.41
C ALA O 151 -23.49 3.74 49.97
N LEU O 152 -24.19 3.00 49.11
CA LEU O 152 -23.69 1.73 48.61
C LEU O 152 -23.44 1.80 47.11
N VAL O 153 -22.48 0.99 46.66
CA VAL O 153 -22.21 0.77 45.25
C VAL O 153 -22.10 -0.74 45.07
N ILE O 154 -23.08 -1.33 44.40
CA ILE O 154 -23.15 -2.78 44.26
C ILE O 154 -22.78 -3.15 42.84
N SER O 155 -21.64 -3.81 42.67
CA SER O 155 -21.28 -4.42 41.40
C SER O 155 -22.09 -5.70 41.24
N CYS O 156 -22.93 -5.76 40.22
CA CYS O 156 -23.82 -6.89 40.03
C CYS O 156 -24.10 -7.07 38.55
N CYS O 157 -24.66 -8.22 38.22
CA CYS O 157 -25.00 -8.58 36.84
C CYS O 157 -26.51 -8.78 36.77
N PHE O 158 -27.21 -7.82 36.21
CA PHE O 158 -28.64 -7.96 35.98
C PHE O 158 -28.89 -9.00 34.90
N ASN O 159 -29.97 -9.76 35.04
CA ASN O 159 -30.34 -10.75 34.05
C ASN O 159 -31.82 -11.10 34.12
N ASP BA 15 33.09 15.01 -23.58
CA ASP BA 15 33.30 15.56 -24.91
C ASP BA 15 34.61 15.09 -25.52
N ASN BA 16 34.80 15.41 -26.79
CA ASN BA 16 36.06 15.19 -27.49
C ASN BA 16 36.52 16.52 -28.09
N SER BA 17 37.78 16.55 -28.51
CA SER BA 17 38.32 17.76 -29.10
C SER BA 17 37.56 18.15 -30.35
N ASN BA 18 37.23 19.44 -30.48
CA ASN BA 18 36.58 19.95 -31.67
C ASN BA 18 37.52 20.77 -32.55
N VAL BA 19 38.74 21.03 -32.11
CA VAL BA 19 39.66 21.90 -32.84
C VAL BA 19 41.03 21.23 -32.93
N VAL BA 20 41.85 21.78 -33.83
CA VAL BA 20 43.23 21.34 -33.94
C VAL BA 20 43.93 21.51 -32.59
N THR BA 21 44.93 20.69 -32.35
CA THR BA 21 45.67 20.71 -31.09
C THR BA 21 47.14 20.46 -31.39
N MET BA 22 48.01 21.06 -30.57
CA MET BA 22 49.44 20.96 -30.81
CA MET BA 22 49.45 20.98 -30.78
C MET BA 22 49.98 19.62 -30.36
N ILE BA 23 50.92 19.09 -31.13
CA ILE BA 23 51.64 17.86 -30.80
C ILE BA 23 53.06 18.27 -30.43
N ARG BA 24 53.46 18.01 -29.20
CA ARG BA 24 54.83 18.30 -28.76
C ARG BA 24 55.74 17.19 -29.30
N ALA BA 25 55.85 17.18 -30.62
CA ALA BA 25 56.70 16.21 -31.31
C ALA BA 25 58.16 16.41 -30.88
N GLY BA 26 58.99 15.42 -31.24
CA GLY BA 26 60.37 15.39 -30.85
C GLY BA 26 61.27 15.07 -32.02
N SER BA 27 62.35 14.34 -31.72
CA SER BA 27 63.36 14.01 -32.72
C SER BA 27 62.70 13.37 -33.94
N TYR BA 28 63.35 13.52 -35.09
CA TYR BA 28 62.78 12.99 -36.31
C TYR BA 28 62.70 11.47 -36.24
N PRO BA 29 61.55 10.88 -36.51
CA PRO BA 29 61.37 9.45 -36.25
C PRO BA 29 61.95 8.61 -37.38
N LYS BA 30 62.09 7.31 -37.10
CA LYS BA 30 62.48 6.37 -38.14
C LYS BA 30 61.30 6.16 -39.07
N VAL BA 31 61.48 6.45 -40.35
CA VAL BA 31 60.39 6.44 -41.32
C VAL BA 31 60.69 5.37 -42.37
N ASN BA 32 59.66 5.07 -43.16
CA ASN BA 32 59.77 4.09 -44.24
C ASN BA 32 58.71 4.43 -45.28
N PRO BA 33 59.10 5.02 -46.41
CA PRO BA 33 58.08 5.47 -47.37
C PRO BA 33 57.36 4.33 -48.06
N THR BA 34 57.95 3.14 -48.13
CA THR BA 34 57.41 2.02 -48.88
C THR BA 34 57.24 0.83 -47.95
N PRO BA 35 56.32 0.92 -47.00
CA PRO BA 35 56.16 -0.15 -46.00
C PRO BA 35 55.58 -1.41 -46.64
N THR BA 36 55.57 -2.47 -45.84
CA THR BA 36 54.97 -3.73 -46.25
C THR BA 36 53.45 -3.66 -46.09
N TRP BA 37 52.78 -4.71 -46.55
CA TRP BA 37 51.32 -4.74 -46.52
C TRP BA 37 50.85 -6.18 -46.43
N VAL BA 38 50.09 -6.50 -45.39
CA VAL BA 38 49.43 -7.79 -45.28
C VAL BA 38 48.06 -7.66 -45.95
N ARG BA 39 47.82 -8.51 -46.95
CA ARG BA 39 46.67 -8.34 -47.82
C ARG BA 39 46.03 -9.69 -48.11
N ALA BA 40 44.73 -9.65 -48.38
CA ALA BA 40 44.00 -10.74 -49.02
C ALA BA 40 43.67 -10.27 -50.44
N ILE BA 41 44.34 -10.85 -51.42
CA ILE BA 41 44.21 -10.43 -52.82
C ILE BA 41 43.18 -11.33 -53.49
N PRO BA 42 42.08 -10.79 -54.02
CA PRO BA 42 41.14 -11.62 -54.77
C PRO BA 42 41.36 -11.50 -56.27
N PHE BA 43 41.55 -12.62 -56.96
CA PHE BA 43 41.65 -12.59 -58.40
C PHE BA 43 41.22 -13.94 -58.96
N GLU BA 44 40.78 -13.93 -60.21
CA GLU BA 44 40.25 -15.11 -60.87
C GLU BA 44 41.24 -15.62 -61.91
N VAL BA 45 41.16 -16.91 -62.19
CA VAL BA 45 41.98 -17.53 -63.22
C VAL BA 45 41.08 -18.41 -64.08
N SER BA 46 41.35 -18.44 -65.37
CA SER BA 46 40.63 -19.33 -66.27
C SER BA 46 41.28 -20.71 -66.24
N VAL BA 47 40.45 -21.74 -66.25
CA VAL BA 47 40.89 -23.12 -66.15
C VAL BA 47 40.17 -23.93 -67.21
N GLN BA 48 40.82 -25.00 -67.67
CA GLN BA 48 40.33 -25.83 -68.76
C GLN BA 48 40.16 -27.25 -68.25
N SER BA 49 39.09 -27.90 -68.71
CA SER BA 49 38.74 -29.22 -68.20
C SER BA 49 39.94 -30.15 -68.25
N GLY BA 50 40.17 -30.85 -67.14
CA GLY BA 50 41.22 -31.85 -67.08
C GLY BA 50 42.62 -31.33 -67.30
N ILE BA 51 42.87 -30.06 -66.98
CA ILE BA 51 44.16 -29.45 -67.20
C ILE BA 51 44.52 -28.59 -66.00
N ALA BA 52 45.76 -28.75 -65.51
CA ALA BA 52 46.23 -27.96 -64.39
C ALA BA 52 46.64 -26.58 -64.86
N PHE BA 53 46.28 -25.56 -64.08
CA PHE BA 53 46.71 -24.19 -64.35
C PHE BA 53 47.59 -23.73 -63.19
N LYS BA 54 48.87 -23.51 -63.48
CA LYS BA 54 49.76 -22.92 -62.49
C LYS BA 54 49.40 -21.44 -62.33
N VAL BA 55 49.19 -20.99 -61.10
CA VAL BA 55 48.83 -19.62 -60.81
C VAL BA 55 50.13 -18.81 -60.69
N PRO BA 56 50.34 -17.81 -61.53
CA PRO BA 56 51.56 -16.98 -61.39
C PRO BA 56 51.44 -16.01 -60.24
N VAL BA 57 52.56 -15.83 -59.52
CA VAL BA 57 52.62 -14.84 -58.45
C VAL BA 57 52.43 -13.44 -59.01
N GLY BA 58 52.76 -13.23 -60.29
CA GLY BA 58 52.62 -11.92 -60.88
C GLY BA 58 51.20 -11.40 -60.86
N SER BA 59 50.22 -12.29 -60.77
CA SER BA 59 48.83 -11.84 -60.68
C SER BA 59 48.58 -10.99 -59.44
N LEU BA 60 49.44 -11.10 -58.43
CA LEU BA 60 49.26 -10.36 -57.19
C LEU BA 60 49.83 -8.96 -57.25
N PHE BA 61 50.68 -8.66 -58.24
CA PHE BA 61 51.29 -7.34 -58.39
C PHE BA 61 50.53 -6.62 -59.49
N SER BA 62 49.61 -5.75 -59.08
CA SER BA 62 48.76 -5.05 -60.03
C SER BA 62 48.28 -3.77 -59.38
N ALA BA 63 48.19 -2.71 -60.19
CA ALA BA 63 47.55 -1.49 -59.73
C ALA BA 63 46.15 -1.77 -59.21
N ASN BA 64 45.45 -2.74 -59.82
CA ASN BA 64 44.09 -3.06 -59.41
C ASN BA 64 44.00 -3.48 -57.95
N PHE BA 65 45.13 -3.84 -57.34
CA PHE BA 65 45.17 -4.22 -55.92
C PHE BA 65 46.00 -3.26 -55.09
N ARG BA 66 46.55 -2.20 -55.69
CA ARG BA 66 47.46 -1.28 -55.01
C ARG BA 66 48.78 -1.95 -54.66
N THR BA 67 49.25 -2.86 -55.51
CA THR BA 67 50.47 -3.61 -55.26
C THR BA 67 51.47 -3.52 -56.41
N ASP BA 68 51.21 -2.69 -57.41
CA ASP BA 68 52.15 -2.56 -58.52
C ASP BA 68 53.51 -2.08 -58.06
N SER BA 69 53.61 -1.48 -56.88
CA SER BA 69 54.90 -1.00 -56.38
C SER BA 69 55.72 -2.10 -55.72
N PHE BA 70 55.16 -3.28 -55.53
CA PHE BA 70 55.89 -4.40 -54.94
C PHE BA 70 56.46 -5.28 -56.05
N THR BA 71 57.59 -5.93 -55.72
CA THR BA 71 58.18 -6.94 -56.59
C THR BA 71 58.24 -8.30 -55.93
N SER BA 72 58.05 -8.39 -54.62
CA SER BA 72 58.11 -9.64 -53.88
C SER BA 72 56.89 -9.74 -52.98
N VAL BA 73 56.58 -10.96 -52.57
CA VAL BA 73 55.40 -11.21 -51.75
C VAL BA 73 55.58 -12.55 -51.06
N THR BA 74 55.34 -12.59 -49.76
CA THR BA 74 55.36 -13.82 -48.99
C THR BA 74 53.92 -14.33 -48.88
N VAL BA 75 53.63 -15.43 -49.56
CA VAL BA 75 52.30 -16.02 -49.52
C VAL BA 75 52.15 -16.78 -48.20
N MET BA 76 51.03 -16.54 -47.50
CA MET BA 76 50.73 -17.20 -46.25
C MET BA 76 49.70 -18.32 -46.41
N SER BA 77 48.60 -18.04 -47.11
CA SER BA 77 47.57 -19.04 -47.34
C SER BA 77 46.90 -18.77 -48.67
N VAL BA 78 46.35 -19.84 -49.26
CA VAL BA 78 45.65 -19.79 -50.53
C VAL BA 78 44.27 -20.42 -50.31
N ARG BA 79 43.24 -19.73 -50.78
CA ARG BA 79 41.88 -20.26 -50.77
C ARG BA 79 41.29 -20.07 -52.16
N ALA BA 80 40.59 -21.09 -52.64
CA ALA BA 80 40.04 -21.09 -53.99
C ALA BA 80 38.57 -21.42 -53.95
N TRP BA 81 37.83 -20.84 -54.90
CA TRP BA 81 36.44 -21.13 -55.11
C TRP BA 81 36.20 -21.27 -56.60
N THR BA 82 35.29 -22.16 -56.97
CA THR BA 82 34.81 -22.18 -58.34
C THR BA 82 34.03 -20.89 -58.62
N GLN BA 83 34.29 -20.29 -59.77
CA GLN BA 83 33.70 -19.01 -60.14
C GLN BA 83 32.56 -19.14 -61.14
N LEU BA 84 32.45 -20.27 -61.83
CA LEU BA 84 31.40 -20.48 -62.80
C LEU BA 84 30.74 -21.82 -62.55
N THR BA 85 29.53 -21.98 -63.08
CA THR BA 85 28.79 -23.21 -62.88
C THR BA 85 29.58 -24.38 -63.46
N PRO BA 86 29.42 -25.58 -62.89
CA PRO BA 86 30.11 -26.74 -63.44
C PRO BA 86 29.38 -27.28 -64.65
N PRO BA 87 29.92 -28.32 -65.28
CA PRO BA 87 29.22 -28.93 -66.41
C PRO BA 87 27.82 -29.41 -65.99
N VAL BA 88 27.00 -29.68 -67.00
CA VAL BA 88 25.70 -30.29 -66.75
C VAL BA 88 25.90 -31.60 -66.01
N ASN BA 89 25.13 -31.80 -64.94
CA ASN BA 89 25.01 -33.02 -64.16
C ASN BA 89 26.13 -33.18 -63.12
N GLU BA 90 27.15 -32.33 -63.13
CA GLU BA 90 28.26 -32.47 -62.21
C GLU BA 90 28.16 -31.50 -61.04
N TYR BA 91 28.85 -31.83 -59.96
CA TYR BA 91 29.05 -30.94 -58.83
C TYR BA 91 30.39 -30.22 -58.99
N SER BA 92 30.40 -28.92 -58.68
CA SER BA 92 31.63 -28.15 -58.78
C SER BA 92 32.70 -28.76 -57.89
N PHE BA 93 33.94 -28.75 -58.37
CA PHE BA 93 35.08 -29.16 -57.56
C PHE BA 93 36.27 -28.29 -57.95
N VAL BA 94 37.27 -28.28 -57.07
CA VAL BA 94 38.47 -27.49 -57.25
C VAL BA 94 39.59 -28.16 -56.47
N ARG BA 95 40.74 -28.32 -57.11
CA ARG BA 95 41.92 -28.90 -56.49
C ARG BA 95 43.03 -27.86 -56.42
N LEU BA 96 43.91 -28.00 -55.44
CA LEU BA 96 45.03 -27.10 -55.26
C LEU BA 96 46.29 -27.92 -54.97
N LYS BA 97 47.32 -27.72 -55.79
CA LYS BA 97 48.62 -28.34 -55.55
C LYS BA 97 49.60 -27.24 -55.17
N PRO BA 98 50.02 -27.12 -53.91
CA PRO BA 98 51.00 -26.08 -53.57
C PRO BA 98 52.27 -26.23 -54.38
N LEU BA 99 52.80 -25.10 -54.83
CA LEU BA 99 54.05 -25.05 -55.56
C LEU BA 99 55.06 -24.23 -54.78
N PHE BA 100 56.32 -24.66 -54.81
CA PHE BA 100 57.39 -23.99 -54.10
C PHE BA 100 58.66 -24.04 -54.92
N LYS BA 101 59.47 -22.99 -54.81
CA LYS BA 101 60.71 -22.94 -55.58
C LYS BA 101 61.69 -24.01 -55.12
N THR BA 102 61.70 -24.31 -53.83
CA THR BA 102 62.60 -25.33 -53.31
C THR BA 102 62.10 -26.74 -53.56
N GLY BA 103 60.88 -26.89 -54.07
CA GLY BA 103 60.33 -28.22 -54.32
C GLY BA 103 58.81 -28.24 -54.35
N ASP BA 104 58.25 -28.60 -55.49
CA ASP BA 104 56.80 -28.59 -55.63
C ASP BA 104 56.15 -29.73 -54.84
N SER BA 105 54.95 -29.46 -54.35
CA SER BA 105 54.19 -30.46 -53.64
C SER BA 105 53.43 -31.34 -54.62
N THR BA 106 53.01 -32.51 -54.13
CA THR BA 106 52.10 -33.39 -54.84
C THR BA 106 50.75 -33.47 -54.15
N GLU BA 107 50.54 -32.71 -53.08
CA GLU BA 107 49.22 -32.66 -52.46
C GLU BA 107 48.21 -32.09 -53.43
N GLU BA 108 47.00 -32.62 -53.38
CA GLU BA 108 45.89 -32.16 -54.21
C GLU BA 108 44.72 -31.88 -53.27
N PHE BA 109 44.84 -30.81 -52.50
CA PHE BA 109 43.73 -30.39 -51.64
C PHE BA 109 42.51 -30.10 -52.51
N GLU BA 110 41.47 -30.90 -52.35
CA GLU BA 110 40.29 -30.85 -53.19
C GLU BA 110 39.09 -30.45 -52.35
N GLY BA 111 38.26 -29.60 -52.92
CA GLY BA 111 36.97 -29.30 -52.34
C GLY BA 111 35.89 -29.49 -53.37
N ARG BA 112 34.83 -30.20 -53.01
CA ARG BA 112 33.70 -30.41 -53.91
C ARG BA 112 32.47 -29.72 -53.36
N ALA BA 113 31.57 -29.35 -54.26
CA ALA BA 113 30.29 -28.80 -53.86
C ALA BA 113 29.32 -29.93 -53.61
N SER BA 114 28.47 -29.76 -52.60
CA SER BA 114 27.38 -30.68 -52.32
C SER BA 114 26.06 -30.16 -52.86
N ASN BA 115 26.07 -29.04 -53.56
CA ASN BA 115 24.88 -28.46 -54.20
C ASN BA 115 25.33 -27.96 -55.56
N ILE BA 116 24.83 -28.58 -56.64
CA ILE BA 116 25.32 -28.24 -57.98
C ILE BA 116 25.37 -26.73 -58.17
N ASN BA 117 24.38 -26.02 -57.63
CA ASN BA 117 24.31 -24.57 -57.78
C ASN BA 117 25.24 -23.82 -56.86
N THR BA 118 26.09 -24.52 -56.11
CA THR BA 118 26.93 -23.91 -55.10
C THR BA 118 28.40 -24.09 -55.41
N ARG BA 119 29.20 -23.13 -54.98
CA ARG BA 119 30.63 -23.16 -55.25
C ARG BA 119 31.31 -24.31 -54.53
N ALA BA 120 32.34 -24.84 -55.16
CA ALA BA 120 33.31 -25.68 -54.48
C ALA BA 120 34.44 -24.79 -53.97
N SER BA 121 35.00 -25.17 -52.82
CA SER BA 121 35.96 -24.32 -52.15
C SER BA 121 36.97 -25.19 -51.42
N VAL BA 122 38.22 -24.71 -51.39
CA VAL BA 122 39.28 -25.39 -50.65
C VAL BA 122 40.43 -24.42 -50.53
N GLY BA 123 41.32 -24.67 -49.58
CA GLY BA 123 42.46 -23.81 -49.38
C GLY BA 123 43.50 -24.52 -48.56
N TYR BA 124 44.73 -24.02 -48.64
CA TYR BA 124 45.84 -24.62 -47.91
C TYR BA 124 46.67 -23.50 -47.29
N ARG BA 125 47.21 -23.79 -46.11
CA ARG BA 125 48.07 -22.87 -45.37
C ARG BA 125 49.51 -23.25 -45.65
N ILE BA 126 50.35 -22.24 -45.85
CA ILE BA 126 51.78 -22.44 -46.05
C ILE BA 126 52.46 -22.36 -44.67
N PRO BA 127 53.18 -23.38 -44.24
CA PRO BA 127 53.85 -23.30 -42.94
C PRO BA 127 54.90 -22.21 -42.95
N THR BA 128 55.25 -21.76 -41.74
CA THR BA 128 56.22 -20.68 -41.61
C THR BA 128 57.54 -21.01 -42.29
N ASN BA 129 57.94 -22.27 -42.27
CA ASN BA 129 59.25 -22.63 -42.81
C ASN BA 129 59.32 -22.51 -44.32
N LEU BA 130 58.18 -22.45 -45.00
CA LEU BA 130 58.14 -22.33 -46.46
C LEU BA 130 57.69 -20.95 -46.92
N ARG BA 131 57.52 -20.00 -46.00
CA ARG BA 131 57.04 -18.67 -46.36
C ARG BA 131 58.23 -17.78 -46.70
N GLN BA 132 58.86 -18.11 -47.83
CA GLN BA 132 59.82 -17.20 -48.41
C GLN BA 132 59.12 -16.29 -49.41
N ASN BA 133 59.79 -15.21 -49.77
CA ASN BA 133 59.28 -14.36 -50.82
C ASN BA 133 59.14 -15.15 -52.12
N THR BA 134 58.21 -14.71 -52.95
CA THR BA 134 58.08 -15.17 -54.33
C THR BA 134 57.99 -13.94 -55.21
N VAL BA 135 58.47 -14.09 -56.44
CA VAL BA 135 58.49 -13.00 -57.41
C VAL BA 135 57.48 -13.33 -58.50
N ALA BA 136 57.20 -12.34 -59.34
CA ALA BA 136 56.19 -12.51 -60.39
C ALA BA 136 56.45 -13.77 -61.20
N ALA BA 137 57.71 -14.05 -61.51
CA ALA BA 137 58.02 -15.20 -62.36
C ALA BA 137 57.62 -16.51 -61.69
N ASP BA 138 57.63 -16.56 -60.36
CA ASP BA 138 57.29 -17.78 -59.65
C ASP BA 138 55.79 -18.08 -59.78
N ASN BA 139 55.42 -19.28 -59.35
CA ASN BA 139 54.04 -19.74 -59.33
C ASN BA 139 53.64 -20.09 -57.90
N VAL BA 140 52.37 -19.86 -57.60
CA VAL BA 140 51.83 -20.15 -56.28
C VAL BA 140 51.40 -21.59 -56.15
N CYS BA 141 50.63 -22.06 -57.12
CA CYS BA 141 49.99 -23.37 -57.04
C CYS BA 141 49.38 -23.71 -58.39
N GLU BA 142 49.11 -24.99 -58.57
CA GLU BA 142 48.29 -25.45 -59.68
C GLU BA 142 46.83 -25.43 -59.26
N VAL BA 143 45.94 -25.29 -60.24
CA VAL BA 143 44.51 -25.30 -60.00
C VAL BA 143 43.86 -26.20 -61.03
N ARG BA 144 43.08 -27.17 -60.56
CA ARG BA 144 42.24 -27.99 -61.42
C ARG BA 144 40.80 -27.80 -60.98
N SER BA 145 39.89 -27.84 -61.95
CA SER BA 145 38.48 -27.64 -61.65
C SER BA 145 37.66 -27.94 -62.90
N ASN BA 146 36.52 -28.60 -62.70
CA ASN BA 146 35.56 -28.78 -63.79
C ASN BA 146 34.84 -27.48 -64.15
N CYS BA 147 35.11 -26.39 -63.43
CA CYS BA 147 34.57 -25.08 -63.76
C CYS BA 147 35.59 -24.29 -64.57
N ARG BA 148 35.09 -23.50 -65.52
CA ARG BA 148 35.98 -22.81 -66.44
C ARG BA 148 36.76 -21.69 -65.77
N GLN BA 149 36.33 -21.26 -64.59
CA GLN BA 149 37.00 -20.16 -63.89
C GLN BA 149 37.01 -20.46 -62.40
N VAL BA 150 38.07 -20.02 -61.74
CA VAL BA 150 38.28 -20.27 -60.32
C VAL BA 150 38.66 -18.95 -59.66
N ALA BA 151 37.98 -18.62 -58.57
CA ALA BA 151 38.21 -17.39 -57.83
C ALA BA 151 39.15 -17.68 -56.66
N LEU BA 152 40.28 -17.00 -56.63
CA LEU BA 152 41.29 -17.19 -55.59
C LEU BA 152 41.34 -15.98 -54.67
N VAL BA 153 41.52 -16.25 -53.38
CA VAL BA 153 41.77 -15.22 -52.39
C VAL BA 153 43.04 -15.65 -51.67
N ILE BA 154 44.14 -14.94 -51.90
CA ILE BA 154 45.45 -15.31 -51.39
C ILE BA 154 45.83 -14.33 -50.29
N SER BA 155 45.98 -14.86 -49.07
CA SER BA 155 46.44 -14.07 -47.94
C SER BA 155 47.96 -14.01 -47.98
N CYS BA 156 48.51 -12.82 -48.15
CA CYS BA 156 49.94 -12.68 -48.39
C CYS BA 156 50.45 -11.39 -47.76
N CYS BA 157 51.78 -11.34 -47.60
CA CYS BA 157 52.48 -10.16 -47.09
C CYS BA 157 53.32 -9.61 -48.24
N PHE BA 158 52.98 -8.40 -48.69
CA PHE BA 158 53.74 -7.73 -49.73
C PHE BA 158 54.92 -6.98 -49.11
N ASN BA 159 56.08 -7.08 -49.75
CA ASN BA 159 57.26 -6.39 -49.26
C ASN BA 159 58.28 -6.15 -50.38
N ASP CA 15 -0.87 -0.39 -20.01
CA ASP CA 15 -1.83 0.42 -19.26
C ASP CA 15 -2.85 -0.46 -18.55
N ASN CA 16 -3.19 -0.06 -17.31
CA ASN CA 16 -4.20 -0.75 -16.53
C ASN CA 16 -5.48 0.07 -16.36
N SER CA 17 -5.46 1.34 -16.75
CA SER CA 17 -6.66 2.16 -16.71
C SER CA 17 -7.49 1.94 -17.97
N ASN CA 18 -8.79 2.23 -17.84
CA ASN CA 18 -9.73 2.04 -18.94
C ASN CA 18 -10.37 3.33 -19.41
N VAL CA 19 -10.09 4.46 -18.77
CA VAL CA 19 -10.70 5.73 -19.12
C VAL CA 19 -9.62 6.77 -19.37
N VAL CA 20 -10.05 7.91 -19.92
CA VAL CA 20 -9.18 9.07 -20.04
C VAL CA 20 -8.85 9.59 -18.65
N THR CA 21 -7.62 10.06 -18.47
CA THR CA 21 -7.18 10.65 -17.22
C THR CA 21 -6.61 12.03 -17.50
N MET CA 22 -6.59 12.86 -16.46
CA MET CA 22 -6.05 14.19 -16.58
CA MET CA 22 -6.05 14.21 -16.55
C MET CA 22 -4.53 14.18 -16.53
N ILE CA 23 -3.92 15.09 -17.28
CA ILE CA 23 -2.48 15.27 -17.31
C ILE CA 23 -2.20 16.68 -16.81
N ARG CA 24 -1.57 16.79 -15.64
CA ARG CA 24 -1.30 18.09 -15.02
C ARG CA 24 -0.12 18.75 -15.75
N ALA CA 25 -0.37 19.09 -17.01
CA ALA CA 25 0.65 19.69 -17.86
C ALA CA 25 1.09 21.04 -17.29
N GLY CA 26 2.25 21.49 -17.77
CA GLY CA 26 2.84 22.72 -17.28
C GLY CA 26 3.12 23.73 -18.38
N SER CA 27 4.21 24.47 -18.22
CA SER CA 27 4.56 25.49 -19.22
CA SER CA 27 4.56 25.49 -19.21
C SER CA 27 4.72 24.86 -20.59
N TYR CA 28 4.39 25.64 -21.62
CA TYR CA 28 4.46 25.13 -22.98
C TYR CA 28 5.85 24.60 -23.27
N PRO CA 29 5.98 23.38 -23.79
CA PRO CA 29 7.29 22.77 -23.95
C PRO CA 29 7.99 23.32 -25.19
N LYS CA 30 9.21 22.84 -25.42
CA LYS CA 30 9.89 23.06 -26.69
C LYS CA 30 9.32 22.08 -27.71
N VAL CA 31 9.12 22.56 -28.93
CA VAL CA 31 8.47 21.76 -29.96
C VAL CA 31 9.26 21.89 -31.26
N ASN CA 32 9.00 20.95 -32.16
CA ASN CA 32 9.66 20.91 -33.47
C ASN CA 32 8.73 20.22 -34.45
N PRO CA 33 8.02 20.97 -35.29
CA PRO CA 33 7.08 20.33 -36.22
C PRO CA 33 7.75 19.46 -37.27
N THR CA 34 9.03 19.70 -37.58
CA THR CA 34 9.74 19.00 -38.64
C THR CA 34 10.94 18.28 -38.04
N PRO CA 35 10.71 17.20 -37.29
CA PRO CA 35 11.82 16.50 -36.63
C PRO CA 35 12.73 15.76 -37.59
N THR CA 36 13.74 15.08 -37.05
CA THR CA 36 14.64 14.27 -37.85
C THR CA 36 14.10 12.84 -37.89
N TRP CA 37 14.81 11.95 -38.58
CA TRP CA 37 14.32 10.59 -38.71
C TRP CA 37 15.43 9.65 -39.13
N VAL CA 38 15.65 8.60 -38.35
CA VAL CA 38 16.58 7.53 -38.70
C VAL CA 38 15.82 6.50 -39.52
N ARG CA 39 16.39 6.11 -40.66
CA ARG CA 39 15.67 5.29 -41.61
C ARG CA 39 16.61 4.33 -42.32
N ALA CA 40 16.11 3.12 -42.58
CA ALA CA 40 16.77 2.15 -43.45
C ALA CA 40 15.94 2.14 -44.74
N ILE CA 41 16.38 2.91 -45.73
CA ILE CA 41 15.60 3.15 -46.94
C ILE CA 41 15.92 2.02 -47.92
N PRO CA 42 14.94 1.21 -48.33
CA PRO CA 42 15.18 0.24 -49.39
C PRO CA 42 14.78 0.77 -50.75
N PHE CA 43 15.69 0.73 -51.71
CA PHE CA 43 15.34 1.10 -53.08
C PHE CA 43 16.30 0.38 -54.02
N GLU CA 44 15.90 0.29 -55.27
CA GLU CA 44 16.62 -0.47 -56.28
C GLU CA 44 17.18 0.47 -57.34
N VAL CA 45 18.22 -0.01 -58.01
CA VAL CA 45 18.81 0.72 -59.13
C VAL CA 45 19.10 -0.29 -60.23
N SER CA 46 18.86 0.12 -61.47
CA SER CA 46 19.28 -0.66 -62.62
C SER CA 46 20.75 -0.44 -62.88
N VAL CA 47 21.42 -1.49 -63.35
CA VAL CA 47 22.86 -1.46 -63.58
C VAL CA 47 23.14 -2.15 -64.91
N GLN CA 48 24.05 -1.57 -65.68
CA GLN CA 48 24.52 -2.20 -66.91
C GLN CA 48 25.80 -2.97 -66.62
N SER CA 49 26.01 -4.04 -67.38
CA SER CA 49 27.20 -4.85 -67.20
C SER CA 49 28.44 -4.02 -67.53
N GLY CA 50 29.46 -4.13 -66.67
CA GLY CA 50 30.73 -3.49 -66.90
C GLY CA 50 30.76 -2.00 -66.69
N ILE CA 51 29.64 -1.38 -66.35
CA ILE CA 51 29.55 0.07 -66.19
C ILE CA 51 29.15 0.37 -64.76
N ALA CA 52 29.81 1.36 -64.16
CA ALA CA 52 29.51 1.78 -62.80
C ALA CA 52 28.36 2.76 -62.79
N PHE CA 53 27.36 2.49 -61.97
CA PHE CA 53 26.21 3.38 -61.81
C PHE CA 53 26.37 4.16 -60.51
N LYS CA 54 26.53 5.48 -60.62
CA LYS CA 54 26.53 6.33 -59.44
C LYS CA 54 25.13 6.40 -58.85
N VAL CA 55 25.04 6.25 -57.53
CA VAL CA 55 23.76 6.19 -56.83
C VAL CA 55 23.42 7.60 -56.35
N PRO CA 56 22.39 8.24 -56.90
CA PRO CA 56 22.07 9.60 -56.45
C PRO CA 56 21.43 9.59 -55.07
N VAL CA 57 21.88 10.50 -54.23
CA VAL CA 57 21.27 10.67 -52.92
C VAL CA 57 19.79 11.02 -53.05
N GLY CA 58 19.43 11.73 -54.12
CA GLY CA 58 18.05 12.16 -54.31
C GLY CA 58 17.06 11.01 -54.32
N SER CA 59 17.53 9.79 -54.63
CA SER CA 59 16.64 8.64 -54.56
C SER CA 59 16.07 8.47 -53.16
N LEU CA 60 16.78 8.93 -52.13
CA LEU CA 60 16.33 8.75 -50.77
C LEU CA 60 15.17 9.67 -50.40
N PHE CA 61 15.01 10.79 -51.10
CA PHE CA 61 13.93 11.74 -50.83
C PHE CA 61 12.77 11.41 -51.76
N SER CA 62 11.69 10.90 -51.17
CA SER CA 62 10.55 10.42 -51.94
C SER CA 62 9.37 10.23 -51.01
N ALA CA 63 8.18 10.57 -51.50
CA ALA CA 63 6.96 10.28 -50.76
C ALA CA 63 6.80 8.79 -50.53
N ASN CA 64 7.37 7.96 -51.41
CA ASN CA 64 7.33 6.52 -51.21
C ASN CA 64 7.99 6.11 -49.89
N PHE CA 65 8.84 6.96 -49.33
CA PHE CA 65 9.52 6.69 -48.07
C PHE CA 65 9.09 7.63 -46.97
N ARG CA 66 8.14 8.52 -47.22
CA ARG CA 66 7.75 9.55 -46.27
C ARG CA 66 8.87 10.55 -46.00
N THR CA 67 9.80 10.68 -46.95
CA THR CA 67 10.96 11.55 -46.78
C THR CA 67 10.99 12.69 -47.78
N ASP CA 68 9.89 12.92 -48.50
CA ASP CA 68 9.86 14.01 -49.48
C ASP CA 68 9.92 15.39 -48.82
N SER CA 69 9.80 15.47 -47.49
CA SER CA 69 9.92 16.74 -46.79
C SER CA 69 11.37 17.09 -46.44
N PHE CA 70 12.29 16.14 -46.57
CA PHE CA 70 13.69 16.38 -46.27
C PHE CA 70 14.43 16.82 -47.52
N THR CA 71 15.42 17.69 -47.32
CA THR CA 71 16.35 18.07 -48.38
C THR CA 71 17.75 17.54 -48.15
N SER CA 72 18.09 17.14 -46.92
CA SER CA 72 19.41 16.65 -46.56
C SER CA 72 19.30 15.33 -45.82
N VAL CA 73 20.36 14.54 -45.87
CA VAL CA 73 20.38 13.23 -45.23
C VAL CA 73 21.82 12.88 -44.88
N THR CA 74 22.03 12.45 -43.64
CA THR CA 74 23.33 11.98 -43.19
C THR CA 74 23.37 10.47 -43.35
N VAL CA 75 24.11 9.98 -44.34
CA VAL CA 75 24.16 8.55 -44.62
C VAL CA 75 25.15 7.90 -43.66
N MET CA 76 24.73 6.79 -43.05
CA MET CA 76 25.55 6.07 -42.09
C MET CA 76 26.17 4.82 -42.70
N SER CA 77 25.34 3.92 -43.21
CA SER CA 77 25.83 2.69 -43.82
C SER CA 77 25.04 2.40 -45.07
N VAL CA 78 25.68 1.71 -46.01
CA VAL CA 78 25.09 1.36 -47.29
C VAL CA 78 25.26 -0.14 -47.49
N ARG CA 79 24.15 -0.84 -47.74
CA ARG CA 79 24.17 -2.25 -48.04
C ARG CA 79 23.50 -2.48 -49.39
N ALA CA 80 23.97 -3.50 -50.10
CA ALA CA 80 23.52 -3.73 -51.46
C ALA CA 80 23.30 -5.22 -51.68
N TRP CA 81 22.24 -5.55 -52.41
CA TRP CA 81 21.93 -6.92 -52.80
C TRP CA 81 21.63 -6.95 -54.29
N THR CA 82 22.14 -7.96 -54.97
CA THR CA 82 21.72 -8.20 -56.35
C THR CA 82 20.24 -8.48 -56.38
N GLN CA 83 19.50 -7.69 -57.15
CA GLN CA 83 18.05 -7.77 -57.19
C GLN CA 83 17.55 -8.77 -58.22
N LEU CA 84 18.38 -9.15 -59.19
CA LEU CA 84 17.98 -10.05 -60.25
C LEU CA 84 19.05 -11.11 -60.44
N THR CA 85 18.71 -12.15 -61.19
CA THR CA 85 19.63 -13.26 -61.40
C THR CA 85 20.86 -12.80 -62.18
N PRO CA 86 21.97 -13.49 -62.02
CA PRO CA 86 23.16 -13.18 -62.82
C PRO CA 86 23.08 -13.82 -64.19
N PRO CA 87 24.01 -13.50 -65.08
CA PRO CA 87 24.05 -14.19 -66.38
C PRO CA 87 24.22 -15.69 -66.19
N VAL CA 88 23.96 -16.42 -67.27
CA VAL CA 88 24.12 -17.88 -67.23
C VAL CA 88 25.55 -18.22 -66.86
N ASN CA 89 25.69 -19.27 -66.04
CA ASN CA 89 26.97 -19.82 -65.60
C ASN CA 89 27.68 -18.96 -64.56
N GLU CA 90 27.14 -17.80 -64.21
CA GLU CA 90 27.81 -16.87 -63.31
C GLU CA 90 27.16 -16.88 -61.93
N TYR CA 91 28.00 -16.64 -60.92
CA TYR CA 91 27.53 -16.35 -59.57
C TYR CA 91 27.34 -14.84 -59.45
N SER CA 92 26.29 -14.44 -58.73
CA SER CA 92 26.01 -13.02 -58.57
C SER CA 92 27.14 -12.37 -57.77
N PHE CA 93 27.45 -11.12 -58.12
CA PHE CA 93 28.39 -10.32 -57.36
C PHE CA 93 27.92 -8.88 -57.38
N VAL CA 94 28.48 -8.08 -56.48
CA VAL CA 94 28.12 -6.68 -56.37
C VAL CA 94 29.26 -5.94 -55.67
N ARG CA 95 29.68 -4.82 -56.24
CA ARG CA 95 30.72 -3.99 -55.68
CA ARG CA 95 30.72 -3.98 -55.68
C ARG CA 95 30.13 -2.65 -55.22
N LEU CA 96 30.86 -1.96 -54.35
CA LEU CA 96 30.40 -0.67 -53.83
C LEU CA 96 31.61 0.21 -53.59
N LYS CA 97 31.74 1.27 -54.41
CA LYS CA 97 32.78 2.25 -54.19
C LYS CA 97 32.18 3.45 -53.47
N PRO CA 98 32.56 3.72 -52.22
CA PRO CA 98 32.00 4.89 -51.53
C PRO CA 98 32.39 6.17 -52.23
N LEU CA 99 31.49 7.15 -52.17
CA LEU CA 99 31.71 8.45 -52.77
C LEU CA 99 31.42 9.52 -51.72
N PHE CA 100 32.23 10.56 -51.72
CA PHE CA 100 32.06 11.69 -50.81
C PHE CA 100 32.42 12.96 -51.54
N LYS CA 101 31.75 14.05 -51.16
CA LYS CA 101 32.04 15.33 -51.79
C LYS CA 101 33.47 15.75 -51.53
N THR CA 102 33.97 15.49 -50.32
CA THR CA 102 35.32 15.90 -49.96
C THR CA 102 36.39 15.04 -50.63
N GLY CA 103 36.01 13.94 -51.27
CA GLY CA 103 36.97 13.07 -51.93
C GLY CA 103 36.48 11.65 -52.09
N ASP CA 104 36.26 11.24 -53.33
CA ASP CA 104 35.75 9.90 -53.59
C ASP CA 104 36.76 8.83 -53.18
N SER CA 105 36.22 7.69 -52.77
CA SER CA 105 37.06 6.55 -52.41
C SER CA 105 37.31 5.67 -53.62
N THR CA 106 38.40 4.91 -53.56
CA THR CA 106 38.72 3.92 -54.57
C THR CA 106 38.47 2.50 -54.06
N GLU CA 107 37.92 2.35 -52.87
CA GLU CA 107 37.58 1.03 -52.36
C GLU CA 107 36.47 0.41 -53.19
N GLU CA 108 36.57 -0.90 -53.41
CA GLU CA 108 35.58 -1.66 -54.17
C GLU CA 108 35.14 -2.83 -53.30
N PHE CA 109 34.32 -2.54 -52.30
CA PHE CA 109 33.79 -3.59 -51.44
C PHE CA 109 32.91 -4.52 -52.25
N GLU CA 110 33.33 -5.78 -52.33
CA GLU CA 110 32.71 -6.75 -53.22
C GLU CA 110 32.17 -7.92 -52.41
N GLY CA 111 30.93 -8.27 -52.69
CA GLY CA 111 30.35 -9.50 -52.19
C GLY CA 111 29.95 -10.35 -53.37
N ARG CA 112 30.18 -11.65 -53.28
CA ARG CA 112 29.81 -12.59 -54.31
C ARG CA 112 28.91 -13.66 -53.70
N ALA CA 113 27.99 -14.16 -54.50
CA ALA CA 113 27.16 -15.27 -54.07
C ALA CA 113 27.95 -16.57 -54.20
N SER CA 114 27.71 -17.49 -53.28
CA SER CA 114 28.25 -18.83 -53.37
C SER CA 114 27.26 -19.82 -53.97
N ASN CA 115 26.03 -19.39 -54.22
CA ASN CA 115 24.99 -20.20 -54.85
C ASN CA 115 24.39 -19.35 -55.95
N ILE CA 116 24.48 -19.82 -57.19
CA ILE CA 116 24.05 -19.00 -58.33
C ILE CA 116 22.66 -18.43 -58.08
N ASN CA 117 21.79 -19.22 -57.45
CA ASN CA 117 20.42 -18.81 -57.24
C ASN CA 117 20.27 -17.84 -56.08
N THR CA 118 21.38 -17.43 -55.46
CA THR CA 118 21.35 -16.61 -54.26
C THR CA 118 21.89 -15.22 -54.54
N ARG CA 119 21.32 -14.23 -53.88
CA ARG CA 119 21.79 -12.86 -54.02
C ARG CA 119 23.24 -12.75 -53.55
N ALA CA 120 23.98 -11.84 -54.18
CA ALA CA 120 25.23 -11.34 -53.61
C ALA CA 120 24.91 -10.14 -52.73
N SER CA 121 25.76 -9.91 -51.74
CA SER CA 121 25.52 -8.83 -50.81
C SER CA 121 26.84 -8.33 -50.26
N VAL CA 122 26.88 -7.04 -49.98
CA VAL CA 122 28.07 -6.39 -49.43
C VAL CA 122 27.64 -5.00 -49.01
N GLY CA 123 28.33 -4.44 -48.02
CA GLY CA 123 27.99 -3.11 -47.55
C GLY CA 123 29.23 -2.47 -46.97
N TYR CA 124 29.13 -1.18 -46.72
CA TYR CA 124 30.19 -0.44 -46.06
C TYR CA 124 29.58 0.53 -45.07
N ARG CA 125 30.33 0.79 -44.01
CA ARG CA 125 29.96 1.76 -42.99
C ARG CA 125 30.76 3.02 -43.22
N ILE CA 126 30.13 4.17 -42.97
CA ILE CA 126 30.78 5.47 -43.11
C ILE CA 126 31.25 5.91 -41.73
N PRO CA 127 32.53 6.24 -41.55
CA PRO CA 127 33.00 6.62 -40.22
C PRO CA 127 32.43 7.98 -39.79
N THR CA 128 32.41 8.18 -38.48
CA THR CA 128 31.84 9.39 -37.92
C THR CA 128 32.42 10.65 -38.56
N ASN CA 129 33.73 10.65 -38.81
CA ASN CA 129 34.38 11.83 -39.38
C ASN CA 129 33.92 12.13 -40.80
N LEU CA 130 33.15 11.24 -41.42
N LEU CA 130 33.13 11.26 -41.41
CA LEU CA 130 32.69 11.42 -42.80
CA LEU CA 130 32.68 11.44 -42.79
C LEU CA 130 31.17 11.40 -42.91
C LEU CA 130 31.17 11.40 -42.91
N ARG CA 131 30.46 11.52 -41.79
CA ARG CA 131 29.01 11.52 -41.79
C ARG CA 131 28.49 12.96 -41.81
N GLN CA 132 28.72 13.62 -42.94
CA GLN CA 132 28.13 14.92 -43.19
C GLN CA 132 26.86 14.75 -44.01
N ASN CA 133 26.12 15.85 -44.15
CA ASN CA 133 24.92 15.80 -44.95
C ASN CA 133 25.26 15.64 -46.42
N THR CA 134 24.26 15.21 -47.18
CA THR CA 134 24.33 15.13 -48.62
C THR CA 134 22.97 15.54 -49.17
N VAL CA 135 22.98 16.20 -50.32
CA VAL CA 135 21.74 16.67 -50.92
C VAL CA 135 21.43 15.82 -52.14
N ALA CA 136 20.28 16.08 -52.78
CA ALA CA 136 19.84 15.24 -53.89
C ALA CA 136 20.87 15.18 -55.01
N ALA CA 137 21.55 16.30 -55.26
CA ALA CA 137 22.51 16.34 -56.36
C ALA CA 137 23.76 15.53 -56.06
N ASP CA 138 23.99 15.16 -54.81
CA ASP CA 138 25.16 14.37 -54.47
C ASP CA 138 24.96 12.90 -54.83
N ASN CA 139 26.03 12.13 -54.74
CA ASN CA 139 26.02 10.70 -54.96
C ASN CA 139 26.47 9.99 -53.69
N VAL CA 140 25.99 8.75 -53.52
CA VAL CA 140 26.34 7.95 -52.36
C VAL CA 140 27.52 7.03 -52.65
N CYS CA 141 27.50 6.37 -53.81
CA CYS CA 141 28.44 5.31 -54.09
C CYS CA 141 28.28 4.87 -55.53
N GLU CA 142 29.33 4.28 -56.09
CA GLU CA 142 29.23 3.56 -57.34
C GLU CA 142 28.83 2.12 -57.06
N VAL CA 143 28.12 1.51 -58.00
CA VAL CA 143 27.68 0.13 -57.89
C VAL CA 143 28.00 -0.59 -59.19
N ARG CA 144 28.71 -1.70 -59.08
CA ARG CA 144 28.97 -2.59 -60.20
C ARG CA 144 28.40 -3.96 -59.86
N SER CA 145 27.79 -4.60 -60.85
CA SER CA 145 27.19 -5.91 -60.65
C SER CA 145 26.92 -6.53 -62.01
N ASN CA 146 27.08 -7.86 -62.08
CA ASN CA 146 26.66 -8.62 -63.25
C ASN CA 146 25.15 -8.82 -63.29
N CYS CA 147 24.43 -8.39 -62.25
CA CYS CA 147 22.98 -8.44 -62.22
C CYS CA 147 22.45 -7.07 -62.62
N ARG CA 148 21.47 -7.05 -63.52
CA ARG CA 148 21.02 -5.80 -64.11
C ARG CA 148 20.23 -4.93 -63.13
N GLN CA 149 19.96 -5.40 -61.92
CA GLN CA 149 19.34 -4.58 -60.89
C GLN CA 149 19.97 -4.90 -59.54
N VAL CA 150 20.19 -3.87 -58.74
CA VAL CA 150 20.78 -4.00 -57.42
C VAL CA 150 19.84 -3.38 -56.40
N ALA CA 151 19.66 -4.07 -55.28
CA ALA CA 151 18.79 -3.62 -54.21
C ALA CA 151 19.64 -3.00 -53.10
N LEU CA 152 19.32 -1.77 -52.74
CA LEU CA 152 20.07 -1.02 -51.73
C LEU CA 152 19.21 -0.77 -50.51
N VAL CA 153 19.81 -0.93 -49.33
CA VAL CA 153 19.17 -0.60 -48.06
C VAL CA 153 20.15 0.32 -47.35
N ILE CA 154 19.84 1.61 -47.32
CA ILE CA 154 20.76 2.63 -46.80
C ILE CA 154 20.28 3.06 -45.42
N SER CA 155 21.14 2.86 -44.43
CA SER CA 155 20.91 3.40 -43.10
C SER CA 155 21.34 4.86 -43.09
N CYS CA 156 20.41 5.76 -42.76
CA CYS CA 156 20.70 7.18 -42.87
C CYS CA 156 19.86 7.95 -41.86
N CYS CA 157 20.29 9.18 -41.60
CA CYS CA 157 19.61 10.10 -40.70
C CYS CA 157 19.09 11.26 -41.55
N PHE CA 158 17.79 11.28 -41.78
CA PHE CA 158 17.18 12.41 -42.47
C PHE CA 158 17.11 13.60 -41.52
N ASN CA 159 17.33 14.78 -42.08
CA ASN CA 159 17.32 16.00 -41.27
C ASN CA 159 17.19 17.24 -42.15
N SER DA 17 -5.82 -45.17 -12.88
CA SER DA 17 -5.20 -45.98 -13.93
C SER DA 17 -6.26 -46.82 -14.66
N ASN DA 18 -6.05 -48.13 -14.71
CA ASN DA 18 -6.55 -48.93 -15.84
C ASN DA 18 -8.07 -48.92 -15.98
N VAL DA 19 -8.81 -48.85 -14.88
CA VAL DA 19 -10.26 -48.99 -14.93
C VAL DA 19 -10.94 -47.67 -14.62
N VAL DA 20 -12.19 -47.53 -15.07
CA VAL DA 20 -12.93 -46.31 -14.84
C VAL DA 20 -13.09 -46.06 -13.35
N THR DA 21 -13.05 -44.80 -12.95
CA THR DA 21 -13.28 -44.40 -11.57
C THR DA 21 -14.44 -43.41 -11.53
N MET DA 22 -15.05 -43.32 -10.35
CA MET DA 22 -16.16 -42.40 -10.13
CA MET DA 22 -16.16 -42.40 -10.16
C MET DA 22 -15.64 -41.01 -9.80
N ILE DA 23 -16.25 -39.99 -10.38
CA ILE DA 23 -15.93 -38.60 -10.10
C ILE DA 23 -17.02 -38.05 -9.20
N ARG DA 24 -16.65 -37.58 -8.02
CA ARG DA 24 -17.62 -36.99 -7.08
C ARG DA 24 -17.88 -35.56 -7.54
N ALA DA 25 -18.70 -35.46 -8.60
CA ALA DA 25 -19.11 -34.18 -9.14
C ALA DA 25 -19.99 -33.43 -8.15
N GLY DA 26 -20.07 -32.13 -8.36
CA GLY DA 26 -20.83 -31.28 -7.46
C GLY DA 26 -21.93 -30.52 -8.17
N SER DA 27 -22.01 -29.21 -7.92
CA SER DA 27 -23.06 -28.42 -8.53
C SER DA 27 -22.83 -28.32 -10.04
N TYR DA 28 -23.90 -28.01 -10.76
CA TYR DA 28 -23.81 -27.93 -12.21
C TYR DA 28 -22.94 -26.74 -12.60
N PRO DA 29 -21.91 -26.94 -13.41
CA PRO DA 29 -20.95 -25.86 -13.66
C PRO DA 29 -21.51 -24.80 -14.59
N LYS DA 30 -20.83 -23.67 -14.63
CA LYS DA 30 -21.00 -22.74 -15.73
C LYS DA 30 -20.49 -23.41 -16.99
N VAL DA 31 -21.25 -23.27 -18.08
CA VAL DA 31 -20.95 -23.96 -19.32
C VAL DA 31 -21.02 -22.96 -20.46
N ASN DA 32 -20.49 -23.37 -21.61
CA ASN DA 32 -20.53 -22.55 -22.81
C ASN DA 32 -20.42 -23.48 -24.01
N PRO DA 33 -21.53 -23.77 -24.70
CA PRO DA 33 -21.47 -24.73 -25.80
C PRO DA 33 -20.69 -24.24 -27.00
N THR DA 34 -20.51 -22.92 -27.13
CA THR DA 34 -19.88 -22.30 -28.30
C THR DA 34 -18.76 -21.40 -27.82
N PRO DA 35 -17.59 -21.98 -27.50
CA PRO DA 35 -16.52 -21.20 -26.90
C PRO DA 35 -15.65 -20.50 -27.96
N THR DA 36 -14.73 -19.69 -27.46
CA THR DA 36 -13.75 -19.04 -28.31
C THR DA 36 -12.67 -20.04 -28.73
N TRP DA 37 -11.86 -19.65 -29.69
CA TRP DA 37 -10.85 -20.56 -30.22
C TRP DA 37 -9.71 -19.75 -30.82
N VAL DA 38 -8.51 -19.93 -30.26
CA VAL DA 38 -7.31 -19.30 -30.78
C VAL DA 38 -6.71 -20.21 -31.85
N ARG DA 39 -6.37 -19.63 -33.00
CA ARG DA 39 -6.03 -20.43 -34.16
C ARG DA 39 -4.96 -19.75 -34.99
N ALA DA 40 -4.33 -20.55 -35.85
CA ALA DA 40 -3.45 -20.06 -36.91
C ALA DA 40 -4.01 -20.63 -38.21
N ILE DA 41 -4.74 -19.82 -38.94
CA ILE DA 41 -5.48 -20.26 -40.12
C ILE DA 41 -4.55 -20.14 -41.33
N PRO DA 42 -4.26 -21.22 -42.05
CA PRO DA 42 -3.47 -21.10 -43.28
C PRO DA 42 -4.36 -21.06 -44.50
N PHE DA 43 -4.20 -20.06 -45.35
CA PHE DA 43 -4.97 -20.01 -46.60
C PHE DA 43 -4.22 -19.16 -47.60
N GLU DA 44 -4.49 -19.40 -48.88
CA GLU DA 44 -3.81 -18.75 -49.98
C GLU DA 44 -4.75 -17.77 -50.66
N VAL DA 45 -4.16 -16.82 -51.37
CA VAL DA 45 -4.91 -15.80 -52.09
C VAL DA 45 -4.22 -15.57 -53.43
N SER DA 46 -5.01 -15.43 -54.49
CA SER DA 46 -4.45 -15.15 -55.80
C SER DA 46 -4.13 -13.67 -55.91
N VAL DA 47 -3.00 -13.37 -56.54
CA VAL DA 47 -2.51 -12.01 -56.69
C VAL DA 47 -2.10 -11.83 -58.14
N GLN DA 48 -2.30 -10.61 -58.65
CA GLN DA 48 -1.83 -10.25 -59.97
C GLN DA 48 -0.64 -9.31 -59.83
N SER DA 49 0.16 -9.23 -60.88
CA SER DA 49 1.35 -8.39 -60.85
C SER DA 49 0.97 -6.93 -60.67
N GLY DA 50 1.73 -6.23 -59.82
CA GLY DA 50 1.60 -4.81 -59.65
C GLY DA 50 0.34 -4.32 -58.98
N ILE DA 51 -0.65 -5.19 -58.76
CA ILE DA 51 -1.90 -4.81 -58.12
C ILE DA 51 -1.91 -5.34 -56.70
N ALA DA 52 -2.54 -4.58 -55.82
CA ALA DA 52 -2.69 -4.99 -54.43
C ALA DA 52 -4.02 -5.72 -54.25
N PHE DA 53 -3.97 -6.82 -53.51
CA PHE DA 53 -5.14 -7.64 -53.22
C PHE DA 53 -5.53 -7.44 -51.77
N LYS DA 54 -6.73 -6.92 -51.54
CA LYS DA 54 -7.28 -6.85 -50.20
C LYS DA 54 -7.71 -8.25 -49.77
N VAL DA 55 -7.27 -8.68 -48.59
CA VAL DA 55 -7.57 -10.01 -48.09
C VAL DA 55 -8.84 -9.91 -47.24
N PRO DA 56 -9.93 -10.58 -47.63
CA PRO DA 56 -11.15 -10.48 -46.83
C PRO DA 56 -11.07 -11.34 -45.57
N VAL DA 57 -11.54 -10.77 -44.46
CA VAL DA 57 -11.63 -11.51 -43.21
C VAL DA 57 -12.52 -12.74 -43.37
N GLY DA 58 -13.49 -12.67 -44.29
CA GLY DA 58 -14.39 -13.78 -44.51
C GLY DA 58 -13.70 -15.06 -44.96
N SER DA 59 -12.45 -14.97 -45.40
CA SER DA 59 -11.69 -16.17 -45.75
C SER DA 59 -11.30 -16.98 -44.52
N LEU DA 60 -11.44 -16.42 -43.32
CA LEU DA 60 -11.13 -17.12 -42.09
C LEU DA 60 -12.32 -17.90 -41.54
N PHE DA 61 -13.51 -17.70 -42.08
CA PHE DA 61 -14.71 -18.45 -41.68
C PHE DA 61 -15.00 -19.46 -42.79
N SER DA 62 -14.92 -20.74 -42.44
CA SER DA 62 -15.03 -21.81 -43.42
C SER DA 62 -14.97 -23.16 -42.72
N ALA DA 63 -15.83 -24.09 -43.13
CA ALA DA 63 -15.77 -25.43 -42.56
C ALA DA 63 -14.42 -26.09 -42.78
N ASN DA 64 -13.62 -25.58 -43.73
CA ASN DA 64 -12.28 -26.10 -43.92
C ASN DA 64 -11.37 -25.81 -42.74
N PHE DA 65 -11.74 -24.85 -41.90
CA PHE DA 65 -10.97 -24.50 -40.72
C PHE DA 65 -11.69 -24.83 -39.43
N ARG DA 66 -12.90 -25.40 -39.52
CA ARG DA 66 -13.77 -25.62 -38.37
C ARG DA 66 -14.31 -24.31 -37.80
N THR DA 67 -14.32 -23.25 -38.60
CA THR DA 67 -14.72 -21.92 -38.14
C THR DA 67 -15.97 -21.40 -38.82
N ASP DA 68 -16.68 -22.23 -39.58
CA ASP DA 68 -17.92 -21.79 -40.21
C ASP DA 68 -18.93 -21.30 -39.18
N SER DA 69 -18.79 -21.69 -37.92
CA SER DA 69 -19.71 -21.33 -36.86
C SER DA 69 -19.39 -19.99 -36.20
N PHE DA 70 -18.31 -19.33 -36.60
CA PHE DA 70 -17.98 -18.01 -36.10
C PHE DA 70 -18.42 -16.94 -37.07
N THR DA 71 -18.79 -15.78 -36.53
CA THR DA 71 -19.10 -14.61 -37.34
C THR DA 71 -18.10 -13.48 -37.15
N SER DA 72 -17.35 -13.49 -36.05
CA SER DA 72 -16.37 -12.46 -35.76
C SER DA 72 -15.05 -13.12 -35.40
N VAL DA 73 -13.98 -12.32 -35.46
CA VAL DA 73 -12.64 -12.81 -35.16
C VAL DA 73 -11.77 -11.61 -34.82
N THR DA 74 -10.82 -11.81 -33.91
CA THR DA 74 -9.86 -10.80 -33.51
C THR DA 74 -8.49 -11.23 -34.01
N VAL DA 75 -7.96 -10.50 -34.98
CA VAL DA 75 -6.71 -10.86 -35.63
C VAL DA 75 -5.56 -10.30 -34.81
N MET DA 76 -4.60 -11.16 -34.48
CA MET DA 76 -3.43 -10.77 -33.71
CA MET DA 76 -3.41 -10.78 -33.71
C MET DA 76 -2.20 -10.56 -34.58
N SER DA 77 -1.92 -11.48 -35.50
CA SER DA 77 -0.75 -11.37 -36.35
C SER DA 77 -1.07 -11.96 -37.72
N VAL DA 78 -0.45 -11.37 -38.74
CA VAL DA 78 -0.54 -11.84 -40.12
C VAL DA 78 0.86 -12.15 -40.60
N ARG DA 79 1.04 -13.34 -41.14
CA ARG DA 79 2.29 -13.73 -41.77
C ARG DA 79 1.98 -14.21 -43.19
N ALA DA 80 2.87 -13.88 -44.12
CA ALA DA 80 2.64 -14.18 -45.53
C ALA DA 80 3.88 -14.83 -46.11
N TRP DA 81 3.66 -15.79 -46.99
CA TRP DA 81 4.72 -16.40 -47.79
C TRP DA 81 4.26 -16.45 -49.23
N THR DA 82 5.18 -16.15 -50.14
CA THR DA 82 4.91 -16.38 -51.55
C THR DA 82 4.66 -17.87 -51.76
N GLN DA 83 3.60 -18.17 -52.52
CA GLN DA 83 3.14 -19.53 -52.69
C GLN DA 83 3.54 -20.14 -54.02
N LEU DA 84 3.93 -19.31 -54.99
CA LEU DA 84 4.39 -19.79 -56.29
C LEU DA 84 5.76 -19.18 -56.57
N THR DA 85 6.37 -19.65 -57.65
CA THR DA 85 7.64 -19.11 -58.08
C THR DA 85 7.46 -17.70 -58.62
N PRO DA 86 8.50 -16.87 -58.51
CA PRO DA 86 8.41 -15.52 -59.07
C PRO DA 86 8.62 -15.55 -60.57
N PRO DA 87 8.61 -14.39 -61.22
CA PRO DA 87 8.95 -14.35 -62.65
C PRO DA 87 10.41 -14.70 -62.86
N VAL DA 88 10.71 -15.09 -64.10
CA VAL DA 88 12.09 -15.42 -64.46
C VAL DA 88 13.01 -14.26 -64.06
N ASN DA 89 14.21 -14.61 -63.62
CA ASN DA 89 15.26 -13.67 -63.27
C ASN DA 89 15.00 -12.92 -61.98
N GLU DA 90 13.79 -12.99 -61.45
CA GLU DA 90 13.43 -12.20 -60.29
C GLU DA 90 13.48 -13.01 -59.00
N TYR DA 91 13.75 -12.32 -57.90
CA TYR DA 91 13.60 -12.88 -56.57
C TYR DA 91 12.18 -12.63 -56.10
N SER DA 92 11.61 -13.61 -55.40
N SER DA 92 11.61 -13.60 -55.40
CA SER DA 92 10.28 -13.45 -54.84
CA SER DA 92 10.29 -13.46 -54.83
C SER DA 92 10.25 -12.29 -53.85
C SER DA 92 10.24 -12.31 -53.83
N PHE DA 93 9.07 -11.69 -53.71
CA PHE DA 93 8.85 -10.66 -52.70
C PHE DA 93 7.37 -10.62 -52.38
N VAL DA 94 7.05 -10.09 -51.20
CA VAL DA 94 5.67 -10.00 -50.73
C VAL DA 94 5.57 -8.82 -49.77
N ARG DA 95 4.59 -7.96 -50.01
CA ARG DA 95 4.32 -6.80 -49.16
C ARG DA 95 2.99 -6.98 -48.46
N LEU DA 96 2.89 -6.41 -47.26
CA LEU DA 96 1.68 -6.47 -46.46
C LEU DA 96 1.38 -5.07 -45.95
N LYS DA 97 0.24 -4.51 -46.35
CA LYS DA 97 -0.21 -3.24 -45.80
C LYS DA 97 -1.36 -3.51 -44.84
N PRO DA 98 -1.16 -3.34 -43.52
CA PRO DA 98 -2.27 -3.59 -42.59
C PRO DA 98 -3.45 -2.69 -42.90
N LEU DA 99 -4.65 -3.26 -42.77
CA LEU DA 99 -5.89 -2.53 -42.92
C LEU DA 99 -6.67 -2.59 -41.61
N PHE DA 100 -7.33 -1.50 -41.28
CA PHE DA 100 -8.20 -1.47 -40.10
C PHE DA 100 -9.44 -0.66 -40.43
N LYS DA 101 -10.54 -0.99 -39.76
CA LYS DA 101 -11.75 -0.20 -39.92
C LYS DA 101 -11.56 1.21 -39.40
N THR DA 102 -10.88 1.36 -38.25
CA THR DA 102 -10.67 2.68 -37.68
C THR DA 102 -9.64 3.50 -38.44
N GLY DA 103 -9.06 2.95 -39.50
CA GLY DA 103 -8.08 3.65 -40.27
C GLY DA 103 -7.07 2.71 -40.89
N ASP DA 104 -7.03 2.66 -42.22
CA ASP DA 104 -6.07 1.80 -42.91
C ASP DA 104 -4.65 2.31 -42.69
N SER DA 105 -3.70 1.39 -42.65
CA SER DA 105 -2.30 1.74 -42.51
C SER DA 105 -1.68 2.01 -43.88
N THR DA 106 -0.51 2.65 -43.86
CA THR DA 106 0.28 2.86 -45.06
C THR DA 106 1.64 2.18 -44.97
N GLU DA 107 1.85 1.32 -43.97
CA GLU DA 107 3.06 0.53 -43.91
C GLU DA 107 3.05 -0.51 -45.02
N GLU DA 108 4.22 -0.75 -45.60
CA GLU DA 108 4.40 -1.80 -46.60
C GLU DA 108 5.49 -2.74 -46.09
N PHE DA 109 5.16 -3.53 -45.07
CA PHE DA 109 6.04 -4.57 -44.58
C PHE DA 109 6.39 -5.51 -45.72
N GLU DA 110 7.65 -5.51 -46.14
CA GLU DA 110 8.07 -6.24 -47.31
C GLU DA 110 9.07 -7.31 -46.91
N GLY DA 111 9.01 -8.44 -47.60
CA GLY DA 111 9.98 -9.49 -47.41
C GLY DA 111 10.40 -10.02 -48.76
N ARG DA 112 11.70 -10.14 -48.99
CA ARG DA 112 12.23 -10.62 -50.25
C ARG DA 112 13.09 -11.84 -50.01
N ALA DA 113 12.95 -12.83 -50.88
CA ALA DA 113 13.82 -13.99 -50.83
C ALA DA 113 15.23 -13.59 -51.25
N SER DA 114 16.21 -14.29 -50.69
CA SER DA 114 17.59 -14.17 -51.12
C SER DA 114 18.02 -15.32 -52.01
N ASN DA 115 17.07 -16.17 -52.39
CA ASN DA 115 17.30 -17.29 -53.30
C ASN DA 115 16.06 -17.40 -54.17
N ILE DA 116 16.23 -17.29 -55.49
CA ILE DA 116 15.07 -17.25 -56.38
C ILE DA 116 14.16 -18.44 -56.10
N ASN DA 117 14.74 -19.60 -55.81
CA ASN DA 117 13.98 -20.80 -55.55
C ASN DA 117 13.38 -20.86 -54.15
N THR DA 118 13.37 -19.74 -53.42
CA THR DA 118 12.95 -19.72 -52.03
C THR DA 118 11.82 -18.73 -51.83
N ARG DA 119 10.93 -19.07 -50.90
CA ARG DA 119 9.80 -18.20 -50.59
C ARG DA 119 10.28 -16.89 -49.98
N ALA DA 120 9.55 -15.82 -50.29
CA ALA DA 120 9.70 -14.55 -49.60
C ALA DA 120 8.62 -14.50 -48.52
N SER DA 121 9.02 -14.13 -47.32
CA SER DA 121 8.10 -14.12 -46.20
C SER DA 121 8.19 -12.78 -45.48
N VAL DA 122 7.10 -12.42 -44.83
CA VAL DA 122 7.04 -11.22 -44.01
C VAL DA 122 5.79 -11.37 -43.16
N GLY DA 123 5.66 -10.55 -42.13
CA GLY DA 123 4.47 -10.57 -41.32
C GLY DA 123 4.39 -9.29 -40.53
N TYR DA 124 3.31 -9.17 -39.76
CA TYR DA 124 3.18 -8.03 -38.87
C TYR DA 124 2.24 -8.39 -37.74
N ARG DA 125 2.62 -7.97 -36.54
CA ARG DA 125 1.81 -8.13 -35.35
C ARG DA 125 0.90 -6.92 -35.19
N ILE DA 126 -0.31 -7.16 -34.69
CA ILE DA 126 -1.28 -6.10 -34.46
C ILE DA 126 -1.25 -5.76 -32.98
N PRO DA 127 -0.99 -4.50 -32.61
CA PRO DA 127 -1.02 -4.13 -31.19
C PRO DA 127 -2.40 -4.37 -30.59
N THR DA 128 -2.41 -4.66 -29.29
CA THR DA 128 -3.67 -4.98 -28.62
C THR DA 128 -4.69 -3.86 -28.75
N ASN DA 129 -4.23 -2.61 -28.79
CA ASN DA 129 -5.17 -1.50 -28.91
C ASN DA 129 -5.95 -1.52 -30.22
N LEU DA 130 -5.46 -2.27 -31.22
CA LEU DA 130 -6.14 -2.40 -32.50
C LEU DA 130 -6.72 -3.79 -32.70
N ARG DA 131 -6.79 -4.60 -31.65
CA ARG DA 131 -7.34 -5.94 -31.74
C ARG DA 131 -8.83 -5.91 -31.39
N GLN DA 132 -9.60 -5.35 -32.32
CA GLN DA 132 -11.05 -5.45 -32.28
C GLN DA 132 -11.51 -6.56 -33.20
N ASN DA 133 -12.75 -7.00 -33.01
CA ASN DA 133 -13.30 -7.99 -33.90
C ASN DA 133 -13.40 -7.42 -35.32
N THR DA 134 -13.41 -8.33 -36.29
CA THR DA 134 -13.71 -8.01 -37.67
C THR DA 134 -14.67 -9.07 -38.19
N VAL DA 135 -15.51 -8.69 -39.15
CA VAL DA 135 -16.51 -9.57 -39.69
C VAL DA 135 -16.11 -9.96 -41.11
N ALA DA 136 -16.88 -10.87 -41.70
CA ALA DA 136 -16.58 -11.37 -43.04
C ALA DA 136 -16.33 -10.23 -44.01
N ALA DA 137 -17.16 -9.18 -43.96
CA ALA DA 137 -17.05 -8.10 -44.92
C ALA DA 137 -15.77 -7.29 -44.75
N ASP DA 138 -15.14 -7.35 -43.59
CA ASP DA 138 -13.95 -6.56 -43.34
C ASP DA 138 -12.75 -7.13 -44.11
N ASN DA 139 -11.79 -6.26 -44.35
CA ASN DA 139 -10.50 -6.63 -44.93
C ASN DA 139 -9.42 -6.52 -43.85
N VAL DA 140 -8.45 -7.41 -43.91
CA VAL DA 140 -7.38 -7.47 -42.91
C VAL DA 140 -6.14 -6.74 -43.38
N CYS DA 141 -5.81 -6.83 -44.67
CA CYS DA 141 -4.58 -6.29 -45.19
C CYS DA 141 -4.63 -6.34 -46.71
N GLU DA 142 -3.82 -5.49 -47.33
CA GLU DA 142 -3.52 -5.61 -48.74
C GLU DA 142 -2.27 -6.48 -48.92
N VAL DA 143 -2.23 -7.21 -50.02
CA VAL DA 143 -1.07 -8.04 -50.34
C VAL DA 143 -0.60 -7.67 -51.74
N ARG DA 144 0.71 -7.48 -51.88
CA ARG DA 144 1.35 -7.27 -53.17
C ARG DA 144 2.46 -8.30 -53.31
N SER DA 145 2.67 -8.76 -54.54
CA SER DA 145 3.71 -9.77 -54.77
C SER DA 145 3.85 -10.00 -56.26
N ASN DA 146 5.09 -10.28 -56.68
CA ASN DA 146 5.35 -10.72 -58.04
C ASN DA 146 5.05 -12.20 -58.24
N CYS DA 147 4.64 -12.90 -57.18
CA CYS DA 147 4.15 -14.27 -57.28
C CYS DA 147 2.64 -14.26 -57.36
N ARG DA 148 2.08 -15.09 -58.23
CA ARG DA 148 0.65 -15.03 -58.46
C ARG DA 148 -0.16 -15.47 -57.24
N GLN DA 149 0.44 -16.24 -56.33
CA GLN DA 149 -0.24 -16.66 -55.12
C GLN DA 149 0.60 -16.31 -53.90
N VAL DA 150 -0.08 -15.99 -52.81
CA VAL DA 150 0.55 -15.71 -51.53
C VAL DA 150 -0.12 -16.57 -50.47
N ALA DA 151 0.68 -17.28 -49.70
CA ALA DA 151 0.19 -18.10 -48.60
C ALA DA 151 0.14 -17.25 -47.34
N LEU DA 152 -0.96 -17.33 -46.60
CA LEU DA 152 -1.14 -16.57 -45.39
C LEU DA 152 -1.37 -17.49 -44.20
N VAL DA 153 -0.76 -17.15 -43.08
CA VAL DA 153 -1.03 -17.77 -41.79
C VAL DA 153 -1.38 -16.64 -40.83
N ILE DA 154 -2.59 -16.67 -40.29
CA ILE DA 154 -3.11 -15.58 -39.48
C ILE DA 154 -3.42 -16.10 -38.09
N SER DA 155 -2.66 -15.63 -37.10
CA SER DA 155 -2.91 -15.95 -35.71
C SER DA 155 -4.05 -15.05 -35.22
N CYS DA 156 -5.22 -15.64 -34.96
CA CYS DA 156 -6.39 -14.87 -34.59
C CYS DA 156 -7.16 -15.59 -33.51
N CYS DA 157 -8.03 -14.83 -32.84
CA CYS DA 157 -8.95 -15.36 -31.85
C CYS DA 157 -10.36 -15.29 -32.43
N PHE DA 158 -10.95 -16.46 -32.67
CA PHE DA 158 -12.35 -16.52 -33.04
C PHE DA 158 -13.23 -16.42 -31.81
N ASN DA 159 -14.31 -15.66 -31.92
CA ASN DA 159 -15.26 -15.53 -30.83
C ASN DA 159 -16.65 -15.22 -31.42
N ASN EA 16 42.13 -57.08 -23.24
CA ASN EA 16 40.87 -57.77 -22.93
C ASN EA 16 40.93 -59.22 -23.36
N SER EA 17 39.87 -59.97 -23.07
CA SER EA 17 39.87 -61.39 -23.37
C SER EA 17 40.14 -61.61 -24.87
N ASN EA 18 40.99 -62.59 -25.15
CA ASN EA 18 41.32 -62.95 -26.52
C ASN EA 18 40.93 -64.37 -26.87
N VAL EA 19 40.33 -65.11 -25.93
CA VAL EA 19 39.98 -66.51 -26.13
C VAL EA 19 38.58 -66.75 -25.58
N VAL EA 20 38.03 -67.91 -25.95
CA VAL EA 20 36.74 -68.32 -25.41
C VAL EA 20 36.85 -68.44 -23.90
N THR EA 21 35.79 -68.08 -23.20
CA THR EA 21 35.72 -68.24 -21.76
C THR EA 21 34.44 -68.97 -21.39
N MET EA 22 34.54 -69.83 -20.37
CA MET EA 22 33.38 -70.58 -19.92
C MET EA 22 32.36 -69.64 -19.30
N ILE EA 23 31.08 -69.91 -19.57
CA ILE EA 23 29.97 -69.19 -18.99
C ILE EA 23 29.26 -70.14 -18.04
N ARG EA 24 29.25 -69.79 -16.75
CA ARG EA 24 28.58 -70.62 -15.75
C ARG EA 24 27.07 -70.38 -15.86
N ALA EA 25 26.50 -70.93 -16.94
CA ALA EA 25 25.08 -70.86 -17.18
C ALA EA 25 24.30 -71.54 -16.06
N GLY EA 26 23.03 -71.18 -15.96
CA GLY EA 26 22.17 -71.74 -14.94
C GLY EA 26 20.92 -72.37 -15.53
N SER EA 27 19.81 -72.25 -14.81
CA SER EA 27 18.57 -72.83 -15.28
C SER EA 27 18.21 -72.28 -16.65
N TYR EA 28 17.47 -73.08 -17.42
CA TYR EA 28 17.08 -72.66 -18.74
C TYR EA 28 16.26 -71.37 -18.64
N PRO EA 29 16.58 -70.34 -19.40
CA PRO EA 29 15.91 -69.05 -19.24
C PRO EA 29 14.54 -69.05 -19.92
N LYS EA 30 13.77 -68.02 -19.60
CA LYS EA 30 12.60 -67.70 -20.42
C LYS EA 30 13.10 -67.23 -21.78
N VAL EA 31 12.52 -67.75 -22.85
CA VAL EA 31 12.96 -67.45 -24.19
C VAL EA 31 11.77 -66.96 -25.01
N ASN EA 32 12.06 -66.53 -26.23
CA ASN EA 32 11.01 -66.06 -27.13
C ASN EA 32 11.55 -66.06 -28.55
N PRO EA 33 11.20 -67.05 -29.38
CA PRO EA 33 11.79 -67.13 -30.72
C PRO EA 33 11.36 -65.99 -31.64
N THR EA 34 10.22 -65.35 -31.37
CA THR EA 34 9.65 -64.35 -32.26
C THR EA 34 9.38 -63.08 -31.45
N PRO EA 35 10.42 -62.33 -31.12
CA PRO EA 35 10.25 -61.15 -30.26
C PRO EA 35 9.63 -59.99 -31.02
N THR EA 36 9.36 -58.93 -30.26
CA THR EA 36 8.87 -57.69 -30.87
C THR EA 36 10.05 -56.94 -31.50
N TRP EA 37 9.75 -55.81 -32.12
CA TRP EA 37 10.79 -55.03 -32.79
C TRP EA 37 10.28 -53.61 -32.99
N VAL EA 38 11.00 -52.65 -32.44
CA VAL EA 38 10.73 -51.24 -32.67
C VAL EA 38 11.52 -50.80 -33.89
N ARG EA 39 10.84 -50.19 -34.85
CA ARG EA 39 11.43 -49.96 -36.17
C ARG EA 39 10.97 -48.62 -36.71
N ALA EA 40 11.81 -48.04 -37.57
CA ALA EA 40 11.42 -46.94 -38.44
C ALA EA 40 11.44 -47.48 -39.86
N ILE EA 41 10.26 -47.66 -40.44
CA ILE EA 41 10.11 -48.28 -41.75
C ILE EA 41 10.08 -47.17 -42.80
N PRO EA 42 11.05 -47.12 -43.72
CA PRO EA 42 10.94 -46.18 -44.83
C PRO EA 42 10.33 -46.85 -46.06
N PHE EA 43 9.22 -46.32 -46.55
CA PHE EA 43 8.67 -46.80 -47.81
C PHE EA 43 8.04 -45.61 -48.52
N GLU EA 44 7.74 -45.80 -49.80
CA GLU EA 44 7.20 -44.74 -50.64
C GLU EA 44 5.82 -45.13 -51.14
N VAL EA 45 4.99 -44.12 -51.32
CA VAL EA 45 3.66 -44.28 -51.89
C VAL EA 45 3.55 -43.33 -53.08
N SER EA 46 2.71 -43.70 -54.05
CA SER EA 46 2.41 -42.85 -55.19
C SER EA 46 1.11 -42.10 -54.91
N VAL EA 47 1.13 -40.80 -55.19
CA VAL EA 47 0.00 -39.92 -54.91
C VAL EA 47 -0.41 -39.26 -56.23
N GLN EA 48 -1.57 -38.62 -56.20
CA GLN EA 48 -2.13 -37.99 -57.38
C GLN EA 48 -2.78 -36.67 -57.00
N SER EA 49 -2.72 -35.72 -57.94
CA SER EA 49 -3.12 -34.35 -57.67
C SER EA 49 -4.53 -34.30 -57.07
N GLY EA 50 -4.64 -33.64 -55.91
CA GLY EA 50 -5.92 -33.39 -55.29
C GLY EA 50 -6.65 -34.61 -54.77
N ILE EA 51 -6.03 -35.79 -54.80
CA ILE EA 51 -6.69 -37.03 -54.42
C ILE EA 51 -5.93 -37.65 -53.26
N ALA EA 52 -6.63 -37.90 -52.16
CA ALA EA 52 -6.02 -38.51 -50.99
C ALA EA 52 -5.67 -39.96 -51.27
N PHE EA 53 -4.58 -40.42 -50.67
CA PHE EA 53 -4.11 -41.80 -50.81
C PHE EA 53 -4.05 -42.43 -49.42
N LYS EA 54 -4.93 -43.40 -49.19
CA LYS EA 54 -4.93 -44.10 -47.91
C LYS EA 54 -3.73 -45.04 -47.84
N VAL EA 55 -2.84 -44.81 -46.87
CA VAL EA 55 -1.66 -45.64 -46.72
C VAL EA 55 -2.07 -46.92 -46.00
N PRO EA 56 -1.92 -48.10 -46.60
CA PRO EA 56 -2.25 -49.33 -45.89
C PRO EA 56 -1.15 -49.74 -44.93
N VAL EA 57 -1.58 -50.30 -43.78
CA VAL EA 57 -0.63 -50.82 -42.80
C VAL EA 57 0.17 -51.96 -43.39
N GLY EA 58 -0.43 -52.74 -44.29
CA GLY EA 58 0.23 -53.89 -44.86
C GLY EA 58 1.58 -53.58 -45.48
N SER EA 59 1.81 -52.32 -45.82
CA SER EA 59 3.07 -51.94 -46.43
C SER EA 59 4.24 -52.11 -45.47
N LEU EA 60 3.98 -52.12 -44.16
CA LEU EA 60 5.02 -52.32 -43.17
C LEU EA 60 5.45 -53.77 -43.06
N PHE EA 61 4.59 -54.70 -43.46
CA PHE EA 61 4.93 -56.12 -43.47
C PHE EA 61 5.50 -56.46 -44.84
N SER EA 62 6.82 -56.66 -44.90
CA SER EA 62 7.50 -57.00 -46.13
C SER EA 62 8.83 -57.63 -45.77
N ALA EA 63 9.25 -58.63 -46.54
CA ALA EA 63 10.62 -59.13 -46.41
C ALA EA 63 11.62 -58.01 -46.60
N ASN EA 64 11.28 -57.00 -47.39
CA ASN EA 64 12.18 -55.87 -47.62
C ASN EA 64 12.51 -55.14 -46.33
N PHE EA 65 11.74 -55.37 -45.26
CA PHE EA 65 12.01 -54.73 -43.98
C PHE EA 65 12.29 -55.74 -42.87
N ARG EA 66 12.36 -57.03 -43.20
CA ARG EA 66 12.52 -58.09 -42.22
C ARG EA 66 11.27 -58.27 -41.36
N THR EA 67 10.12 -57.83 -41.84
CA THR EA 67 8.89 -57.85 -41.06
C THR EA 67 7.79 -58.69 -41.71
N ASP EA 68 8.09 -59.45 -42.77
CA ASP EA 68 7.08 -60.33 -43.34
C ASP EA 68 6.60 -61.37 -42.34
N SER EA 69 7.31 -61.54 -41.22
CA SER EA 69 6.92 -62.49 -40.18
C SER EA 69 5.94 -61.91 -39.18
N PHE EA 70 5.65 -60.62 -39.26
CA PHE EA 70 4.71 -59.96 -38.36
C PHE EA 70 3.34 -59.86 -39.03
N THR EA 71 2.29 -60.01 -38.23
CA THR EA 71 0.93 -59.81 -38.68
C THR EA 71 0.27 -58.60 -38.04
N SER EA 72 0.93 -57.95 -37.07
CA SER EA 72 0.36 -56.82 -36.37
C SER EA 72 1.47 -55.87 -35.96
N VAL EA 73 1.14 -54.59 -35.93
CA VAL EA 73 2.12 -53.55 -35.63
C VAL EA 73 1.42 -52.42 -34.92
N THR EA 74 2.09 -51.85 -33.92
CA THR EA 74 1.59 -50.67 -33.22
C THR EA 74 2.30 -49.44 -33.78
N VAL EA 75 1.53 -48.55 -34.40
CA VAL EA 75 2.10 -47.34 -34.99
C VAL EA 75 2.27 -46.29 -33.90
N MET EA 76 3.46 -45.68 -33.86
CA MET EA 76 3.75 -44.63 -32.89
C MET EA 76 3.74 -43.24 -33.54
N SER EA 77 4.47 -43.07 -34.64
CA SER EA 77 4.49 -41.78 -35.32
C SER EA 77 4.64 -42.00 -36.81
N VAL EA 78 4.24 -40.98 -37.57
CA VAL EA 78 4.28 -41.00 -39.02
C VAL EA 78 4.93 -39.71 -39.50
N ARG EA 79 5.95 -39.83 -40.34
CA ARG EA 79 6.62 -38.69 -40.95
C ARG EA 79 6.62 -38.88 -42.46
N ALA EA 80 6.32 -37.81 -43.18
CA ALA EA 80 6.15 -37.86 -44.62
C ALA EA 80 7.01 -36.78 -45.27
N TRP EA 81 7.69 -37.16 -46.34
CA TRP EA 81 8.39 -36.22 -47.21
C TRP EA 81 7.92 -36.41 -48.64
N THR EA 82 7.98 -35.33 -49.41
CA THR EA 82 7.76 -35.43 -50.83
C THR EA 82 8.98 -36.11 -51.47
N GLN EA 83 8.71 -37.08 -52.34
CA GLN EA 83 9.76 -37.89 -52.96
C GLN EA 83 10.09 -37.44 -54.38
N LEU EA 84 9.21 -36.68 -55.01
CA LEU EA 84 9.46 -36.15 -56.35
C LEU EA 84 9.20 -34.65 -56.36
N THR EA 85 9.70 -34.01 -57.41
CA THR EA 85 9.56 -32.57 -57.52
C THR EA 85 8.09 -32.18 -57.59
N PRO EA 86 7.77 -30.94 -57.24
CA PRO EA 86 6.39 -30.46 -57.36
C PRO EA 86 6.11 -30.02 -58.78
N PRO EA 87 4.87 -29.65 -59.08
CA PRO EA 87 4.57 -29.08 -60.39
C PRO EA 87 5.42 -27.84 -60.66
N VAL EA 88 5.53 -27.50 -61.94
CA VAL EA 88 6.20 -26.27 -62.31
C VAL EA 88 5.51 -25.11 -61.59
N ASN EA 89 6.33 -24.17 -61.09
CA ASN EA 89 5.90 -22.95 -60.42
C ASN EA 89 5.45 -23.19 -58.99
N GLU EA 90 5.47 -24.43 -58.49
CA GLU EA 90 4.91 -24.73 -57.18
C GLU EA 90 5.99 -25.16 -56.20
N TYR EA 91 5.74 -24.86 -54.92
CA TYR EA 91 6.49 -25.43 -53.81
C TYR EA 91 5.84 -26.74 -53.38
N SER EA 92 6.67 -27.67 -52.90
CA SER EA 92 6.15 -28.96 -52.49
C SER EA 92 5.32 -28.84 -51.22
N PHE EA 93 4.26 -29.63 -51.14
CA PHE EA 93 3.50 -29.76 -49.91
C PHE EA 93 3.04 -31.20 -49.76
N VAL EA 94 2.72 -31.56 -48.52
CA VAL EA 94 2.26 -32.90 -48.16
C VAL EA 94 1.36 -32.77 -46.95
N ARG EA 95 0.18 -33.38 -47.03
CA ARG EA 95 -0.75 -33.40 -45.91
C ARG EA 95 -0.84 -34.81 -45.35
N LEU EA 96 -1.13 -34.91 -44.05
CA LEU EA 96 -1.36 -36.19 -43.40
C LEU EA 96 -2.63 -36.09 -42.57
N LYS EA 97 -3.59 -36.98 -42.85
CA LYS EA 97 -4.78 -37.11 -42.04
C LYS EA 97 -4.69 -38.42 -41.27
N PRO EA 98 -4.60 -38.40 -39.94
CA PRO EA 98 -4.53 -39.67 -39.21
C PRO EA 98 -5.81 -40.48 -39.39
N LEU EA 99 -5.65 -41.79 -39.53
CA LEU EA 99 -6.77 -42.72 -39.64
C LEU EA 99 -6.67 -43.74 -38.51
N PHE EA 100 -7.81 -44.05 -37.91
CA PHE EA 100 -7.88 -45.03 -36.85
C PHE EA 100 -9.11 -45.91 -37.06
N LYS EA 101 -9.03 -47.14 -36.56
CA LYS EA 101 -10.18 -48.02 -36.62
C LYS EA 101 -11.30 -47.55 -35.70
N THR EA 102 -10.95 -46.94 -34.57
CA THR EA 102 -11.95 -46.45 -33.64
C THR EA 102 -12.55 -45.11 -34.06
N GLY EA 103 -12.11 -44.54 -35.18
CA GLY EA 103 -12.63 -43.27 -35.63
C GLY EA 103 -11.56 -42.43 -36.31
N ASP EA 104 -11.80 -42.10 -37.57
CA ASP EA 104 -10.82 -41.35 -38.34
C ASP EA 104 -10.75 -39.90 -37.89
N SER EA 105 -9.55 -39.33 -38.01
CA SER EA 105 -9.33 -37.92 -37.70
C SER EA 105 -9.68 -37.06 -38.90
N THR EA 106 -9.90 -35.78 -38.63
CA THR EA 106 -10.05 -34.77 -39.67
C THR EA 106 -8.88 -33.80 -39.68
N GLU EA 107 -7.82 -34.09 -38.92
CA GLU EA 107 -6.62 -33.27 -38.98
C GLU EA 107 -5.95 -33.41 -40.34
N GLU EA 108 -5.35 -32.31 -40.79
CA GLU EA 108 -4.61 -32.29 -42.04
C GLU EA 108 -3.24 -31.65 -41.79
N PHE EA 109 -2.46 -32.29 -40.92
CA PHE EA 109 -1.09 -31.87 -40.66
C PHE EA 109 -0.39 -31.68 -42.00
N GLU EA 110 -0.08 -30.43 -42.33
CA GLU EA 110 0.46 -30.07 -43.63
C GLU EA 110 1.85 -29.50 -43.47
N GLY EA 111 2.73 -29.88 -44.38
CA GLY EA 111 4.04 -29.26 -44.47
C GLY EA 111 4.26 -28.79 -45.89
N ARG EA 112 4.86 -27.61 -46.02
CA ARG EA 112 5.21 -27.05 -47.31
C ARG EA 112 6.70 -26.75 -47.35
N ALA EA 113 7.31 -26.97 -48.51
CA ALA EA 113 8.68 -26.53 -48.72
C ALA EA 113 8.73 -25.01 -48.85
N SER EA 114 9.82 -24.42 -48.38
CA SER EA 114 10.10 -23.01 -48.61
C SER EA 114 11.09 -22.81 -49.75
N ASN EA 115 11.56 -23.90 -50.36
CA ASN EA 115 12.39 -23.89 -51.55
C ASN EA 115 11.81 -24.90 -52.52
N ILE EA 116 11.51 -24.47 -53.74
CA ILE EA 116 10.86 -25.35 -54.71
C ILE EA 116 11.66 -26.64 -54.86
N ASN EA 117 12.98 -26.54 -54.82
CA ASN EA 117 13.85 -27.69 -55.00
C ASN EA 117 13.96 -28.55 -53.75
N THR EA 118 13.26 -28.20 -52.67
CA THR EA 118 13.40 -28.87 -51.39
C THR EA 118 12.16 -29.71 -51.09
N ARG EA 119 12.36 -30.78 -50.32
CA ARG EA 119 11.25 -31.61 -49.90
C ARG EA 119 10.36 -30.85 -48.94
N ALA EA 120 9.05 -31.07 -49.05
CA ALA EA 120 8.13 -30.70 -48.00
C ALA EA 120 8.02 -31.87 -47.03
N SER EA 121 7.77 -31.56 -45.75
CA SER EA 121 7.79 -32.60 -44.73
C SER EA 121 6.79 -32.25 -43.65
N VAL EA 122 6.21 -33.29 -43.04
CA VAL EA 122 5.32 -33.13 -41.90
C VAL EA 122 5.16 -34.50 -41.27
N GLY EA 123 4.74 -34.50 -40.00
CA GLY EA 123 4.49 -35.75 -39.32
C GLY EA 123 3.46 -35.54 -38.23
N TYR EA 124 3.03 -36.65 -37.64
CA TYR EA 124 2.15 -36.59 -36.50
C TYR EA 124 2.47 -37.76 -35.58
N ARG EA 125 2.39 -37.50 -34.29
CA ARG EA 125 2.54 -38.53 -33.28
C ARG EA 125 1.17 -39.10 -32.92
N ILE EA 126 1.14 -40.37 -32.60
CA ILE EA 126 -0.07 -41.04 -32.13
C ILE EA 126 0.00 -41.10 -30.61
N PRO EA 127 -1.00 -40.59 -29.90
CA PRO EA 127 -0.94 -40.63 -28.43
C PRO EA 127 -1.07 -42.05 -27.94
N THR EA 128 -0.46 -42.30 -26.78
CA THR EA 128 -0.46 -43.65 -26.20
C THR EA 128 -1.85 -44.27 -26.24
N ASN EA 129 -2.89 -43.50 -25.92
CA ASN EA 129 -4.24 -44.04 -25.83
C ASN EA 129 -4.74 -44.56 -27.17
N LEU EA 130 -4.12 -44.15 -28.28
CA LEU EA 130 -4.52 -44.62 -29.60
C LEU EA 130 -3.51 -45.58 -30.20
N ARG EA 131 -2.57 -46.07 -29.40
CA ARG EA 131 -1.54 -46.99 -29.90
C ARG EA 131 -1.99 -48.43 -29.69
N GLN EA 132 -3.04 -48.80 -30.41
CA GLN EA 132 -3.44 -50.20 -30.51
C GLN EA 132 -2.78 -50.83 -31.74
N ASN EA 133 -2.89 -52.15 -31.83
CA ASN EA 133 -2.33 -52.83 -32.99
C ASN EA 133 -3.15 -52.52 -34.23
N THR EA 134 -2.50 -52.71 -35.38
CA THR EA 134 -3.15 -52.60 -36.68
C THR EA 134 -2.62 -53.73 -37.56
N VAL EA 135 -3.48 -54.21 -38.45
CA VAL EA 135 -3.14 -55.31 -39.33
C VAL EA 135 -3.06 -54.78 -40.76
N ALA EA 136 -2.54 -55.63 -41.66
CA ALA EA 136 -2.34 -55.22 -43.05
C ALA EA 136 -3.59 -54.59 -43.64
N ALA EA 137 -4.77 -55.05 -43.23
CA ALA EA 137 -6.00 -54.51 -43.78
C ALA EA 137 -6.18 -53.05 -43.43
N ASP EA 138 -5.77 -52.65 -42.23
CA ASP EA 138 -6.04 -51.32 -41.75
C ASP EA 138 -5.25 -50.27 -42.54
N ASN EA 139 -5.62 -49.02 -42.33
CA ASN EA 139 -4.94 -47.88 -42.92
C ASN EA 139 -4.31 -47.04 -41.82
N VAL EA 140 -3.22 -46.37 -42.15
CA VAL EA 140 -2.52 -45.52 -41.21
C VAL EA 140 -3.01 -44.09 -41.28
N CYS EA 141 -3.12 -43.55 -42.48
CA CYS EA 141 -3.36 -42.14 -42.68
C CYS EA 141 -3.63 -41.90 -44.15
N GLU EA 142 -4.21 -40.75 -44.46
CA GLU EA 142 -4.34 -40.28 -45.82
C GLU EA 142 -3.17 -39.35 -46.15
N VAL EA 143 -2.65 -39.47 -47.36
CA VAL EA 143 -1.60 -38.61 -47.85
C VAL EA 143 -2.14 -37.84 -49.05
N ARG EA 144 -2.01 -36.52 -49.00
CA ARG EA 144 -2.25 -35.65 -50.14
C ARG EA 144 -0.94 -34.92 -50.46
N SER EA 145 -0.72 -34.64 -51.73
CA SER EA 145 0.49 -33.92 -52.09
C SER EA 145 0.46 -33.56 -53.57
N ASN EA 146 1.06 -32.43 -53.89
CA ASN EA 146 1.24 -32.01 -55.28
C ASN EA 146 2.40 -32.74 -55.94
N CYS EA 147 3.16 -33.54 -55.21
CA CYS EA 147 4.24 -34.34 -55.75
C CYS EA 147 3.74 -35.75 -56.01
N ARG EA 148 4.17 -36.32 -57.14
CA ARG EA 148 3.63 -37.60 -57.58
C ARG EA 148 4.01 -38.75 -56.67
N GLN EA 149 4.97 -38.56 -55.77
CA GLN EA 149 5.33 -39.57 -54.80
C GLN EA 149 5.56 -38.93 -53.44
N VAL EA 150 5.47 -39.75 -52.41
CA VAL EA 150 5.71 -39.32 -51.03
C VAL EA 150 6.46 -40.42 -50.31
N ALA EA 151 7.52 -40.03 -49.60
CA ALA EA 151 8.31 -40.95 -48.80
C ALA EA 151 7.84 -40.87 -47.35
N LEU EA 152 7.43 -42.01 -46.81
CA LEU EA 152 7.01 -42.10 -45.41
C LEU EA 152 8.07 -42.82 -44.60
N VAL EA 153 8.22 -42.39 -43.35
CA VAL EA 153 9.00 -43.10 -42.34
C VAL EA 153 8.08 -43.26 -41.14
N ILE EA 154 7.72 -44.49 -40.82
CA ILE EA 154 6.76 -44.79 -39.77
C ILE EA 154 7.50 -45.45 -38.63
N SER EA 155 7.55 -44.75 -37.49
CA SER EA 155 8.04 -45.35 -36.25
C SER EA 155 6.93 -46.22 -35.68
N CYS EA 156 7.23 -47.49 -35.45
CA CYS EA 156 6.20 -48.43 -35.05
C CYS EA 156 6.85 -49.60 -34.32
N CYS EA 157 6.04 -50.27 -33.52
CA CYS EA 157 6.46 -51.46 -32.79
C CYS EA 157 5.75 -52.65 -33.42
N PHE EA 158 6.51 -53.50 -34.09
CA PHE EA 158 5.98 -54.75 -34.59
C PHE EA 158 5.83 -55.75 -33.46
N ASN EA 159 4.81 -56.59 -33.55
CA ASN EA 159 4.56 -57.59 -32.53
C ASN EA 159 3.67 -58.70 -33.08
N ASN FA 16 63.80 -18.43 -32.17
CA ASN FA 16 64.45 -19.59 -31.56
C ASN FA 16 65.71 -19.97 -32.32
N SER FA 17 65.98 -21.26 -32.43
CA SER FA 17 67.18 -21.73 -33.12
C SER FA 17 67.17 -21.29 -34.58
N ASN FA 18 68.28 -20.71 -35.02
CA ASN FA 18 68.46 -20.32 -36.40
C ASN FA 18 69.52 -21.13 -37.12
N VAL FA 19 70.29 -21.95 -36.39
CA VAL FA 19 71.37 -22.72 -36.96
C VAL FA 19 71.17 -24.18 -36.63
N VAL FA 20 71.90 -25.04 -37.34
CA VAL FA 20 71.89 -26.46 -37.04
C VAL FA 20 72.46 -26.70 -35.65
N THR FA 21 71.92 -27.69 -34.97
CA THR FA 21 72.36 -28.06 -33.64
C THR FA 21 72.62 -29.55 -33.60
N MET FA 22 73.69 -29.94 -32.90
CA MET FA 22 74.02 -31.35 -32.76
CA MET FA 22 74.03 -31.34 -32.74
C MET FA 22 72.88 -32.08 -32.06
N ILE FA 23 72.74 -33.36 -32.41
CA ILE FA 23 71.82 -34.27 -31.74
C ILE FA 23 72.67 -35.40 -31.16
N ARG FA 24 72.64 -35.56 -29.84
CA ARG FA 24 73.43 -36.61 -29.20
C ARG FA 24 72.69 -37.95 -29.37
N ALA FA 25 72.68 -38.41 -30.61
CA ALA FA 25 72.05 -39.69 -30.94
C ALA FA 25 72.79 -40.84 -30.27
N GLY FA 26 72.04 -41.89 -29.94
CA GLY FA 26 72.62 -43.03 -29.26
C GLY FA 26 72.58 -44.29 -30.09
N SER FA 27 72.13 -45.39 -29.49
CA SER FA 27 72.09 -46.65 -30.20
C SER FA 27 71.17 -46.54 -31.41
N TYR FA 28 71.44 -47.38 -32.41
CA TYR FA 28 70.60 -47.40 -33.59
C TYR FA 28 69.19 -47.84 -33.20
N PRO FA 29 68.16 -47.13 -33.63
CA PRO FA 29 66.80 -47.41 -33.16
C PRO FA 29 66.12 -48.51 -33.96
N LYS FA 30 64.99 -48.97 -33.44
CA LYS FA 30 64.11 -49.82 -34.22
C LYS FA 30 63.51 -48.98 -35.35
N VAL FA 31 63.60 -49.47 -36.58
CA VAL FA 31 63.18 -48.72 -37.75
C VAL FA 31 62.17 -49.55 -38.53
N ASN FA 32 61.49 -48.88 -39.46
CA ASN FA 32 60.49 -49.50 -40.31
C ASN FA 32 60.37 -48.67 -41.59
N PRO FA 33 60.96 -49.12 -42.70
CA PRO FA 33 60.92 -48.31 -43.92
C PRO FA 33 59.55 -48.27 -44.56
N THR FA 34 58.70 -49.24 -44.28
CA THR FA 34 57.41 -49.42 -44.96
C THR FA 34 56.31 -49.44 -43.91
N PRO FA 35 56.07 -48.31 -43.24
CA PRO FA 35 55.13 -48.32 -42.12
C PRO FA 35 53.68 -48.42 -42.57
N THR FA 36 52.76 -48.35 -41.61
CA THR FA 36 51.34 -48.32 -41.91
C THR FA 36 50.90 -46.89 -42.17
N TRP FA 37 49.62 -46.70 -42.46
CA TRP FA 37 49.12 -45.37 -42.78
C TRP FA 37 47.61 -45.34 -42.63
N VAL FA 38 47.12 -44.44 -41.78
CA VAL FA 38 45.68 -44.20 -41.64
C VAL FA 38 45.29 -43.14 -42.66
N ARG FA 39 44.21 -43.40 -43.40
CA ARG FA 39 43.89 -42.59 -44.56
C ARG FA 39 42.39 -42.48 -44.75
N ALA FA 40 41.97 -41.38 -45.37
CA ALA FA 40 40.63 -41.24 -45.94
C ALA FA 40 40.81 -41.12 -47.45
N ILE FA 41 40.46 -42.18 -48.17
CA ILE FA 41 40.69 -42.26 -49.61
C ILE FA 41 39.43 -41.80 -50.33
N PRO FA 42 39.47 -40.72 -51.10
CA PRO FA 42 38.31 -40.37 -51.91
C PRO FA 42 38.44 -40.90 -53.33
N PHE FA 43 37.45 -41.67 -53.78
CA PHE FA 43 37.41 -42.10 -55.17
C PHE FA 43 35.95 -42.28 -55.56
N GLU FA 44 35.70 -42.27 -56.87
CA GLU FA 44 34.36 -42.34 -57.41
C GLU FA 44 34.12 -43.69 -58.07
N VAL FA 45 32.85 -44.01 -58.29
CA VAL FA 45 32.47 -45.24 -58.96
C VAL FA 45 31.24 -44.98 -59.80
N SER FA 46 31.17 -45.62 -60.96
CA SER FA 46 29.99 -45.53 -61.80
C SER FA 46 28.96 -46.55 -61.34
N VAL FA 47 27.69 -46.15 -61.39
CA VAL FA 47 26.59 -46.98 -60.94
C VAL FA 47 25.48 -46.92 -61.98
N GLN FA 48 24.91 -48.07 -62.30
CA GLN FA 48 23.75 -48.13 -63.17
C GLN FA 48 22.48 -48.14 -62.34
N SER FA 49 21.40 -47.60 -62.92
CA SER FA 49 20.13 -47.54 -62.22
C SER FA 49 19.62 -48.95 -61.95
N GLY FA 50 19.13 -49.16 -60.73
CA GLY FA 50 18.55 -50.44 -60.34
C GLY FA 50 19.53 -51.56 -60.11
N ILE FA 51 20.81 -51.37 -60.42
CA ILE FA 51 21.83 -52.38 -60.26
C ILE FA 51 22.79 -51.95 -59.16
N ALA FA 52 23.14 -52.89 -58.29
CA ALA FA 52 24.10 -52.63 -57.22
C ALA FA 52 25.52 -52.85 -57.73
N PHE FA 53 26.42 -51.96 -57.35
CA PHE FA 53 27.83 -52.03 -57.75
C PHE FA 53 28.66 -52.44 -56.54
N LYS FA 54 29.35 -53.57 -56.66
CA LYS FA 54 30.29 -53.99 -55.62
C LYS FA 54 31.56 -53.16 -55.73
N VAL FA 55 31.88 -52.41 -54.68
CA VAL FA 55 33.07 -51.58 -54.66
C VAL FA 55 34.27 -52.47 -54.33
N PRO FA 56 35.27 -52.53 -55.19
CA PRO FA 56 36.43 -53.39 -54.92
C PRO FA 56 37.46 -52.72 -54.04
N VAL FA 57 38.13 -53.54 -53.23
CA VAL FA 57 39.21 -53.04 -52.38
C VAL FA 57 40.34 -52.46 -53.24
N GLY FA 58 40.64 -53.12 -54.36
CA GLY FA 58 41.74 -52.67 -55.19
C GLY FA 58 41.71 -51.19 -55.51
N SER FA 59 40.51 -50.59 -55.50
CA SER FA 59 40.41 -49.16 -55.76
C SER FA 59 41.21 -48.33 -54.78
N LEU FA 60 41.45 -48.85 -53.57
CA LEU FA 60 42.19 -48.12 -52.56
C LEU FA 60 43.69 -48.13 -52.82
N PHE FA 61 44.19 -49.12 -53.54
CA PHE FA 61 45.61 -49.24 -53.85
C PHE FA 61 45.86 -48.58 -55.20
N SER FA 62 46.51 -47.41 -55.18
CA SER FA 62 46.82 -46.68 -56.40
C SER FA 62 47.89 -45.66 -56.09
N ALA FA 63 48.81 -45.46 -57.05
CA ALA FA 63 49.77 -44.37 -56.92
C ALA FA 63 49.06 -43.02 -56.81
N ASN FA 64 47.81 -42.95 -57.26
CA ASN FA 64 47.02 -41.73 -57.12
C ASN FA 64 46.67 -41.44 -55.67
N PHE FA 65 46.91 -42.39 -54.76
CA PHE FA 65 46.69 -42.19 -53.34
C PHE FA 65 47.95 -42.39 -52.52
N ARG FA 66 49.10 -42.63 -53.16
CA ARG FA 66 50.34 -42.97 -52.48
C ARG FA 66 50.30 -44.33 -51.82
N THR FA 67 49.40 -45.20 -52.28
CA THR FA 67 49.18 -46.49 -51.63
C THR FA 67 49.40 -47.68 -52.56
N ASP FA 68 50.02 -47.47 -53.72
CA ASP FA 68 50.36 -48.62 -54.56
C ASP FA 68 51.31 -49.57 -53.86
N SER FA 69 52.00 -49.11 -52.81
CA SER FA 69 52.94 -49.96 -52.08
C SER FA 69 52.26 -50.96 -51.16
N PHE FA 70 50.99 -50.75 -50.84
CA PHE FA 70 50.28 -51.65 -49.94
C PHE FA 70 49.59 -52.76 -50.72
N THR FA 71 49.44 -53.91 -50.04
CA THR FA 71 48.68 -55.03 -50.56
C THR FA 71 47.47 -55.36 -49.72
N SER FA 72 47.31 -54.72 -48.55
CA SER FA 72 46.23 -55.04 -47.64
C SER FA 72 45.82 -53.77 -46.93
N VAL FA 73 44.54 -53.69 -46.60
CA VAL FA 73 44.00 -52.51 -45.95
C VAL FA 73 42.92 -52.96 -44.98
N THR FA 74 42.90 -52.33 -43.81
CA THR FA 74 41.83 -52.52 -42.83
C THR FA 74 40.90 -51.32 -42.97
N VAL FA 75 39.69 -51.58 -43.47
CA VAL FA 75 38.71 -50.51 -43.63
C VAL FA 75 38.00 -50.28 -42.31
N MET FA 76 37.84 -49.02 -41.94
CA MET FA 76 37.19 -48.64 -40.70
C MET FA 76 35.79 -48.08 -40.91
N SER FA 77 35.63 -47.16 -41.85
CA SER FA 77 34.32 -46.60 -42.14
C SER FA 77 34.24 -46.23 -43.61
N VAL FA 78 33.02 -46.29 -44.14
CA VAL FA 78 32.75 -45.99 -45.53
C VAL FA 78 31.67 -44.92 -45.58
N ARG FA 79 31.96 -43.82 -46.28
CA ARG FA 79 30.98 -42.77 -46.52
C ARG FA 79 30.85 -42.56 -48.02
N ALA FA 80 29.60 -42.39 -48.47
CA ALA FA 80 29.30 -42.27 -49.88
C ALA FA 80 28.47 -41.03 -50.14
N TRP FA 81 28.79 -40.35 -51.24
CA TRP FA 81 28.03 -39.22 -51.73
C TRP FA 81 27.70 -39.44 -53.20
N THR FA 82 26.53 -38.96 -53.60
CA THR FA 82 26.17 -38.96 -55.01
C THR FA 82 27.02 -37.92 -55.73
N GLN FA 83 27.71 -38.36 -56.78
CA GLN FA 83 28.66 -37.51 -57.49
C GLN FA 83 28.04 -36.77 -58.65
N LEU FA 84 26.85 -37.18 -59.10
CA LEU FA 84 26.20 -36.54 -60.23
C LEU FA 84 24.75 -36.25 -59.87
N THR FA 85 24.09 -35.53 -60.76
CA THR FA 85 22.71 -35.14 -60.52
C THR FA 85 21.80 -36.37 -60.62
N PRO FA 86 20.69 -36.38 -59.88
CA PRO FA 86 19.74 -37.47 -59.99
C PRO FA 86 18.89 -37.32 -61.24
N PRO FA 87 18.05 -38.29 -61.55
CA PRO FA 87 17.16 -38.15 -62.71
C PRO FA 87 16.22 -36.98 -62.54
N VAL FA 88 15.62 -36.56 -63.66
CA VAL FA 88 14.61 -35.52 -63.61
C VAL FA 88 13.53 -35.92 -62.61
N ASN FA 89 13.11 -34.95 -61.79
CA ASN FA 89 12.03 -35.04 -60.82
C ASN FA 89 12.46 -35.74 -59.53
N GLU FA 90 13.61 -36.40 -59.51
CA GLU FA 90 13.99 -37.23 -58.38
C GLU FA 90 14.97 -36.50 -57.47
N TYR FA 91 14.91 -36.85 -56.18
CA TYR FA 91 15.94 -36.48 -55.22
C TYR FA 91 17.03 -37.53 -55.24
N SER FA 92 18.27 -37.07 -55.09
CA SER FA 92 19.39 -38.02 -55.04
C SER FA 92 19.24 -38.94 -53.84
N PHE FA 93 19.57 -40.21 -54.03
CA PHE FA 93 19.66 -41.14 -52.92
C PHE FA 93 20.88 -42.03 -53.13
N VAL FA 94 21.29 -42.70 -52.05
CA VAL FA 94 22.41 -43.62 -52.13
C VAL FA 94 22.27 -44.67 -51.03
N ARG FA 95 22.45 -45.93 -51.39
CA ARG FA 95 22.42 -47.03 -50.43
C ARG FA 95 23.79 -47.65 -50.31
N LEU FA 96 24.09 -48.18 -49.13
CA LEU FA 96 25.31 -48.92 -48.89
C LEU FA 96 24.96 -50.23 -48.22
N LYS FA 97 25.49 -51.33 -48.75
CA LYS FA 97 25.36 -52.65 -48.12
C LYS FA 97 26.76 -53.14 -47.78
N PRO FA 98 27.11 -53.27 -46.50
CA PRO FA 98 28.48 -53.71 -46.17
C PRO FA 98 28.72 -55.16 -46.58
N LEU FA 99 29.91 -55.40 -47.11
CA LEU FA 99 30.33 -56.73 -47.53
C LEU FA 99 31.55 -57.15 -46.72
N PHE FA 100 31.54 -58.41 -46.28
CA PHE FA 100 32.63 -58.97 -45.50
C PHE FA 100 32.94 -60.37 -46.00
N LYS FA 101 34.23 -60.72 -45.98
CA LYS FA 101 34.61 -62.04 -46.44
C LYS FA 101 34.04 -63.13 -45.55
N THR FA 102 33.88 -62.85 -44.26
CA THR FA 102 33.30 -63.83 -43.33
C THR FA 102 31.80 -63.95 -43.48
N GLY FA 103 31.17 -63.04 -44.22
CA GLY FA 103 29.73 -63.06 -44.38
C GLY FA 103 29.20 -61.69 -44.71
N ASP FA 104 28.67 -61.53 -45.93
CA ASP FA 104 28.08 -60.26 -46.31
C ASP FA 104 26.92 -59.91 -45.38
N SER FA 105 26.67 -58.61 -45.24
CA SER FA 105 25.54 -58.14 -44.48
C SER FA 105 24.40 -57.78 -45.42
N THR FA 106 23.20 -57.63 -44.85
CA THR FA 106 22.03 -57.28 -45.63
C THR FA 106 21.50 -55.89 -45.28
N GLU FA 107 22.28 -55.08 -44.58
CA GLU FA 107 21.88 -53.72 -44.29
C GLU FA 107 21.93 -52.88 -45.56
N GLU FA 108 21.04 -51.90 -45.64
CA GLU FA 108 21.00 -50.98 -46.77
C GLU FA 108 20.94 -49.56 -46.20
N PHE FA 109 22.06 -49.13 -45.62
CA PHE FA 109 22.20 -47.76 -45.14
C PHE FA 109 21.92 -46.80 -46.27
N GLU FA 110 20.77 -46.14 -46.22
CA GLU FA 110 20.33 -45.25 -47.27
C GLU FA 110 20.29 -43.82 -46.74
N GLY FA 111 20.76 -42.90 -47.57
CA GLY FA 111 20.55 -41.49 -47.32
C GLY FA 111 19.98 -40.86 -48.57
N ARG FA 112 19.07 -39.92 -48.38
CA ARG FA 112 18.44 -39.23 -49.50
C ARG FA 112 18.63 -37.73 -49.34
N ALA FA 113 18.80 -37.05 -50.46
CA ALA FA 113 18.84 -35.61 -50.44
C ALA FA 113 17.44 -35.05 -50.17
N SER FA 114 17.40 -33.89 -49.54
CA SER FA 114 16.17 -33.13 -49.38
C SER FA 114 16.10 -31.95 -50.31
N ASN FA 115 17.09 -31.79 -51.19
CA ASN FA 115 17.13 -30.76 -52.21
C ASN FA 115 17.66 -31.41 -53.47
N ILE FA 116 16.86 -31.39 -54.55
CA ILE FA 116 17.26 -32.12 -55.76
C ILE FA 116 18.67 -31.71 -56.18
N ASN FA 117 19.04 -30.45 -55.94
CA ASN FA 117 20.35 -29.94 -56.34
C ASN FA 117 21.46 -30.39 -55.39
N THR FA 118 21.13 -31.13 -54.35
CA THR FA 118 22.08 -31.45 -53.30
C THR FA 118 22.42 -32.94 -53.29
N ARG FA 119 23.65 -33.23 -52.91
CA ARG FA 119 24.09 -34.61 -52.83
C ARG FA 119 23.32 -35.38 -51.76
N ALA FA 120 23.02 -36.63 -52.04
CA ALA FA 120 22.64 -37.57 -51.01
C ALA FA 120 23.90 -38.20 -50.43
N SER FA 121 23.88 -38.47 -49.13
CA SER FA 121 25.05 -39.01 -48.46
C SER FA 121 24.62 -40.04 -47.42
N VAL FA 122 25.51 -40.99 -47.16
CA VAL FA 122 25.34 -41.95 -46.07
C VAL FA 122 26.67 -42.65 -45.87
N GLY FA 123 26.88 -43.18 -44.67
CA GLY FA 123 28.06 -43.96 -44.40
C GLY FA 123 27.75 -45.01 -43.36
N TYR FA 124 28.72 -45.89 -43.14
CA TYR FA 124 28.59 -46.88 -42.08
C TYR FA 124 29.97 -47.13 -41.48
N ARG FA 125 29.97 -47.41 -40.19
CA ARG FA 125 31.18 -47.73 -39.44
C ARG FA 125 31.29 -49.24 -39.30
N ILE FA 126 32.50 -49.77 -39.44
CA ILE FA 126 32.77 -51.19 -39.26
C ILE FA 126 33.22 -51.39 -37.81
N PRO FA 127 32.55 -52.24 -37.05
CA PRO FA 127 32.97 -52.45 -35.65
C PRO FA 127 34.35 -53.10 -35.60
N THR FA 128 34.99 -52.95 -34.44
CA THR FA 128 36.35 -53.46 -34.29
C THR FA 128 36.44 -54.93 -34.66
N ASN FA 129 35.43 -55.72 -34.33
CA ASN FA 129 35.50 -57.16 -34.53
C ASN FA 129 35.43 -57.56 -36.00
N LEU FA 130 35.07 -56.64 -36.90
CA LEU FA 130 35.05 -56.93 -38.34
C LEU FA 130 36.13 -56.16 -39.08
N ARG FA 131 37.08 -55.56 -38.37
CA ARG FA 131 38.16 -54.81 -39.00
C ARG FA 131 39.37 -55.71 -39.21
N GLN FA 132 39.19 -56.68 -40.10
CA GLN FA 132 40.29 -57.49 -40.56
C GLN FA 132 40.84 -56.87 -41.85
N ASN FA 133 41.91 -57.45 -42.36
CA ASN FA 133 42.48 -56.92 -43.59
C ASN FA 133 41.63 -57.32 -44.79
N THR FA 134 41.76 -56.54 -45.85
CA THR FA 134 41.18 -56.87 -47.14
C THR FA 134 42.25 -56.66 -48.20
N VAL FA 135 42.15 -57.47 -49.26
CA VAL FA 135 43.08 -57.39 -50.36
C VAL FA 135 42.33 -56.89 -51.58
N ALA FA 136 43.06 -56.61 -52.67
CA ALA FA 136 42.45 -56.02 -53.84
C ALA FA 136 41.25 -56.82 -54.34
N ALA FA 137 41.32 -58.15 -54.22
CA ALA FA 137 40.24 -58.98 -54.77
C ALA FA 137 38.96 -58.88 -53.96
N ASP FA 138 39.01 -58.36 -52.75
CA ASP FA 138 37.83 -58.28 -51.91
C ASP FA 138 36.98 -57.06 -52.29
N ASN FA 139 35.75 -57.05 -51.79
CA ASN FA 139 34.82 -55.96 -51.97
C ASN FA 139 34.46 -55.38 -50.60
N VAL FA 140 34.21 -54.08 -50.57
CA VAL FA 140 33.89 -53.40 -49.33
C VAL FA 140 32.39 -53.23 -49.12
N CYS FA 141 31.65 -53.04 -50.21
CA CYS FA 141 30.22 -52.83 -50.09
C CYS FA 141 29.61 -52.77 -51.47
N GLU FA 142 28.30 -53.00 -51.51
CA GLU FA 142 27.49 -52.74 -52.70
C GLU FA 142 26.95 -51.33 -52.62
N VAL FA 143 26.93 -50.64 -53.76
CA VAL FA 143 26.40 -49.29 -53.85
C VAL FA 143 25.19 -49.30 -54.77
N ARG FA 144 24.13 -48.63 -54.32
CA ARG FA 144 22.95 -48.35 -55.15
C ARG FA 144 22.69 -46.86 -55.09
N SER FA 145 22.20 -46.32 -56.21
CA SER FA 145 21.92 -44.89 -56.29
C SER FA 145 21.30 -44.56 -57.64
N ASN FA 146 20.30 -43.68 -57.64
CA ASN FA 146 19.74 -43.20 -58.89
C ASN FA 146 20.70 -42.29 -59.65
N CYS FA 147 21.85 -41.98 -59.07
CA CYS FA 147 22.86 -41.16 -59.73
C CYS FA 147 23.91 -42.05 -60.38
N ARG FA 148 24.37 -41.63 -61.56
CA ARG FA 148 25.26 -42.48 -62.35
C ARG FA 148 26.64 -42.62 -61.73
N GLN FA 149 27.00 -41.76 -60.79
CA GLN FA 149 28.30 -41.85 -60.14
C GLN FA 149 28.14 -41.58 -58.66
N VAL FA 150 28.90 -42.32 -57.85
CA VAL FA 150 28.92 -42.16 -56.41
C VAL FA 150 30.36 -41.87 -55.98
N ALA FA 151 30.54 -40.81 -55.21
CA ALA FA 151 31.83 -40.52 -54.61
C ALA FA 151 31.88 -41.15 -53.23
N LEU FA 152 32.94 -41.91 -52.96
CA LEU FA 152 33.14 -42.52 -51.67
C LEU FA 152 34.35 -41.88 -50.99
N VAL FA 153 34.35 -41.96 -49.67
CA VAL FA 153 35.51 -41.59 -48.85
C VAL FA 153 35.64 -42.71 -47.83
N ILE FA 154 36.71 -43.48 -47.92
CA ILE FA 154 36.86 -44.68 -47.11
C ILE FA 154 37.99 -44.45 -46.12
N SER FA 155 37.65 -44.51 -44.83
CA SER FA 155 38.63 -44.41 -43.76
C SER FA 155 39.19 -45.79 -43.50
N CYS FA 156 40.49 -45.93 -43.70
CA CYS FA 156 41.09 -47.26 -43.66
C CYS FA 156 42.50 -47.13 -43.12
N CYS FA 157 43.07 -48.27 -42.76
CA CYS FA 157 44.43 -48.34 -42.25
C CYS FA 157 45.22 -49.23 -43.20
N PHE FA 158 46.02 -48.61 -44.07
CA PHE FA 158 46.89 -49.35 -44.95
C PHE FA 158 48.04 -49.96 -44.14
N ASN FA 159 48.26 -51.25 -44.35
CA ASN FA 159 49.36 -51.95 -43.69
C ASN FA 159 49.90 -52.99 -44.65
#